data_2K8R
#
_entry.id   2K8R
#
_cell.length_a   1.000
_cell.length_b   1.000
_cell.length_c   1.000
_cell.angle_alpha   90.00
_cell.angle_beta   90.00
_cell.angle_gamma   90.00
#
_symmetry.space_group_name_H-M   'P 1'
#
loop_
_entity.id
_entity.type
_entity.pdbx_description
1 polymer 'Heparin-binding growth factor 1'
2 non-polymer 'INOSITOL HEXAKISPHOSPHATE'
#
_entity_poly.entity_id   1
_entity_poly.type   'polypeptide(L)'
_entity_poly.pdbx_seq_one_letter_code
;YKKPKLLYCSNGGHFLRILPDGTVDGTRDRSDQHIQLQLSAESVGEVYIKSTETGQYLAMDTDGLLYGSQTPNEECLFLE
RLEENHYNTYISKKHAEKNWFVGLKKNGSCKRGPRTHYGQKAILFLPLPVSSD
;
_entity_poly.pdbx_strand_id   A
#
loop_
_chem_comp.id
_chem_comp.type
_chem_comp.name
_chem_comp.formula
IHP non-polymer 'INOSITOL HEXAKISPHOSPHATE' 'C6 H18 O24 P6'
#
# COMPACT_ATOMS: atom_id res chain seq x y z
N TYR A 1 2.53 -15.09 -10.42
CA TYR A 1 1.66 -14.09 -9.75
C TYR A 1 2.43 -13.19 -8.79
N LYS A 2 3.51 -13.70 -8.18
CA LYS A 2 4.31 -12.92 -7.25
C LYS A 2 5.56 -12.38 -7.93
N LYS A 3 5.81 -11.08 -7.75
CA LYS A 3 6.97 -10.42 -8.33
C LYS A 3 7.34 -9.18 -7.50
N PRO A 4 8.59 -8.71 -7.61
CA PRO A 4 9.06 -7.53 -6.87
C PRO A 4 8.23 -6.29 -7.20
N LYS A 5 7.19 -6.06 -6.40
CA LYS A 5 6.30 -4.93 -6.59
C LYS A 5 6.70 -3.76 -5.69
N LEU A 6 6.23 -2.58 -6.04
CA LEU A 6 6.51 -1.37 -5.27
C LEU A 6 5.28 -0.46 -5.29
N LEU A 7 5.17 0.43 -4.31
CA LEU A 7 4.04 1.34 -4.22
C LEU A 7 4.52 2.79 -4.38
N TYR A 8 4.61 3.25 -5.62
CA TYR A 8 5.07 4.60 -5.90
C TYR A 8 3.93 5.60 -5.78
N CYS A 9 4.16 6.64 -5.00
CA CYS A 9 3.17 7.70 -4.80
C CYS A 9 3.66 8.97 -5.50
N SER A 10 2.96 9.38 -6.55
CA SER A 10 3.32 10.57 -7.30
C SER A 10 3.06 11.84 -6.47
N ASN A 11 3.85 12.03 -5.42
CA ASN A 11 3.73 13.19 -4.55
C ASN A 11 5.08 13.83 -4.30
N GLY A 12 5.94 13.82 -5.32
CA GLY A 12 7.25 14.41 -5.19
C GLY A 12 8.28 13.47 -4.59
N GLY A 13 9.06 12.82 -5.45
CA GLY A 13 10.07 11.90 -4.98
C GLY A 13 9.72 10.45 -5.23
N HIS A 14 10.42 9.55 -4.54
CA HIS A 14 10.20 8.13 -4.69
C HIS A 14 9.77 7.52 -3.34
N PHE A 15 8.74 6.69 -3.37
CA PHE A 15 8.22 6.08 -2.16
C PHE A 15 8.24 4.56 -2.27
N LEU A 16 8.83 3.88 -1.29
CA LEU A 16 8.90 2.42 -1.29
C LEU A 16 9.72 1.89 -0.11
N ARG A 17 9.55 2.48 1.07
CA ARG A 17 10.27 2.02 2.26
C ARG A 17 9.33 1.85 3.44
N ILE A 18 9.57 0.81 4.22
CA ILE A 18 8.76 0.52 5.39
C ILE A 18 9.64 0.20 6.59
N LEU A 19 9.33 0.79 7.73
CA LEU A 19 10.08 0.56 8.95
C LEU A 19 9.35 -0.44 9.85
N PRO A 20 10.07 -1.45 10.38
CA PRO A 20 9.50 -2.49 11.24
C PRO A 20 8.53 -1.93 12.26
N ASP A 21 8.85 -0.75 12.81
CA ASP A 21 7.99 -0.10 13.80
C ASP A 21 6.56 0.04 13.30
N GLY A 22 6.40 0.07 11.98
CA GLY A 22 5.09 0.20 11.40
C GLY A 22 4.89 1.55 10.75
N THR A 23 5.73 1.85 9.75
CA THR A 23 5.65 3.12 9.04
C THR A 23 6.27 3.01 7.66
N VAL A 24 5.62 3.61 6.68
CA VAL A 24 6.10 3.60 5.30
C VAL A 24 6.48 5.02 4.86
N ASP A 25 7.59 5.17 4.15
CA ASP A 25 8.04 6.49 3.72
C ASP A 25 8.75 6.43 2.36
N GLY A 26 9.39 7.54 2.00
CA GLY A 26 10.08 7.65 0.74
C GLY A 26 11.34 6.80 0.65
N THR A 27 11.75 6.48 -0.58
CA THR A 27 12.94 5.67 -0.84
C THR A 27 13.02 5.35 -2.33
N ARG A 28 14.22 5.04 -2.81
CA ARG A 28 14.44 4.71 -4.22
C ARG A 28 15.08 3.34 -4.36
N ASP A 29 14.60 2.54 -5.30
CA ASP A 29 15.14 1.22 -5.54
C ASP A 29 14.62 0.67 -6.86
N ARG A 30 15.12 -0.48 -7.28
CA ARG A 30 14.72 -1.09 -8.53
C ARG A 30 13.44 -1.91 -8.35
N SER A 31 12.34 -1.21 -8.09
CA SER A 31 11.04 -1.86 -7.89
C SER A 31 10.98 -2.67 -6.59
N ASP A 32 12.05 -2.66 -5.80
CA ASP A 32 12.08 -3.40 -4.54
C ASP A 32 11.87 -2.45 -3.37
N GLN A 33 10.74 -2.60 -2.69
CA GLN A 33 10.40 -1.75 -1.55
C GLN A 33 11.48 -1.85 -0.45
N HIS A 34 11.20 -2.57 0.64
CA HIS A 34 12.17 -2.73 1.72
C HIS A 34 13.14 -3.85 1.40
N ILE A 35 12.64 -4.84 0.67
CA ILE A 35 13.41 -6.00 0.25
C ILE A 35 12.74 -6.62 -0.98
N GLN A 36 11.43 -6.81 -0.86
CA GLN A 36 10.61 -7.37 -1.92
C GLN A 36 9.13 -7.23 -1.54
N LEU A 37 8.39 -6.42 -2.27
CA LEU A 37 6.98 -6.22 -1.98
C LEU A 37 6.13 -7.17 -2.81
N GLN A 38 5.23 -7.89 -2.14
CA GLN A 38 4.36 -8.85 -2.79
C GLN A 38 2.90 -8.43 -2.65
N LEU A 39 2.19 -8.41 -3.78
CA LEU A 39 0.78 -8.06 -3.80
C LEU A 39 0.06 -9.00 -4.76
N SER A 40 -0.50 -10.08 -4.21
CA SER A 40 -1.19 -11.08 -5.02
C SER A 40 -1.68 -12.24 -4.17
N ALA A 41 -2.22 -13.26 -4.83
CA ALA A 41 -2.73 -14.47 -4.17
C ALA A 41 -4.12 -14.22 -3.58
N GLU A 42 -4.95 -13.52 -4.34
CA GLU A 42 -6.31 -13.21 -3.93
C GLU A 42 -7.24 -13.21 -5.14
N SER A 43 -8.52 -12.96 -4.92
CA SER A 43 -9.50 -12.94 -6.01
C SER A 43 -9.39 -11.61 -6.78
N VAL A 44 -10.24 -11.43 -7.79
CA VAL A 44 -10.23 -10.21 -8.58
C VAL A 44 -10.67 -9.02 -7.71
N GLY A 45 -9.77 -8.05 -7.53
CA GLY A 45 -10.08 -6.89 -6.72
C GLY A 45 -9.41 -6.95 -5.37
N GLU A 46 -9.70 -8.01 -4.61
CA GLU A 46 -9.12 -8.20 -3.29
C GLU A 46 -7.66 -8.62 -3.45
N VAL A 47 -6.77 -7.99 -2.68
CA VAL A 47 -5.35 -8.30 -2.78
C VAL A 47 -4.67 -8.37 -1.41
N TYR A 48 -3.69 -9.25 -1.31
CA TYR A 48 -2.90 -9.43 -0.09
C TYR A 48 -1.56 -8.73 -0.27
N ILE A 49 -1.30 -7.74 0.57
CA ILE A 49 -0.06 -6.97 0.47
C ILE A 49 1.00 -7.46 1.46
N LYS A 50 2.10 -7.96 0.93
CA LYS A 50 3.20 -8.46 1.74
C LYS A 50 4.46 -7.65 1.49
N SER A 51 5.07 -7.16 2.57
CA SER A 51 6.29 -6.38 2.46
C SER A 51 7.47 -7.23 2.92
N THR A 52 8.39 -7.54 2.00
CA THR A 52 9.57 -8.34 2.32
C THR A 52 9.17 -9.82 2.40
N GLU A 53 9.79 -10.64 1.55
CA GLU A 53 9.52 -12.08 1.49
C GLU A 53 9.17 -12.64 2.87
N THR A 54 10.11 -12.55 3.79
CA THR A 54 9.91 -13.04 5.15
C THR A 54 10.45 -12.03 6.17
N GLY A 55 9.56 -11.35 6.87
CA GLY A 55 9.99 -10.40 7.88
C GLY A 55 8.93 -9.36 8.21
N GLN A 56 8.50 -8.61 7.21
CA GLN A 56 7.49 -7.56 7.42
C GLN A 56 6.11 -8.06 6.99
N TYR A 57 5.08 -7.37 7.50
CA TYR A 57 3.70 -7.72 7.21
C TYR A 57 2.87 -6.44 7.11
N LEU A 58 2.52 -6.07 5.88
CA LEU A 58 1.73 -4.85 5.64
C LEU A 58 0.33 -5.00 6.21
N ALA A 59 0.00 -4.17 7.19
CA ALA A 59 -1.31 -4.21 7.82
C ALA A 59 -1.87 -2.80 8.01
N MET A 60 -3.18 -2.68 7.94
CA MET A 60 -3.85 -1.39 8.10
C MET A 60 -4.19 -1.15 9.57
N ASP A 61 -4.27 0.12 9.95
CA ASP A 61 -4.60 0.50 11.32
C ASP A 61 -6.11 0.75 11.43
N THR A 62 -6.68 0.35 12.57
CA THR A 62 -8.11 0.51 12.81
C THR A 62 -8.53 1.98 12.74
N ASP A 63 -7.65 2.89 13.15
CA ASP A 63 -7.95 4.32 13.14
C ASP A 63 -7.72 4.90 11.75
N GLY A 64 -6.52 4.68 11.22
CA GLY A 64 -6.19 5.18 9.90
C GLY A 64 -4.70 5.32 9.71
N LEU A 65 -4.02 4.20 9.50
CA LEU A 65 -2.58 4.18 9.31
C LEU A 65 -2.17 2.86 8.65
N LEU A 66 -1.02 2.87 7.98
CA LEU A 66 -0.51 1.67 7.32
C LEU A 66 0.86 1.30 7.88
N TYR A 67 1.00 0.07 8.34
CA TYR A 67 2.26 -0.40 8.92
C TYR A 67 2.62 -1.79 8.40
N GLY A 68 3.88 -2.17 8.59
CA GLY A 68 4.34 -3.47 8.13
C GLY A 68 4.83 -4.36 9.26
N SER A 69 4.52 -4.00 10.50
CA SER A 69 4.93 -4.78 11.67
C SER A 69 4.32 -6.18 11.63
N GLN A 70 5.17 -7.18 11.41
CA GLN A 70 4.76 -8.59 11.32
C GLN A 70 3.65 -8.92 12.33
N THR A 71 2.41 -8.91 11.83
CA THR A 71 1.24 -9.21 12.64
C THR A 71 0.10 -9.72 11.75
N PRO A 72 0.07 -11.04 11.45
CA PRO A 72 -0.96 -11.66 10.61
C PRO A 72 -2.37 -11.29 11.08
N ASN A 73 -3.16 -10.70 10.19
CA ASN A 73 -4.53 -10.31 10.54
C ASN A 73 -5.31 -9.89 9.29
N GLU A 74 -6.64 -9.97 9.37
CA GLU A 74 -7.53 -9.61 8.26
C GLU A 74 -7.18 -8.22 7.73
N GLU A 75 -6.70 -7.36 8.62
CA GLU A 75 -6.32 -6.00 8.27
C GLU A 75 -5.29 -5.96 7.12
N CYS A 76 -4.71 -7.10 6.77
CA CYS A 76 -3.74 -7.18 5.68
C CYS A 76 -4.44 -7.31 4.31
N LEU A 77 -5.75 -7.51 4.30
CA LEU A 77 -6.49 -7.64 3.05
C LEU A 77 -6.96 -6.29 2.55
N PHE A 78 -6.51 -5.93 1.34
CA PHE A 78 -6.87 -4.65 0.74
C PHE A 78 -7.49 -4.86 -0.64
N LEU A 79 -8.12 -3.81 -1.16
CA LEU A 79 -8.73 -3.84 -2.48
C LEU A 79 -7.91 -2.97 -3.43
N GLU A 80 -7.40 -3.57 -4.50
CA GLU A 80 -6.59 -2.85 -5.47
C GLU A 80 -7.44 -2.46 -6.68
N ARG A 81 -7.57 -1.15 -6.92
CA ARG A 81 -8.36 -0.65 -8.04
C ARG A 81 -7.47 0.10 -9.03
N LEU A 82 -7.06 -0.56 -10.09
CA LEU A 82 -6.22 0.05 -11.11
C LEU A 82 -7.06 0.56 -12.27
N GLU A 83 -6.97 1.86 -12.56
CA GLU A 83 -7.75 2.46 -13.65
C GLU A 83 -6.93 2.56 -14.93
N GLU A 84 -5.92 1.70 -15.06
CA GLU A 84 -5.05 1.65 -16.24
C GLU A 84 -4.21 2.93 -16.42
N ASN A 85 -4.85 4.09 -16.44
CA ASN A 85 -4.16 5.37 -16.63
C ASN A 85 -3.14 5.67 -15.52
N HIS A 86 -2.05 4.91 -15.51
CA HIS A 86 -0.95 5.09 -14.55
C HIS A 86 -1.43 5.56 -13.18
N TYR A 87 -2.45 4.89 -12.64
CA TYR A 87 -2.98 5.25 -11.33
C TYR A 87 -3.94 4.17 -10.83
N ASN A 88 -3.95 3.98 -9.51
CA ASN A 88 -4.83 2.99 -8.89
C ASN A 88 -5.30 3.47 -7.51
N THR A 89 -6.35 2.85 -7.00
CA THR A 89 -6.89 3.20 -5.70
C THR A 89 -6.90 1.99 -4.77
N TYR A 90 -6.62 2.22 -3.49
CA TYR A 90 -6.59 1.16 -2.49
C TYR A 90 -7.58 1.46 -1.37
N ILE A 91 -8.30 0.43 -0.93
CA ILE A 91 -9.28 0.59 0.15
C ILE A 91 -9.26 -0.63 1.07
N SER A 92 -9.63 -0.40 2.34
CA SER A 92 -9.67 -1.45 3.34
C SER A 92 -10.78 -2.46 3.04
N LYS A 93 -10.42 -3.54 2.35
CA LYS A 93 -11.38 -4.58 1.97
C LYS A 93 -12.26 -4.99 3.16
N LYS A 94 -11.64 -5.46 4.24
CA LYS A 94 -12.38 -5.91 5.42
C LYS A 94 -13.28 -4.80 5.99
N HIS A 95 -12.91 -3.55 5.78
CA HIS A 95 -13.68 -2.43 6.30
C HIS A 95 -14.39 -1.67 5.19
N ALA A 96 -15.01 -2.41 4.27
CA ALA A 96 -15.74 -1.82 3.15
C ALA A 96 -16.63 -0.65 3.61
N GLU A 97 -17.23 -0.80 4.78
CA GLU A 97 -18.11 0.23 5.34
C GLU A 97 -17.37 1.56 5.51
N LYS A 98 -16.04 1.48 5.64
CA LYS A 98 -15.21 2.67 5.80
C LYS A 98 -14.10 2.67 4.76
N ASN A 99 -14.49 2.61 3.48
CA ASN A 99 -13.54 2.58 2.37
C ASN A 99 -12.78 3.92 2.25
N TRP A 100 -11.97 4.22 3.24
CA TRP A 100 -11.19 5.45 3.24
C TRP A 100 -9.88 5.26 2.48
N PHE A 101 -9.67 6.09 1.47
CA PHE A 101 -8.47 6.02 0.63
C PHE A 101 -7.20 6.25 1.46
N VAL A 102 -6.18 5.46 1.16
CA VAL A 102 -4.89 5.55 1.85
C VAL A 102 -4.08 6.77 1.38
N GLY A 103 -2.76 6.65 1.29
CA GLY A 103 -1.94 7.76 0.83
C GLY A 103 -1.08 8.34 1.93
N LEU A 104 0.23 8.32 1.73
CA LEU A 104 1.18 8.85 2.70
C LEU A 104 1.88 10.08 2.14
N LYS A 105 2.91 10.54 2.85
CA LYS A 105 3.68 11.70 2.44
C LYS A 105 5.17 11.39 2.63
N LYS A 106 6.03 12.04 1.86
CA LYS A 106 7.48 11.82 1.94
C LYS A 106 7.98 11.81 3.39
N ASN A 107 7.32 12.58 4.25
CA ASN A 107 7.68 12.65 5.67
C ASN A 107 7.54 11.27 6.33
N GLY A 108 6.65 10.44 5.80
CA GLY A 108 6.42 9.12 6.37
C GLY A 108 5.06 9.01 7.03
N SER A 109 4.69 10.06 7.77
CA SER A 109 3.40 10.08 8.46
C SER A 109 2.25 10.03 7.45
N CYS A 110 1.76 8.81 7.19
CA CYS A 110 0.66 8.60 6.24
C CYS A 110 -0.56 9.45 6.61
N LYS A 111 -1.51 9.56 5.69
CA LYS A 111 -2.72 10.35 5.92
C LYS A 111 -3.97 9.62 5.43
N ARG A 112 -4.55 8.82 6.32
CA ARG A 112 -5.76 8.07 6.00
C ARG A 112 -6.90 8.48 6.95
N GLY A 113 -6.59 8.60 8.24
CA GLY A 113 -7.58 8.97 9.23
C GLY A 113 -7.89 10.48 9.23
N PRO A 114 -6.88 11.36 9.09
CA PRO A 114 -7.08 12.81 9.10
C PRO A 114 -8.23 13.24 8.20
N ARG A 115 -8.12 12.94 6.91
CA ARG A 115 -9.14 13.29 5.93
C ARG A 115 -8.63 12.99 4.52
N THR A 116 -9.06 11.87 3.97
CA THR A 116 -8.64 11.49 2.63
C THR A 116 -9.74 11.79 1.62
N HIS A 117 -9.38 12.52 0.56
CA HIS A 117 -10.31 12.92 -0.49
C HIS A 117 -9.65 13.99 -1.35
N TYR A 118 -9.29 15.10 -0.71
CA TYR A 118 -8.62 16.20 -1.40
C TYR A 118 -7.16 15.84 -1.66
N GLY A 119 -6.59 16.40 -2.73
CA GLY A 119 -5.21 16.13 -3.05
C GLY A 119 -5.04 14.81 -3.77
N GLN A 120 -4.30 14.83 -4.87
CA GLN A 120 -4.07 13.64 -5.68
C GLN A 120 -3.46 12.51 -4.85
N LYS A 121 -2.77 12.85 -3.76
CA LYS A 121 -2.15 11.84 -2.89
C LYS A 121 -3.17 10.79 -2.47
N ALA A 122 -4.45 11.19 -2.39
CA ALA A 122 -5.51 10.27 -2.00
C ALA A 122 -5.87 9.32 -3.13
N ILE A 123 -5.69 9.77 -4.37
CA ILE A 123 -6.01 8.95 -5.54
C ILE A 123 -4.98 9.17 -6.65
N LEU A 124 -3.77 8.65 -6.42
CA LEU A 124 -2.70 8.77 -7.42
C LEU A 124 -1.53 7.85 -7.05
N PHE A 125 -1.84 6.57 -6.82
CA PHE A 125 -0.83 5.59 -6.47
C PHE A 125 -0.43 4.80 -7.71
N LEU A 126 0.86 4.71 -7.97
CA LEU A 126 1.37 3.99 -9.13
C LEU A 126 2.29 2.84 -8.72
N PRO A 127 1.73 1.64 -8.55
CA PRO A 127 2.50 0.46 -8.18
C PRO A 127 2.97 -0.31 -9.41
N LEU A 128 3.52 -1.50 -9.21
CA LEU A 128 3.98 -2.32 -10.32
C LEU A 128 2.80 -3.04 -10.95
N PRO A 129 2.77 -3.18 -12.29
CA PRO A 129 1.68 -3.85 -13.01
C PRO A 129 1.41 -5.29 -12.53
N VAL A 130 2.35 -5.86 -11.78
CA VAL A 130 2.20 -7.21 -11.27
C VAL A 130 1.10 -7.30 -10.22
N SER A 131 0.06 -8.05 -10.53
CA SER A 131 -1.08 -8.24 -9.64
C SER A 131 -1.85 -9.51 -10.01
N SER A 132 -2.65 -10.01 -9.07
CA SER A 132 -3.45 -11.21 -9.31
C SER A 132 -4.71 -10.85 -10.08
N ASP A 133 -4.55 -10.60 -11.38
CA ASP A 133 -5.66 -10.28 -12.26
C ASP A 133 -6.73 -11.35 -12.15
C1 IHP B . -2.86 17.55 4.19
C2 IHP B . -3.68 17.26 2.92
C3 IHP B . -3.36 18.33 1.83
C4 IHP B . -1.86 18.25 1.49
C5 IHP B . -1.02 18.51 2.74
C6 IHP B . -1.37 17.49 3.83
O11 IHP B . -3.15 16.57 5.19
P1 IHP B . -3.70 17.02 6.65
O21 IHP B . -4.94 17.83 6.58
O31 IHP B . -2.52 17.83 7.34
O41 IHP B . -3.91 15.68 7.51
O12 IHP B . -3.41 15.98 2.41
P2 IHP B . -4.57 14.86 2.28
O22 IHP B . -4.32 13.77 3.24
O32 IHP B . -5.96 15.61 2.59
O42 IHP B . -4.55 14.37 0.77
O13 IHP B . -4.11 18.07 0.66
P3 IHP B . -5.11 19.19 0.07
O23 IHP B . -4.47 20.52 0.21
O33 IHP B . -6.46 19.07 0.94
O43 IHP B . -5.41 18.84 -1.47
O14 IHP B . -1.53 19.22 0.51
P4 IHP B . -0.90 18.78 -0.91
O24 IHP B . -1.99 18.53 -1.88
O34 IHP B . -0.06 17.45 -0.58
O44 IHP B . 0.09 19.94 -1.41
O15 IHP B . 0.36 18.40 2.43
P5 IHP B . 1.37 19.64 2.65
O25 IHP B . 0.89 20.81 1.86
O35 IHP B . 1.37 19.96 4.22
O45 IHP B . 2.82 19.17 2.18
O16 IHP B . -0.57 17.76 4.99
P6 IHP B . 0.46 16.66 5.57
O26 IHP B . 1.18 17.14 6.78
O36 IHP B . 1.46 16.39 4.33
O46 IHP B . -0.36 15.32 5.87
H1 IHP B . -3.06 18.46 4.53
H2 IHP B . -4.66 17.32 3.16
H3 IHP B . -3.55 19.25 2.19
H4 IHP B . -1.66 17.32 1.15
H5 IHP B . -1.22 19.43 3.10
H6 IHP B . -1.18 16.57 3.48
N TYR A 1 2.43 -14.56 -10.68
CA TYR A 1 1.58 -13.82 -9.72
C TYR A 1 2.41 -13.07 -8.68
N LYS A 2 3.44 -13.72 -8.12
CA LYS A 2 4.27 -13.07 -7.12
C LYS A 2 5.57 -12.56 -7.73
N LYS A 3 5.80 -11.26 -7.61
CA LYS A 3 7.00 -10.61 -8.14
C LYS A 3 7.25 -9.31 -7.38
N PRO A 4 8.50 -8.84 -7.35
CA PRO A 4 8.86 -7.59 -6.66
C PRO A 4 8.03 -6.40 -7.14
N LYS A 5 7.09 -5.98 -6.31
CA LYS A 5 6.21 -4.86 -6.63
C LYS A 5 6.56 -3.66 -5.75
N LEU A 6 6.30 -2.46 -6.25
CA LEU A 6 6.58 -1.24 -5.50
C LEU A 6 5.35 -0.32 -5.50
N LEU A 7 5.23 0.49 -4.46
CA LEU A 7 4.10 1.42 -4.33
C LEU A 7 4.58 2.86 -4.47
N TYR A 8 4.56 3.36 -5.70
CA TYR A 8 5.01 4.71 -5.99
C TYR A 8 3.89 5.73 -5.71
N CYS A 9 4.20 6.74 -4.91
CA CYS A 9 3.25 7.78 -4.58
C CYS A 9 3.58 9.06 -5.35
N SER A 10 2.57 9.61 -6.02
CA SER A 10 2.75 10.81 -6.82
C SER A 10 2.85 12.06 -5.96
N ASN A 11 3.98 12.22 -5.24
CA ASN A 11 4.17 13.40 -4.39
C ASN A 11 5.65 13.84 -4.36
N GLY A 12 6.36 13.61 -5.45
CA GLY A 12 7.76 13.98 -5.51
C GLY A 12 8.67 12.94 -4.87
N GLY A 13 9.81 12.71 -5.48
CA GLY A 13 10.75 11.73 -4.97
C GLY A 13 10.36 10.31 -5.34
N HIS A 14 10.58 9.37 -4.43
CA HIS A 14 10.24 7.97 -4.65
C HIS A 14 9.62 7.38 -3.40
N PHE A 15 8.86 6.30 -3.54
CA PHE A 15 8.21 5.67 -2.40
C PHE A 15 8.31 4.15 -2.47
N LEU A 16 8.90 3.56 -1.42
CA LEU A 16 9.03 2.10 -1.35
C LEU A 16 9.91 1.68 -0.15
N ARG A 17 9.71 2.33 1.00
CA ARG A 17 10.47 1.99 2.20
C ARG A 17 9.54 1.84 3.40
N ILE A 18 9.73 0.75 4.13
CA ILE A 18 8.92 0.47 5.31
C ILE A 18 9.84 0.22 6.52
N LEU A 19 9.55 0.90 7.62
CA LEU A 19 10.34 0.74 8.83
C LEU A 19 9.76 -0.35 9.72
N PRO A 20 10.61 -1.28 10.21
CA PRO A 20 10.19 -2.41 11.05
C PRO A 20 9.16 -2.00 12.10
N ASP A 21 9.35 -0.82 12.70
CA ASP A 21 8.44 -0.31 13.72
C ASP A 21 7.00 -0.38 13.23
N GLY A 22 6.80 -0.08 11.95
CA GLY A 22 5.48 -0.10 11.37
C GLY A 22 5.14 1.23 10.71
N THR A 23 5.96 1.65 9.76
CA THR A 23 5.74 2.90 9.05
C THR A 23 6.38 2.87 7.66
N VAL A 24 5.65 3.34 6.66
CA VAL A 24 6.13 3.36 5.29
C VAL A 24 6.42 4.81 4.87
N ASP A 25 7.51 5.02 4.14
CA ASP A 25 7.88 6.36 3.69
C ASP A 25 8.53 6.31 2.31
N GLY A 26 9.07 7.45 1.88
CA GLY A 26 9.69 7.54 0.56
C GLY A 26 11.08 6.97 0.49
N THR A 27 11.43 6.47 -0.69
CA THR A 27 12.74 5.88 -0.96
C THR A 27 12.84 5.51 -2.44
N ARG A 28 14.06 5.53 -2.98
CA ARG A 28 14.28 5.21 -4.38
C ARG A 28 14.91 3.84 -4.54
N ASP A 29 14.44 3.08 -5.52
CA ASP A 29 14.97 1.73 -5.79
C ASP A 29 14.49 1.25 -7.16
N ARG A 30 14.88 0.04 -7.52
CA ARG A 30 14.49 -0.55 -8.80
C ARG A 30 13.35 -1.55 -8.58
N SER A 31 12.17 -1.02 -8.27
CA SER A 31 10.99 -1.86 -8.04
C SER A 31 11.15 -2.69 -6.77
N ASP A 32 12.08 -2.31 -5.89
CA ASP A 32 12.31 -3.03 -4.66
C ASP A 32 11.97 -2.16 -3.45
N GLN A 33 11.14 -2.70 -2.57
CA GLN A 33 10.73 -2.00 -1.35
C GLN A 33 11.84 -2.15 -0.29
N HIS A 34 11.46 -2.18 1.00
CA HIS A 34 12.45 -2.35 2.08
C HIS A 34 13.40 -3.50 1.73
N ILE A 35 12.84 -4.50 1.06
CA ILE A 35 13.60 -5.67 0.61
C ILE A 35 12.93 -6.24 -0.64
N GLN A 36 11.61 -6.36 -0.58
CA GLN A 36 10.79 -6.86 -1.68
C GLN A 36 9.33 -6.83 -1.27
N LEU A 37 8.45 -6.44 -2.17
CA LEU A 37 7.02 -6.37 -1.86
C LEU A 37 6.21 -7.17 -2.86
N GLN A 38 5.26 -7.94 -2.36
CA GLN A 38 4.40 -8.76 -3.19
C GLN A 38 2.93 -8.37 -3.01
N LEU A 39 2.12 -8.59 -4.03
CA LEU A 39 0.70 -8.27 -3.98
C LEU A 39 -0.06 -9.14 -4.97
N SER A 40 -0.54 -10.29 -4.49
CA SER A 40 -1.30 -11.23 -5.32
C SER A 40 -1.76 -12.43 -4.47
N ALA A 41 -2.32 -13.44 -5.15
CA ALA A 41 -2.80 -14.66 -4.50
C ALA A 41 -4.23 -14.50 -4.00
N GLU A 42 -4.92 -13.46 -4.48
CA GLU A 42 -6.30 -13.19 -4.08
C GLU A 42 -7.21 -13.18 -5.31
N SER A 43 -8.51 -13.28 -5.08
CA SER A 43 -9.48 -13.27 -6.15
C SER A 43 -9.57 -11.88 -6.79
N VAL A 44 -10.22 -11.79 -7.95
CA VAL A 44 -10.36 -10.51 -8.66
C VAL A 44 -10.72 -9.38 -7.68
N GLY A 45 -10.00 -8.27 -7.78
CA GLY A 45 -10.24 -7.15 -6.89
C GLY A 45 -9.53 -7.31 -5.57
N GLU A 46 -9.74 -8.44 -4.92
CA GLU A 46 -9.11 -8.74 -3.64
C GLU A 46 -7.59 -8.76 -3.82
N VAL A 47 -6.88 -8.09 -2.93
CA VAL A 47 -5.42 -8.05 -3.02
C VAL A 47 -4.75 -8.22 -1.67
N TYR A 48 -3.79 -9.14 -1.63
CA TYR A 48 -3.02 -9.42 -0.42
C TYR A 48 -1.62 -8.80 -0.57
N ILE A 49 -1.34 -7.78 0.23
CA ILE A 49 -0.06 -7.09 0.18
C ILE A 49 0.96 -7.74 1.12
N LYS A 50 2.14 -8.02 0.60
CA LYS A 50 3.20 -8.62 1.39
C LYS A 50 4.50 -7.82 1.25
N SER A 51 4.94 -7.21 2.34
CA SER A 51 6.16 -6.43 2.34
C SER A 51 7.29 -7.23 2.98
N THR A 52 8.34 -7.49 2.20
CA THR A 52 9.50 -8.24 2.66
C THR A 52 9.18 -9.73 2.68
N GLU A 53 9.93 -10.51 1.88
CA GLU A 53 9.75 -11.95 1.79
C GLU A 53 9.40 -12.56 3.15
N THR A 54 10.24 -12.27 4.14
CA THR A 54 10.03 -12.77 5.49
C THR A 54 10.59 -11.79 6.52
N GLY A 55 9.71 -11.10 7.24
CA GLY A 55 10.15 -10.16 8.25
C GLY A 55 9.15 -9.05 8.53
N GLN A 56 8.38 -8.66 7.51
CA GLN A 56 7.39 -7.60 7.67
C GLN A 56 6.00 -8.08 7.26
N TYR A 57 4.98 -7.34 7.68
CA TYR A 57 3.60 -7.66 7.36
C TYR A 57 2.79 -6.38 7.19
N LEU A 58 2.39 -6.09 5.96
CA LEU A 58 1.63 -4.88 5.67
C LEU A 58 0.23 -4.96 6.28
N ALA A 59 -0.01 -4.13 7.29
CA ALA A 59 -1.29 -4.10 7.96
C ALA A 59 -1.77 -2.66 8.13
N MET A 60 -3.09 -2.48 8.16
CA MET A 60 -3.68 -1.16 8.31
C MET A 60 -4.33 -1.00 9.67
N ASP A 61 -3.99 0.07 10.38
CA ASP A 61 -4.56 0.35 11.69
C ASP A 61 -6.00 0.82 11.51
N THR A 62 -6.90 0.28 12.31
CA THR A 62 -8.31 0.62 12.24
C THR A 62 -8.55 2.13 12.14
N ASP A 63 -7.75 2.92 12.87
CA ASP A 63 -7.89 4.37 12.84
C ASP A 63 -7.58 4.94 11.46
N GLY A 64 -6.66 4.29 10.75
CA GLY A 64 -6.28 4.73 9.42
C GLY A 64 -4.78 4.96 9.28
N LEU A 65 -4.00 3.97 9.71
CA LEU A 65 -2.55 4.04 9.65
C LEU A 65 -2.00 2.78 8.99
N LEU A 66 -1.12 2.95 8.01
CA LEU A 66 -0.54 1.81 7.30
C LEU A 66 0.82 1.46 7.90
N TYR A 67 0.97 0.21 8.32
CA TYR A 67 2.22 -0.24 8.93
C TYR A 67 2.61 -1.63 8.43
N GLY A 68 3.90 -1.93 8.52
CA GLY A 68 4.41 -3.23 8.08
C GLY A 68 4.77 -4.13 9.26
N SER A 69 4.42 -3.71 10.48
CA SER A 69 4.71 -4.48 11.68
C SER A 69 4.12 -5.89 11.56
N GLN A 70 4.96 -6.89 11.75
CA GLN A 70 4.54 -8.29 11.65
C GLN A 70 3.31 -8.54 12.53
N THR A 71 2.13 -8.53 11.92
CA THR A 71 0.89 -8.76 12.63
C THR A 71 -0.19 -9.29 11.67
N PRO A 72 -0.23 -10.61 11.48
CA PRO A 72 -1.21 -11.26 10.57
C PRO A 72 -2.64 -11.08 11.06
N ASN A 73 -3.36 -10.14 10.46
CA ASN A 73 -4.74 -9.88 10.83
C ASN A 73 -5.58 -9.59 9.58
N GLU A 74 -6.89 -9.76 9.71
CA GLU A 74 -7.83 -9.53 8.60
C GLU A 74 -7.60 -8.17 7.93
N GLU A 75 -7.10 -7.22 8.71
CA GLU A 75 -6.82 -5.88 8.20
C GLU A 75 -5.97 -5.92 6.93
N CYS A 76 -5.25 -7.02 6.72
CA CYS A 76 -4.39 -7.19 5.54
C CYS A 76 -5.22 -7.32 4.26
N LEU A 77 -6.52 -7.60 4.38
CA LEU A 77 -7.38 -7.74 3.22
C LEU A 77 -7.69 -6.38 2.60
N PHE A 78 -7.01 -6.07 1.50
CA PHE A 78 -7.18 -4.81 0.81
C PHE A 78 -7.76 -5.03 -0.59
N LEU A 79 -8.23 -3.94 -1.20
CA LEU A 79 -8.78 -3.96 -2.54
C LEU A 79 -8.02 -3.00 -3.43
N GLU A 80 -7.43 -3.52 -4.51
CA GLU A 80 -6.65 -2.69 -5.43
C GLU A 80 -7.43 -2.51 -6.73
N ARG A 81 -7.72 -1.25 -7.06
CA ARG A 81 -8.45 -0.94 -8.28
C ARG A 81 -7.55 -0.20 -9.27
N LEU A 82 -6.89 -0.96 -10.14
CA LEU A 82 -6.00 -0.38 -11.14
C LEU A 82 -6.82 0.26 -12.27
N GLU A 83 -6.71 1.57 -12.41
CA GLU A 83 -7.44 2.31 -13.44
C GLU A 83 -6.70 2.27 -14.78
N GLU A 84 -5.53 1.62 -14.81
CA GLU A 84 -4.73 1.51 -16.03
C GLU A 84 -4.01 2.83 -16.33
N ASN A 85 -4.76 3.93 -16.30
CA ASN A 85 -4.20 5.25 -16.57
C ASN A 85 -3.20 5.67 -15.49
N HIS A 86 -2.06 4.98 -15.45
CA HIS A 86 -1.00 5.25 -14.49
C HIS A 86 -1.53 5.56 -13.09
N TYR A 87 -2.60 4.88 -12.69
CA TYR A 87 -3.19 5.10 -11.38
C TYR A 87 -4.00 3.88 -10.93
N ASN A 88 -4.15 3.75 -9.61
CA ASN A 88 -4.91 2.66 -9.03
C ASN A 88 -5.51 3.10 -7.69
N THR A 89 -6.70 2.59 -7.38
CA THR A 89 -7.37 2.92 -6.13
C THR A 89 -7.10 1.86 -5.07
N TYR A 90 -6.68 2.29 -3.88
CA TYR A 90 -6.40 1.36 -2.79
C TYR A 90 -7.39 1.56 -1.65
N ILE A 91 -8.12 0.50 -1.30
CA ILE A 91 -9.09 0.57 -0.21
C ILE A 91 -9.08 -0.71 0.61
N SER A 92 -9.49 -0.61 1.87
CA SER A 92 -9.53 -1.75 2.77
C SER A 92 -10.75 -2.62 2.49
N LYS A 93 -10.55 -3.94 2.46
CA LYS A 93 -11.64 -4.87 2.19
C LYS A 93 -12.48 -5.09 3.43
N LYS A 94 -11.84 -5.47 4.54
CA LYS A 94 -12.54 -5.72 5.79
C LYS A 94 -13.34 -4.50 6.24
N HIS A 95 -12.75 -3.31 6.08
CA HIS A 95 -13.41 -2.07 6.49
C HIS A 95 -14.21 -1.45 5.34
N ALA A 96 -14.83 -2.30 4.51
CA ALA A 96 -15.62 -1.83 3.37
C ALA A 96 -16.58 -0.70 3.79
N GLU A 97 -17.20 -0.85 4.95
CA GLU A 97 -18.14 0.14 5.47
C GLU A 97 -17.48 1.53 5.58
N LYS A 98 -16.16 1.55 5.73
CA LYS A 98 -15.42 2.81 5.86
C LYS A 98 -14.18 2.77 4.98
N ASN A 99 -14.37 2.34 3.74
CA ASN A 99 -13.28 2.25 2.77
C ASN A 99 -12.76 3.64 2.40
N TRP A 100 -11.72 4.08 3.09
CA TRP A 100 -11.13 5.39 2.84
C TRP A 100 -9.80 5.23 2.10
N PHE A 101 -9.56 6.13 1.15
CA PHE A 101 -8.33 6.10 0.35
C PHE A 101 -7.10 6.33 1.23
N VAL A 102 -6.02 5.64 0.90
CA VAL A 102 -4.77 5.73 1.64
C VAL A 102 -3.93 6.95 1.20
N GLY A 103 -2.64 6.75 0.93
CA GLY A 103 -1.79 7.85 0.50
C GLY A 103 -0.94 8.38 1.63
N LEU A 104 0.34 8.03 1.62
CA LEU A 104 1.26 8.47 2.66
C LEU A 104 2.01 9.72 2.21
N LYS A 105 2.76 10.32 3.13
CA LYS A 105 3.52 11.51 2.83
C LYS A 105 5.02 11.19 2.95
N LYS A 106 5.78 11.54 1.91
CA LYS A 106 7.22 11.30 1.89
C LYS A 106 7.88 11.72 3.22
N ASN A 107 7.28 12.67 3.90
CA ASN A 107 7.78 13.14 5.19
C ASN A 107 7.97 11.96 6.17
N GLY A 108 7.20 10.90 5.95
CA GLY A 108 7.29 9.73 6.80
C GLY A 108 6.05 9.56 7.65
N SER A 109 4.89 9.84 7.07
CA SER A 109 3.62 9.71 7.76
C SER A 109 2.50 9.38 6.78
N CYS A 110 1.53 8.60 7.23
CA CYS A 110 0.40 8.20 6.39
C CYS A 110 -0.85 8.98 6.79
N LYS A 111 -1.64 9.37 5.80
CA LYS A 111 -2.87 10.11 6.07
C LYS A 111 -4.08 9.41 5.46
N ARG A 112 -4.69 8.53 6.23
CA ARG A 112 -5.87 7.78 5.81
C ARG A 112 -7.04 8.11 6.74
N GLY A 113 -6.82 7.93 8.04
CA GLY A 113 -7.85 8.22 9.03
C GLY A 113 -8.12 9.70 9.16
N PRO A 114 -7.08 10.51 9.45
CA PRO A 114 -7.22 11.95 9.61
C PRO A 114 -8.18 12.58 8.60
N ARG A 115 -7.94 12.33 7.32
CA ARG A 115 -8.79 12.86 6.25
C ARG A 115 -8.25 12.47 4.87
N THR A 116 -9.13 12.00 4.00
CA THR A 116 -8.75 11.60 2.66
C THR A 116 -9.85 12.00 1.66
N HIS A 117 -9.45 12.74 0.63
CA HIS A 117 -10.39 13.22 -0.41
C HIS A 117 -9.72 14.26 -1.29
N TYR A 118 -9.22 15.33 -0.66
CA TYR A 118 -8.55 16.40 -1.38
C TYR A 118 -7.06 16.11 -1.47
N GLY A 119 -6.47 16.41 -2.63
CA GLY A 119 -5.06 16.17 -2.82
C GLY A 119 -4.82 14.87 -3.56
N GLN A 120 -4.30 14.96 -4.78
CA GLN A 120 -4.02 13.80 -5.61
C GLN A 120 -3.38 12.66 -4.82
N LYS A 121 -2.57 13.01 -3.81
CA LYS A 121 -1.91 12.01 -2.98
C LYS A 121 -2.91 10.97 -2.47
N ALA A 122 -4.16 11.39 -2.26
CA ALA A 122 -5.20 10.49 -1.76
C ALA A 122 -5.74 9.56 -2.84
N ILE A 123 -5.58 9.92 -4.11
CA ILE A 123 -6.10 9.10 -5.18
C ILE A 123 -5.17 9.13 -6.41
N LEU A 124 -3.88 8.88 -6.18
CA LEU A 124 -2.91 8.88 -7.28
C LEU A 124 -1.66 8.06 -6.92
N PHE A 125 -1.84 6.74 -6.76
CA PHE A 125 -0.74 5.84 -6.43
C PHE A 125 -0.38 5.02 -7.66
N LEU A 126 0.92 4.86 -7.91
CA LEU A 126 1.40 4.11 -9.06
C LEU A 126 2.22 2.88 -8.63
N PRO A 127 1.61 1.69 -8.69
CA PRO A 127 2.26 0.44 -8.34
C PRO A 127 2.77 -0.29 -9.57
N LEU A 128 3.66 -1.25 -9.37
CA LEU A 128 4.20 -2.04 -10.49
C LEU A 128 3.08 -2.87 -11.11
N PRO A 129 3.07 -3.00 -12.45
CA PRO A 129 2.05 -3.77 -13.17
C PRO A 129 2.07 -5.27 -12.82
N VAL A 130 1.87 -5.58 -11.55
CA VAL A 130 1.86 -6.96 -11.07
C VAL A 130 0.83 -7.11 -9.95
N SER A 131 -0.25 -7.83 -10.25
CA SER A 131 -1.31 -8.05 -9.29
C SER A 131 -2.07 -9.34 -9.60
N SER A 132 -2.94 -9.75 -8.70
CA SER A 132 -3.73 -10.95 -8.89
C SER A 132 -4.99 -10.64 -9.69
N ASP A 133 -4.84 -10.59 -11.00
CA ASP A 133 -5.96 -10.33 -11.89
C ASP A 133 -6.76 -11.61 -12.08
C1 IHP B . -2.77 17.61 4.42
C2 IHP B . -3.54 17.31 3.12
C3 IHP B . -3.12 18.31 2.02
C4 IHP B . -1.62 18.15 1.76
C5 IHP B . -0.82 18.43 3.03
C6 IHP B . -1.26 17.48 4.15
O11 IHP B . -3.13 16.70 5.46
P1 IHP B . -3.73 17.26 6.86
O21 IHP B . -4.94 18.12 6.70
O31 IHP B . -2.53 18.07 7.56
O41 IHP B . -4.03 15.98 7.78
O12 IHP B . -3.30 15.99 2.68
P2 IHP B . -4.51 14.91 2.53
O22 IHP B . -4.33 13.85 3.55
O32 IHP B . -5.88 15.71 2.72
O42 IHP B . -4.41 14.35 1.04
O13 IHP B . -3.84 18.03 0.81
P3 IHP B . -4.76 19.17 0.13
O23 IHP B . -4.20 20.50 0.45
O33 IHP B . -6.23 18.97 0.75
O43 IHP B . -4.79 18.91 -1.46
O14 IHP B . -1.20 19.08 0.75
P4 IHP B . -0.54 18.55 -0.63
O24 IHP B . -1.49 17.66 -1.34
O34 IHP B . 0.79 17.79 -0.16
O44 IHP B . -0.14 19.83 -1.52
O15 IHP B . 0.57 18.25 2.78
P5 IHP B . 1.61 19.45 3.00
O25 IHP B . 1.24 20.60 2.13
O35 IHP B . 1.56 19.86 4.56
O45 IHP B . 3.08 18.89 2.64
O16 IHP B . -0.51 17.76 5.34
P6 IHP B . 0.44 16.65 6.01
O26 IHP B . 1.12 17.16 7.23
O36 IHP B . 1.48 16.29 4.84
O46 IHP B . -0.45 15.35 6.33
H1 IHP B . -2.95 18.56 4.72
H2 IHP B . -4.52 17.42 3.31
H3 IHP B . -3.29 19.25 2.33
H4 IHP B . -1.45 17.21 1.46
H5 IHP B . -1.00 19.36 3.33
H6 IHP B . -1.10 16.53 3.84
N TYR A 1 2.38 -14.82 -10.91
CA TYR A 1 1.34 -14.07 -10.18
C TYR A 1 1.93 -13.19 -9.09
N LYS A 2 3.06 -13.58 -8.50
CA LYS A 2 3.69 -12.76 -7.47
C LYS A 2 5.13 -12.40 -7.85
N LYS A 3 5.42 -11.10 -7.86
CA LYS A 3 6.74 -10.59 -8.20
C LYS A 3 7.04 -9.35 -7.35
N PRO A 4 8.31 -8.89 -7.32
CA PRO A 4 8.70 -7.72 -6.55
C PRO A 4 7.94 -6.46 -6.99
N LYS A 5 6.87 -6.16 -6.28
CA LYS A 5 6.04 -4.99 -6.58
C LYS A 5 6.51 -3.79 -5.75
N LEU A 6 6.03 -2.60 -6.10
CA LEU A 6 6.38 -1.39 -5.38
C LEU A 6 5.18 -0.45 -5.31
N LEU A 7 5.20 0.45 -4.33
CA LEU A 7 4.11 1.40 -4.14
C LEU A 7 4.62 2.83 -4.34
N TYR A 8 4.53 3.34 -5.55
CA TYR A 8 5.00 4.67 -5.87
C TYR A 8 3.88 5.70 -5.73
N CYS A 9 4.18 6.81 -5.08
CA CYS A 9 3.20 7.87 -4.90
C CYS A 9 3.65 9.14 -5.64
N SER A 10 2.82 9.60 -6.57
CA SER A 10 3.15 10.79 -7.34
C SER A 10 2.90 12.06 -6.52
N ASN A 11 3.82 12.36 -5.59
CA ASN A 11 3.70 13.54 -4.76
C ASN A 11 5.05 14.23 -4.58
N GLY A 12 5.87 14.19 -5.64
CA GLY A 12 7.18 14.81 -5.59
C GLY A 12 8.17 13.99 -4.78
N GLY A 13 8.70 12.94 -5.38
CA GLY A 13 9.66 12.09 -4.70
C GLY A 13 9.53 10.63 -5.09
N HIS A 14 10.04 9.74 -4.25
CA HIS A 14 9.98 8.30 -4.50
C HIS A 14 9.46 7.58 -3.26
N PHE A 15 8.78 6.47 -3.44
CA PHE A 15 8.23 5.72 -2.30
C PHE A 15 8.31 4.22 -2.55
N LEU A 16 8.77 3.48 -1.53
CA LEU A 16 8.89 2.02 -1.63
C LEU A 16 9.66 1.42 -0.45
N ARG A 17 9.35 1.87 0.76
CA ARG A 17 10.05 1.37 1.95
C ARG A 17 9.14 1.34 3.17
N ILE A 18 9.26 0.28 3.95
CA ILE A 18 8.49 0.11 5.17
C ILE A 18 9.44 -0.08 6.35
N LEU A 19 9.26 0.73 7.38
CA LEU A 19 10.11 0.63 8.57
C LEU A 19 9.50 -0.35 9.56
N PRO A 20 10.29 -1.34 10.03
CA PRO A 20 9.84 -2.36 10.98
C PRO A 20 9.04 -1.75 12.13
N ASP A 21 9.40 -0.52 12.50
CA ASP A 21 8.72 0.19 13.58
C ASP A 21 7.21 0.22 13.33
N GLY A 22 6.83 0.26 12.06
CA GLY A 22 5.42 0.29 11.71
C GLY A 22 5.06 1.56 10.94
N THR A 23 5.83 1.87 9.91
CA THR A 23 5.58 3.06 9.09
C THR A 23 6.23 2.94 7.72
N VAL A 24 5.58 3.51 6.71
CA VAL A 24 6.08 3.50 5.34
C VAL A 24 6.60 4.89 4.98
N ASP A 25 7.71 4.96 4.25
CA ASP A 25 8.30 6.24 3.89
C ASP A 25 8.78 6.26 2.43
N GLY A 26 9.37 7.37 2.03
CA GLY A 26 9.86 7.52 0.67
C GLY A 26 11.23 6.92 0.47
N THR A 27 11.43 6.27 -0.68
CA THR A 27 12.71 5.64 -1.00
C THR A 27 12.81 5.37 -2.50
N ARG A 28 14.01 5.09 -2.97
CA ARG A 28 14.23 4.80 -4.38
C ARG A 28 14.99 3.48 -4.55
N ASP A 29 14.44 2.59 -5.38
CA ASP A 29 15.07 1.30 -5.64
C ASP A 29 14.74 0.83 -7.06
N ARG A 30 15.24 -0.34 -7.43
CA ARG A 30 15.00 -0.88 -8.76
C ARG A 30 13.67 -1.63 -8.78
N SER A 31 12.58 -0.88 -8.69
CA SER A 31 11.25 -1.46 -8.69
C SER A 31 11.13 -2.48 -7.55
N ASP A 32 11.75 -2.15 -6.43
CA ASP A 32 11.75 -3.03 -5.26
C ASP A 32 11.23 -2.31 -4.03
N GLN A 33 11.50 -2.88 -2.85
CA GLN A 33 11.06 -2.30 -1.59
C GLN A 33 12.13 -2.52 -0.51
N HIS A 34 11.73 -2.45 0.77
CA HIS A 34 12.67 -2.68 1.88
C HIS A 34 13.49 -3.95 1.63
N ILE A 35 12.85 -4.93 0.99
CA ILE A 35 13.48 -6.20 0.66
C ILE A 35 12.79 -6.84 -0.55
N GLN A 36 11.46 -6.80 -0.54
CA GLN A 36 10.65 -7.35 -1.63
C GLN A 36 9.17 -7.17 -1.31
N LEU A 37 8.44 -6.45 -2.16
CA LEU A 37 7.02 -6.23 -1.92
C LEU A 37 6.18 -7.21 -2.73
N GLN A 38 5.44 -8.07 -2.02
CA GLN A 38 4.59 -9.05 -2.66
C GLN A 38 3.12 -8.65 -2.51
N LEU A 39 2.49 -8.31 -3.62
CA LEU A 39 1.09 -7.92 -3.61
C LEU A 39 0.33 -8.71 -4.67
N SER A 40 -0.36 -9.76 -4.23
CA SER A 40 -1.12 -10.62 -5.14
C SER A 40 -1.74 -11.81 -4.40
N ALA A 41 -2.30 -12.75 -5.17
CA ALA A 41 -2.91 -13.95 -4.61
C ALA A 41 -4.20 -13.64 -3.85
N GLU A 42 -5.27 -13.41 -4.60
CA GLU A 42 -6.59 -13.12 -4.03
C GLU A 42 -7.62 -13.00 -5.15
N SER A 43 -8.90 -12.96 -4.77
CA SER A 43 -9.98 -12.87 -5.74
C SER A 43 -9.96 -11.52 -6.46
N VAL A 44 -10.27 -11.55 -7.77
CA VAL A 44 -10.30 -10.35 -8.60
C VAL A 44 -10.76 -9.12 -7.82
N GLY A 45 -9.91 -8.11 -7.77
CA GLY A 45 -10.23 -6.89 -7.06
C GLY A 45 -9.61 -6.86 -5.68
N GLU A 46 -9.69 -7.97 -4.97
CA GLU A 46 -9.13 -8.07 -3.64
C GLU A 46 -7.68 -8.51 -3.73
N VAL A 47 -6.82 -7.96 -2.88
CA VAL A 47 -5.41 -8.30 -2.90
C VAL A 47 -4.80 -8.34 -1.51
N TYR A 48 -3.67 -9.03 -1.41
CA TYR A 48 -2.92 -9.15 -0.17
C TYR A 48 -1.59 -8.46 -0.32
N ILE A 49 -1.17 -7.71 0.70
CA ILE A 49 0.09 -6.97 0.64
C ILE A 49 1.12 -7.55 1.60
N LYS A 50 2.17 -8.15 1.05
CA LYS A 50 3.24 -8.72 1.85
C LYS A 50 4.55 -7.98 1.59
N SER A 51 4.89 -7.05 2.47
CA SER A 51 6.12 -6.28 2.34
C SER A 51 7.28 -7.07 2.94
N THR A 52 8.30 -7.35 2.12
CA THR A 52 9.46 -8.10 2.54
C THR A 52 9.14 -9.60 2.54
N GLU A 53 10.00 -10.39 1.90
CA GLU A 53 9.78 -11.84 1.83
C GLU A 53 9.46 -12.39 3.21
N THR A 54 10.32 -12.10 4.16
CA THR A 54 10.14 -12.54 5.54
C THR A 54 10.68 -11.49 6.51
N GLY A 55 9.92 -11.20 7.55
CA GLY A 55 10.33 -10.21 8.54
C GLY A 55 9.36 -9.05 8.66
N GLN A 56 8.42 -8.94 7.74
CA GLN A 56 7.44 -7.85 7.77
C GLN A 56 6.06 -8.34 7.36
N TYR A 57 5.03 -7.60 7.78
CA TYR A 57 3.65 -7.94 7.48
C TYR A 57 2.84 -6.66 7.29
N LEU A 58 2.50 -6.34 6.05
CA LEU A 58 1.73 -5.13 5.75
C LEU A 58 0.32 -5.23 6.33
N ALA A 59 0.04 -4.38 7.31
CA ALA A 59 -1.26 -4.36 7.95
C ALA A 59 -1.75 -2.93 8.11
N MET A 60 -3.07 -2.77 8.10
CA MET A 60 -3.68 -1.45 8.23
C MET A 60 -4.17 -1.22 9.66
N ASP A 61 -4.25 0.05 10.04
CA ASP A 61 -4.73 0.44 11.36
C ASP A 61 -6.22 0.79 11.24
N THR A 62 -7.03 0.28 12.16
CA THR A 62 -8.47 0.52 12.13
C THR A 62 -8.79 2.01 11.98
N ASP A 63 -7.99 2.87 12.60
CA ASP A 63 -8.22 4.31 12.55
C ASP A 63 -7.93 4.88 11.16
N GLY A 64 -6.65 4.91 10.77
CA GLY A 64 -6.30 5.45 9.47
C GLY A 64 -4.81 5.41 9.18
N LEU A 65 -4.13 4.36 9.60
CA LEU A 65 -2.68 4.22 9.39
C LEU A 65 -2.36 2.90 8.71
N LEU A 66 -1.14 2.80 8.19
CA LEU A 66 -0.66 1.59 7.52
C LEU A 66 0.71 1.23 8.11
N TYR A 67 0.95 -0.06 8.33
CA TYR A 67 2.22 -0.51 8.92
C TYR A 67 2.61 -1.90 8.40
N GLY A 68 3.85 -2.28 8.64
CA GLY A 68 4.33 -3.58 8.20
C GLY A 68 4.77 -4.46 9.35
N SER A 69 4.42 -4.07 10.58
CA SER A 69 4.79 -4.84 11.76
C SER A 69 4.11 -6.20 11.75
N GLN A 70 4.91 -7.26 11.67
CA GLN A 70 4.40 -8.64 11.64
C GLN A 70 3.19 -8.83 12.55
N THR A 71 2.00 -8.82 11.96
CA THR A 71 0.76 -9.00 12.69
C THR A 71 -0.29 -9.69 11.80
N PRO A 72 -0.37 -11.03 11.86
CA PRO A 72 -1.33 -11.79 11.06
C PRO A 72 -2.77 -11.44 11.43
N ASN A 73 -3.46 -10.72 10.53
CA ASN A 73 -4.85 -10.32 10.77
C ASN A 73 -5.54 -9.91 9.47
N GLU A 74 -6.86 -9.97 9.47
CA GLU A 74 -7.68 -9.62 8.31
C GLU A 74 -7.33 -8.24 7.77
N GLU A 75 -6.82 -7.36 8.64
CA GLU A 75 -6.44 -6.00 8.23
C GLU A 75 -5.50 -6.01 7.01
N CYS A 76 -4.92 -7.17 6.69
CA CYS A 76 -4.03 -7.30 5.56
C CYS A 76 -4.80 -7.44 4.23
N LEU A 77 -6.13 -7.54 4.30
CA LEU A 77 -6.94 -7.67 3.09
C LEU A 77 -7.29 -6.31 2.51
N PHE A 78 -6.74 -6.02 1.34
CA PHE A 78 -6.97 -4.75 0.67
C PHE A 78 -7.59 -4.93 -0.70
N LEU A 79 -8.22 -3.87 -1.18
CA LEU A 79 -8.86 -3.87 -2.49
C LEU A 79 -8.01 -3.04 -3.45
N GLU A 80 -7.49 -3.67 -4.50
CA GLU A 80 -6.65 -2.98 -5.48
C GLU A 80 -7.47 -2.58 -6.70
N ARG A 81 -7.73 -1.29 -6.83
CA ARG A 81 -8.51 -0.78 -7.95
C ARG A 81 -7.60 -0.05 -8.95
N LEU A 82 -7.07 -0.81 -9.89
CA LEU A 82 -6.18 -0.26 -10.91
C LEU A 82 -6.98 0.07 -12.17
N GLU A 83 -6.90 1.32 -12.62
CA GLU A 83 -7.61 1.75 -13.82
C GLU A 83 -6.76 1.47 -15.06
N GLU A 84 -5.82 2.38 -15.34
CA GLU A 84 -4.91 2.23 -16.49
C GLU A 84 -4.05 3.48 -16.68
N ASN A 85 -4.60 4.66 -16.40
CA ASN A 85 -3.85 5.90 -16.55
C ASN A 85 -2.76 6.01 -15.47
N HIS A 86 -1.83 5.04 -15.48
CA HIS A 86 -0.73 4.99 -14.52
C HIS A 86 -1.19 5.40 -13.11
N TYR A 87 -2.37 4.94 -12.72
CA TYR A 87 -2.93 5.26 -11.42
C TYR A 87 -3.86 4.14 -10.93
N ASN A 88 -3.97 3.99 -9.62
CA ASN A 88 -4.82 2.97 -9.02
C ASN A 88 -5.32 3.45 -7.67
N THR A 89 -6.25 2.70 -7.08
CA THR A 89 -6.81 3.06 -5.79
C THR A 89 -6.87 1.85 -4.85
N TYR A 90 -6.52 2.06 -3.59
CA TYR A 90 -6.51 1.00 -2.59
C TYR A 90 -7.51 1.31 -1.47
N ILE A 91 -8.31 0.32 -1.10
CA ILE A 91 -9.29 0.49 -0.04
C ILE A 91 -9.35 -0.75 0.85
N SER A 92 -9.73 -0.56 2.11
CA SER A 92 -9.81 -1.64 3.07
C SER A 92 -10.93 -2.62 2.73
N LYS A 93 -10.55 -3.85 2.38
CA LYS A 93 -11.53 -4.88 2.03
C LYS A 93 -12.36 -5.26 3.25
N LYS A 94 -11.71 -5.38 4.41
CA LYS A 94 -12.40 -5.73 5.65
C LYS A 94 -13.27 -4.57 6.13
N HIS A 95 -12.77 -3.34 5.98
CA HIS A 95 -13.52 -2.16 6.41
C HIS A 95 -14.33 -1.59 5.26
N ALA A 96 -15.21 -2.41 4.69
CA ALA A 96 -16.04 -1.98 3.57
C ALA A 96 -16.97 -0.84 3.98
N GLU A 97 -17.42 -0.86 5.23
CA GLU A 97 -18.32 0.17 5.74
C GLU A 97 -17.56 1.46 6.07
N LYS A 98 -16.23 1.38 6.14
CA LYS A 98 -15.39 2.53 6.42
C LYS A 98 -14.18 2.55 5.50
N ASN A 99 -14.43 2.37 4.21
CA ASN A 99 -13.36 2.35 3.23
C ASN A 99 -12.87 3.76 2.93
N TRP A 100 -11.60 4.00 3.23
CA TRP A 100 -10.98 5.30 3.00
C TRP A 100 -9.64 5.12 2.29
N PHE A 101 -9.39 5.96 1.28
CA PHE A 101 -8.16 5.87 0.52
C PHE A 101 -6.94 6.16 1.38
N VAL A 102 -5.88 5.41 1.16
CA VAL A 102 -4.64 5.55 1.91
C VAL A 102 -3.72 6.61 1.28
N GLY A 103 -2.41 6.43 1.41
CA GLY A 103 -1.47 7.37 0.83
C GLY A 103 -0.57 7.99 1.88
N LEU A 104 0.73 7.72 1.78
CA LEU A 104 1.71 8.24 2.71
C LEU A 104 2.35 9.51 2.16
N LYS A 105 3.02 10.25 3.02
CA LYS A 105 3.69 11.47 2.60
C LYS A 105 5.18 11.40 2.93
N LYS A 106 6.02 11.80 1.98
CA LYS A 106 7.48 11.78 2.19
C LYS A 106 7.83 12.58 3.44
N ASN A 107 6.91 13.43 3.91
CA ASN A 107 7.09 14.21 5.13
C ASN A 107 7.43 13.27 6.30
N GLY A 108 7.08 11.99 6.15
CA GLY A 108 7.36 11.01 7.18
C GLY A 108 6.10 10.58 7.92
N SER A 109 4.97 10.62 7.23
CA SER A 109 3.70 10.25 7.85
C SER A 109 2.70 9.77 6.79
N CYS A 110 1.79 8.89 7.20
CA CYS A 110 0.76 8.38 6.31
C CYS A 110 -0.54 9.13 6.60
N LYS A 111 -1.40 9.28 5.59
CA LYS A 111 -2.65 10.01 5.77
C LYS A 111 -3.83 9.29 5.13
N ARG A 112 -4.58 8.56 5.95
CA ARG A 112 -5.76 7.84 5.49
C ARG A 112 -6.95 8.14 6.40
N GLY A 113 -6.70 8.24 7.71
CA GLY A 113 -7.75 8.53 8.66
C GLY A 113 -8.07 10.01 8.79
N PRO A 114 -7.05 10.87 8.99
CA PRO A 114 -7.23 12.32 9.16
C PRO A 114 -8.34 12.89 8.27
N ARG A 115 -8.20 12.73 6.95
CA ARG A 115 -9.19 13.25 6.01
C ARG A 115 -8.75 13.03 4.57
N THR A 116 -9.16 11.92 3.99
CA THR A 116 -8.83 11.60 2.61
C THR A 116 -9.96 12.04 1.68
N HIS A 117 -9.63 12.86 0.70
CA HIS A 117 -10.61 13.37 -0.27
C HIS A 117 -9.95 14.38 -1.20
N TYR A 118 -9.15 15.27 -0.62
CA TYR A 118 -8.45 16.29 -1.39
C TYR A 118 -6.97 15.94 -1.51
N GLY A 119 -6.37 16.32 -2.64
CA GLY A 119 -4.96 16.04 -2.85
C GLY A 119 -4.75 14.78 -3.67
N GLN A 120 -4.16 14.94 -4.85
CA GLN A 120 -3.89 13.83 -5.76
C GLN A 120 -3.40 12.59 -5.01
N LYS A 121 -2.52 12.80 -4.03
CA LYS A 121 -1.96 11.71 -3.23
C LYS A 121 -3.06 10.77 -2.72
N ALA A 122 -4.25 11.32 -2.49
CA ALA A 122 -5.38 10.54 -1.99
C ALA A 122 -5.93 9.59 -3.04
N ILE A 123 -5.70 9.89 -4.33
CA ILE A 123 -6.21 9.06 -5.41
C ILE A 123 -5.20 8.97 -6.56
N LEU A 124 -3.91 8.94 -6.23
CA LEU A 124 -2.87 8.86 -7.26
C LEU A 124 -1.71 7.96 -6.81
N PHE A 125 -1.95 6.65 -6.85
CA PHE A 125 -0.94 5.67 -6.45
C PHE A 125 -0.44 4.91 -7.68
N LEU A 126 0.88 4.74 -7.76
CA LEU A 126 1.49 4.04 -8.89
C LEU A 126 2.20 2.76 -8.42
N PRO A 127 1.55 1.60 -8.59
CA PRO A 127 2.09 0.31 -8.20
C PRO A 127 2.68 -0.44 -9.40
N LEU A 128 3.60 -1.36 -9.14
CA LEU A 128 4.21 -2.14 -10.21
C LEU A 128 3.17 -3.07 -10.83
N PRO A 129 3.07 -3.07 -12.18
CA PRO A 129 2.11 -3.91 -12.91
C PRO A 129 1.88 -5.27 -12.25
N VAL A 130 2.96 -6.00 -11.97
CA VAL A 130 2.88 -7.34 -11.36
C VAL A 130 1.77 -7.42 -10.30
N SER A 131 0.62 -7.96 -10.71
CA SER A 131 -0.53 -8.11 -9.83
C SER A 131 -1.40 -9.27 -10.29
N SER A 132 -2.21 -9.82 -9.39
CA SER A 132 -3.08 -10.94 -9.71
C SER A 132 -4.40 -10.47 -10.32
N ASP A 133 -4.79 -11.08 -11.44
CA ASP A 133 -6.03 -10.75 -12.12
C ASP A 133 -7.10 -11.78 -11.78
C1 IHP B . -2.49 16.95 4.64
C2 IHP B . -3.30 16.75 3.35
C3 IHP B . -2.98 17.89 2.35
C4 IHP B . -1.49 17.86 2.03
C5 IHP B . -0.65 18.03 3.30
C6 IHP B . -0.99 16.93 4.32
O11 IHP B . -2.79 15.90 5.57
P1 IHP B . -3.39 16.27 7.03
O21 IHP B . -4.63 17.07 6.99
O31 IHP B . -2.22 17.05 7.80
O41 IHP B . -3.61 14.88 7.82
O12 IHP B . -3.02 15.51 2.74
P2 IHP B . -4.19 14.43 2.49
O22 IHP B . -3.98 13.26 3.37
O32 IHP B . -5.59 15.16 2.81
O42 IHP B . -4.13 14.05 0.94
O13 IHP B . -3.73 17.72 1.14
P3 IHP B . -4.74 18.85 0.61
O23 IHP B . -4.07 20.18 0.71
O33 IHP B . -6.03 18.76 1.54
O43 IHP B . -5.14 18.52 -0.91
O14 IHP B . -1.16 18.93 1.12
P4 IHP B . -0.53 18.63 -0.34
O24 IHP B . -1.58 18.73 -1.37
O34 IHP B . 0.08 17.15 -0.24
O44 IHP B . 0.66 19.68 -0.59
O15 IHP B . 0.74 17.96 2.99
P5 IHP B . 1.72 19.19 3.31
O25 IHP B . 1.23 20.40 2.61
O35 IHP B . 1.71 19.39 4.91
O45 IHP B . 3.18 18.77 2.83
O16 IHP B . -0.19 17.12 5.50
P6 IHP B . 0.87 16.02 6.00
O26 IHP B . 1.57 16.43 7.24
O36 IHP B . 1.89 15.87 4.76
O46 IHP B . 0.10 14.64 6.21
H1 IHP B . -2.71 17.83 5.06
H2 IHP B . -4.29 16.78 3.57
H3 IHP B . -3.18 18.78 2.76
H4 IHP B . -1.27 16.97 1.62
H5 IHP B . -0.87 18.92 3.72
H6 IHP B . -0.79 16.03 3.89
N TYR A 1 2.19 -14.45 -10.52
CA TYR A 1 1.45 -13.46 -9.69
C TYR A 1 2.37 -12.72 -8.72
N LYS A 2 3.30 -13.44 -8.07
CA LYS A 2 4.20 -12.80 -7.12
C LYS A 2 5.49 -12.33 -7.79
N LYS A 3 5.80 -11.05 -7.62
CA LYS A 3 6.99 -10.44 -8.20
C LYS A 3 7.35 -9.19 -7.41
N PRO A 4 8.58 -8.66 -7.60
CA PRO A 4 9.03 -7.46 -6.90
C PRO A 4 8.17 -6.25 -7.28
N LYS A 5 7.19 -5.94 -6.44
CA LYS A 5 6.29 -4.81 -6.67
C LYS A 5 6.73 -3.61 -5.83
N LEU A 6 6.19 -2.44 -6.16
CA LEU A 6 6.52 -1.22 -5.41
C LEU A 6 5.29 -0.32 -5.35
N LEU A 7 5.20 0.49 -4.30
CA LEU A 7 4.08 1.40 -4.12
C LEU A 7 4.52 2.84 -4.31
N TYR A 8 4.48 3.31 -5.54
CA TYR A 8 4.90 4.67 -5.86
C TYR A 8 3.76 5.66 -5.61
N CYS A 9 4.03 6.65 -4.76
CA CYS A 9 3.05 7.68 -4.44
C CYS A 9 3.37 8.95 -5.21
N SER A 10 2.46 9.36 -6.08
CA SER A 10 2.63 10.54 -6.90
C SER A 10 2.57 11.83 -6.05
N ASN A 11 3.58 12.03 -5.21
CA ASN A 11 3.63 13.22 -4.36
C ASN A 11 5.01 13.89 -4.42
N GLY A 12 5.71 13.71 -5.54
CA GLY A 12 7.03 14.32 -5.69
C GLY A 12 8.10 13.56 -4.95
N GLY A 13 8.83 12.70 -5.66
CA GLY A 13 9.89 11.93 -5.04
C GLY A 13 9.75 10.45 -5.32
N HIS A 14 10.40 9.62 -4.51
CA HIS A 14 10.34 8.17 -4.67
C HIS A 14 9.79 7.53 -3.41
N PHE A 15 8.94 6.52 -3.56
CA PHE A 15 8.33 5.86 -2.41
C PHE A 15 8.41 4.34 -2.52
N LEU A 16 8.91 3.70 -1.46
CA LEU A 16 9.02 2.23 -1.42
C LEU A 16 9.81 1.75 -0.19
N ARG A 17 9.64 2.41 0.95
CA ARG A 17 10.35 2.02 2.16
C ARG A 17 9.40 1.83 3.33
N ILE A 18 9.55 0.71 4.03
CA ILE A 18 8.73 0.39 5.18
C ILE A 18 9.63 0.07 6.37
N LEU A 19 9.37 0.72 7.49
CA LEU A 19 10.15 0.51 8.70
C LEU A 19 9.47 -0.48 9.62
N PRO A 20 10.20 -1.51 10.10
CA PRO A 20 9.67 -2.55 10.99
C PRO A 20 8.82 -1.97 12.12
N ASP A 21 9.22 -0.78 12.59
CA ASP A 21 8.50 -0.10 13.67
C ASP A 21 7.03 0.09 13.32
N GLY A 22 6.70 0.07 12.02
CA GLY A 22 5.33 0.24 11.59
C GLY A 22 5.11 1.56 10.90
N THR A 23 5.92 1.87 9.89
CA THR A 23 5.80 3.12 9.17
C THR A 23 6.41 3.00 7.78
N VAL A 24 5.74 3.59 6.79
CA VAL A 24 6.19 3.58 5.41
C VAL A 24 6.49 5.01 4.97
N ASP A 25 7.56 5.19 4.22
CA ASP A 25 7.94 6.54 3.75
C ASP A 25 8.63 6.49 2.39
N GLY A 26 9.11 7.65 1.94
CA GLY A 26 9.77 7.75 0.65
C GLY A 26 11.13 7.08 0.63
N THR A 27 11.54 6.63 -0.55
CA THR A 27 12.82 5.96 -0.75
C THR A 27 12.95 5.55 -2.22
N ARG A 28 14.18 5.39 -2.69
CA ARG A 28 14.44 5.00 -4.07
C ARG A 28 15.05 3.61 -4.14
N ASP A 29 14.64 2.83 -5.15
CA ASP A 29 15.15 1.48 -5.34
C ASP A 29 14.85 1.02 -6.76
N ARG A 30 15.25 -0.19 -7.10
CA ARG A 30 15.02 -0.73 -8.43
C ARG A 30 13.78 -1.63 -8.44
N SER A 31 12.61 -1.02 -8.61
CA SER A 31 11.35 -1.76 -8.63
C SER A 31 11.31 -2.72 -7.44
N ASP A 32 11.43 -2.17 -6.24
CA ASP A 32 11.44 -2.98 -5.03
C ASP A 32 10.84 -2.19 -3.86
N GLN A 33 11.14 -2.63 -2.64
CA GLN A 33 10.64 -1.98 -1.45
C GLN A 33 11.66 -2.16 -0.31
N HIS A 34 11.24 -2.65 0.86
CA HIS A 34 12.17 -2.87 1.96
C HIS A 34 13.09 -4.05 1.66
N ILE A 35 12.57 -5.02 0.91
CA ILE A 35 13.32 -6.22 0.54
C ILE A 35 12.68 -6.87 -0.69
N GLN A 36 11.35 -6.96 -0.67
CA GLN A 36 10.57 -7.54 -1.77
C GLN A 36 9.09 -7.34 -1.49
N LEU A 37 8.43 -6.50 -2.28
CA LEU A 37 7.01 -6.24 -2.10
C LEU A 37 6.20 -7.18 -2.99
N GLN A 38 5.36 -7.99 -2.36
CA GLN A 38 4.53 -8.95 -3.08
C GLN A 38 3.05 -8.65 -2.84
N LEU A 39 2.29 -8.58 -3.93
CA LEU A 39 0.85 -8.31 -3.85
C LEU A 39 0.10 -9.24 -4.80
N SER A 40 -0.56 -10.24 -4.23
CA SER A 40 -1.32 -11.22 -5.01
C SER A 40 -1.86 -12.33 -4.11
N ALA A 41 -2.34 -13.42 -4.71
CA ALA A 41 -2.87 -14.56 -3.98
C ALA A 41 -4.30 -14.33 -3.49
N GLU A 42 -5.01 -13.44 -4.17
CA GLU A 42 -6.39 -13.12 -3.82
C GLU A 42 -7.26 -13.13 -5.06
N SER A 43 -8.57 -13.26 -4.88
CA SER A 43 -9.50 -13.28 -6.00
C SER A 43 -9.55 -11.91 -6.68
N VAL A 44 -10.18 -11.84 -7.85
CA VAL A 44 -10.29 -10.59 -8.58
C VAL A 44 -10.71 -9.45 -7.64
N GLY A 45 -10.04 -8.31 -7.75
CA GLY A 45 -10.36 -7.18 -6.91
C GLY A 45 -9.65 -7.22 -5.57
N GLU A 46 -9.90 -8.29 -4.81
CA GLU A 46 -9.28 -8.48 -3.50
C GLU A 46 -7.77 -8.64 -3.64
N VAL A 47 -7.00 -7.98 -2.78
CA VAL A 47 -5.56 -8.07 -2.83
C VAL A 47 -4.92 -8.18 -1.46
N TYR A 48 -3.80 -8.89 -1.41
CA TYR A 48 -3.03 -9.09 -0.19
C TYR A 48 -1.69 -8.37 -0.34
N ILE A 49 -1.37 -7.48 0.59
CA ILE A 49 -0.13 -6.71 0.53
C ILE A 49 0.97 -7.35 1.38
N LYS A 50 1.94 -7.97 0.72
CA LYS A 50 3.06 -8.60 1.39
C LYS A 50 4.34 -7.78 1.20
N SER A 51 4.71 -7.04 2.24
CA SER A 51 5.91 -6.22 2.19
C SER A 51 7.08 -6.99 2.78
N THR A 52 8.05 -7.34 1.94
CA THR A 52 9.24 -8.09 2.37
C THR A 52 8.98 -9.59 2.30
N GLU A 53 9.88 -10.32 1.63
CA GLU A 53 9.76 -11.77 1.51
C GLU A 53 9.34 -12.37 2.86
N THR A 54 10.11 -12.03 3.89
CA THR A 54 9.84 -12.49 5.23
C THR A 54 10.42 -11.49 6.23
N GLY A 55 9.74 -11.30 7.36
CA GLY A 55 10.22 -10.36 8.36
C GLY A 55 9.33 -9.13 8.53
N GLN A 56 8.36 -8.96 7.63
CA GLN A 56 7.46 -7.81 7.70
C GLN A 56 6.03 -8.23 7.33
N TYR A 57 5.07 -7.40 7.73
CA TYR A 57 3.67 -7.68 7.46
C TYR A 57 2.89 -6.37 7.30
N LEU A 58 2.42 -6.09 6.09
CA LEU A 58 1.69 -4.87 5.81
C LEU A 58 0.25 -4.99 6.31
N ALA A 59 -0.11 -4.17 7.28
CA ALA A 59 -1.45 -4.17 7.85
C ALA A 59 -1.95 -2.75 8.09
N MET A 60 -3.25 -2.55 7.97
CA MET A 60 -3.85 -1.25 8.19
C MET A 60 -4.26 -1.09 9.65
N ASP A 61 -4.12 0.12 10.18
CA ASP A 61 -4.49 0.40 11.56
C ASP A 61 -5.98 0.69 11.66
N THR A 62 -6.59 0.32 12.78
CA THR A 62 -8.02 0.52 12.99
C THR A 62 -8.40 2.00 12.92
N ASP A 63 -7.54 2.87 13.41
CA ASP A 63 -7.81 4.32 13.40
C ASP A 63 -7.77 4.90 12.00
N GLY A 64 -6.57 5.17 11.50
CA GLY A 64 -6.42 5.74 10.17
C GLY A 64 -5.00 5.65 9.62
N LEU A 65 -4.18 4.75 10.16
CA LEU A 65 -2.80 4.59 9.73
C LEU A 65 -2.56 3.21 9.12
N LEU A 66 -1.31 2.94 8.78
CA LEU A 66 -0.89 1.67 8.19
C LEU A 66 0.48 1.27 8.74
N TYR A 67 0.70 -0.02 8.95
CA TYR A 67 1.98 -0.49 9.47
C TYR A 67 2.44 -1.77 8.76
N GLY A 68 3.75 -2.03 8.83
CA GLY A 68 4.31 -3.22 8.20
C GLY A 68 4.89 -4.20 9.20
N SER A 69 4.55 -4.02 10.48
CA SER A 69 5.04 -4.89 11.53
C SER A 69 4.32 -6.24 11.50
N GLN A 70 5.07 -7.31 11.73
CA GLN A 70 4.51 -8.67 11.73
C GLN A 70 3.25 -8.75 12.60
N THR A 71 2.11 -9.05 11.97
CA THR A 71 0.84 -9.18 12.67
C THR A 71 -0.19 -9.90 11.79
N PRO A 72 -0.44 -11.19 12.05
CA PRO A 72 -1.40 -11.98 11.27
C PRO A 72 -2.85 -11.55 11.50
N ASN A 73 -3.24 -10.45 10.88
CA ASN A 73 -4.60 -9.93 11.02
C ASN A 73 -5.30 -9.88 9.66
N GLU A 74 -6.62 -9.76 9.69
CA GLU A 74 -7.42 -9.70 8.47
C GLU A 74 -7.22 -8.36 7.75
N GLU A 75 -6.83 -7.35 8.52
CA GLU A 75 -6.61 -6.00 7.98
C GLU A 75 -5.75 -6.02 6.71
N CYS A 76 -4.93 -7.06 6.55
CA CYS A 76 -4.06 -7.18 5.37
C CYS A 76 -4.86 -7.31 4.07
N LEU A 77 -6.15 -7.66 4.19
CA LEU A 77 -7.00 -7.80 3.01
C LEU A 77 -7.46 -6.44 2.49
N PHE A 78 -6.89 -6.03 1.35
CA PHE A 78 -7.23 -4.75 0.74
C PHE A 78 -7.81 -4.95 -0.66
N LEU A 79 -8.26 -3.85 -1.25
CA LEU A 79 -8.82 -3.86 -2.59
C LEU A 79 -7.96 -2.99 -3.51
N GLU A 80 -7.46 -3.58 -4.59
CA GLU A 80 -6.60 -2.87 -5.54
C GLU A 80 -7.37 -2.56 -6.82
N ARG A 81 -7.45 -1.28 -7.17
CA ARG A 81 -8.17 -0.86 -8.37
C ARG A 81 -7.25 -0.11 -9.33
N LEU A 82 -6.79 -0.79 -10.37
CA LEU A 82 -5.92 -0.17 -11.37
C LEU A 82 -6.76 0.44 -12.50
N GLU A 83 -6.63 1.75 -12.70
CA GLU A 83 -7.39 2.44 -13.74
C GLU A 83 -6.63 2.46 -15.08
N GLU A 84 -5.44 1.84 -15.10
CA GLU A 84 -4.62 1.75 -16.32
C GLU A 84 -3.88 3.07 -16.58
N ASN A 85 -4.58 4.20 -16.57
CA ASN A 85 -3.96 5.50 -16.83
C ASN A 85 -3.09 5.94 -15.65
N HIS A 86 -1.97 5.24 -15.45
CA HIS A 86 -1.02 5.55 -14.38
C HIS A 86 -1.74 5.90 -13.08
N TYR A 87 -2.79 5.17 -12.76
CA TYR A 87 -3.54 5.40 -11.53
C TYR A 87 -4.14 4.12 -10.99
N ASN A 88 -3.96 3.90 -9.68
CA ASN A 88 -4.50 2.73 -9.02
C ASN A 88 -5.09 3.13 -7.66
N THR A 89 -6.28 2.62 -7.37
CA THR A 89 -6.95 2.91 -6.11
C THR A 89 -6.68 1.79 -5.10
N TYR A 90 -6.49 2.17 -3.83
CA TYR A 90 -6.24 1.21 -2.77
C TYR A 90 -7.19 1.46 -1.61
N ILE A 91 -8.00 0.46 -1.29
CA ILE A 91 -8.97 0.57 -0.19
C ILE A 91 -9.00 -0.70 0.64
N SER A 92 -9.41 -0.56 1.91
CA SER A 92 -9.49 -1.69 2.81
C SER A 92 -10.69 -2.58 2.45
N LYS A 93 -10.42 -3.88 2.30
CA LYS A 93 -11.47 -4.83 1.94
C LYS A 93 -12.34 -5.15 3.16
N LYS A 94 -11.68 -5.58 4.24
CA LYS A 94 -12.39 -5.94 5.47
C LYS A 94 -13.21 -4.75 5.99
N HIS A 95 -12.67 -3.54 5.82
CA HIS A 95 -13.35 -2.34 6.31
C HIS A 95 -14.21 -1.72 5.21
N ALA A 96 -14.90 -2.56 4.44
CA ALA A 96 -15.77 -2.09 3.36
C ALA A 96 -16.74 -1.02 3.86
N GLU A 97 -17.21 -1.19 5.10
CA GLU A 97 -18.12 -0.23 5.72
C GLU A 97 -17.49 1.15 5.84
N LYS A 98 -16.16 1.20 5.87
CA LYS A 98 -15.43 2.46 5.99
C LYS A 98 -14.17 2.43 5.12
N ASN A 99 -14.37 2.29 3.81
CA ASN A 99 -13.26 2.25 2.87
C ASN A 99 -12.73 3.66 2.57
N TRP A 100 -11.56 3.98 3.11
CA TRP A 100 -10.95 5.28 2.91
C TRP A 100 -9.63 5.15 2.16
N PHE A 101 -9.36 6.10 1.27
CA PHE A 101 -8.13 6.09 0.47
C PHE A 101 -6.90 6.31 1.33
N VAL A 102 -5.86 5.52 1.07
CA VAL A 102 -4.60 5.62 1.80
C VAL A 102 -3.72 6.76 1.24
N GLY A 103 -2.41 6.55 1.19
CA GLY A 103 -1.51 7.58 0.67
C GLY A 103 -0.66 8.19 1.75
N LEU A 104 0.63 7.87 1.73
CA LEU A 104 1.58 8.38 2.72
C LEU A 104 2.29 9.62 2.19
N LYS A 105 2.88 10.36 3.10
CA LYS A 105 3.62 11.57 2.75
C LYS A 105 5.11 11.30 2.83
N LYS A 106 5.84 11.75 1.81
CA LYS A 106 7.30 11.55 1.74
C LYS A 106 7.97 11.71 3.11
N ASN A 107 7.52 12.69 3.89
CA ASN A 107 8.08 12.95 5.22
C ASN A 107 8.11 11.69 6.08
N GLY A 108 7.18 10.76 5.83
CA GLY A 108 7.11 9.54 6.59
C GLY A 108 5.87 9.49 7.46
N SER A 109 4.73 9.81 6.87
CA SER A 109 3.45 9.80 7.58
C SER A 109 2.34 9.40 6.63
N CYS A 110 1.40 8.59 7.11
CA CYS A 110 0.29 8.14 6.28
C CYS A 110 -0.98 8.89 6.64
N LYS A 111 -1.60 9.52 5.64
CA LYS A 111 -2.82 10.28 5.88
C LYS A 111 -4.02 9.61 5.20
N ARG A 112 -4.62 8.66 5.93
CA ARG A 112 -5.79 7.95 5.45
C ARG A 112 -6.99 8.32 6.31
N GLY A 113 -6.82 8.17 7.63
CA GLY A 113 -7.87 8.50 8.56
C GLY A 113 -8.04 10.01 8.75
N PRO A 114 -6.93 10.75 8.97
CA PRO A 114 -6.98 12.21 9.18
C PRO A 114 -8.02 12.89 8.30
N ARG A 115 -7.86 12.75 7.00
CA ARG A 115 -8.77 13.35 6.03
C ARG A 115 -8.28 13.05 4.62
N THR A 116 -8.82 11.99 4.03
CA THR A 116 -8.44 11.59 2.69
C THR A 116 -9.56 11.92 1.69
N HIS A 117 -9.18 12.53 0.56
CA HIS A 117 -10.12 12.94 -0.49
C HIS A 117 -9.47 13.99 -1.37
N TYR A 118 -8.98 15.05 -0.73
CA TYR A 118 -8.33 16.15 -1.45
C TYR A 118 -6.86 15.82 -1.68
N GLY A 119 -6.29 16.36 -2.75
CA GLY A 119 -4.89 16.12 -3.06
C GLY A 119 -4.73 14.82 -3.83
N GLN A 120 -4.17 14.92 -5.03
CA GLN A 120 -3.97 13.76 -5.90
C GLN A 120 -3.42 12.56 -5.12
N LYS A 121 -2.55 12.82 -4.14
CA LYS A 121 -1.98 11.75 -3.32
C LYS A 121 -3.08 10.84 -2.77
N ALA A 122 -4.25 11.42 -2.51
CA ALA A 122 -5.37 10.66 -1.96
C ALA A 122 -5.86 9.58 -2.92
N ILE A 123 -5.77 9.84 -4.23
CA ILE A 123 -6.24 8.88 -5.21
C ILE A 123 -5.39 8.93 -6.49
N LEU A 124 -4.08 8.73 -6.35
CA LEU A 124 -3.18 8.74 -7.49
C LEU A 124 -1.90 7.97 -7.17
N PHE A 125 -2.06 6.67 -6.90
CA PHE A 125 -0.93 5.80 -6.57
C PHE A 125 -0.45 5.07 -7.83
N LEU A 126 0.86 4.88 -7.94
CA LEU A 126 1.45 4.22 -9.09
C LEU A 126 2.17 2.93 -8.66
N PRO A 127 1.44 1.81 -8.59
CA PRO A 127 2.02 0.53 -8.22
C PRO A 127 2.56 -0.22 -9.44
N LEU A 128 3.42 -1.20 -9.20
CA LEU A 128 3.99 -1.99 -10.29
C LEU A 128 2.93 -2.92 -10.89
N PRO A 129 2.91 -3.06 -12.23
CA PRO A 129 1.94 -3.91 -12.94
C PRO A 129 1.72 -5.26 -12.27
N VAL A 130 2.81 -5.90 -11.84
CA VAL A 130 2.74 -7.21 -11.18
C VAL A 130 1.66 -7.21 -10.09
N SER A 131 0.52 -7.80 -10.41
CA SER A 131 -0.60 -7.86 -9.48
C SER A 131 -1.47 -9.09 -9.76
N SER A 132 -2.65 -9.14 -9.16
CA SER A 132 -3.58 -10.25 -9.35
C SER A 132 -4.78 -9.82 -10.20
N ASP A 133 -5.43 -10.78 -10.82
CA ASP A 133 -6.60 -10.51 -11.66
C ASP A 133 -7.39 -11.80 -11.90
C1 IHP B . -2.65 17.31 4.33
C2 IHP B . -3.35 17.10 2.98
C3 IHP B . -2.96 18.25 2.01
C4 IHP B . -1.45 18.23 1.79
C5 IHP B . -0.72 18.42 3.13
C6 IHP B . -1.13 17.32 4.12
O11 IHP B . -2.99 16.26 5.25
P1 IHP B . -3.69 16.58 6.68
O21 IHP B . -4.95 17.35 6.58
O31 IHP B . -2.59 17.37 7.54
O41 IHP B . -3.92 15.16 7.42
O12 IHP B . -3.00 15.87 2.41
P2 IHP B . -4.11 14.75 2.09
O22 IHP B . -3.94 13.61 3.01
O32 IHP B . -5.54 15.46 2.29
O42 IHP B . -3.92 14.34 0.56
O13 IHP B . -3.62 18.06 0.75
P3 IHP B . -4.59 19.19 0.15
O23 IHP B . -3.91 20.51 0.23
O33 IHP B . -5.93 19.15 1.05
O43 IHP B . -4.95 18.81 -1.37
O14 IHP B . -1.07 19.28 0.91
P4 IHP B . -0.34 18.92 -0.49
O24 IHP B . -1.34 18.38 -1.43
O34 IHP B . 0.78 17.85 -0.09
O44 IHP B . 0.37 20.26 -1.04
O15 IHP B . 0.69 18.37 2.92
P5 IHP B . 1.64 19.60 3.32
O25 IHP B . 1.20 20.82 2.58
O35 IHP B . 1.50 19.81 4.91
O45 IHP B . 3.15 19.20 2.95
O16 IHP B . -0.44 17.53 5.36
P6 IHP B . 0.60 16.44 5.94
O26 IHP B . 1.19 16.88 7.23
O36 IHP B . 1.71 16.31 4.79
O46 IHP B . -0.17 15.05 6.09
H1 IHP B . -2.91 18.20 4.73
H2 IHP B . -4.34 17.13 3.13
H3 IHP B . -3.21 19.14 2.40
H4 IHP B . -1.20 17.33 1.41
H5 IHP B . -0.98 19.30 3.52
H6 IHP B . -0.88 16.42 3.71
N TYR A 1 1.76 -14.38 -10.50
CA TYR A 1 1.05 -13.49 -9.55
C TYR A 1 2.03 -12.81 -8.57
N LYS A 2 2.97 -13.56 -8.02
CA LYS A 2 3.95 -12.99 -7.10
C LYS A 2 5.16 -12.45 -7.85
N LYS A 3 5.63 -11.29 -7.44
CA LYS A 3 6.79 -10.65 -8.06
C LYS A 3 7.14 -9.35 -7.33
N PRO A 4 8.37 -8.86 -7.48
CA PRO A 4 8.83 -7.62 -6.84
C PRO A 4 8.01 -6.42 -7.27
N LYS A 5 7.13 -5.97 -6.39
CA LYS A 5 6.25 -4.84 -6.67
C LYS A 5 6.64 -3.62 -5.82
N LEU A 6 6.11 -2.46 -6.17
CA LEU A 6 6.38 -1.24 -5.43
C LEU A 6 5.17 -0.30 -5.51
N LEU A 7 5.02 0.56 -4.51
CA LEU A 7 3.91 1.50 -4.46
C LEU A 7 4.41 2.93 -4.64
N TYR A 8 4.41 3.41 -5.88
CA TYR A 8 4.90 4.75 -6.19
C TYR A 8 3.81 5.79 -5.96
N CYS A 9 4.11 6.76 -5.10
CA CYS A 9 3.19 7.84 -4.81
C CYS A 9 3.62 9.07 -5.61
N SER A 10 2.75 9.54 -6.50
CA SER A 10 3.08 10.69 -7.34
C SER A 10 2.98 11.99 -6.55
N ASN A 11 3.87 12.15 -5.58
CA ASN A 11 3.89 13.37 -4.75
C ASN A 11 5.32 13.83 -4.51
N GLY A 12 6.17 13.66 -5.52
CA GLY A 12 7.55 14.07 -5.41
C GLY A 12 8.44 12.99 -4.85
N GLY A 13 9.57 12.75 -5.52
CA GLY A 13 10.50 11.74 -5.08
C GLY A 13 10.07 10.33 -5.44
N HIS A 14 10.42 9.38 -4.59
CA HIS A 14 10.09 7.97 -4.79
C HIS A 14 9.59 7.37 -3.47
N PHE A 15 8.75 6.35 -3.56
CA PHE A 15 8.21 5.72 -2.36
C PHE A 15 8.30 4.20 -2.45
N LEU A 16 8.90 3.58 -1.42
CA LEU A 16 9.04 2.13 -1.38
C LEU A 16 9.84 1.68 -0.15
N ARG A 17 9.64 2.35 0.99
CA ARG A 17 10.36 1.99 2.21
C ARG A 17 9.41 1.83 3.39
N ILE A 18 9.48 0.67 4.04
CA ILE A 18 8.64 0.37 5.18
C ILE A 18 9.50 0.07 6.41
N LEU A 19 9.16 0.69 7.53
CA LEU A 19 9.89 0.49 8.78
C LEU A 19 9.14 -0.50 9.68
N PRO A 20 9.81 -1.60 10.07
CA PRO A 20 9.22 -2.63 10.95
C PRO A 20 8.48 -2.03 12.15
N ASP A 21 8.94 -0.86 12.60
CA ASP A 21 8.33 -0.17 13.72
C ASP A 21 6.90 0.25 13.41
N GLY A 22 6.55 0.28 12.12
CA GLY A 22 5.22 0.68 11.72
C GLY A 22 5.22 2.04 11.06
N THR A 23 6.05 2.21 10.05
CA THR A 23 6.14 3.48 9.34
C THR A 23 6.57 3.27 7.89
N VAL A 24 6.17 4.19 7.01
CA VAL A 24 6.51 4.13 5.60
C VAL A 24 6.87 5.53 5.10
N ASP A 25 7.99 5.66 4.41
CA ASP A 25 8.44 6.95 3.90
C ASP A 25 9.02 6.84 2.49
N GLY A 26 9.38 7.98 1.91
CA GLY A 26 9.92 8.01 0.57
C GLY A 26 11.27 7.31 0.46
N THR A 27 11.53 6.70 -0.69
CA THR A 27 12.78 5.99 -0.95
C THR A 27 12.84 5.55 -2.41
N ARG A 28 14.06 5.38 -2.92
CA ARG A 28 14.27 4.97 -4.32
C ARG A 28 14.90 3.58 -4.38
N ASP A 29 14.59 2.84 -5.44
CA ASP A 29 15.14 1.50 -5.64
C ASP A 29 14.71 0.96 -7.01
N ARG A 30 15.07 -0.29 -7.30
CA ARG A 30 14.74 -0.90 -8.56
C ARG A 30 13.66 -1.97 -8.40
N SER A 31 12.41 -1.56 -8.52
CA SER A 31 11.27 -2.48 -8.40
C SER A 31 11.34 -3.29 -7.11
N ASP A 32 11.56 -2.60 -5.99
CA ASP A 32 11.63 -3.26 -4.69
C ASP A 32 11.14 -2.33 -3.59
N GLN A 33 11.07 -2.86 -2.38
CA GLN A 33 10.62 -2.10 -1.21
C GLN A 33 11.69 -2.18 -0.12
N HIS A 34 11.30 -2.27 1.17
CA HIS A 34 12.26 -2.39 2.27
C HIS A 34 13.29 -3.46 1.91
N ILE A 35 12.82 -4.47 1.19
CA ILE A 35 13.64 -5.57 0.71
C ILE A 35 12.99 -6.13 -0.56
N GLN A 36 11.67 -6.33 -0.49
CA GLN A 36 10.87 -6.81 -1.60
C GLN A 36 9.40 -6.57 -1.28
N LEU A 37 8.54 -6.52 -2.29
CA LEU A 37 7.12 -6.32 -2.06
C LEU A 37 6.31 -7.17 -3.02
N GLN A 38 5.40 -7.95 -2.47
CA GLN A 38 4.55 -8.82 -3.28
C GLN A 38 3.08 -8.54 -3.00
N LEU A 39 2.30 -8.40 -4.05
CA LEU A 39 0.87 -8.15 -3.92
C LEU A 39 0.11 -9.02 -4.91
N SER A 40 -0.40 -10.15 -4.42
CA SER A 40 -1.12 -11.11 -5.25
C SER A 40 -1.68 -12.26 -4.41
N ALA A 41 -2.22 -13.28 -5.10
CA ALA A 41 -2.77 -14.46 -4.44
C ALA A 41 -4.10 -14.16 -3.77
N GLU A 42 -5.00 -13.53 -4.53
CA GLU A 42 -6.32 -13.17 -4.03
C GLU A 42 -7.31 -13.17 -5.19
N SER A 43 -8.60 -12.98 -4.89
CA SER A 43 -9.62 -12.96 -5.91
C SER A 43 -9.71 -11.59 -6.58
N VAL A 44 -10.00 -11.57 -7.88
CA VAL A 44 -10.12 -10.33 -8.65
C VAL A 44 -10.68 -9.20 -7.79
N GLY A 45 -9.86 -8.18 -7.57
CA GLY A 45 -10.28 -7.05 -6.76
C GLY A 45 -9.58 -7.07 -5.42
N GLU A 46 -9.75 -8.17 -4.68
CA GLU A 46 -9.11 -8.32 -3.37
C GLU A 46 -7.62 -8.53 -3.55
N VAL A 47 -6.82 -7.90 -2.70
CA VAL A 47 -5.37 -8.04 -2.81
C VAL A 47 -4.70 -8.10 -1.44
N TYR A 48 -3.62 -8.89 -1.39
CA TYR A 48 -2.83 -9.05 -0.18
C TYR A 48 -1.48 -8.37 -0.40
N ILE A 49 -0.99 -7.66 0.61
CA ILE A 49 0.28 -6.95 0.49
C ILE A 49 1.38 -7.60 1.34
N LYS A 50 2.36 -8.17 0.66
CA LYS A 50 3.49 -8.81 1.35
C LYS A 50 4.75 -7.96 1.22
N SER A 51 5.13 -7.30 2.32
CA SER A 51 6.32 -6.48 2.36
C SER A 51 7.49 -7.31 2.88
N THR A 52 8.53 -7.46 2.05
CA THR A 52 9.70 -8.24 2.39
C THR A 52 9.34 -9.74 2.34
N GLU A 53 10.13 -10.51 1.59
CA GLU A 53 9.89 -11.95 1.44
C GLU A 53 9.41 -12.56 2.75
N THR A 54 10.24 -12.46 3.78
CA THR A 54 9.92 -12.99 5.09
C THR A 54 10.48 -12.10 6.19
N GLY A 55 9.69 -11.90 7.24
CA GLY A 55 10.12 -11.07 8.34
C GLY A 55 9.16 -9.92 8.60
N GLN A 56 8.82 -9.18 7.56
CA GLN A 56 7.93 -8.04 7.68
C GLN A 56 6.49 -8.43 7.32
N TYR A 57 5.56 -7.54 7.62
CA TYR A 57 4.14 -7.77 7.34
C TYR A 57 3.43 -6.43 7.20
N LEU A 58 2.54 -6.33 6.22
CA LEU A 58 1.82 -5.08 5.97
C LEU A 58 0.45 -5.10 6.66
N ALA A 59 0.23 -4.15 7.56
CA ALA A 59 -1.03 -4.06 8.28
C ALA A 59 -1.48 -2.61 8.38
N MET A 60 -2.79 -2.40 8.47
CA MET A 60 -3.33 -1.06 8.56
C MET A 60 -4.19 -0.89 9.82
N ASP A 61 -4.10 0.29 10.42
CA ASP A 61 -4.88 0.60 11.62
C ASP A 61 -6.31 0.94 11.22
N THR A 62 -7.27 0.42 11.97
CA THR A 62 -8.67 0.67 11.70
C THR A 62 -8.94 2.18 11.60
N ASP A 63 -8.20 2.97 12.37
CA ASP A 63 -8.36 4.42 12.34
C ASP A 63 -8.05 4.96 10.95
N GLY A 64 -6.94 4.48 10.39
CA GLY A 64 -6.53 4.92 9.06
C GLY A 64 -5.04 5.17 8.98
N LEU A 65 -4.25 4.17 9.35
CA LEU A 65 -2.80 4.27 9.32
C LEU A 65 -2.20 2.95 8.85
N LEU A 66 -1.33 3.01 7.86
CA LEU A 66 -0.69 1.81 7.32
C LEU A 66 0.68 1.63 7.96
N TYR A 67 0.99 0.41 8.37
CA TYR A 67 2.27 0.13 9.01
C TYR A 67 2.79 -1.25 8.63
N GLY A 68 4.12 -1.41 8.74
CA GLY A 68 4.74 -2.67 8.43
C GLY A 68 5.27 -3.35 9.68
N SER A 69 4.55 -4.36 10.15
CA SER A 69 4.94 -5.08 11.34
C SER A 69 4.34 -6.49 11.31
N GLN A 70 5.10 -7.47 11.77
CA GLN A 70 4.67 -8.86 11.79
C GLN A 70 3.41 -9.04 12.64
N THR A 71 2.26 -8.90 12.01
CA THR A 71 0.99 -9.05 12.69
C THR A 71 -0.09 -9.60 11.74
N PRO A 72 -0.16 -10.93 11.59
CA PRO A 72 -1.13 -11.59 10.70
C PRO A 72 -2.57 -11.33 11.15
N ASN A 73 -3.31 -10.57 10.34
CA ASN A 73 -4.69 -10.25 10.68
C ASN A 73 -5.50 -9.89 9.43
N GLU A 74 -6.82 -9.90 9.56
CA GLU A 74 -7.73 -9.58 8.46
C GLU A 74 -7.42 -8.19 7.88
N GLU A 75 -6.83 -7.33 8.72
CA GLU A 75 -6.47 -5.98 8.30
C GLU A 75 -5.57 -5.96 7.06
N CYS A 76 -5.00 -7.11 6.71
CA CYS A 76 -4.13 -7.20 5.54
C CYS A 76 -4.92 -7.44 4.25
N LEU A 77 -6.25 -7.40 4.32
CA LEU A 77 -7.08 -7.61 3.14
C LEU A 77 -7.45 -6.27 2.51
N PHE A 78 -6.76 -5.91 1.43
CA PHE A 78 -6.99 -4.66 0.74
C PHE A 78 -7.64 -4.88 -0.62
N LEU A 79 -8.08 -3.79 -1.25
CA LEU A 79 -8.70 -3.84 -2.56
C LEU A 79 -7.90 -2.96 -3.53
N GLU A 80 -7.37 -3.56 -4.59
CA GLU A 80 -6.57 -2.81 -5.56
C GLU A 80 -7.42 -2.44 -6.79
N ARG A 81 -7.70 -1.15 -6.92
CA ARG A 81 -8.48 -0.67 -8.06
C ARG A 81 -7.56 0.01 -9.06
N LEU A 82 -7.08 -0.76 -10.03
CA LEU A 82 -6.19 -0.24 -11.06
C LEU A 82 -6.99 0.25 -12.25
N GLU A 83 -6.94 1.55 -12.50
CA GLU A 83 -7.68 2.13 -13.62
C GLU A 83 -6.83 2.25 -14.88
N GLU A 84 -5.61 1.68 -14.83
CA GLU A 84 -4.69 1.69 -15.98
C GLU A 84 -4.08 3.08 -16.24
N ASN A 85 -4.87 4.14 -16.05
CA ASN A 85 -4.41 5.51 -16.25
C ASN A 85 -3.27 5.89 -15.30
N HIS A 86 -2.16 5.17 -15.41
CA HIS A 86 -0.97 5.40 -14.58
C HIS A 86 -1.31 5.66 -13.11
N TYR A 87 -2.42 5.09 -12.64
CA TYR A 87 -2.83 5.28 -11.25
C TYR A 87 -3.86 4.22 -10.83
N ASN A 88 -4.01 4.06 -9.53
CA ASN A 88 -4.94 3.09 -8.96
C ASN A 88 -5.49 3.59 -7.64
N THR A 89 -6.47 2.88 -7.10
CA THR A 89 -7.07 3.24 -5.82
C THR A 89 -7.05 2.05 -4.86
N TYR A 90 -6.56 2.28 -3.65
CA TYR A 90 -6.47 1.24 -2.64
C TYR A 90 -7.46 1.52 -1.50
N ILE A 91 -8.36 0.57 -1.26
CA ILE A 91 -9.34 0.70 -0.19
C ILE A 91 -9.31 -0.51 0.74
N SER A 92 -9.78 -0.32 1.96
CA SER A 92 -9.81 -1.38 2.96
C SER A 92 -10.94 -2.37 2.66
N LYS A 93 -10.57 -3.53 2.12
CA LYS A 93 -11.54 -4.57 1.79
C LYS A 93 -12.31 -5.02 3.03
N LYS A 94 -11.56 -5.38 4.07
CA LYS A 94 -12.16 -5.82 5.33
C LYS A 94 -13.13 -4.76 5.88
N HIS A 95 -12.72 -3.51 5.80
CA HIS A 95 -13.54 -2.41 6.30
C HIS A 95 -14.35 -1.77 5.18
N ALA A 96 -15.05 -2.61 4.41
CA ALA A 96 -15.88 -2.12 3.30
C ALA A 96 -16.78 -0.97 3.76
N GLU A 97 -17.24 -1.04 5.01
CA GLU A 97 -18.10 0.00 5.58
C GLU A 97 -17.36 1.34 5.61
N LYS A 98 -16.08 1.28 5.95
CA LYS A 98 -15.24 2.47 6.03
C LYS A 98 -14.13 2.39 5.00
N ASN A 99 -14.52 2.11 3.75
CA ASN A 99 -13.58 2.00 2.65
C ASN A 99 -12.96 3.35 2.31
N TRP A 100 -12.03 3.78 3.15
CA TRP A 100 -11.34 5.05 2.95
C TRP A 100 -10.09 4.84 2.09
N PHE A 101 -9.69 5.88 1.36
CA PHE A 101 -8.52 5.81 0.49
C PHE A 101 -7.24 5.98 1.29
N VAL A 102 -6.27 5.11 1.04
CA VAL A 102 -4.98 5.16 1.73
C VAL A 102 -4.08 6.21 1.12
N GLY A 103 -2.90 6.41 1.73
CA GLY A 103 -1.97 7.40 1.23
C GLY A 103 -1.14 8.03 2.33
N LEU A 104 0.12 8.31 2.01
CA LEU A 104 1.04 8.91 2.98
C LEU A 104 1.70 10.16 2.39
N LYS A 105 2.78 10.60 3.02
CA LYS A 105 3.56 11.74 2.58
C LYS A 105 5.05 11.41 2.68
N LYS A 106 5.84 11.88 1.72
CA LYS A 106 7.30 11.59 1.70
C LYS A 106 7.93 11.69 3.08
N ASN A 107 7.45 12.63 3.90
CA ASN A 107 7.97 12.82 5.26
C ASN A 107 7.91 11.52 6.08
N GLY A 108 7.02 10.61 5.68
CA GLY A 108 6.89 9.35 6.38
C GLY A 108 5.68 9.35 7.31
N SER A 109 4.52 9.70 6.78
CA SER A 109 3.30 9.74 7.56
C SER A 109 2.07 9.47 6.69
N CYS A 110 1.21 8.57 7.16
CA CYS A 110 -0.01 8.22 6.44
C CYS A 110 -1.17 9.10 6.87
N LYS A 111 -2.12 9.33 5.97
CA LYS A 111 -3.28 10.18 6.28
C LYS A 111 -4.58 9.53 5.80
N ARG A 112 -4.81 8.29 6.24
CA ARG A 112 -6.01 7.56 5.87
C ARG A 112 -7.15 7.86 6.85
N GLY A 113 -6.80 7.92 8.14
CA GLY A 113 -7.79 8.19 9.18
C GLY A 113 -8.14 9.66 9.30
N PRO A 114 -7.14 10.56 9.35
CA PRO A 114 -7.37 12.01 9.49
C PRO A 114 -8.37 12.57 8.48
N ARG A 115 -7.99 12.54 7.19
CA ARG A 115 -8.85 13.06 6.14
C ARG A 115 -8.26 12.76 4.77
N THR A 116 -8.99 12.00 3.95
CA THR A 116 -8.52 11.64 2.62
C THR A 116 -9.60 11.98 1.57
N HIS A 117 -9.17 12.71 0.54
CA HIS A 117 -10.08 13.13 -0.54
C HIS A 117 -9.41 14.20 -1.40
N TYR A 118 -9.04 15.31 -0.78
CA TYR A 118 -8.41 16.42 -1.49
C TYR A 118 -6.92 16.15 -1.66
N GLY A 119 -6.40 16.50 -2.83
CA GLY A 119 -5.00 16.31 -3.11
C GLY A 119 -4.72 14.94 -3.72
N GLN A 120 -4.22 14.94 -4.96
CA GLN A 120 -3.91 13.69 -5.66
C GLN A 120 -3.17 12.71 -4.75
N LYS A 121 -2.35 13.23 -3.86
CA LYS A 121 -1.59 12.41 -2.92
C LYS A 121 -2.49 11.41 -2.18
N ALA A 122 -3.80 11.67 -2.15
CA ALA A 122 -4.74 10.78 -1.48
C ALA A 122 -5.38 9.77 -2.45
N ILE A 123 -5.24 10.00 -3.76
CA ILE A 123 -5.82 9.12 -4.75
C ILE A 123 -4.95 9.05 -6.01
N LEU A 124 -3.63 8.99 -5.81
CA LEU A 124 -2.70 8.92 -6.94
C LEU A 124 -1.51 8.04 -6.61
N PHE A 125 -1.69 6.73 -6.73
CA PHE A 125 -0.63 5.77 -6.44
C PHE A 125 -0.35 4.91 -7.67
N LEU A 126 0.92 4.70 -7.96
CA LEU A 126 1.34 3.90 -9.11
C LEU A 126 1.99 2.60 -8.64
N PRO A 127 1.23 1.49 -8.67
CA PRO A 127 1.72 0.18 -8.28
C PRO A 127 2.13 -0.66 -9.49
N LEU A 128 3.29 -1.30 -9.41
CA LEU A 128 3.76 -2.14 -10.51
C LEU A 128 2.69 -3.17 -10.91
N PRO A 129 2.34 -3.21 -12.20
CA PRO A 129 1.32 -4.14 -12.72
C PRO A 129 1.75 -5.60 -12.61
N VAL A 130 1.86 -6.08 -11.37
CA VAL A 130 2.25 -7.47 -11.12
C VAL A 130 1.35 -8.12 -10.07
N SER A 131 0.07 -7.73 -10.06
CA SER A 131 -0.89 -8.29 -9.11
C SER A 131 -1.73 -9.38 -9.78
N SER A 132 -2.55 -10.07 -8.98
CA SER A 132 -3.38 -11.14 -9.49
C SER A 132 -4.66 -10.59 -10.10
N ASP A 133 -4.67 -10.42 -11.41
CA ASP A 133 -5.83 -9.90 -12.13
C ASP A 133 -6.96 -10.92 -12.13
C1 IHP B . -2.42 17.34 4.11
C2 IHP B . -3.29 17.14 2.85
C3 IHP B . -2.93 18.22 1.80
C4 IHP B . -1.46 18.07 1.41
C5 IHP B . -0.56 18.25 2.66
C6 IHP B . -0.94 17.21 3.73
O11 IHP B . -2.73 16.35 5.09
P1 IHP B . -3.21 16.80 6.56
O21 IHP B . -4.39 17.70 6.57
O31 IHP B . -1.94 17.51 7.24
O41 IHP B . -3.47 15.46 7.40
O12 IHP B . -3.11 15.87 2.28
P2 IHP B . -4.34 14.85 2.14
O22 IHP B . -4.27 13.80 3.17
O32 IHP B . -5.68 15.75 2.30
O42 IHP B . -4.27 14.26 0.66
O13 IHP B . -3.73 18.04 0.62
P3 IHP B . -4.69 19.22 0.08
O23 IHP B . -4.02 20.52 0.31
O33 IHP B . -6.05 19.09 0.91
O43 IHP B . -4.97 18.96 -1.48
O14 IHP B . -1.10 19.06 0.44
P4 IHP B . -0.56 18.62 -1.01
O24 IHP B . -1.33 17.46 -1.50
O34 IHP B . 0.98 18.25 -0.76
O44 IHP B . -0.66 19.88 -1.99
O15 IHP B . 0.80 18.08 2.31
P5 IHP B . 1.86 19.27 2.56
O25 IHP B . 1.42 20.48 1.84
O35 IHP B . 1.90 19.51 4.16
O45 IHP B . 3.30 18.76 2.06
O16 IHP B . -0.11 17.39 4.88
P6 IHP B . 0.87 16.22 5.40
O26 IHP B . 1.63 16.63 6.61
O36 IHP B . 1.82 15.95 4.13
O46 IHP B . -0.03 14.92 5.67
H1 IHP B . -2.56 18.26 4.49
H2 IHP B . -4.25 17.24 3.10
H3 IHP B . -3.07 19.13 2.17
H4 IHP B . -1.31 17.15 1.04
H5 IHP B . -0.71 19.16 3.05
H6 IHP B . -0.80 16.29 3.33
N TYR A 1 2.37 -14.41 -10.82
CA TYR A 1 1.57 -13.49 -9.97
C TYR A 1 2.44 -12.76 -8.94
N LYS A 2 3.32 -13.49 -8.24
CA LYS A 2 4.17 -12.87 -7.22
C LYS A 2 5.52 -12.42 -7.80
N LYS A 3 5.74 -11.10 -7.77
CA LYS A 3 6.97 -10.50 -8.26
C LYS A 3 7.28 -9.24 -7.46
N PRO A 4 8.54 -8.77 -7.49
CA PRO A 4 8.95 -7.57 -6.76
C PRO A 4 8.15 -6.34 -7.18
N LYS A 5 7.06 -6.08 -6.47
CA LYS A 5 6.19 -4.95 -6.76
C LYS A 5 6.58 -3.75 -5.89
N LEU A 6 6.13 -2.57 -6.29
CA LEU A 6 6.40 -1.35 -5.54
C LEU A 6 5.16 -0.46 -5.56
N LEU A 7 5.13 0.54 -4.68
CA LEU A 7 4.00 1.47 -4.59
C LEU A 7 4.48 2.91 -4.72
N TYR A 8 4.47 3.42 -5.94
CA TYR A 8 4.91 4.78 -6.22
C TYR A 8 3.78 5.77 -5.96
N CYS A 9 4.00 6.71 -5.06
CA CYS A 9 3.01 7.72 -4.73
C CYS A 9 3.29 9.01 -5.49
N SER A 10 2.34 9.43 -6.32
CA SER A 10 2.49 10.64 -7.11
C SER A 10 2.45 11.88 -6.22
N ASN A 11 3.56 12.11 -5.50
CA ASN A 11 3.67 13.27 -4.62
C ASN A 11 5.03 13.94 -4.81
N GLY A 12 6.09 13.13 -4.74
CA GLY A 12 7.44 13.64 -4.91
C GLY A 12 8.49 12.59 -4.61
N GLY A 13 9.63 12.70 -5.29
CA GLY A 13 10.71 11.74 -5.09
C GLY A 13 10.31 10.31 -5.41
N HIS A 14 10.74 9.38 -4.56
CA HIS A 14 10.42 7.97 -4.74
C HIS A 14 9.85 7.40 -3.44
N PHE A 15 8.88 6.50 -3.56
CA PHE A 15 8.26 5.88 -2.40
C PHE A 15 8.28 4.36 -2.54
N LEU A 16 8.86 3.68 -1.55
CA LEU A 16 8.94 2.22 -1.58
C LEU A 16 9.72 1.67 -0.38
N ARG A 17 9.42 2.15 0.82
CA ARG A 17 10.12 1.65 2.01
C ARG A 17 9.19 1.57 3.21
N ILE A 18 9.35 0.50 3.98
CA ILE A 18 8.56 0.27 5.18
C ILE A 18 9.49 -0.01 6.35
N LEU A 19 9.27 0.69 7.46
CA LEU A 19 10.08 0.52 8.65
C LEU A 19 9.42 -0.47 9.61
N PRO A 20 10.19 -1.45 10.12
CA PRO A 20 9.67 -2.47 11.05
C PRO A 20 8.84 -1.86 12.16
N ASP A 21 9.19 -0.65 12.57
CA ASP A 21 8.47 0.06 13.61
C ASP A 21 6.98 0.11 13.29
N GLY A 22 6.66 0.08 12.00
CA GLY A 22 5.29 0.11 11.57
C GLY A 22 4.96 1.41 10.85
N THR A 23 5.76 1.73 9.84
CA THR A 23 5.56 2.95 9.07
C THR A 23 6.19 2.84 7.68
N VAL A 24 5.53 3.43 6.69
CA VAL A 24 6.02 3.44 5.31
C VAL A 24 6.47 4.84 4.94
N ASP A 25 7.58 4.94 4.21
CA ASP A 25 8.10 6.26 3.81
C ASP A 25 8.72 6.22 2.42
N GLY A 26 9.28 7.36 2.01
CA GLY A 26 9.89 7.48 0.71
C GLY A 26 11.21 6.75 0.61
N THR A 27 11.58 6.33 -0.59
CA THR A 27 12.82 5.61 -0.84
C THR A 27 13.00 5.38 -2.33
N ARG A 28 14.26 5.35 -2.78
CA ARG A 28 14.58 5.14 -4.18
C ARG A 28 15.20 3.75 -4.37
N ASP A 29 14.80 3.06 -5.43
CA ASP A 29 15.33 1.72 -5.72
C ASP A 29 14.81 1.22 -7.06
N ARG A 30 15.08 -0.04 -7.38
CA ARG A 30 14.64 -0.64 -8.63
C ARG A 30 13.54 -1.66 -8.36
N SER A 31 12.31 -1.15 -8.21
CA SER A 31 11.15 -2.01 -7.94
C SER A 31 11.41 -2.93 -6.75
N ASP A 32 12.13 -2.41 -5.76
CA ASP A 32 12.44 -3.18 -4.56
C ASP A 32 12.16 -2.36 -3.31
N GLN A 33 11.12 -2.76 -2.59
CA GLN A 33 10.72 -2.09 -1.36
C GLN A 33 11.78 -2.30 -0.28
N HIS A 34 11.40 -2.22 1.00
CA HIS A 34 12.34 -2.43 2.10
C HIS A 34 13.25 -3.62 1.79
N ILE A 35 12.68 -4.63 1.15
CA ILE A 35 13.40 -5.83 0.75
C ILE A 35 12.79 -6.39 -0.54
N GLN A 36 11.45 -6.46 -0.57
CA GLN A 36 10.71 -6.96 -1.73
C GLN A 36 9.22 -6.93 -1.42
N LEU A 37 8.43 -6.35 -2.32
CA LEU A 37 6.99 -6.25 -2.10
C LEU A 37 6.24 -7.22 -3.01
N GLN A 38 5.29 -7.95 -2.44
CA GLN A 38 4.50 -8.91 -3.18
C GLN A 38 3.00 -8.62 -3.00
N LEU A 39 2.23 -8.83 -4.05
CA LEU A 39 0.79 -8.59 -4.01
C LEU A 39 0.08 -9.56 -4.95
N SER A 40 -0.58 -10.56 -4.38
CA SER A 40 -1.30 -11.57 -5.15
C SER A 40 -2.00 -12.56 -4.22
N ALA A 41 -2.48 -13.68 -4.78
CA ALA A 41 -3.15 -14.71 -4.01
C ALA A 41 -4.49 -14.20 -3.49
N GLU A 42 -5.22 -13.49 -4.34
CA GLU A 42 -6.52 -12.95 -4.00
C GLU A 42 -7.49 -13.11 -5.16
N SER A 43 -8.74 -12.74 -4.95
CA SER A 43 -9.76 -12.87 -5.98
C SER A 43 -9.72 -11.68 -6.95
N VAL A 44 -10.80 -11.49 -7.69
CA VAL A 44 -10.91 -10.40 -8.65
C VAL A 44 -11.12 -9.07 -7.92
N GLY A 45 -10.04 -8.31 -7.76
CA GLY A 45 -10.12 -7.02 -7.09
C GLY A 45 -9.41 -7.03 -5.75
N GLU A 46 -9.65 -8.08 -4.96
CA GLU A 46 -9.02 -8.20 -3.66
C GLU A 46 -7.51 -8.35 -3.83
N VAL A 47 -6.73 -7.78 -2.91
CA VAL A 47 -5.29 -7.86 -2.99
C VAL A 47 -4.65 -8.01 -1.61
N TYR A 48 -3.72 -8.96 -1.52
CA TYR A 48 -2.99 -9.20 -0.29
C TYR A 48 -1.59 -8.61 -0.40
N ILE A 49 -1.36 -7.51 0.30
CA ILE A 49 -0.07 -6.83 0.27
C ILE A 49 0.94 -7.51 1.19
N LYS A 50 2.00 -8.04 0.59
CA LYS A 50 3.06 -8.70 1.34
C LYS A 50 4.37 -7.94 1.17
N SER A 51 4.74 -7.20 2.21
CA SER A 51 5.97 -6.42 2.19
C SER A 51 7.11 -7.24 2.80
N THR A 52 8.11 -7.55 2.00
CA THR A 52 9.27 -8.33 2.44
C THR A 52 8.93 -9.82 2.43
N GLU A 53 9.74 -10.59 1.70
CA GLU A 53 9.54 -12.04 1.60
C GLU A 53 9.20 -12.63 2.97
N THR A 54 10.02 -12.30 3.96
CA THR A 54 9.83 -12.79 5.31
C THR A 54 10.46 -11.81 6.31
N GLY A 55 9.70 -11.41 7.32
CA GLY A 55 10.21 -10.48 8.31
C GLY A 55 9.32 -9.27 8.53
N GLN A 56 8.43 -9.01 7.59
CA GLN A 56 7.51 -7.88 7.71
C GLN A 56 6.08 -8.33 7.44
N TYR A 57 5.12 -7.51 7.83
CA TYR A 57 3.71 -7.82 7.64
C TYR A 57 2.91 -6.53 7.47
N LEU A 58 2.51 -6.26 6.22
CA LEU A 58 1.75 -5.05 5.92
C LEU A 58 0.35 -5.11 6.52
N ALA A 59 0.06 -4.14 7.39
CA ALA A 59 -1.24 -4.06 8.04
C ALA A 59 -1.66 -2.60 8.20
N MET A 60 -2.97 -2.36 8.22
CA MET A 60 -3.50 -1.01 8.36
C MET A 60 -4.16 -0.83 9.72
N ASP A 61 -3.87 0.28 10.37
CA ASP A 61 -4.45 0.57 11.67
C ASP A 61 -5.88 1.06 11.52
N THR A 62 -6.76 0.58 12.40
CA THR A 62 -8.17 0.92 12.36
C THR A 62 -8.39 2.44 12.29
N ASP A 63 -7.57 3.20 13.01
CA ASP A 63 -7.71 4.66 13.01
C ASP A 63 -7.41 5.24 11.63
N GLY A 64 -6.33 4.78 11.01
CA GLY A 64 -5.99 5.27 9.69
C GLY A 64 -4.49 5.40 9.46
N LEU A 65 -3.75 4.33 9.74
CA LEU A 65 -2.30 4.33 9.56
C LEU A 65 -1.86 2.99 8.97
N LEU A 66 -0.89 3.02 8.06
CA LEU A 66 -0.38 1.81 7.43
C LEU A 66 0.97 1.43 8.03
N TYR A 67 1.10 0.17 8.46
CA TYR A 67 2.33 -0.32 9.05
C TYR A 67 2.70 -1.69 8.51
N GLY A 68 3.97 -2.07 8.66
CA GLY A 68 4.44 -3.36 8.17
C GLY A 68 4.93 -4.27 9.29
N SER A 69 4.54 -3.97 10.52
CA SER A 69 4.95 -4.77 11.67
C SER A 69 4.35 -6.17 11.58
N GLN A 70 5.16 -7.18 11.88
CA GLN A 70 4.72 -8.57 11.83
C GLN A 70 3.57 -8.83 12.80
N THR A 71 2.35 -8.74 12.29
CA THR A 71 1.16 -8.98 13.10
C THR A 71 0.06 -9.63 12.24
N PRO A 72 0.05 -10.97 12.17
CA PRO A 72 -0.94 -11.73 11.38
C PRO A 72 -2.37 -11.30 11.69
N ASN A 73 -3.12 -10.94 10.66
CA ASN A 73 -4.51 -10.51 10.82
C ASN A 73 -5.20 -10.32 9.46
N GLU A 74 -6.49 -9.99 9.51
CA GLU A 74 -7.29 -9.78 8.29
C GLU A 74 -7.07 -8.39 7.69
N GLU A 75 -6.56 -7.46 8.49
CA GLU A 75 -6.33 -6.09 8.05
C GLU A 75 -5.60 -6.01 6.70
N CYS A 76 -4.86 -7.06 6.35
CA CYS A 76 -4.13 -7.09 5.07
C CYS A 76 -5.09 -7.23 3.87
N LEU A 77 -6.35 -7.56 4.13
CA LEU A 77 -7.32 -7.70 3.05
C LEU A 77 -7.66 -6.33 2.44
N PHE A 78 -6.96 -5.98 1.38
CA PHE A 78 -7.19 -4.70 0.70
C PHE A 78 -7.74 -4.91 -0.70
N LEU A 79 -8.30 -3.85 -1.26
CA LEU A 79 -8.86 -3.89 -2.61
C LEU A 79 -8.06 -2.96 -3.51
N GLU A 80 -7.48 -3.51 -4.57
CA GLU A 80 -6.67 -2.73 -5.51
C GLU A 80 -7.51 -2.34 -6.72
N ARG A 81 -7.60 -1.03 -6.97
CA ARG A 81 -8.36 -0.51 -8.09
C ARG A 81 -7.44 0.22 -9.07
N LEU A 82 -6.99 -0.48 -10.10
CA LEU A 82 -6.09 0.10 -11.09
C LEU A 82 -6.87 0.57 -12.31
N GLU A 83 -6.94 1.89 -12.49
CA GLU A 83 -7.64 2.47 -13.63
C GLU A 83 -6.84 2.29 -14.93
N GLU A 84 -5.55 1.93 -14.78
CA GLU A 84 -4.64 1.72 -15.91
C GLU A 84 -3.96 3.01 -16.33
N ASN A 85 -4.60 4.14 -16.06
CA ASN A 85 -4.03 5.45 -16.39
C ASN A 85 -2.91 5.80 -15.41
N HIS A 86 -1.84 5.00 -15.42
CA HIS A 86 -0.67 5.18 -14.54
C HIS A 86 -1.08 5.62 -13.14
N TYR A 87 -2.14 5.02 -12.61
CA TYR A 87 -2.61 5.33 -11.26
C TYR A 87 -3.69 4.34 -10.82
N ASN A 88 -3.75 4.08 -9.52
CA ASN A 88 -4.73 3.16 -8.97
C ASN A 88 -5.21 3.61 -7.59
N THR A 89 -6.23 2.93 -7.06
CA THR A 89 -6.78 3.25 -5.75
C THR A 89 -6.79 2.01 -4.86
N TYR A 90 -6.59 2.21 -3.56
CA TYR A 90 -6.59 1.12 -2.61
C TYR A 90 -7.63 1.34 -1.51
N ILE A 91 -8.44 0.33 -1.23
CA ILE A 91 -9.45 0.43 -0.18
C ILE A 91 -9.43 -0.80 0.72
N SER A 92 -9.89 -0.62 1.96
CA SER A 92 -9.91 -1.69 2.93
C SER A 92 -11.08 -2.67 2.67
N LYS A 93 -10.74 -3.92 2.40
CA LYS A 93 -11.76 -4.94 2.13
C LYS A 93 -12.54 -5.26 3.41
N LYS A 94 -11.82 -5.60 4.47
CA LYS A 94 -12.44 -5.94 5.75
C LYS A 94 -13.17 -4.74 6.38
N HIS A 95 -12.85 -3.54 5.91
CA HIS A 95 -13.49 -2.33 6.43
C HIS A 95 -14.26 -1.61 5.33
N ALA A 96 -14.89 -2.40 4.45
CA ALA A 96 -15.68 -1.86 3.34
C ALA A 96 -16.61 -0.74 3.78
N GLU A 97 -17.13 -0.84 4.99
CA GLU A 97 -18.03 0.18 5.53
C GLU A 97 -17.34 1.55 5.59
N LYS A 98 -16.01 1.55 5.67
CA LYS A 98 -15.24 2.78 5.73
C LYS A 98 -14.20 2.81 4.62
N ASN A 99 -14.68 2.91 3.37
CA ASN A 99 -13.79 2.92 2.21
C ASN A 99 -12.98 4.23 2.12
N TRP A 100 -12.09 4.43 3.09
CA TRP A 100 -11.26 5.62 3.11
C TRP A 100 -9.90 5.35 2.43
N PHE A 101 -9.73 5.93 1.25
CA PHE A 101 -8.51 5.77 0.47
C PHE A 101 -7.26 6.06 1.30
N VAL A 102 -6.27 5.20 1.19
CA VAL A 102 -5.02 5.35 1.94
C VAL A 102 -4.14 6.45 1.34
N GLY A 103 -2.83 6.37 1.57
CA GLY A 103 -1.91 7.36 1.04
C GLY A 103 -0.88 7.80 2.05
N LEU A 104 0.38 7.83 1.63
CA LEU A 104 1.49 8.25 2.48
C LEU A 104 2.10 9.54 1.95
N LYS A 105 2.98 10.15 2.73
CA LYS A 105 3.61 11.40 2.30
C LYS A 105 5.07 11.43 2.72
N LYS A 106 5.89 12.09 1.89
CA LYS A 106 7.33 12.21 2.15
C LYS A 106 7.60 12.79 3.53
N ASN A 107 6.61 13.48 4.09
CA ASN A 107 6.74 14.07 5.42
C ASN A 107 7.09 12.98 6.45
N GLY A 108 6.81 11.72 6.11
CA GLY A 108 7.11 10.63 7.01
C GLY A 108 5.89 10.19 7.80
N SER A 109 4.72 10.20 7.16
CA SER A 109 3.49 9.80 7.81
C SER A 109 2.41 9.48 6.78
N CYS A 110 1.52 8.56 7.13
CA CYS A 110 0.43 8.18 6.24
C CYS A 110 -0.78 9.08 6.46
N LYS A 111 -1.61 9.24 5.44
CA LYS A 111 -2.79 10.07 5.56
C LYS A 111 -4.05 9.34 5.12
N ARG A 112 -4.66 8.63 6.05
CA ARG A 112 -5.90 7.89 5.81
C ARG A 112 -6.91 8.27 6.87
N GLY A 113 -6.51 8.13 8.14
CA GLY A 113 -7.39 8.47 9.25
C GLY A 113 -7.68 9.96 9.31
N PRO A 114 -6.63 10.81 9.33
CA PRO A 114 -6.79 12.27 9.39
C PRO A 114 -7.90 12.76 8.47
N ARG A 115 -7.78 12.42 7.19
CA ARG A 115 -8.76 12.81 6.18
C ARG A 115 -8.21 12.51 4.78
N THR A 116 -8.93 11.70 4.03
CA THR A 116 -8.53 11.34 2.68
C THR A 116 -9.63 11.77 1.70
N HIS A 117 -9.24 12.59 0.71
CA HIS A 117 -10.18 13.09 -0.30
C HIS A 117 -9.46 14.11 -1.19
N TYR A 118 -9.25 15.30 -0.66
CA TYR A 118 -8.56 16.36 -1.40
C TYR A 118 -7.09 16.01 -1.56
N GLY A 119 -6.51 16.39 -2.69
CA GLY A 119 -5.11 16.09 -2.95
C GLY A 119 -4.96 14.80 -3.71
N GLN A 120 -4.38 14.87 -4.91
CA GLN A 120 -4.19 13.70 -5.77
C GLN A 120 -3.67 12.50 -4.98
N LYS A 121 -2.86 12.75 -3.94
CA LYS A 121 -2.32 11.69 -3.10
C LYS A 121 -3.42 10.69 -2.68
N ALA A 122 -4.64 11.19 -2.54
CA ALA A 122 -5.77 10.35 -2.12
C ALA A 122 -6.20 9.38 -3.22
N ILE A 123 -5.90 9.69 -4.48
CA ILE A 123 -6.29 8.83 -5.58
C ILE A 123 -5.28 8.89 -6.73
N LEU A 124 -4.00 8.69 -6.42
CA LEU A 124 -2.96 8.73 -7.45
C LEU A 124 -1.75 7.89 -7.06
N PHE A 125 -1.97 6.58 -6.95
CA PHE A 125 -0.90 5.64 -6.60
C PHE A 125 -0.47 4.83 -7.82
N LEU A 126 0.84 4.76 -8.05
CA LEU A 126 1.39 4.02 -9.19
C LEU A 126 2.18 2.80 -8.71
N PRO A 127 1.57 1.61 -8.78
CA PRO A 127 2.20 0.37 -8.36
C PRO A 127 2.75 -0.41 -9.56
N LEU A 128 3.60 -1.39 -9.29
CA LEU A 128 4.16 -2.20 -10.36
C LEU A 128 3.07 -3.13 -10.92
N PRO A 129 3.00 -3.27 -12.26
CA PRO A 129 2.01 -4.11 -12.93
C PRO A 129 1.76 -5.44 -12.22
N VAL A 130 2.84 -6.16 -11.92
CA VAL A 130 2.76 -7.46 -11.24
C VAL A 130 1.74 -7.45 -10.10
N SER A 131 0.54 -7.90 -10.39
CA SER A 131 -0.55 -7.93 -9.41
C SER A 131 -1.58 -9.01 -9.77
N SER A 132 -2.46 -9.34 -8.83
CA SER A 132 -3.49 -10.33 -9.06
C SER A 132 -4.39 -9.90 -10.23
N ASP A 133 -5.01 -10.86 -10.89
CA ASP A 133 -5.88 -10.56 -12.02
C ASP A 133 -7.07 -11.51 -12.04
C1 IHP B . -2.85 17.28 4.53
C2 IHP B . -3.69 17.01 3.27
C3 IHP B . -3.37 18.07 2.19
C4 IHP B . -1.88 17.98 1.82
C5 IHP B . -1.01 18.23 3.07
C6 IHP B . -1.35 17.21 4.17
O11 IHP B . -3.13 16.30 5.53
P1 IHP B . -3.69 16.74 6.99
O21 IHP B . -4.92 17.56 6.94
O31 IHP B . -2.48 17.55 7.69
O41 IHP B . -3.90 15.39 7.84
O12 IHP B . -3.44 15.73 2.75
P2 IHP B . -4.63 14.64 2.62
O22 IHP B . -4.29 13.43 3.41
O32 IHP B . -5.95 15.35 3.20
O42 IHP B . -4.81 14.34 1.07
O13 IHP B . -4.15 17.82 1.02
P3 IHP B . -5.14 18.94 0.42
O23 IHP B . -4.49 20.27 0.54
O33 IHP B . -6.49 18.84 1.29
O43 IHP B . -5.44 18.59 -1.12
O14 IHP B . -1.55 18.96 0.84
P4 IHP B . -0.97 18.50 -0.60
O24 IHP B . -2.06 18.00 -1.46
O34 IHP B . 0.11 17.35 -0.26
O44 IHP B . -0.21 19.75 -1.27
O15 IHP B . 0.36 18.12 2.74
P5 IHP B . 1.36 19.37 2.94
O25 IHP B . 0.88 20.53 2.17
O35 IHP B . 1.38 19.68 4.53
O45 IHP B . 2.82 18.92 2.48
O16 IHP B . -0.54 17.46 5.31
P6 IHP B . 0.50 16.36 5.86
O26 IHP B . 1.24 16.83 7.05
O36 IHP B . 1.49 16.12 4.61
O46 IHP B . -0.31 15.02 6.16
H1 IHP B . -3.04 18.19 4.88
H2 IHP B . -4.66 17.08 3.52
H3 IHP B . -3.54 19.00 2.54
H4 IHP B . -1.69 17.05 1.48
H5 IHP B . -1.21 19.15 3.42
H6 IHP B . -1.17 16.29 3.79
N TYR A 1 2.61 -14.95 -10.74
CA TYR A 1 1.84 -13.76 -10.31
C TYR A 1 2.63 -12.91 -9.30
N LYS A 2 3.29 -13.56 -8.34
CA LYS A 2 4.06 -12.83 -7.33
C LYS A 2 5.40 -12.38 -7.91
N LYS A 3 5.71 -11.10 -7.72
CA LYS A 3 6.96 -10.52 -8.20
C LYS A 3 7.31 -9.28 -7.40
N PRO A 4 8.60 -8.88 -7.37
CA PRO A 4 9.02 -7.69 -6.63
C PRO A 4 8.26 -6.45 -7.10
N LYS A 5 7.24 -6.08 -6.33
CA LYS A 5 6.41 -4.94 -6.65
C LYS A 5 6.78 -3.72 -5.78
N LEU A 6 6.33 -2.55 -6.20
CA LEU A 6 6.58 -1.32 -5.46
C LEU A 6 5.36 -0.41 -5.56
N LEU A 7 5.19 0.45 -4.56
CA LEU A 7 4.06 1.37 -4.50
C LEU A 7 4.55 2.81 -4.62
N TYR A 8 4.46 3.36 -5.82
CA TYR A 8 4.92 4.72 -6.07
C TYR A 8 3.77 5.72 -5.91
N CYS A 9 4.07 6.84 -5.25
CA CYS A 9 3.09 7.89 -5.03
C CYS A 9 3.52 9.15 -5.78
N SER A 10 2.76 9.51 -6.81
CA SER A 10 3.07 10.68 -7.62
C SER A 10 2.79 11.98 -6.85
N ASN A 11 3.59 12.23 -5.82
CA ASN A 11 3.44 13.43 -5.00
C ASN A 11 4.80 14.04 -4.66
N GLY A 12 5.81 13.72 -5.46
CA GLY A 12 7.14 14.26 -5.22
C GLY A 12 8.06 13.22 -4.59
N GLY A 13 9.23 13.03 -5.20
CA GLY A 13 10.18 12.07 -4.68
C GLY A 13 9.84 10.65 -5.07
N HIS A 14 10.42 9.68 -4.39
CA HIS A 14 10.16 8.26 -4.65
C HIS A 14 9.70 7.59 -3.35
N PHE A 15 8.92 6.53 -3.46
CA PHE A 15 8.41 5.82 -2.29
C PHE A 15 8.53 4.31 -2.45
N LEU A 16 9.06 3.64 -1.42
CA LEU A 16 9.23 2.18 -1.45
C LEU A 16 10.01 1.65 -0.24
N ARG A 17 9.55 1.97 0.96
CA ARG A 17 10.22 1.51 2.18
C ARG A 17 9.24 1.37 3.34
N ILE A 18 9.45 0.32 4.13
CA ILE A 18 8.63 0.05 5.29
C ILE A 18 9.53 -0.21 6.49
N LEU A 19 9.34 0.53 7.57
CA LEU A 19 10.15 0.37 8.77
C LEU A 19 9.53 -0.67 9.70
N PRO A 20 10.38 -1.48 10.35
CA PRO A 20 9.93 -2.54 11.28
C PRO A 20 8.96 -2.02 12.35
N ASP A 21 8.97 -0.71 12.58
CA ASP A 21 8.08 -0.09 13.56
C ASP A 21 6.68 0.10 12.99
N GLY A 22 6.51 -0.22 11.71
CA GLY A 22 5.21 -0.07 11.08
C GLY A 22 5.02 1.31 10.50
N THR A 23 5.87 1.68 9.55
CA THR A 23 5.78 2.99 8.91
C THR A 23 6.38 2.94 7.51
N VAL A 24 5.74 3.63 6.58
CA VAL A 24 6.19 3.69 5.20
C VAL A 24 6.58 5.12 4.84
N ASP A 25 7.67 5.28 4.08
CA ASP A 25 8.14 6.60 3.69
C ASP A 25 8.74 6.59 2.28
N GLY A 26 9.30 7.72 1.87
CA GLY A 26 9.89 7.84 0.55
C GLY A 26 11.19 7.07 0.43
N THR A 27 11.41 6.47 -0.73
CA THR A 27 12.61 5.68 -0.99
C THR A 27 12.80 5.45 -2.49
N ARG A 28 14.00 5.02 -2.87
CA ARG A 28 14.30 4.75 -4.27
C ARG A 28 14.97 3.40 -4.43
N ASP A 29 14.50 2.61 -5.39
CA ASP A 29 15.05 1.28 -5.64
C ASP A 29 14.63 0.77 -7.03
N ARG A 30 15.04 -0.44 -7.38
CA ARG A 30 14.70 -1.03 -8.66
C ARG A 30 13.47 -1.91 -8.54
N SER A 31 12.29 -1.30 -8.58
CA SER A 31 11.03 -2.05 -8.47
C SER A 31 11.07 -2.94 -7.23
N ASP A 32 11.56 -2.38 -6.13
CA ASP A 32 11.68 -3.11 -4.88
C ASP A 32 11.24 -2.26 -3.70
N GLN A 33 11.41 -2.80 -2.50
CA GLN A 33 11.05 -2.12 -1.27
C GLN A 33 12.09 -2.40 -0.20
N HIS A 34 11.71 -2.28 1.09
CA HIS A 34 12.64 -2.58 2.20
C HIS A 34 13.50 -3.79 1.86
N ILE A 35 12.85 -4.79 1.26
CA ILE A 35 13.52 -6.01 0.83
C ILE A 35 12.83 -6.53 -0.44
N GLN A 36 11.50 -6.53 -0.41
CA GLN A 36 10.68 -6.97 -1.53
C GLN A 36 9.21 -6.75 -1.20
N LEU A 37 8.43 -6.29 -2.16
CA LEU A 37 7.01 -6.05 -1.94
C LEU A 37 6.20 -6.99 -2.81
N GLN A 38 5.33 -7.79 -2.20
CA GLN A 38 4.51 -8.73 -2.93
C GLN A 38 3.03 -8.39 -2.78
N LEU A 39 2.35 -8.23 -3.90
CA LEU A 39 0.92 -7.92 -3.92
C LEU A 39 0.23 -8.88 -4.88
N SER A 40 -0.43 -9.89 -4.33
CA SER A 40 -1.11 -10.88 -5.15
C SER A 40 -1.73 -11.99 -4.30
N ALA A 41 -2.23 -13.03 -4.96
CA ALA A 41 -2.82 -14.19 -4.28
C ALA A 41 -4.19 -13.86 -3.68
N GLU A 42 -5.13 -13.47 -4.56
CA GLU A 42 -6.48 -13.14 -4.13
C GLU A 42 -7.42 -13.09 -5.35
N SER A 43 -8.71 -13.03 -5.08
CA SER A 43 -9.72 -12.98 -6.14
C SER A 43 -9.87 -11.55 -6.68
N VAL A 44 -10.42 -11.44 -7.90
CA VAL A 44 -10.63 -10.14 -8.55
C VAL A 44 -10.94 -9.03 -7.54
N GLY A 45 -10.09 -8.00 -7.54
CA GLY A 45 -10.28 -6.87 -6.64
C GLY A 45 -9.52 -7.04 -5.34
N GLU A 46 -9.65 -8.20 -4.71
CA GLU A 46 -8.98 -8.48 -3.46
C GLU A 46 -7.48 -8.63 -3.67
N VAL A 47 -6.69 -8.04 -2.80
CA VAL A 47 -5.24 -8.14 -2.91
C VAL A 47 -4.58 -8.23 -1.54
N TYR A 48 -3.55 -9.07 -1.46
CA TYR A 48 -2.78 -9.27 -0.25
C TYR A 48 -1.41 -8.64 -0.44
N ILE A 49 -1.05 -7.75 0.48
CA ILE A 49 0.23 -7.04 0.40
C ILE A 49 1.25 -7.61 1.39
N LYS A 50 2.30 -8.21 0.85
CA LYS A 50 3.37 -8.78 1.65
C LYS A 50 4.62 -7.90 1.56
N SER A 51 4.93 -7.23 2.66
CA SER A 51 6.10 -6.37 2.72
C SER A 51 7.30 -7.16 3.22
N THR A 52 8.30 -7.34 2.37
CA THR A 52 9.51 -8.07 2.72
C THR A 52 9.24 -9.58 2.67
N GLU A 53 10.10 -10.31 1.96
CA GLU A 53 9.95 -11.77 1.84
C GLU A 53 9.56 -12.38 3.18
N THR A 54 10.34 -12.06 4.21
CA THR A 54 10.07 -12.53 5.55
C THR A 54 10.59 -11.52 6.57
N GLY A 55 9.79 -11.23 7.60
CA GLY A 55 10.22 -10.28 8.62
C GLY A 55 9.26 -9.11 8.80
N GLN A 56 8.29 -8.95 7.89
CA GLN A 56 7.33 -7.86 7.99
C GLN A 56 5.94 -8.32 7.57
N TYR A 57 4.95 -7.46 7.78
CA TYR A 57 3.56 -7.77 7.46
C TYR A 57 2.77 -6.47 7.27
N LEU A 58 2.43 -6.16 6.03
CA LEU A 58 1.68 -4.94 5.73
C LEU A 58 0.23 -5.08 6.17
N ALA A 59 -0.20 -4.20 7.07
CA ALA A 59 -1.56 -4.21 7.58
C ALA A 59 -2.05 -2.77 7.81
N MET A 60 -3.37 -2.60 7.75
CA MET A 60 -3.97 -1.29 7.97
C MET A 60 -4.48 -1.17 9.40
N ASP A 61 -3.96 -0.19 10.14
CA ASP A 61 -4.36 0.01 11.52
C ASP A 61 -5.79 0.58 11.59
N THR A 62 -6.54 0.15 12.60
CA THR A 62 -7.93 0.61 12.77
C THR A 62 -8.04 2.14 12.69
N ASP A 63 -7.01 2.85 13.15
CA ASP A 63 -7.02 4.31 13.14
C ASP A 63 -6.87 4.84 11.70
N GLY A 64 -6.31 4.00 10.83
CA GLY A 64 -6.09 4.40 9.45
C GLY A 64 -4.62 4.40 9.07
N LEU A 65 -3.76 4.10 10.04
CA LEU A 65 -2.32 4.08 9.82
C LEU A 65 -1.90 2.76 9.14
N LEU A 66 -1.13 2.88 8.07
CA LEU A 66 -0.64 1.71 7.34
C LEU A 66 0.71 1.28 7.92
N TYR A 67 0.77 0.07 8.46
CA TYR A 67 2.00 -0.43 9.05
C TYR A 67 2.38 -1.79 8.50
N GLY A 68 3.69 -2.05 8.44
CA GLY A 68 4.18 -3.33 7.95
C GLY A 68 4.70 -4.22 9.07
N SER A 69 4.38 -3.87 10.32
CA SER A 69 4.82 -4.64 11.47
C SER A 69 4.20 -6.04 11.41
N GLN A 70 5.03 -7.06 11.62
CA GLN A 70 4.58 -8.44 11.58
C GLN A 70 3.42 -8.68 12.55
N THR A 71 2.21 -8.72 12.00
CA THR A 71 1.00 -8.96 12.78
C THR A 71 -0.12 -9.47 11.87
N PRO A 72 -0.21 -10.80 11.70
CA PRO A 72 -1.23 -11.41 10.84
C PRO A 72 -2.66 -11.10 11.31
N ASN A 73 -3.49 -10.63 10.38
CA ASN A 73 -4.88 -10.30 10.68
C ASN A 73 -5.63 -9.90 9.41
N GLU A 74 -6.96 -10.05 9.45
CA GLU A 74 -7.82 -9.73 8.32
C GLU A 74 -7.55 -8.33 7.77
N GLU A 75 -7.12 -7.43 8.66
CA GLU A 75 -6.82 -6.05 8.26
C GLU A 75 -5.88 -5.99 7.06
N CYS A 76 -5.16 -7.10 6.81
CA CYS A 76 -4.23 -7.18 5.69
C CYS A 76 -4.97 -7.29 4.34
N LEU A 77 -6.28 -7.53 4.39
CA LEU A 77 -7.06 -7.65 3.17
C LEU A 77 -7.29 -6.28 2.53
N PHE A 78 -6.63 -6.04 1.41
CA PHE A 78 -6.76 -4.77 0.70
C PHE A 78 -7.44 -4.96 -0.66
N LEU A 79 -7.92 -3.85 -1.21
CA LEU A 79 -8.59 -3.85 -2.50
C LEU A 79 -7.83 -2.93 -3.46
N GLU A 80 -7.16 -3.52 -4.45
CA GLU A 80 -6.39 -2.76 -5.43
C GLU A 80 -7.25 -2.41 -6.63
N ARG A 81 -7.67 -1.16 -6.72
CA ARG A 81 -8.49 -0.71 -7.83
C ARG A 81 -7.63 -0.02 -8.87
N LEU A 82 -7.23 -0.78 -9.88
CA LEU A 82 -6.39 -0.27 -10.96
C LEU A 82 -7.25 0.03 -12.20
N GLU A 83 -7.00 1.17 -12.82
CA GLU A 83 -7.73 1.56 -14.03
C GLU A 83 -6.85 1.36 -15.26
N GLU A 84 -6.01 2.34 -15.57
CA GLU A 84 -5.11 2.26 -16.71
C GLU A 84 -4.23 3.51 -16.84
N ASN A 85 -4.79 4.68 -16.54
CA ASN A 85 -4.05 5.94 -16.63
C ASN A 85 -2.95 6.03 -15.56
N HIS A 86 -2.05 5.05 -15.56
CA HIS A 86 -0.94 4.98 -14.61
C HIS A 86 -1.34 5.38 -13.18
N TYR A 87 -2.49 4.87 -12.72
CA TYR A 87 -2.97 5.18 -11.38
C TYR A 87 -3.94 4.11 -10.88
N ASN A 88 -4.01 3.97 -9.56
CA ASN A 88 -4.90 3.00 -8.93
C ASN A 88 -5.33 3.51 -7.57
N THR A 89 -6.23 2.79 -6.91
CA THR A 89 -6.71 3.17 -5.59
C THR A 89 -6.87 1.95 -4.68
N TYR A 90 -6.45 2.10 -3.43
CA TYR A 90 -6.56 1.02 -2.46
C TYR A 90 -7.61 1.37 -1.40
N ILE A 91 -8.59 0.50 -1.22
CA ILE A 91 -9.65 0.75 -0.24
C ILE A 91 -9.73 -0.39 0.77
N SER A 92 -10.27 -0.08 1.94
CA SER A 92 -10.42 -1.06 3.03
C SER A 92 -11.33 -2.22 2.59
N LYS A 93 -10.72 -3.37 2.32
CA LYS A 93 -11.49 -4.55 1.91
C LYS A 93 -12.37 -5.03 3.05
N LYS A 94 -11.75 -5.36 4.19
CA LYS A 94 -12.49 -5.84 5.34
C LYS A 94 -13.47 -4.79 5.85
N HIS A 95 -13.02 -3.54 5.89
CA HIS A 95 -13.85 -2.45 6.36
C HIS A 95 -14.54 -1.75 5.18
N ALA A 96 -15.26 -2.54 4.38
CA ALA A 96 -15.97 -2.01 3.22
C ALA A 96 -16.84 -0.81 3.58
N GLU A 97 -17.57 -0.93 4.70
CA GLU A 97 -18.43 0.15 5.16
C GLU A 97 -17.62 1.43 5.38
N LYS A 98 -16.42 1.28 5.91
CA LYS A 98 -15.55 2.41 6.18
C LYS A 98 -14.37 2.41 5.21
N ASN A 99 -14.67 2.45 3.92
CA ASN A 99 -13.63 2.46 2.90
C ASN A 99 -13.06 3.86 2.74
N TRP A 100 -11.75 3.98 2.85
CA TRP A 100 -11.08 5.27 2.72
C TRP A 100 -9.87 5.15 1.80
N PHE A 101 -9.47 6.26 1.21
CA PHE A 101 -8.32 6.27 0.30
C PHE A 101 -7.02 6.42 1.08
N VAL A 102 -6.08 5.53 0.80
CA VAL A 102 -4.77 5.55 1.47
C VAL A 102 -3.93 6.75 1.00
N GLY A 103 -2.61 6.66 1.16
CA GLY A 103 -1.73 7.73 0.72
C GLY A 103 -0.90 8.30 1.86
N LEU A 104 0.41 8.16 1.75
CA LEU A 104 1.33 8.67 2.75
C LEU A 104 1.98 9.97 2.27
N LYS A 105 2.86 10.53 3.07
CA LYS A 105 3.54 11.77 2.70
C LYS A 105 5.05 11.62 2.85
N LYS A 106 5.78 12.18 1.88
CA LYS A 106 7.25 12.14 1.86
C LYS A 106 7.85 12.37 3.24
N ASN A 107 7.23 13.26 4.03
CA ASN A 107 7.70 13.57 5.38
C ASN A 107 7.93 12.29 6.18
N GLY A 108 7.14 11.26 5.92
CA GLY A 108 7.25 10.01 6.64
C GLY A 108 6.04 9.77 7.52
N SER A 109 4.86 10.02 6.96
CA SER A 109 3.61 9.85 7.68
C SER A 109 2.51 9.44 6.70
N CYS A 110 1.56 8.64 7.18
CA CYS A 110 0.46 8.18 6.34
C CYS A 110 -0.82 8.96 6.65
N LYS A 111 -1.43 9.55 5.63
CA LYS A 111 -2.66 10.32 5.82
C LYS A 111 -3.85 9.54 5.26
N ARG A 112 -4.58 8.88 6.15
CA ARG A 112 -5.75 8.09 5.77
C ARG A 112 -6.90 8.33 6.75
N GLY A 113 -6.65 8.07 8.03
CA GLY A 113 -7.66 8.24 9.05
C GLY A 113 -8.14 9.68 9.20
N PRO A 114 -7.29 10.56 9.75
CA PRO A 114 -7.62 11.98 9.97
C PRO A 114 -8.47 12.57 8.84
N ARG A 115 -7.98 12.46 7.62
CA ARG A 115 -8.69 12.99 6.45
C ARG A 115 -7.98 12.57 5.17
N THR A 116 -8.73 11.99 4.26
CA THR A 116 -8.18 11.55 2.98
C THR A 116 -9.25 11.63 1.90
N HIS A 117 -9.07 12.56 0.97
CA HIS A 117 -10.03 12.77 -0.12
C HIS A 117 -9.48 13.82 -1.09
N TYR A 118 -9.09 14.97 -0.55
CA TYR A 118 -8.54 16.06 -1.34
C TYR A 118 -7.04 15.86 -1.50
N GLY A 119 -6.51 16.25 -2.65
CA GLY A 119 -5.10 16.10 -2.91
C GLY A 119 -4.78 14.81 -3.64
N GLN A 120 -4.11 14.92 -4.79
CA GLN A 120 -3.75 13.76 -5.61
C GLN A 120 -3.25 12.60 -4.76
N LYS A 121 -2.51 12.90 -3.69
CA LYS A 121 -1.97 11.87 -2.81
C LYS A 121 -3.05 10.86 -2.39
N ALA A 122 -4.30 11.31 -2.33
CA ALA A 122 -5.40 10.44 -1.93
C ALA A 122 -5.92 9.57 -3.08
N ILE A 123 -5.64 9.97 -4.32
CA ILE A 123 -6.14 9.21 -5.47
C ILE A 123 -5.11 9.16 -6.61
N LEU A 124 -3.84 8.98 -6.27
CA LEU A 124 -2.79 8.92 -7.28
C LEU A 124 -1.65 7.98 -6.85
N PHE A 125 -1.95 6.68 -6.83
CA PHE A 125 -0.96 5.67 -6.46
C PHE A 125 -0.53 4.88 -7.69
N LEU A 126 0.78 4.77 -7.88
CA LEU A 126 1.33 4.04 -9.02
C LEU A 126 2.08 2.79 -8.56
N PRO A 127 1.43 1.62 -8.63
CA PRO A 127 2.01 0.34 -8.24
C PRO A 127 2.50 -0.45 -9.44
N LEU A 128 3.41 -1.38 -9.21
CA LEU A 128 3.93 -2.21 -10.29
C LEU A 128 2.81 -3.08 -10.85
N PRO A 129 2.80 -3.32 -12.18
CA PRO A 129 1.78 -4.14 -12.85
C PRO A 129 1.63 -5.55 -12.26
N VAL A 130 2.69 -6.04 -11.62
CA VAL A 130 2.68 -7.38 -11.03
C VAL A 130 1.58 -7.49 -9.96
N SER A 131 0.45 -8.06 -10.37
CA SER A 131 -0.69 -8.26 -9.48
C SER A 131 -1.46 -9.52 -9.89
N SER A 132 -2.50 -9.87 -9.13
CA SER A 132 -3.32 -11.04 -9.43
C SER A 132 -4.66 -10.64 -10.03
N ASP A 133 -4.80 -10.86 -11.32
CA ASP A 133 -6.05 -10.54 -12.01
C ASP A 133 -6.98 -11.75 -11.98
C1 IHP B . -2.40 17.95 4.27
C2 IHP B . -3.38 17.51 3.17
C3 IHP B . -3.18 18.40 1.93
C4 IHP B . -1.75 18.23 1.41
C5 IHP B . -0.75 18.64 2.50
C6 IHP B . -0.96 17.81 3.76
O11 IHP B . -2.55 17.13 5.45
P1 IHP B . -2.88 17.82 6.87
O21 IHP B . -4.11 18.65 6.86
O31 IHP B . -1.60 18.70 7.26
O41 IHP B . -2.98 16.63 7.95
O12 IHP B . -3.18 16.15 2.81
P2 IHP B . -4.36 15.05 2.96
O22 IHP B . -3.99 14.07 4.01
O32 IHP B . -5.70 15.84 3.31
O42 IHP B . -4.51 14.36 1.52
O13 IHP B . -4.09 18.00 0.90
P3 IHP B . -5.15 19.04 0.30
O23 IHP B . -4.62 20.42 0.42
O33 IHP B . -6.50 18.84 1.15
O43 IHP B . -5.41 18.67 -1.25
O14 IHP B . -1.54 19.05 0.26
P4 IHP B . -1.13 18.38 -1.14
O24 IHP B . -2.30 17.69 -1.73
O34 IHP B . 0.05 17.35 -0.77
O44 IHP B . -0.55 19.52 -2.11
O15 IHP B . 0.58 18.45 2.03
P5 IHP B . 1.62 19.68 1.94
O25 IHP B . 1.07 20.73 1.05
O35 IHP B . 1.82 20.23 3.43
O45 IHP B . 3.00 19.10 1.38
O16 IHP B . -0.03 18.22 4.78
P6 IHP B . 1.06 17.19 5.38
O26 IHP B . 1.91 17.83 6.42
O36 IHP B . 1.91 16.74 4.10
O46 IHP B . 0.26 15.92 5.98
H1 IHP B . -2.54 18.91 4.51
H2 IHP B . -4.32 17.62 3.51
H3 IHP B . -3.32 19.37 2.16
H4 IHP B . -1.60 17.26 1.19
H5 IHP B . -0.90 19.61 2.73
H6 IHP B . -0.82 16.83 3.53
N TYR A 1 2.43 -14.33 -10.50
CA TYR A 1 1.66 -13.53 -9.52
C TYR A 1 2.57 -12.82 -8.51
N LYS A 2 3.49 -13.56 -7.90
CA LYS A 2 4.38 -12.98 -6.91
C LYS A 2 5.68 -12.47 -7.55
N LYS A 3 5.84 -11.15 -7.55
CA LYS A 3 7.02 -10.51 -8.12
C LYS A 3 7.33 -9.22 -7.34
N PRO A 4 8.58 -8.75 -7.38
CA PRO A 4 8.99 -7.53 -6.69
C PRO A 4 8.17 -6.31 -7.10
N LYS A 5 7.07 -6.09 -6.39
CA LYS A 5 6.18 -4.97 -6.66
C LYS A 5 6.62 -3.73 -5.86
N LEU A 6 6.09 -2.57 -6.23
CA LEU A 6 6.40 -1.34 -5.54
C LEU A 6 5.18 -0.41 -5.55
N LEU A 7 5.08 0.43 -4.53
CA LEU A 7 3.97 1.36 -4.42
C LEU A 7 4.45 2.80 -4.59
N TYR A 8 4.42 3.28 -5.83
CA TYR A 8 4.89 4.62 -6.13
C TYR A 8 3.78 5.65 -5.93
N CYS A 9 4.08 6.68 -5.14
CA CYS A 9 3.13 7.75 -4.87
C CYS A 9 3.57 9.02 -5.59
N SER A 10 2.65 9.64 -6.32
CA SER A 10 2.94 10.86 -7.05
C SER A 10 2.98 12.06 -6.11
N ASN A 11 4.15 12.32 -5.52
CA ASN A 11 4.31 13.46 -4.62
C ASN A 11 5.71 14.05 -4.72
N GLY A 12 6.32 13.98 -5.90
CA GLY A 12 7.65 14.51 -6.10
C GLY A 12 8.71 13.73 -5.35
N GLY A 13 9.13 12.60 -5.93
CA GLY A 13 10.14 11.77 -5.32
C GLY A 13 9.89 10.30 -5.55
N HIS A 14 10.46 9.46 -4.70
CA HIS A 14 10.32 8.01 -4.80
C HIS A 14 9.84 7.46 -3.46
N PHE A 15 8.96 6.47 -3.50
CA PHE A 15 8.42 5.88 -2.27
C PHE A 15 8.38 4.36 -2.37
N LEU A 16 8.94 3.68 -1.37
CA LEU A 16 8.95 2.21 -1.34
C LEU A 16 9.74 1.66 -0.14
N ARG A 17 9.66 2.33 1.01
CA ARG A 17 10.38 1.87 2.19
C ARG A 17 9.43 1.73 3.37
N ILE A 18 9.59 0.63 4.10
CA ILE A 18 8.77 0.35 5.28
C ILE A 18 9.68 0.06 6.48
N LEU A 19 9.41 0.73 7.60
CA LEU A 19 10.19 0.56 8.81
C LEU A 19 9.56 -0.51 9.70
N PRO A 20 10.35 -1.52 10.12
CA PRO A 20 9.88 -2.62 10.98
C PRO A 20 9.04 -2.15 12.17
N ASP A 21 9.30 -0.93 12.64
CA ASP A 21 8.56 -0.36 13.76
C ASP A 21 7.08 -0.19 13.40
N GLY A 22 6.79 -0.03 12.12
CA GLY A 22 5.43 0.15 11.66
C GLY A 22 5.23 1.51 11.01
N THR A 23 5.98 1.78 9.95
CA THR A 23 5.87 3.05 9.24
C THR A 23 6.46 2.94 7.84
N VAL A 24 5.76 3.50 6.85
CA VAL A 24 6.21 3.49 5.46
C VAL A 24 6.59 4.90 5.04
N ASP A 25 7.68 5.04 4.29
CA ASP A 25 8.14 6.36 3.85
C ASP A 25 8.76 6.32 2.45
N GLY A 26 9.30 7.47 2.03
CA GLY A 26 9.90 7.58 0.72
C GLY A 26 11.25 6.90 0.62
N THR A 27 11.59 6.46 -0.60
CA THR A 27 12.84 5.78 -0.88
C THR A 27 12.94 5.53 -2.39
N ARG A 28 14.16 5.48 -2.92
CA ARG A 28 14.37 5.25 -4.34
C ARG A 28 15.14 3.96 -4.58
N ASP A 29 14.51 3.01 -5.23
CA ASP A 29 15.13 1.73 -5.53
C ASP A 29 14.76 1.27 -6.94
N ARG A 30 15.36 0.18 -7.38
CA ARG A 30 15.08 -0.37 -8.70
C ARG A 30 13.90 -1.33 -8.62
N SER A 31 12.69 -0.78 -8.56
CA SER A 31 11.49 -1.60 -8.45
C SER A 31 11.61 -2.56 -7.27
N ASP A 32 12.00 -2.01 -6.13
CA ASP A 32 12.19 -2.80 -4.92
C ASP A 32 11.51 -2.12 -3.73
N GLN A 33 11.68 -2.72 -2.55
CA GLN A 33 11.12 -2.19 -1.32
C GLN A 33 12.13 -2.43 -0.19
N HIS A 34 11.67 -2.47 1.07
CA HIS A 34 12.57 -2.72 2.19
C HIS A 34 13.43 -3.95 1.88
N ILE A 35 12.83 -4.88 1.16
CA ILE A 35 13.49 -6.13 0.75
C ILE A 35 12.79 -6.70 -0.48
N GLN A 36 11.46 -6.61 -0.49
CA GLN A 36 10.64 -7.08 -1.60
C GLN A 36 9.17 -6.79 -1.29
N LEU A 37 8.36 -6.64 -2.32
CA LEU A 37 6.93 -6.37 -2.12
C LEU A 37 6.11 -7.31 -2.98
N GLN A 38 5.25 -8.09 -2.33
CA GLN A 38 4.40 -9.04 -3.03
C GLN A 38 2.93 -8.68 -2.87
N LEU A 39 2.18 -8.82 -3.96
CA LEU A 39 0.75 -8.54 -3.97
C LEU A 39 0.06 -9.43 -4.99
N SER A 40 -0.74 -10.38 -4.52
CA SER A 40 -1.45 -11.31 -5.39
C SER A 40 -2.19 -12.36 -4.55
N ALA A 41 -2.52 -13.50 -5.17
CA ALA A 41 -3.19 -14.61 -4.48
C ALA A 41 -4.70 -14.39 -4.37
N GLU A 42 -5.08 -13.25 -3.80
CA GLU A 42 -6.49 -12.92 -3.62
C GLU A 42 -7.24 -12.92 -4.96
N SER A 43 -8.56 -13.00 -4.90
CA SER A 43 -9.39 -13.02 -6.10
C SER A 43 -9.42 -11.65 -6.79
N VAL A 44 -9.98 -11.61 -8.00
CA VAL A 44 -10.09 -10.37 -8.76
C VAL A 44 -10.61 -9.22 -7.87
N GLY A 45 -9.78 -8.19 -7.72
CA GLY A 45 -10.16 -7.05 -6.90
C GLY A 45 -9.48 -7.09 -5.54
N GLU A 46 -9.57 -8.24 -4.88
CA GLU A 46 -8.96 -8.41 -3.56
C GLU A 46 -7.45 -8.56 -3.72
N VAL A 47 -6.69 -7.98 -2.80
CA VAL A 47 -5.23 -8.06 -2.88
C VAL A 47 -4.59 -8.29 -1.51
N TYR A 48 -3.60 -9.17 -1.50
CA TYR A 48 -2.85 -9.50 -0.29
C TYR A 48 -1.47 -8.87 -0.40
N ILE A 49 -1.23 -7.83 0.39
CA ILE A 49 0.03 -7.10 0.37
C ILE A 49 1.08 -7.74 1.30
N LYS A 50 2.22 -8.07 0.73
CA LYS A 50 3.31 -8.68 1.49
C LYS A 50 4.61 -7.89 1.30
N SER A 51 5.08 -7.27 2.37
CA SER A 51 6.31 -6.49 2.34
C SER A 51 7.46 -7.30 2.94
N THR A 52 8.52 -7.48 2.16
CA THR A 52 9.69 -8.25 2.57
C THR A 52 9.37 -9.75 2.49
N GLU A 53 10.16 -10.49 1.70
CA GLU A 53 9.95 -11.93 1.52
C GLU A 53 9.55 -12.59 2.85
N THR A 54 10.30 -12.30 3.91
CA THR A 54 10.01 -12.84 5.22
C THR A 54 10.54 -11.91 6.31
N GLY A 55 9.69 -11.62 7.31
CA GLY A 55 10.10 -10.75 8.39
C GLY A 55 9.14 -9.58 8.62
N GLN A 56 8.48 -9.12 7.57
CA GLN A 56 7.56 -8.00 7.68
C GLN A 56 6.15 -8.37 7.21
N TYR A 57 5.17 -7.59 7.63
CA TYR A 57 3.78 -7.79 7.26
C TYR A 57 3.06 -6.45 7.17
N LEU A 58 2.38 -6.21 6.06
CA LEU A 58 1.68 -4.94 5.86
C LEU A 58 0.24 -5.04 6.40
N ALA A 59 -0.11 -4.14 7.31
CA ALA A 59 -1.44 -4.13 7.89
C ALA A 59 -1.91 -2.70 8.15
N MET A 60 -3.22 -2.51 8.11
CA MET A 60 -3.83 -1.20 8.33
C MET A 60 -4.17 -1.02 9.81
N ASP A 61 -4.25 0.23 10.25
CA ASP A 61 -4.59 0.55 11.63
C ASP A 61 -6.07 0.97 11.74
N THR A 62 -6.63 0.75 12.91
CA THR A 62 -8.03 1.07 13.19
C THR A 62 -8.36 2.53 12.87
N ASP A 63 -7.48 3.44 13.26
CA ASP A 63 -7.70 4.87 13.03
C ASP A 63 -7.66 5.19 11.54
N GLY A 64 -6.51 4.97 10.92
CA GLY A 64 -6.34 5.24 9.51
C GLY A 64 -4.88 5.37 9.12
N LEU A 65 -4.07 4.44 9.60
CA LEU A 65 -2.64 4.43 9.33
C LEU A 65 -2.22 3.07 8.77
N LEU A 66 -1.15 3.07 7.99
CA LEU A 66 -0.62 1.85 7.40
C LEU A 66 0.72 1.51 8.04
N TYR A 67 0.90 0.27 8.46
CA TYR A 67 2.14 -0.12 9.12
C TYR A 67 2.62 -1.49 8.64
N GLY A 68 3.93 -1.72 8.83
CA GLY A 68 4.53 -2.98 8.44
C GLY A 68 5.13 -3.68 9.64
N SER A 69 4.45 -4.71 10.12
CA SER A 69 4.90 -5.47 11.27
C SER A 69 4.30 -6.88 11.24
N GLN A 70 5.03 -7.84 11.79
CA GLN A 70 4.57 -9.22 11.81
C GLN A 70 3.33 -9.35 12.69
N THR A 71 2.17 -9.31 12.05
CA THR A 71 0.89 -9.45 12.74
C THR A 71 -0.20 -9.90 11.77
N PRO A 72 -0.56 -11.20 11.79
CA PRO A 72 -1.59 -11.75 10.92
C PRO A 72 -2.99 -11.33 11.37
N ASN A 73 -3.78 -10.79 10.44
CA ASN A 73 -5.14 -10.36 10.73
C ASN A 73 -5.84 -9.91 9.46
N GLU A 74 -7.17 -9.91 9.49
CA GLU A 74 -7.98 -9.51 8.33
C GLU A 74 -7.57 -8.12 7.83
N GLU A 75 -7.01 -7.30 8.72
CA GLU A 75 -6.57 -5.96 8.37
C GLU A 75 -5.58 -5.97 7.20
N CYS A 76 -5.01 -7.14 6.91
CA CYS A 76 -4.05 -7.28 5.81
C CYS A 76 -4.75 -7.39 4.45
N LEU A 77 -6.07 -7.53 4.45
CA LEU A 77 -6.83 -7.65 3.20
C LEU A 77 -7.21 -6.28 2.65
N PHE A 78 -6.63 -5.94 1.50
CA PHE A 78 -6.90 -4.66 0.87
C PHE A 78 -7.51 -4.84 -0.52
N LEU A 79 -8.07 -3.76 -1.05
CA LEU A 79 -8.67 -3.76 -2.37
C LEU A 79 -7.86 -2.85 -3.31
N GLU A 80 -7.26 -3.44 -4.33
CA GLU A 80 -6.45 -2.69 -5.29
C GLU A 80 -7.26 -2.42 -6.56
N ARG A 81 -7.53 -1.16 -6.82
CA ARG A 81 -8.31 -0.78 -8.00
C ARG A 81 -7.48 0.09 -8.95
N LEU A 82 -6.96 -0.54 -10.01
CA LEU A 82 -6.17 0.16 -11.01
C LEU A 82 -7.09 0.70 -12.10
N GLU A 83 -6.85 1.94 -12.54
CA GLU A 83 -7.70 2.55 -13.58
C GLU A 83 -6.94 2.69 -14.89
N GLU A 84 -5.96 1.83 -15.11
CA GLU A 84 -5.14 1.82 -16.33
C GLU A 84 -4.32 3.10 -16.51
N ASN A 85 -4.95 4.27 -16.40
CA ASN A 85 -4.28 5.56 -16.57
C ASN A 85 -3.18 5.79 -15.53
N HIS A 86 -2.15 4.94 -15.56
CA HIS A 86 -1.00 5.04 -14.65
C HIS A 86 -1.40 5.48 -13.24
N TYR A 87 -2.50 4.94 -12.74
CA TYR A 87 -2.98 5.28 -11.40
C TYR A 87 -3.95 4.22 -10.90
N ASN A 88 -3.98 4.05 -9.58
CA ASN A 88 -4.86 3.07 -8.94
C ASN A 88 -5.37 3.60 -7.62
N THR A 89 -6.28 2.86 -7.01
CA THR A 89 -6.87 3.21 -5.73
C THR A 89 -6.84 2.03 -4.77
N TYR A 90 -6.46 2.29 -3.52
CA TYR A 90 -6.38 1.24 -2.51
C TYR A 90 -7.37 1.51 -1.37
N ILE A 91 -8.18 0.51 -1.04
CA ILE A 91 -9.15 0.63 0.05
C ILE A 91 -9.17 -0.63 0.91
N SER A 92 -9.59 -0.47 2.16
CA SER A 92 -9.64 -1.60 3.10
C SER A 92 -10.76 -2.57 2.72
N LYS A 93 -10.38 -3.82 2.42
CA LYS A 93 -11.36 -4.84 2.04
C LYS A 93 -12.32 -5.16 3.20
N LYS A 94 -11.76 -5.56 4.33
CA LYS A 94 -12.57 -5.91 5.49
C LYS A 94 -13.39 -4.71 5.99
N HIS A 95 -12.83 -3.51 5.88
CA HIS A 95 -13.52 -2.31 6.35
C HIS A 95 -14.32 -1.65 5.23
N ALA A 96 -14.96 -2.46 4.40
CA ALA A 96 -15.76 -1.94 3.28
C ALA A 96 -16.69 -0.81 3.74
N GLU A 97 -17.21 -0.94 4.97
CA GLU A 97 -18.10 0.06 5.54
C GLU A 97 -17.43 1.44 5.55
N LYS A 98 -16.12 1.47 5.76
CA LYS A 98 -15.36 2.70 5.80
C LYS A 98 -14.31 2.70 4.69
N ASN A 99 -14.79 2.65 3.45
CA ASN A 99 -13.92 2.62 2.29
C ASN A 99 -13.17 3.94 2.11
N TRP A 100 -12.08 4.08 2.85
CA TRP A 100 -11.23 5.27 2.77
C TRP A 100 -9.95 4.96 2.02
N PHE A 101 -9.56 5.87 1.12
CA PHE A 101 -8.35 5.69 0.31
C PHE A 101 -7.09 5.79 1.17
N VAL A 102 -6.21 4.80 1.04
CA VAL A 102 -4.96 4.78 1.79
C VAL A 102 -3.84 5.43 0.97
N GLY A 103 -3.17 6.42 1.57
CA GLY A 103 -2.10 7.09 0.88
C GLY A 103 -1.13 7.75 1.83
N LEU A 104 0.16 7.40 1.70
CA LEU A 104 1.20 7.97 2.55
C LEU A 104 1.56 9.38 2.09
N LYS A 105 2.67 9.90 2.59
CA LYS A 105 3.13 11.24 2.23
C LYS A 105 4.64 11.37 2.46
N LYS A 106 5.30 12.14 1.60
CA LYS A 106 6.75 12.35 1.68
C LYS A 106 7.20 12.82 3.06
N ASN A 107 6.29 13.46 3.81
CA ASN A 107 6.62 13.93 5.16
C ASN A 107 7.02 12.76 6.07
N GLY A 108 6.65 11.54 5.67
CA GLY A 108 6.96 10.37 6.46
C GLY A 108 5.80 9.99 7.35
N SER A 109 4.60 10.02 6.78
CA SER A 109 3.39 9.67 7.51
C SER A 109 2.29 9.26 6.54
N CYS A 110 1.28 8.56 7.07
CA CYS A 110 0.14 8.13 6.26
C CYS A 110 -1.10 8.93 6.63
N LYS A 111 -1.87 9.33 5.63
CA LYS A 111 -3.07 10.12 5.89
C LYS A 111 -4.32 9.42 5.37
N ARG A 112 -4.83 8.48 6.16
CA ARG A 112 -6.03 7.75 5.81
C ARG A 112 -7.16 8.14 6.76
N GLY A 113 -6.84 8.19 8.04
CA GLY A 113 -7.83 8.56 9.05
C GLY A 113 -8.13 10.06 9.07
N PRO A 114 -7.09 10.94 9.13
CA PRO A 114 -7.28 12.39 9.17
C PRO A 114 -8.37 12.87 8.20
N ARG A 115 -8.10 12.79 6.91
CA ARG A 115 -9.06 13.23 5.90
C ARG A 115 -8.54 12.93 4.50
N THR A 116 -8.85 11.74 3.99
CA THR A 116 -8.43 11.34 2.67
C THR A 116 -9.54 11.63 1.65
N HIS A 117 -9.24 12.48 0.68
CA HIS A 117 -10.19 12.89 -0.36
C HIS A 117 -9.59 14.02 -1.20
N TYR A 118 -9.06 15.04 -0.52
CA TYR A 118 -8.43 16.18 -1.19
C TYR A 118 -6.97 15.88 -1.50
N GLY A 119 -6.47 16.50 -2.56
CA GLY A 119 -5.09 16.31 -2.95
C GLY A 119 -4.86 14.98 -3.67
N GLN A 120 -4.40 15.06 -4.92
CA GLN A 120 -4.16 13.86 -5.72
C GLN A 120 -3.42 12.80 -4.91
N LYS A 121 -2.49 13.23 -4.06
CA LYS A 121 -1.71 12.30 -3.23
C LYS A 121 -2.62 11.35 -2.44
N ALA A 122 -3.89 11.71 -2.28
CA ALA A 122 -4.84 10.87 -1.55
C ALA A 122 -5.49 9.83 -2.48
N ILE A 123 -5.43 10.08 -3.79
CA ILE A 123 -6.01 9.16 -4.77
C ILE A 123 -5.15 9.11 -6.03
N LEU A 124 -3.84 8.98 -5.85
CA LEU A 124 -2.91 8.92 -6.96
C LEU A 124 -1.68 8.09 -6.61
N PHE A 125 -1.80 6.78 -6.81
CA PHE A 125 -0.70 5.86 -6.51
C PHE A 125 -0.41 5.01 -7.74
N LEU A 126 0.87 4.79 -8.01
CA LEU A 126 1.30 4.00 -9.16
C LEU A 126 2.04 2.74 -8.69
N PRO A 127 1.35 1.59 -8.66
CA PRO A 127 1.93 0.33 -8.25
C PRO A 127 2.38 -0.50 -9.44
N LEU A 128 3.39 -1.34 -9.22
CA LEU A 128 3.90 -2.20 -10.30
C LEU A 128 2.77 -3.07 -10.85
N PRO A 129 2.72 -3.26 -12.18
CA PRO A 129 1.69 -4.06 -12.85
C PRO A 129 1.45 -5.42 -12.19
N VAL A 130 2.49 -5.98 -11.57
CA VAL A 130 2.36 -7.27 -10.91
C VAL A 130 1.23 -7.24 -9.87
N SER A 131 0.22 -8.06 -10.10
CA SER A 131 -0.94 -8.15 -9.20
C SER A 131 -1.95 -9.18 -9.71
N SER A 132 -2.82 -9.65 -8.84
CA SER A 132 -3.83 -10.65 -9.21
C SER A 132 -4.78 -10.09 -10.27
N ASP A 133 -5.07 -10.89 -11.28
CA ASP A 133 -5.98 -10.50 -12.35
C ASP A 133 -7.07 -11.54 -12.50
C1 IHP B . -2.25 17.15 4.21
C2 IHP B . -3.08 17.03 2.92
C3 IHP B . -2.71 18.18 1.95
C4 IHP B . -1.22 18.07 1.60
C5 IHP B . -0.37 18.18 2.88
C6 IHP B . -0.75 17.07 3.86
O11 IHP B . -2.59 16.08 5.11
P1 IHP B . -3.14 16.40 6.60
O21 IHP B . -4.33 17.28 6.64
O31 IHP B . -1.90 17.07 7.39
O41 IHP B . -3.41 14.99 7.31
O12 IHP B . -2.87 15.80 2.26
P2 IHP B . -4.10 14.79 2.01
O22 IHP B . -4.11 13.74 3.07
O32 IHP B . -5.44 15.67 2.04
O42 IHP B . -3.91 14.18 0.55
O13 IHP B . -3.48 18.08 0.74
P3 IHP B . -4.43 19.28 0.26
O23 IHP B . -3.70 20.56 0.41
O33 IHP B . -5.73 19.20 1.20
O43 IHP B . -4.84 19.02 -1.26
O14 IHP B . -0.86 19.13 0.71
P4 IHP B . -0.27 18.79 -0.76
O24 IHP B . -1.32 18.13 -1.57
O34 IHP B . 0.98 17.82 -0.47
O44 IHP B . 0.26 20.15 -1.43
O15 IHP B . 1.01 18.06 2.55
P5 IHP B . 2.07 19.22 2.87
O25 IHP B . 1.65 20.47 2.20
O35 IHP B . 2.07 19.40 4.48
O45 IHP B . 3.50 18.73 2.37
O16 IHP B . 0.05 17.20 5.05
P6 IHP B . 1.09 16.06 5.50
O26 IHP B . 1.78 16.40 6.77
O36 IHP B . 2.13 16.00 4.28
O46 IHP B . 0.31 14.66 5.60
H1 IHP B . -2.42 18.03 4.65
H2 IHP B . -4.06 17.11 3.16
H3 IHP B . -2.86 19.07 2.39
H4 IHP B . -1.05 17.18 1.17
H5 IHP B . -0.54 19.07 3.31
H6 IHP B . -0.58 16.19 3.40
N TYR A 1 1.83 -13.85 -10.91
CA TYR A 1 1.05 -13.03 -9.94
C TYR A 1 1.98 -12.38 -8.90
N LYS A 2 2.80 -13.17 -8.22
CA LYS A 2 3.69 -12.64 -7.19
C LYS A 2 5.04 -12.26 -7.80
N LYS A 3 5.59 -11.14 -7.35
CA LYS A 3 6.88 -10.64 -7.83
C LYS A 3 7.20 -9.32 -7.13
N PRO A 4 8.46 -8.83 -7.27
CA PRO A 4 8.90 -7.57 -6.66
C PRO A 4 8.03 -6.38 -7.08
N LYS A 5 7.10 -6.01 -6.24
CA LYS A 5 6.20 -4.89 -6.51
C LYS A 5 6.56 -3.70 -5.62
N LEU A 6 6.07 -2.52 -6.00
CA LEU A 6 6.32 -1.30 -5.25
C LEU A 6 5.12 -0.37 -5.35
N LEU A 7 5.02 0.57 -4.42
CA LEU A 7 3.92 1.53 -4.40
C LEU A 7 4.45 2.95 -4.56
N TYR A 8 4.46 3.44 -5.79
CA TYR A 8 4.96 4.77 -6.07
C TYR A 8 3.84 5.80 -6.00
N CYS A 9 4.12 6.91 -5.32
CA CYS A 9 3.16 7.99 -5.18
C CYS A 9 3.67 9.24 -5.89
N SER A 10 2.92 9.71 -6.88
CA SER A 10 3.34 10.89 -7.65
C SER A 10 3.18 12.16 -6.80
N ASN A 11 3.96 12.25 -5.73
CA ASN A 11 3.91 13.41 -4.85
C ASN A 11 5.33 13.93 -4.55
N GLY A 12 6.23 13.76 -5.50
CA GLY A 12 7.60 14.22 -5.32
C GLY A 12 8.48 13.16 -4.69
N GLY A 13 9.66 12.96 -5.25
CA GLY A 13 10.60 11.97 -4.73
C GLY A 13 10.20 10.55 -5.11
N HIS A 14 10.72 9.58 -4.36
CA HIS A 14 10.43 8.17 -4.62
C HIS A 14 9.84 7.54 -3.36
N PHE A 15 8.90 6.62 -3.52
CA PHE A 15 8.27 5.96 -2.39
C PHE A 15 8.39 4.45 -2.52
N LEU A 16 9.02 3.81 -1.54
CA LEU A 16 9.19 2.35 -1.55
C LEU A 16 10.01 1.87 -0.35
N ARG A 17 9.59 2.24 0.85
CA ARG A 17 10.29 1.81 2.07
C ARG A 17 9.32 1.69 3.25
N ILE A 18 9.63 0.76 4.14
CA ILE A 18 8.81 0.53 5.33
C ILE A 18 9.70 0.14 6.51
N LEU A 19 9.41 0.70 7.67
CA LEU A 19 10.18 0.41 8.88
C LEU A 19 9.41 -0.56 9.78
N PRO A 20 10.07 -1.63 10.25
CA PRO A 20 9.46 -2.65 11.11
C PRO A 20 8.60 -2.06 12.23
N ASP A 21 9.11 -1.02 12.87
CA ASP A 21 8.40 -0.33 13.95
C ASP A 21 6.96 -0.01 13.55
N GLY A 22 6.74 0.18 12.25
CA GLY A 22 5.41 0.50 11.76
C GLY A 22 5.35 1.87 11.11
N THR A 23 6.13 2.06 10.05
CA THR A 23 6.15 3.33 9.34
C THR A 23 6.63 3.17 7.90
N VAL A 24 6.05 3.95 7.01
CA VAL A 24 6.40 3.93 5.59
C VAL A 24 6.92 5.32 5.19
N ASP A 25 7.84 5.38 4.24
CA ASP A 25 8.38 6.68 3.81
C ASP A 25 9.03 6.61 2.43
N GLY A 26 9.64 7.71 2.01
CA GLY A 26 10.27 7.79 0.72
C GLY A 26 11.54 6.96 0.62
N THR A 27 11.83 6.50 -0.60
CA THR A 27 13.01 5.69 -0.88
C THR A 27 13.10 5.42 -2.38
N ARG A 28 14.29 5.12 -2.88
CA ARG A 28 14.47 4.86 -4.30
C ARG A 28 15.19 3.53 -4.53
N ASP A 29 14.59 2.69 -5.36
CA ASP A 29 15.15 1.37 -5.68
C ASP A 29 14.57 0.85 -6.99
N ARG A 30 14.93 -0.37 -7.37
CA ARG A 30 14.44 -0.96 -8.60
C ARG A 30 13.34 -2.00 -8.32
N SER A 31 12.10 -1.51 -8.23
CA SER A 31 10.96 -2.38 -7.97
C SER A 31 11.16 -3.20 -6.69
N ASP A 32 11.68 -2.53 -5.67
CA ASP A 32 11.92 -3.16 -4.37
C ASP A 32 11.66 -2.15 -3.26
N GLN A 33 10.96 -2.58 -2.22
CA GLN A 33 10.67 -1.70 -1.09
C GLN A 33 11.78 -1.82 -0.05
N HIS A 34 11.49 -2.35 1.15
CA HIS A 34 12.53 -2.51 2.16
C HIS A 34 13.51 -3.59 1.70
N ILE A 35 12.96 -4.60 1.02
CA ILE A 35 13.73 -5.70 0.48
C ILE A 35 13.05 -6.22 -0.79
N GLN A 36 11.75 -6.48 -0.68
CA GLN A 36 10.94 -6.96 -1.79
C GLN A 36 9.47 -6.91 -1.38
N LEU A 37 8.62 -6.31 -2.20
CA LEU A 37 7.20 -6.22 -1.87
C LEU A 37 6.39 -7.14 -2.78
N GLN A 38 5.49 -7.92 -2.19
CA GLN A 38 4.65 -8.84 -2.94
C GLN A 38 3.17 -8.51 -2.74
N LEU A 39 2.39 -8.71 -3.79
CA LEU A 39 0.95 -8.45 -3.75
C LEU A 39 0.24 -9.37 -4.75
N SER A 40 -0.51 -10.33 -4.22
CA SER A 40 -1.24 -11.27 -5.07
C SER A 40 -1.87 -12.40 -4.24
N ALA A 41 -2.49 -13.35 -4.94
CA ALA A 41 -3.13 -14.51 -4.31
C ALA A 41 -4.45 -14.12 -3.64
N GLU A 42 -5.37 -13.57 -4.44
CA GLU A 42 -6.68 -13.17 -3.97
C GLU A 42 -7.67 -13.15 -5.14
N SER A 43 -8.92 -12.82 -4.87
CA SER A 43 -9.94 -12.78 -5.91
C SER A 43 -9.92 -11.46 -6.67
N VAL A 44 -10.87 -11.28 -7.59
CA VAL A 44 -10.96 -10.06 -8.39
C VAL A 44 -11.05 -8.81 -7.51
N GLY A 45 -10.00 -8.01 -7.54
CA GLY A 45 -9.97 -6.77 -6.77
C GLY A 45 -9.26 -6.94 -5.43
N GLU A 46 -9.59 -8.02 -4.72
CA GLU A 46 -8.98 -8.29 -3.43
C GLU A 46 -7.49 -8.56 -3.62
N VAL A 47 -6.66 -7.96 -2.77
CA VAL A 47 -5.24 -8.15 -2.90
C VAL A 47 -4.55 -8.28 -1.54
N TYR A 48 -3.66 -9.26 -1.44
CA TYR A 48 -2.90 -9.51 -0.22
C TYR A 48 -1.50 -8.92 -0.40
N ILE A 49 -1.16 -7.93 0.42
CA ILE A 49 0.14 -7.28 0.33
C ILE A 49 1.14 -7.87 1.33
N LYS A 50 2.35 -8.14 0.85
CA LYS A 50 3.40 -8.69 1.69
C LYS A 50 4.72 -7.94 1.48
N SER A 51 5.24 -7.38 2.56
CA SER A 51 6.48 -6.63 2.51
C SER A 51 7.64 -7.53 2.97
N THR A 52 8.60 -7.74 2.08
CA THR A 52 9.77 -8.57 2.38
C THR A 52 9.40 -10.05 2.38
N GLU A 53 10.11 -10.82 1.55
CA GLU A 53 9.88 -12.28 1.43
C GLU A 53 9.52 -12.87 2.79
N THR A 54 10.30 -12.52 3.80
CA THR A 54 10.08 -12.98 5.16
C THR A 54 10.64 -11.95 6.14
N GLY A 55 9.77 -11.11 6.70
CA GLY A 55 10.23 -10.11 7.64
C GLY A 55 9.18 -9.08 8.02
N GLN A 56 8.40 -8.62 7.04
CA GLN A 56 7.37 -7.61 7.32
C GLN A 56 5.98 -8.12 6.97
N TYR A 57 4.98 -7.42 7.49
CA TYR A 57 3.58 -7.76 7.28
C TYR A 57 2.77 -6.49 7.08
N LEU A 58 2.39 -6.21 5.85
CA LEU A 58 1.62 -5.01 5.53
C LEU A 58 0.25 -5.07 6.20
N ALA A 59 0.04 -4.22 7.19
CA ALA A 59 -1.22 -4.16 7.91
C ALA A 59 -1.65 -2.72 8.12
N MET A 60 -2.91 -2.44 7.82
CA MET A 60 -3.44 -1.09 8.00
C MET A 60 -3.99 -0.91 9.41
N ASP A 61 -4.01 0.33 9.87
CA ASP A 61 -4.53 0.63 11.19
C ASP A 61 -6.00 1.00 11.09
N THR A 62 -6.80 0.47 12.01
CA THR A 62 -8.24 0.70 12.03
C THR A 62 -8.57 2.19 12.04
N ASP A 63 -7.81 2.99 12.79
CA ASP A 63 -8.09 4.42 12.87
C ASP A 63 -7.83 5.12 11.53
N GLY A 64 -6.56 5.23 11.15
CA GLY A 64 -6.24 5.89 9.90
C GLY A 64 -4.78 5.82 9.50
N LEU A 65 -4.05 4.82 10.00
CA LEU A 65 -2.64 4.65 9.68
C LEU A 65 -2.38 3.30 9.00
N LEU A 66 -1.13 3.05 8.65
CA LEU A 66 -0.73 1.80 8.00
C LEU A 66 0.68 1.42 8.44
N TYR A 67 0.95 0.13 8.58
CA TYR A 67 2.27 -0.33 8.99
C TYR A 67 2.61 -1.69 8.39
N GLY A 68 3.87 -2.08 8.51
CA GLY A 68 4.32 -3.37 7.98
C GLY A 68 4.85 -4.30 9.06
N SER A 69 4.59 -3.97 10.32
CA SER A 69 5.05 -4.77 11.44
C SER A 69 4.46 -6.18 11.38
N GLN A 70 5.32 -7.18 11.47
CA GLN A 70 4.90 -8.58 11.41
C GLN A 70 3.79 -8.87 12.43
N THR A 71 2.57 -9.01 11.94
CA THR A 71 1.41 -9.30 12.78
C THR A 71 0.24 -9.75 11.90
N PRO A 72 -0.02 -11.07 11.84
CA PRO A 72 -1.10 -11.63 11.03
C PRO A 72 -2.48 -11.14 11.47
N ASN A 73 -3.30 -10.73 10.51
CA ASN A 73 -4.65 -10.25 10.83
C ASN A 73 -5.45 -9.97 9.55
N GLU A 74 -6.77 -9.99 9.68
CA GLU A 74 -7.67 -9.75 8.56
C GLU A 74 -7.49 -8.34 7.99
N GLU A 75 -7.04 -7.41 8.83
CA GLU A 75 -6.84 -6.03 8.40
C GLU A 75 -5.93 -5.95 7.17
N CYS A 76 -5.23 -7.05 6.86
CA CYS A 76 -4.34 -7.10 5.69
C CYS A 76 -5.11 -7.26 4.38
N LEU A 77 -6.43 -7.49 4.45
CA LEU A 77 -7.25 -7.66 3.26
C LEU A 77 -7.58 -6.31 2.63
N PHE A 78 -6.97 -6.05 1.47
CA PHE A 78 -7.19 -4.79 0.76
C PHE A 78 -7.75 -5.03 -0.64
N LEU A 79 -8.32 -3.98 -1.22
CA LEU A 79 -8.89 -4.03 -2.56
C LEU A 79 -8.07 -3.13 -3.49
N GLU A 80 -7.52 -3.71 -4.56
CA GLU A 80 -6.71 -2.96 -5.52
C GLU A 80 -7.52 -2.64 -6.76
N ARG A 81 -7.75 -1.35 -7.01
CA ARG A 81 -8.50 -0.91 -8.18
C ARG A 81 -7.56 -0.16 -9.13
N LEU A 82 -7.17 -0.83 -10.21
CA LEU A 82 -6.28 -0.22 -11.18
C LEU A 82 -7.03 0.30 -12.40
N GLU A 83 -7.07 1.62 -12.56
CA GLU A 83 -7.75 2.23 -13.70
C GLU A 83 -6.89 2.10 -14.97
N GLU A 84 -5.58 1.87 -14.77
CA GLU A 84 -4.63 1.73 -15.87
C GLU A 84 -4.07 3.09 -16.29
N ASN A 85 -4.86 4.14 -16.08
CA ASN A 85 -4.43 5.50 -16.43
C ASN A 85 -3.30 5.96 -15.50
N HIS A 86 -2.16 5.28 -15.59
CA HIS A 86 -0.98 5.58 -14.78
C HIS A 86 -1.31 5.80 -13.30
N TYR A 87 -2.33 5.09 -12.80
CA TYR A 87 -2.71 5.22 -11.39
C TYR A 87 -3.72 4.15 -10.98
N ASN A 88 -3.79 3.90 -9.68
CA ASN A 88 -4.70 2.90 -9.12
C ASN A 88 -5.25 3.38 -7.78
N THR A 89 -6.28 2.72 -7.29
CA THR A 89 -6.89 3.08 -6.02
C THR A 89 -6.98 1.87 -5.08
N TYR A 90 -6.51 2.06 -3.85
CA TYR A 90 -6.54 1.01 -2.84
C TYR A 90 -7.59 1.33 -1.77
N ILE A 91 -8.41 0.34 -1.44
CA ILE A 91 -9.44 0.53 -0.42
C ILE A 91 -9.49 -0.66 0.53
N SER A 92 -9.87 -0.39 1.79
CA SER A 92 -9.97 -1.42 2.81
C SER A 92 -11.05 -2.44 2.46
N LYS A 93 -10.67 -3.71 2.34
CA LYS A 93 -11.62 -4.76 2.00
C LYS A 93 -12.49 -5.11 3.20
N LYS A 94 -11.84 -5.55 4.29
CA LYS A 94 -12.58 -5.93 5.50
C LYS A 94 -13.40 -4.76 6.06
N HIS A 95 -12.88 -3.54 5.90
CA HIS A 95 -13.58 -2.35 6.40
C HIS A 95 -14.46 -1.72 5.33
N ALA A 96 -15.06 -2.55 4.46
CA ALA A 96 -15.93 -2.06 3.40
C ALA A 96 -16.93 -1.04 3.95
N GLU A 97 -17.41 -1.30 5.16
CA GLU A 97 -18.37 -0.41 5.82
C GLU A 97 -17.84 1.01 5.92
N LYS A 98 -16.52 1.16 6.01
CA LYS A 98 -15.90 2.47 6.12
C LYS A 98 -14.59 2.50 5.32
N ASN A 99 -14.68 2.15 4.06
CA ASN A 99 -13.51 2.14 3.17
C ASN A 99 -13.05 3.58 2.91
N TRP A 100 -11.75 3.81 2.96
CA TRP A 100 -11.18 5.13 2.72
C TRP A 100 -9.91 5.03 1.87
N PHE A 101 -9.54 6.13 1.24
CA PHE A 101 -8.36 6.17 0.39
C PHE A 101 -7.10 6.36 1.23
N VAL A 102 -6.09 5.53 0.98
CA VAL A 102 -4.83 5.61 1.71
C VAL A 102 -4.00 6.83 1.26
N GLY A 103 -2.71 6.82 1.57
CA GLY A 103 -1.85 7.92 1.17
C GLY A 103 -0.82 8.26 2.23
N LEU A 104 0.44 8.32 1.82
CA LEU A 104 1.53 8.63 2.74
C LEU A 104 2.32 9.83 2.22
N LYS A 105 3.03 10.50 3.12
CA LYS A 105 3.84 11.66 2.76
C LYS A 105 5.32 11.31 2.82
N LYS A 106 6.10 11.86 1.90
CA LYS A 106 7.55 11.60 1.85
C LYS A 106 8.18 11.66 3.25
N ASN A 107 7.67 12.56 4.09
CA ASN A 107 8.17 12.71 5.46
C ASN A 107 7.95 11.42 6.28
N GLY A 108 6.99 10.60 5.86
CA GLY A 108 6.70 9.37 6.57
C GLY A 108 5.26 9.32 7.06
N SER A 109 4.76 10.47 7.48
CA SER A 109 3.39 10.57 7.99
C SER A 109 2.40 10.15 6.90
N CYS A 110 1.44 9.32 7.29
CA CYS A 110 0.41 8.84 6.37
C CYS A 110 -0.92 9.52 6.65
N LYS A 111 -1.82 9.55 5.67
CA LYS A 111 -3.12 10.17 5.83
C LYS A 111 -4.23 9.31 5.23
N ARG A 112 -4.91 8.56 6.08
CA ARG A 112 -6.01 7.68 5.65
C ARG A 112 -7.26 7.94 6.49
N GLY A 113 -7.11 7.92 7.81
CA GLY A 113 -8.24 8.13 8.70
C GLY A 113 -8.57 9.60 8.91
N PRO A 114 -7.66 10.37 9.55
CA PRO A 114 -7.87 11.80 9.81
C PRO A 114 -8.66 12.50 8.71
N ARG A 115 -8.19 12.37 7.48
CA ARG A 115 -8.85 12.98 6.33
C ARG A 115 -8.17 12.52 5.04
N THR A 116 -8.97 12.05 4.09
CA THR A 116 -8.46 11.58 2.83
C THR A 116 -9.46 11.84 1.71
N HIS A 117 -9.06 12.64 0.73
CA HIS A 117 -9.92 13.00 -0.40
C HIS A 117 -9.25 14.09 -1.22
N TYR A 118 -9.02 15.23 -0.58
CA TYR A 118 -8.38 16.36 -1.23
C TYR A 118 -6.92 16.02 -1.55
N GLY A 119 -6.43 16.55 -2.66
CA GLY A 119 -5.06 16.28 -3.06
C GLY A 119 -4.92 14.96 -3.78
N GLN A 120 -4.30 14.99 -4.95
CA GLN A 120 -4.09 13.80 -5.76
C GLN A 120 -3.58 12.62 -4.91
N LYS A 121 -2.84 12.94 -3.84
CA LYS A 121 -2.31 11.90 -2.95
C LYS A 121 -3.38 10.86 -2.59
N ALA A 122 -4.64 11.30 -2.53
CA ALA A 122 -5.74 10.39 -2.19
C ALA A 122 -6.12 9.47 -3.34
N ILE A 123 -5.72 9.78 -4.57
CA ILE A 123 -6.06 8.97 -5.73
C ILE A 123 -4.96 8.97 -6.79
N LEU A 124 -3.70 9.02 -6.37
CA LEU A 124 -2.59 9.04 -7.31
C LEU A 124 -1.49 8.06 -6.89
N PHE A 125 -1.81 6.76 -6.94
CA PHE A 125 -0.88 5.71 -6.58
C PHE A 125 -0.48 4.92 -7.82
N LEU A 126 0.83 4.77 -8.04
CA LEU A 126 1.32 4.04 -9.19
C LEU A 126 2.27 2.91 -8.76
N PRO A 127 1.76 1.67 -8.76
CA PRO A 127 2.54 0.49 -8.40
C PRO A 127 3.05 -0.26 -9.63
N LEU A 128 3.73 -1.39 -9.40
CA LEU A 128 4.24 -2.19 -10.50
C LEU A 128 3.14 -3.09 -11.04
N PRO A 129 3.07 -3.28 -12.37
CA PRO A 129 2.06 -4.11 -13.03
C PRO A 129 2.17 -5.59 -12.66
N VAL A 130 2.15 -5.88 -11.37
CA VAL A 130 2.24 -7.26 -10.88
C VAL A 130 1.16 -7.53 -9.84
N SER A 131 0.09 -8.17 -10.27
CA SER A 131 -1.03 -8.50 -9.41
C SER A 131 -1.72 -9.76 -9.91
N SER A 132 -2.71 -10.24 -9.15
CA SER A 132 -3.46 -11.42 -9.53
C SER A 132 -4.67 -11.02 -10.36
N ASP A 133 -4.49 -10.96 -11.68
CA ASP A 133 -5.56 -10.58 -12.59
C ASP A 133 -6.73 -11.54 -12.50
C1 IHP B . -2.84 17.69 4.42
C2 IHP B . -3.75 17.39 3.21
C3 IHP B . -3.34 18.30 2.03
C4 IHP B . -1.89 18.03 1.65
C5 IHP B . -0.97 18.32 2.84
C6 IHP B . -1.37 17.44 4.04
O11 IHP B . -3.17 16.86 5.53
P1 IHP B . -3.60 17.51 6.95
O21 IHP B . -4.75 18.45 6.85
O31 IHP B . -2.29 18.25 7.51
O41 IHP B . -3.89 16.30 7.95
O12 IHP B . -3.63 16.03 2.82
P2 IHP B . -4.91 15.05 2.84
O22 IHP B . -4.66 13.95 3.81
O32 IHP B . -6.17 15.93 3.26
O42 IHP B . -5.09 14.50 1.35
O13 IHP B . -4.17 18.03 0.90
P3 IHP B . -5.06 19.20 0.24
O23 IHP B . -4.34 20.49 0.35
O33 IHP B . -6.45 19.22 1.05
O43 IHP B . -5.34 18.83 -1.30
O14 IHP B . -1.49 18.89 0.57
P4 IHP B . -0.98 18.26 -0.82
O24 IHP B . -1.94 17.24 -1.31
O34 IHP B . 0.45 17.61 -0.47
O44 IHP B . -0.76 19.45 -1.87
O15 IHP B . 0.39 18.04 2.51
P5 IHP B . 1.50 19.20 2.60
O25 IHP B . 1.12 20.33 1.74
O35 IHP B . 1.57 19.64 4.16
O45 IHP B . 2.91 18.57 2.16
O16 IHP B . -0.51 17.73 5.14
P6 IHP B . 0.42 16.58 5.78
O26 IHP B . 1.24 17.10 6.92
O36 IHP B . 1.35 16.11 4.55
O46 IHP B . -0.52 15.37 6.25
H1 IHP B . -2.93 18.65 4.69
H2 IHP B . -4.69 17.57 3.47
H3 IHP B . -3.42 19.27 2.30
H4 IHP B . -1.79 17.07 1.39
H5 IHP B . -1.06 19.28 3.12
H6 IHP B . -1.29 16.48 3.76
N TYR A 1 2.42 -14.83 -10.59
CA TYR A 1 1.61 -13.81 -9.86
C TYR A 1 2.49 -12.99 -8.91
N LYS A 2 3.39 -13.65 -8.17
CA LYS A 2 4.24 -12.94 -7.21
C LYS A 2 5.52 -12.45 -7.88
N LYS A 3 5.76 -11.15 -7.75
CA LYS A 3 6.95 -10.53 -8.31
C LYS A 3 7.32 -9.29 -7.49
N PRO A 4 8.57 -8.82 -7.61
CA PRO A 4 9.04 -7.64 -6.88
C PRO A 4 8.23 -6.40 -7.22
N LYS A 5 7.19 -6.15 -6.43
CA LYS A 5 6.31 -5.00 -6.64
C LYS A 5 6.76 -3.81 -5.78
N LEU A 6 6.14 -2.65 -6.01
CA LEU A 6 6.44 -1.45 -5.26
C LEU A 6 5.21 -0.54 -5.25
N LEU A 7 5.22 0.46 -4.37
CA LEU A 7 4.11 1.40 -4.25
C LEU A 7 4.61 2.84 -4.41
N TYR A 8 4.53 3.34 -5.65
CA TYR A 8 4.98 4.68 -5.94
C TYR A 8 3.86 5.69 -5.72
N CYS A 9 4.16 6.76 -4.99
CA CYS A 9 3.19 7.80 -4.71
C CYS A 9 3.58 9.09 -5.44
N SER A 10 2.67 9.59 -6.26
CA SER A 10 2.93 10.80 -7.03
C SER A 10 2.89 12.06 -6.14
N ASN A 11 3.89 12.21 -5.29
CA ASN A 11 3.98 13.37 -4.41
C ASN A 11 5.38 13.98 -4.42
N GLY A 12 6.06 13.87 -5.56
CA GLY A 12 7.39 14.42 -5.69
C GLY A 12 8.45 13.61 -4.95
N GLY A 13 9.05 12.66 -5.64
CA GLY A 13 10.08 11.82 -5.03
C GLY A 13 9.86 10.36 -5.37
N HIS A 14 10.32 9.48 -4.49
CA HIS A 14 10.17 8.03 -4.68
C HIS A 14 9.57 7.41 -3.42
N PHE A 15 8.88 6.29 -3.56
CA PHE A 15 8.26 5.62 -2.42
C PHE A 15 8.36 4.10 -2.56
N LEU A 16 8.89 3.44 -1.53
CA LEU A 16 9.03 1.97 -1.54
C LEU A 16 9.80 1.46 -0.32
N ARG A 17 9.53 2.02 0.85
CA ARG A 17 10.22 1.59 2.07
C ARG A 17 9.27 1.55 3.26
N ILE A 18 9.40 0.48 4.04
CA ILE A 18 8.57 0.28 5.22
C ILE A 18 9.45 -0.06 6.42
N LEU A 19 9.23 0.61 7.54
CA LEU A 19 10.01 0.36 8.75
C LEU A 19 9.23 -0.51 9.72
N PRO A 20 9.86 -1.59 10.21
CA PRO A 20 9.23 -2.52 11.16
C PRO A 20 8.48 -1.79 12.27
N ASP A 21 9.00 -0.65 12.67
CA ASP A 21 8.39 0.17 13.72
C ASP A 21 6.92 0.45 13.39
N GLY A 22 6.58 0.43 12.10
CA GLY A 22 5.23 0.68 11.67
C GLY A 22 5.09 2.00 10.95
N THR A 23 5.88 2.16 9.88
CA THR A 23 5.84 3.38 9.09
C THR A 23 6.45 3.18 7.71
N VAL A 24 5.85 3.83 6.72
CA VAL A 24 6.32 3.78 5.34
C VAL A 24 6.74 5.17 4.91
N ASP A 25 7.85 5.28 4.17
CA ASP A 25 8.33 6.58 3.74
C ASP A 25 8.82 6.56 2.28
N GLY A 26 9.28 7.71 1.81
CA GLY A 26 9.74 7.84 0.45
C GLY A 26 11.19 7.39 0.28
N THR A 27 11.40 6.44 -0.62
CA THR A 27 12.72 5.90 -0.88
C THR A 27 12.85 5.53 -2.36
N ARG A 28 14.09 5.43 -2.85
CA ARG A 28 14.33 5.08 -4.24
C ARG A 28 15.05 3.74 -4.33
N ASP A 29 14.57 2.89 -5.24
CA ASP A 29 15.16 1.57 -5.45
C ASP A 29 14.82 1.08 -6.86
N ARG A 30 15.45 -0.01 -7.27
CA ARG A 30 15.23 -0.57 -8.59
C ARG A 30 13.89 -1.29 -8.65
N SER A 31 12.81 -0.52 -8.59
CA SER A 31 11.46 -1.08 -8.62
C SER A 31 11.32 -2.16 -7.56
N ASP A 32 11.73 -1.84 -6.33
CA ASP A 32 11.68 -2.79 -5.23
C ASP A 32 11.14 -2.13 -3.96
N GLN A 33 11.31 -2.78 -2.82
CA GLN A 33 10.86 -2.26 -1.54
C GLN A 33 11.92 -2.51 -0.47
N HIS A 34 11.52 -2.55 0.81
CA HIS A 34 12.44 -2.81 1.91
C HIS A 34 13.33 -4.02 1.59
N ILE A 35 12.75 -4.98 0.89
CA ILE A 35 13.46 -6.20 0.48
C ILE A 35 12.74 -6.80 -0.74
N GLN A 36 11.42 -6.85 -0.66
CA GLN A 36 10.58 -7.38 -1.73
C GLN A 36 9.12 -7.15 -1.39
N LEU A 37 8.40 -6.44 -2.25
CA LEU A 37 6.99 -6.17 -2.00
C LEU A 37 6.11 -7.15 -2.76
N GLN A 38 5.35 -7.95 -2.03
CA GLN A 38 4.46 -8.94 -2.63
C GLN A 38 3.01 -8.49 -2.49
N LEU A 39 2.37 -8.24 -3.63
CA LEU A 39 0.98 -7.80 -3.64
C LEU A 39 0.18 -8.68 -4.60
N SER A 40 -0.56 -9.64 -4.04
CA SER A 40 -1.37 -10.56 -4.84
C SER A 40 -1.99 -11.64 -3.92
N ALA A 41 -2.49 -12.72 -4.52
CA ALA A 41 -3.09 -13.84 -3.76
C ALA A 41 -4.46 -13.47 -3.20
N GLU A 42 -5.45 -13.42 -4.09
CA GLU A 42 -6.81 -13.10 -3.72
C GLU A 42 -7.75 -13.26 -4.91
N SER A 43 -9.03 -12.96 -4.71
CA SER A 43 -10.02 -13.07 -5.78
C SER A 43 -9.95 -11.82 -6.66
N VAL A 44 -10.32 -11.98 -7.94
CA VAL A 44 -10.31 -10.85 -8.88
C VAL A 44 -10.80 -9.57 -8.20
N GLY A 45 -9.88 -8.62 -8.03
CA GLY A 45 -10.22 -7.36 -7.39
C GLY A 45 -9.58 -7.22 -6.02
N GLU A 46 -9.53 -8.32 -5.28
CA GLU A 46 -8.94 -8.33 -3.94
C GLU A 46 -7.45 -8.63 -4.04
N VAL A 47 -6.67 -8.08 -3.11
CA VAL A 47 -5.23 -8.29 -3.13
C VAL A 47 -4.64 -8.33 -1.72
N TYR A 48 -3.63 -9.17 -1.54
CA TYR A 48 -2.94 -9.29 -0.26
C TYR A 48 -1.59 -8.61 -0.38
N ILE A 49 -1.25 -7.74 0.57
CA ILE A 49 0.00 -7.01 0.53
C ILE A 49 1.00 -7.50 1.57
N LYS A 50 2.10 -8.09 1.10
CA LYS A 50 3.14 -8.58 1.99
C LYS A 50 4.47 -7.88 1.69
N SER A 51 4.89 -7.01 2.58
CA SER A 51 6.15 -6.29 2.42
C SER A 51 7.30 -7.12 2.98
N THR A 52 8.30 -7.38 2.15
CA THR A 52 9.46 -8.17 2.54
C THR A 52 9.13 -9.66 2.49
N GLU A 53 10.03 -10.46 1.93
CA GLU A 53 9.82 -11.90 1.83
C GLU A 53 9.47 -12.48 3.20
N THR A 54 10.29 -12.15 4.20
CA THR A 54 10.08 -12.62 5.55
C THR A 54 10.61 -11.59 6.55
N GLY A 55 9.83 -11.32 7.60
CA GLY A 55 10.26 -10.36 8.61
C GLY A 55 9.34 -9.16 8.72
N GLN A 56 8.55 -8.90 7.69
CA GLN A 56 7.63 -7.77 7.70
C GLN A 56 6.22 -8.21 7.32
N TYR A 57 5.24 -7.39 7.66
CA TYR A 57 3.84 -7.68 7.37
C TYR A 57 3.06 -6.38 7.17
N LEU A 58 2.64 -6.13 5.95
CA LEU A 58 1.89 -4.92 5.63
C LEU A 58 0.48 -5.01 6.20
N ALA A 59 0.18 -4.18 7.18
CA ALA A 59 -1.13 -4.17 7.79
C ALA A 59 -1.60 -2.74 8.06
N MET A 60 -2.89 -2.52 7.95
CA MET A 60 -3.47 -1.20 8.19
C MET A 60 -4.06 -1.14 9.60
N ASP A 61 -4.02 0.04 10.21
CA ASP A 61 -4.57 0.21 11.54
C ASP A 61 -6.05 0.59 11.45
N THR A 62 -6.83 0.18 12.45
CA THR A 62 -8.25 0.47 12.47
C THR A 62 -8.54 1.97 12.40
N ASP A 63 -7.71 2.78 13.06
CA ASP A 63 -7.91 4.23 13.08
C ASP A 63 -7.72 4.83 11.69
N GLY A 64 -6.46 4.99 11.28
CA GLY A 64 -6.19 5.56 9.97
C GLY A 64 -4.73 5.52 9.58
N LEU A 65 -3.99 4.53 10.10
CA LEU A 65 -2.56 4.40 9.81
C LEU A 65 -2.26 3.06 9.14
N LEU A 66 -1.06 2.95 8.59
CA LEU A 66 -0.60 1.73 7.93
C LEU A 66 0.76 1.35 8.49
N TYR A 67 1.01 0.05 8.66
CA TYR A 67 2.29 -0.40 9.21
C TYR A 67 2.74 -1.71 8.57
N GLY A 68 4.01 -2.05 8.78
CA GLY A 68 4.56 -3.28 8.24
C GLY A 68 5.00 -4.26 9.34
N SER A 69 4.59 -4.00 10.58
CA SER A 69 4.95 -4.85 11.70
C SER A 69 4.28 -6.22 11.58
N GLN A 70 5.08 -7.27 11.64
CA GLN A 70 4.59 -8.65 11.53
C GLN A 70 3.39 -8.89 12.46
N THR A 71 2.20 -8.88 11.87
CA THR A 71 0.96 -9.10 12.62
C THR A 71 -0.13 -9.65 11.69
N PRO A 72 -0.18 -10.98 11.54
CA PRO A 72 -1.18 -11.64 10.67
C PRO A 72 -2.62 -11.31 11.08
N ASN A 73 -3.31 -10.55 10.23
CA ASN A 73 -4.69 -10.17 10.53
C ASN A 73 -5.45 -9.81 9.25
N GLU A 74 -6.78 -9.90 9.34
CA GLU A 74 -7.66 -9.60 8.21
C GLU A 74 -7.38 -8.22 7.62
N GLU A 75 -6.89 -7.31 8.46
CA GLU A 75 -6.57 -5.95 8.02
C GLU A 75 -5.65 -5.94 6.80
N CYS A 76 -4.97 -7.06 6.55
CA CYS A 76 -4.06 -7.17 5.41
C CYS A 76 -4.82 -7.36 4.08
N LEU A 77 -6.15 -7.54 4.15
CA LEU A 77 -6.96 -7.72 2.95
C LEU A 77 -7.33 -6.36 2.35
N PHE A 78 -6.70 -6.02 1.23
CA PHE A 78 -6.96 -4.75 0.57
C PHE A 78 -7.52 -4.96 -0.84
N LEU A 79 -8.16 -3.91 -1.35
CA LEU A 79 -8.73 -3.92 -2.70
C LEU A 79 -7.91 -2.98 -3.59
N GLU A 80 -7.26 -3.54 -4.61
CA GLU A 80 -6.45 -2.74 -5.52
C GLU A 80 -7.25 -2.41 -6.78
N ARG A 81 -7.79 -1.21 -6.83
CA ARG A 81 -8.58 -0.78 -7.98
C ARG A 81 -7.70 -0.01 -8.97
N LEU A 82 -7.20 -0.72 -9.96
CA LEU A 82 -6.33 -0.12 -10.97
C LEU A 82 -7.18 0.35 -12.17
N GLU A 83 -7.02 1.63 -12.53
CA GLU A 83 -7.78 2.19 -13.64
C GLU A 83 -6.93 2.24 -14.92
N GLU A 84 -5.65 1.84 -14.82
CA GLU A 84 -4.72 1.83 -15.96
C GLU A 84 -4.17 3.23 -16.24
N ASN A 85 -4.97 4.27 -15.98
CA ASN A 85 -4.55 5.66 -16.21
C ASN A 85 -3.41 6.06 -15.26
N HIS A 86 -2.27 5.38 -15.40
CA HIS A 86 -1.08 5.65 -14.59
C HIS A 86 -1.41 5.86 -13.11
N TYR A 87 -2.38 5.11 -12.59
CA TYR A 87 -2.75 5.24 -11.18
C TYR A 87 -3.83 4.22 -10.79
N ASN A 88 -3.93 3.96 -9.48
CA ASN A 88 -4.90 3.01 -8.95
C ASN A 88 -5.42 3.50 -7.61
N THR A 89 -6.46 2.84 -7.08
CA THR A 89 -7.03 3.20 -5.81
C THR A 89 -7.11 1.98 -4.87
N TYR A 90 -6.69 2.17 -3.62
CA TYR A 90 -6.69 1.09 -2.65
C TYR A 90 -7.75 1.32 -1.57
N ILE A 91 -8.49 0.26 -1.24
CA ILE A 91 -9.52 0.34 -0.21
C ILE A 91 -9.47 -0.91 0.68
N SER A 92 -9.90 -0.76 1.92
CA SER A 92 -9.88 -1.87 2.89
C SER A 92 -11.02 -2.86 2.63
N LYS A 93 -10.65 -4.11 2.37
CA LYS A 93 -11.64 -5.16 2.10
C LYS A 93 -12.51 -5.40 3.32
N LYS A 94 -11.87 -5.52 4.49
CA LYS A 94 -12.57 -5.78 5.74
C LYS A 94 -13.27 -4.51 6.28
N HIS A 95 -13.31 -3.43 5.51
CA HIS A 95 -13.95 -2.21 5.97
C HIS A 95 -14.71 -1.53 4.83
N ALA A 96 -15.50 -2.33 4.11
CA ALA A 96 -16.28 -1.82 2.99
C ALA A 96 -17.19 -0.68 3.45
N GLU A 97 -17.63 -0.74 4.70
CA GLU A 97 -18.51 0.29 5.26
C GLU A 97 -17.77 1.60 5.51
N LYS A 98 -16.43 1.55 5.52
CA LYS A 98 -15.62 2.74 5.75
C LYS A 98 -14.40 2.71 4.83
N ASN A 99 -14.59 3.12 3.58
CA ASN A 99 -13.51 3.14 2.60
C ASN A 99 -12.73 4.45 2.66
N TRP A 100 -11.52 4.37 3.19
CA TRP A 100 -10.64 5.54 3.30
C TRP A 100 -9.37 5.30 2.50
N PHE A 101 -9.24 6.04 1.38
CA PHE A 101 -8.08 5.92 0.51
C PHE A 101 -6.77 6.14 1.27
N VAL A 102 -5.77 5.33 0.95
CA VAL A 102 -4.46 5.42 1.57
C VAL A 102 -3.68 6.65 1.06
N GLY A 103 -2.35 6.53 0.98
CA GLY A 103 -1.53 7.63 0.52
C GLY A 103 -0.73 8.24 1.65
N LEU A 104 0.57 8.02 1.63
CA LEU A 104 1.44 8.53 2.66
C LEU A 104 2.15 9.80 2.19
N LYS A 105 2.97 10.37 3.06
CA LYS A 105 3.73 11.57 2.76
C LYS A 105 5.22 11.30 2.92
N LYS A 106 6.00 11.63 1.90
CA LYS A 106 7.45 11.42 1.92
C LYS A 106 8.07 11.82 3.26
N ASN A 107 7.46 12.80 3.93
CA ASN A 107 7.93 13.26 5.23
C ASN A 107 8.14 12.06 6.18
N GLY A 108 7.33 11.02 5.99
CA GLY A 108 7.43 9.84 6.82
C GLY A 108 6.17 9.58 7.62
N SER A 109 5.01 9.87 7.03
CA SER A 109 3.74 9.65 7.70
C SER A 109 2.65 9.31 6.68
N CYS A 110 1.58 8.67 7.17
CA CYS A 110 0.48 8.30 6.30
C CYS A 110 -0.74 9.17 6.59
N LYS A 111 -1.58 9.40 5.58
CA LYS A 111 -2.77 10.23 5.76
C LYS A 111 -3.99 9.56 5.17
N ARG A 112 -4.61 8.71 5.98
CA ARG A 112 -5.81 8.00 5.57
C ARG A 112 -6.95 8.29 6.56
N GLY A 113 -6.66 8.15 7.85
CA GLY A 113 -7.66 8.40 8.88
C GLY A 113 -8.00 9.88 9.03
N PRO A 114 -6.99 10.77 9.15
CA PRO A 114 -7.22 12.21 9.30
C PRO A 114 -8.32 12.74 8.39
N ARG A 115 -8.16 12.53 7.09
CA ARG A 115 -9.12 12.97 6.09
C ARG A 115 -8.53 12.79 4.69
N THR A 116 -8.81 11.65 4.10
CA THR A 116 -8.31 11.34 2.76
C THR A 116 -9.40 11.60 1.71
N HIS A 117 -9.01 12.27 0.62
CA HIS A 117 -9.93 12.62 -0.49
C HIS A 117 -9.38 13.81 -1.26
N TYR A 118 -9.08 14.89 -0.55
CA TYR A 118 -8.55 16.10 -1.17
C TYR A 118 -7.05 15.92 -1.41
N GLY A 119 -6.62 16.19 -2.64
CA GLY A 119 -5.22 16.03 -2.98
C GLY A 119 -4.98 14.70 -3.67
N GLN A 120 -4.47 14.76 -4.90
CA GLN A 120 -4.19 13.55 -5.68
C GLN A 120 -3.45 12.50 -4.87
N LYS A 121 -2.70 12.93 -3.86
CA LYS A 121 -1.95 12.01 -3.01
C LYS A 121 -2.83 10.86 -2.53
N ALA A 122 -4.13 11.13 -2.35
CA ALA A 122 -5.07 10.12 -1.88
C ALA A 122 -5.72 9.33 -3.02
N ILE A 123 -5.47 9.74 -4.26
CA ILE A 123 -6.06 9.07 -5.42
C ILE A 123 -5.09 9.04 -6.61
N LEU A 124 -3.80 8.81 -6.33
CA LEU A 124 -2.80 8.77 -7.39
C LEU A 124 -1.63 7.87 -6.99
N PHE A 125 -1.93 6.59 -6.77
CA PHE A 125 -0.93 5.61 -6.39
C PHE A 125 -0.45 4.85 -7.62
N LEU A 126 0.87 4.75 -7.79
CA LEU A 126 1.45 4.06 -8.93
C LEU A 126 2.18 2.78 -8.48
N PRO A 127 1.54 1.62 -8.65
CA PRO A 127 2.11 0.34 -8.29
C PRO A 127 2.70 -0.38 -9.50
N LEU A 128 3.25 -1.57 -9.29
CA LEU A 128 3.81 -2.35 -10.38
C LEU A 128 2.72 -3.17 -11.05
N PRO A 129 2.77 -3.31 -12.39
CA PRO A 129 1.77 -4.07 -13.15
C PRO A 129 1.50 -5.49 -12.60
N VAL A 130 2.43 -6.00 -11.81
CA VAL A 130 2.28 -7.33 -11.21
C VAL A 130 1.16 -7.33 -10.18
N SER A 131 0.03 -7.94 -10.54
CA SER A 131 -1.12 -8.03 -9.66
C SER A 131 -1.92 -9.30 -9.95
N SER A 132 -2.61 -9.81 -8.93
CA SER A 132 -3.43 -11.01 -9.08
C SER A 132 -4.68 -10.72 -9.90
N ASP A 133 -4.68 -11.17 -11.15
CA ASP A 133 -5.81 -10.96 -12.04
C ASP A 133 -6.96 -11.90 -11.69
C1 IHP B . -3.07 17.33 4.58
C2 IHP B . -3.81 17.05 3.27
C3 IHP B . -3.43 18.12 2.21
C4 IHP B . -1.92 18.05 1.95
C5 IHP B . -1.15 18.31 3.25
C6 IHP B . -1.55 17.29 4.32
O11 IHP B . -3.41 16.35 5.57
P1 IHP B . -4.06 16.77 6.99
O21 IHP B . -5.30 17.57 6.87
O31 IHP B . -2.92 17.58 7.77
O41 IHP B . -4.31 15.41 7.81
O12 IHP B . -3.51 15.77 2.76
P2 IHP B . -4.68 14.68 2.56
O22 IHP B . -4.46 13.55 3.50
O32 IHP B . -6.06 15.43 2.85
O42 IHP B . -4.59 14.22 1.03
O13 IHP B . -4.12 17.86 0.99
P3 IHP B . -5.08 18.97 0.33
O23 IHP B . -4.44 20.30 0.46
O33 IHP B . -6.46 18.89 1.14
O43 IHP B . -5.33 18.59 -1.20
O14 IHP B . -1.54 19.03 1.00
P4 IHP B . -0.83 18.61 -0.39
O24 IHP B . -1.85 18.13 -1.36
O34 IHP B . 0.20 17.44 0.02
O44 IHP B . 0.00 19.86 -0.95
O15 IHP B . 0.26 18.21 3.01
P5 IHP B . 1.25 19.45 3.27
O25 IHP B . 0.82 20.61 2.47
O35 IHP B . 1.17 19.78 4.86
O45 IHP B . 2.73 18.97 2.90
O16 IHP B . -0.83 17.55 5.53
P6 IHP B . 0.18 16.47 6.16
O26 IHP B . 0.82 16.98 7.41
O36 IHP B . 1.25 16.21 4.99
O46 IHP B . -0.65 15.13 6.44
H1 IHP B . -3.30 18.25 4.92
H2 IHP B . -4.79 17.10 3.43
H3 IHP B . -3.64 19.04 2.54
H4 IHP B . -1.69 17.13 1.63
H5 IHP B . -1.38 19.23 3.60
H6 IHP B . -1.34 16.37 3.97
N TYR A 1 2.75 -15.05 -10.68
CA TYR A 1 1.76 -14.02 -10.24
C TYR A 1 2.40 -13.00 -9.29
N LYS A 2 3.06 -13.48 -8.23
CA LYS A 2 3.67 -12.59 -7.25
C LYS A 2 5.11 -12.26 -7.64
N LYS A 3 5.40 -10.97 -7.70
CA LYS A 3 6.72 -10.49 -8.06
C LYS A 3 7.03 -9.21 -7.31
N PRO A 4 8.29 -8.78 -7.29
CA PRO A 4 8.72 -7.56 -6.59
C PRO A 4 7.95 -6.33 -7.06
N LYS A 5 6.84 -6.06 -6.39
CA LYS A 5 5.99 -4.92 -6.69
C LYS A 5 6.40 -3.72 -5.86
N LEU A 6 6.01 -2.53 -6.29
CA LEU A 6 6.35 -1.31 -5.56
C LEU A 6 5.12 -0.43 -5.39
N LEU A 7 5.17 0.49 -4.44
CA LEU A 7 4.07 1.40 -4.17
C LEU A 7 4.54 2.85 -4.34
N TYR A 8 4.39 3.37 -5.55
CA TYR A 8 4.83 4.72 -5.85
C TYR A 8 3.69 5.72 -5.66
N CYS A 9 4.00 6.84 -5.02
CA CYS A 9 3.01 7.89 -4.79
C CYS A 9 3.42 9.15 -5.54
N SER A 10 2.52 9.67 -6.37
CA SER A 10 2.80 10.86 -7.15
C SER A 10 2.68 12.12 -6.30
N ASN A 11 3.66 12.34 -5.43
CA ASN A 11 3.66 13.52 -4.57
C ASN A 11 5.08 14.05 -4.36
N GLY A 12 5.91 13.95 -5.39
CA GLY A 12 7.28 14.44 -5.31
C GLY A 12 8.22 13.45 -4.64
N GLY A 13 9.18 12.96 -5.41
CA GLY A 13 10.15 12.01 -4.88
C GLY A 13 9.81 10.57 -5.24
N HIS A 14 10.41 9.63 -4.52
CA HIS A 14 10.17 8.21 -4.76
C HIS A 14 9.66 7.55 -3.49
N PHE A 15 8.88 6.48 -3.63
CA PHE A 15 8.31 5.78 -2.46
C PHE A 15 8.48 4.28 -2.60
N LEU A 16 9.06 3.64 -1.58
CA LEU A 16 9.26 2.19 -1.59
C LEU A 16 10.09 1.74 -0.38
N ARG A 17 9.64 2.08 0.83
CA ARG A 17 10.34 1.69 2.04
C ARG A 17 9.36 1.52 3.20
N ILE A 18 9.69 0.61 4.11
CA ILE A 18 8.87 0.34 5.28
C ILE A 18 9.76 -0.02 6.47
N LEU A 19 9.47 0.58 7.62
CA LEU A 19 10.24 0.34 8.83
C LEU A 19 9.48 -0.62 9.75
N PRO A 20 10.16 -1.67 10.25
CA PRO A 20 9.56 -2.67 11.14
C PRO A 20 8.70 -2.05 12.23
N ASP A 21 9.15 -0.90 12.75
CA ASP A 21 8.42 -0.19 13.80
C ASP A 21 6.98 0.08 13.37
N GLY A 22 6.74 0.09 12.06
CA GLY A 22 5.42 0.33 11.55
C GLY A 22 5.32 1.70 10.91
N THR A 23 6.12 1.93 9.87
CA THR A 23 6.13 3.22 9.17
C THR A 23 6.59 3.06 7.73
N VAL A 24 5.97 3.80 6.82
CA VAL A 24 6.30 3.78 5.40
C VAL A 24 6.63 5.20 4.94
N ASP A 25 7.66 5.34 4.10
CA ASP A 25 8.06 6.66 3.62
C ASP A 25 8.68 6.59 2.22
N GLY A 26 9.22 7.72 1.76
CA GLY A 26 9.82 7.80 0.44
C GLY A 26 11.21 7.19 0.37
N THR A 27 11.49 6.52 -0.74
CA THR A 27 12.78 5.87 -0.94
C THR A 27 12.97 5.57 -2.43
N ARG A 28 14.21 5.31 -2.85
CA ARG A 28 14.51 5.01 -4.24
C ARG A 28 15.24 3.66 -4.35
N ASP A 29 14.76 2.81 -5.24
CA ASP A 29 15.38 1.50 -5.44
C ASP A 29 14.96 0.91 -6.79
N ARG A 30 15.32 -0.35 -7.04
CA ARG A 30 14.98 -1.00 -8.29
C ARG A 30 13.70 -1.81 -8.13
N SER A 31 12.58 -1.11 -8.05
CA SER A 31 11.26 -1.74 -7.89
C SER A 31 11.06 -2.23 -6.46
N ASP A 32 11.96 -3.07 -5.98
CA ASP A 32 11.88 -3.63 -4.63
C ASP A 32 11.78 -2.52 -3.58
N GLN A 33 10.91 -2.73 -2.60
CA GLN A 33 10.69 -1.77 -1.52
C GLN A 33 11.71 -1.97 -0.39
N HIS A 34 11.27 -2.45 0.79
CA HIS A 34 12.17 -2.68 1.91
C HIS A 34 13.13 -3.82 1.59
N ILE A 35 12.65 -4.73 0.76
CA ILE A 35 13.42 -5.89 0.33
C ILE A 35 12.78 -6.46 -0.93
N GLN A 36 11.46 -6.67 -0.85
CA GLN A 36 10.67 -7.20 -1.95
C GLN A 36 9.18 -7.12 -1.59
N LEU A 37 8.42 -6.32 -2.33
CA LEU A 37 7.00 -6.18 -2.05
C LEU A 37 6.19 -7.07 -2.98
N GLN A 38 5.18 -7.74 -2.43
CA GLN A 38 4.33 -8.64 -3.19
C GLN A 38 2.85 -8.28 -2.98
N LEU A 39 2.05 -8.54 -4.00
CA LEU A 39 0.62 -8.28 -3.95
C LEU A 39 -0.11 -9.21 -4.92
N SER A 40 -0.66 -10.30 -4.40
CA SER A 40 -1.37 -11.28 -5.22
C SER A 40 -2.00 -12.38 -4.38
N ALA A 41 -2.59 -13.38 -5.05
CA ALA A 41 -3.21 -14.55 -4.42
C ALA A 41 -4.71 -14.36 -4.20
N GLU A 42 -5.13 -13.16 -3.83
CA GLU A 42 -6.55 -12.89 -3.59
C GLU A 42 -7.33 -12.94 -4.92
N SER A 43 -8.66 -13.00 -4.82
CA SER A 43 -9.49 -13.08 -6.02
C SER A 43 -9.77 -11.69 -6.61
N VAL A 44 -10.22 -11.66 -7.86
CA VAL A 44 -10.53 -10.42 -8.57
C VAL A 44 -11.02 -9.32 -7.62
N GLY A 45 -10.25 -8.25 -7.53
CA GLY A 45 -10.61 -7.14 -6.67
C GLY A 45 -9.83 -7.14 -5.37
N GLU A 46 -9.76 -8.31 -4.74
CA GLU A 46 -9.06 -8.47 -3.47
C GLU A 46 -7.56 -8.46 -3.70
N VAL A 47 -6.82 -7.85 -2.77
CA VAL A 47 -5.38 -7.80 -2.88
C VAL A 47 -4.71 -7.95 -1.51
N TYR A 48 -3.72 -8.82 -1.44
CA TYR A 48 -2.97 -9.06 -0.22
C TYR A 48 -1.57 -8.47 -0.36
N ILE A 49 -1.26 -7.47 0.44
CA ILE A 49 0.03 -6.80 0.38
C ILE A 49 1.08 -7.47 1.26
N LYS A 50 2.23 -7.77 0.69
CA LYS A 50 3.31 -8.40 1.43
C LYS A 50 4.64 -7.68 1.19
N SER A 51 5.11 -6.97 2.21
CA SER A 51 6.36 -6.24 2.11
C SER A 51 7.50 -7.07 2.70
N THR A 52 8.35 -7.61 1.83
CA THR A 52 9.48 -8.45 2.21
C THR A 52 9.05 -9.91 2.31
N GLU A 53 9.80 -10.79 1.65
CA GLU A 53 9.48 -12.22 1.65
C GLU A 53 9.25 -12.74 3.07
N THR A 54 10.12 -12.33 4.00
CA THR A 54 10.00 -12.76 5.38
C THR A 54 10.59 -11.71 6.33
N GLY A 55 10.05 -11.63 7.54
CA GLY A 55 10.54 -10.68 8.53
C GLY A 55 9.72 -9.40 8.59
N GLN A 56 8.76 -9.24 7.69
CA GLN A 56 7.92 -8.04 7.65
C GLN A 56 6.49 -8.40 7.24
N TYR A 57 5.54 -7.59 7.70
CA TYR A 57 4.13 -7.81 7.39
C TYR A 57 3.41 -6.47 7.26
N LEU A 58 2.61 -6.31 6.21
CA LEU A 58 1.88 -5.07 5.97
C LEU A 58 0.49 -5.15 6.56
N ALA A 59 0.12 -4.17 7.37
CA ALA A 59 -1.19 -4.13 7.99
C ALA A 59 -1.70 -2.69 8.14
N MET A 60 -3.01 -2.53 8.12
CA MET A 60 -3.63 -1.23 8.27
C MET A 60 -4.29 -1.12 9.64
N ASP A 61 -4.00 -0.05 10.35
CA ASP A 61 -4.57 0.17 11.68
C ASP A 61 -6.06 0.41 11.56
N THR A 62 -6.83 -0.06 12.55
CA THR A 62 -8.27 0.11 12.56
C THR A 62 -8.65 1.60 12.52
N ASP A 63 -7.81 2.45 13.09
CA ASP A 63 -8.08 3.89 13.11
C ASP A 63 -7.99 4.49 11.71
N GLY A 64 -6.81 4.98 11.34
CA GLY A 64 -6.66 5.58 10.02
C GLY A 64 -5.21 5.62 9.56
N LEU A 65 -4.45 4.57 9.87
CA LEU A 65 -3.04 4.51 9.51
C LEU A 65 -2.68 3.13 8.92
N LEU A 66 -1.62 3.10 8.13
CA LEU A 66 -1.12 1.86 7.53
C LEU A 66 0.34 1.68 7.93
N TYR A 67 0.73 0.47 8.28
CA TYR A 67 2.11 0.23 8.71
C TYR A 67 2.59 -1.19 8.42
N GLY A 68 3.89 -1.41 8.64
CA GLY A 68 4.48 -2.70 8.43
C GLY A 68 5.01 -3.28 9.72
N SER A 69 4.40 -4.36 10.18
CA SER A 69 4.81 -5.02 11.41
C SER A 69 4.30 -6.46 11.41
N GLN A 70 5.11 -7.37 11.91
CA GLN A 70 4.74 -8.78 11.94
C GLN A 70 3.46 -8.99 12.76
N THR A 71 2.33 -9.00 12.07
CA THR A 71 1.04 -9.19 12.73
C THR A 71 0.01 -9.69 11.73
N PRO A 72 -0.18 -11.03 11.65
CA PRO A 72 -1.15 -11.64 10.74
C PRO A 72 -2.59 -11.33 11.17
N ASN A 73 -3.39 -10.81 10.25
CA ASN A 73 -4.78 -10.47 10.57
C ASN A 73 -5.55 -10.06 9.32
N GLU A 74 -6.88 -10.12 9.41
CA GLU A 74 -7.76 -9.77 8.30
C GLU A 74 -7.46 -8.36 7.79
N GLU A 75 -6.98 -7.50 8.69
CA GLU A 75 -6.66 -6.11 8.35
C GLU A 75 -5.73 -6.03 7.13
N CYS A 76 -5.08 -7.14 6.79
CA CYS A 76 -4.20 -7.20 5.64
C CYS A 76 -4.99 -7.31 4.32
N LEU A 77 -6.31 -7.48 4.41
CA LEU A 77 -7.14 -7.59 3.23
C LEU A 77 -7.43 -6.22 2.63
N PHE A 78 -6.80 -5.92 1.50
CA PHE A 78 -6.99 -4.64 0.84
C PHE A 78 -7.66 -4.82 -0.52
N LEU A 79 -8.12 -3.71 -1.08
CA LEU A 79 -8.76 -3.70 -2.39
C LEU A 79 -8.00 -2.78 -3.34
N GLU A 80 -7.42 -3.35 -4.39
CA GLU A 80 -6.64 -2.58 -5.35
C GLU A 80 -7.46 -2.32 -6.62
N ARG A 81 -7.81 -1.06 -6.83
CA ARG A 81 -8.57 -0.68 -8.00
C ARG A 81 -7.70 0.13 -8.96
N LEU A 82 -7.10 -0.57 -9.91
CA LEU A 82 -6.23 0.06 -10.90
C LEU A 82 -7.01 0.43 -12.15
N GLU A 83 -7.13 1.74 -12.40
CA GLU A 83 -7.85 2.22 -13.57
C GLU A 83 -7.06 1.84 -14.82
N GLU A 84 -5.75 2.12 -14.77
CA GLU A 84 -4.78 1.83 -15.85
C GLU A 84 -4.01 3.10 -16.23
N ASN A 85 -4.69 4.24 -16.18
CA ASN A 85 -4.07 5.53 -16.51
C ASN A 85 -3.00 5.91 -15.48
N HIS A 86 -1.91 5.12 -15.46
CA HIS A 86 -0.78 5.34 -14.56
C HIS A 86 -1.21 5.66 -13.13
N TYR A 87 -2.33 5.09 -12.68
CA TYR A 87 -2.81 5.32 -11.32
C TYR A 87 -3.84 4.28 -10.90
N ASN A 88 -3.89 4.01 -9.61
CA ASN A 88 -4.82 3.05 -9.04
C ASN A 88 -5.38 3.58 -7.72
N THR A 89 -6.27 2.82 -7.10
CA THR A 89 -6.87 3.22 -5.83
C THR A 89 -6.92 2.04 -4.86
N TYR A 90 -6.40 2.26 -3.66
CA TYR A 90 -6.38 1.23 -2.64
C TYR A 90 -7.39 1.55 -1.54
N ILE A 91 -8.34 0.64 -1.34
CA ILE A 91 -9.37 0.83 -0.32
C ILE A 91 -9.40 -0.36 0.63
N SER A 92 -9.94 -0.14 1.82
CA SER A 92 -10.04 -1.17 2.84
C SER A 92 -11.07 -2.22 2.43
N LYS A 93 -10.62 -3.46 2.28
CA LYS A 93 -11.51 -4.55 1.89
C LYS A 93 -12.40 -4.97 3.07
N LYS A 94 -11.77 -5.46 4.13
CA LYS A 94 -12.51 -5.90 5.32
C LYS A 94 -13.37 -4.77 5.89
N HIS A 95 -12.81 -3.56 5.91
CA HIS A 95 -13.52 -2.41 6.45
C HIS A 95 -14.27 -1.67 5.35
N ALA A 96 -14.97 -2.41 4.49
CA ALA A 96 -15.73 -1.83 3.38
C ALA A 96 -16.62 -0.68 3.87
N GLU A 97 -17.13 -0.80 5.10
CA GLU A 97 -17.98 0.23 5.68
C GLU A 97 -17.27 1.59 5.72
N LYS A 98 -15.94 1.55 5.82
CA LYS A 98 -15.13 2.76 5.89
C LYS A 98 -13.97 2.67 4.90
N ASN A 99 -14.30 2.52 3.62
CA ASN A 99 -13.31 2.40 2.57
C ASN A 99 -12.61 3.74 2.31
N TRP A 100 -11.66 4.07 3.17
CA TRP A 100 -10.91 5.32 3.04
C TRP A 100 -9.62 5.11 2.25
N PHE A 101 -9.47 5.85 1.16
CA PHE A 101 -8.28 5.76 0.31
C PHE A 101 -7.02 6.02 1.13
N VAL A 102 -5.98 5.24 0.83
CA VAL A 102 -4.69 5.36 1.53
C VAL A 102 -3.94 6.62 1.09
N GLY A 103 -2.61 6.62 1.31
CA GLY A 103 -1.81 7.76 0.92
C GLY A 103 -0.86 8.20 2.04
N LEU A 104 0.42 8.30 1.72
CA LEU A 104 1.42 8.71 2.70
C LEU A 104 2.20 9.92 2.20
N LYS A 105 2.87 10.60 3.12
CA LYS A 105 3.66 11.77 2.78
C LYS A 105 5.14 11.44 2.87
N LYS A 106 5.90 11.82 1.84
CA LYS A 106 7.33 11.56 1.78
C LYS A 106 8.02 11.78 3.13
N ASN A 107 7.57 12.81 3.84
CA ASN A 107 8.10 13.15 5.17
C ASN A 107 8.17 11.91 6.08
N GLY A 108 7.25 10.97 5.86
CA GLY A 108 7.23 9.76 6.66
C GLY A 108 5.98 9.67 7.52
N SER A 109 4.82 9.80 6.89
CA SER A 109 3.55 9.73 7.59
C SER A 109 2.43 9.36 6.63
N CYS A 110 1.52 8.50 7.07
CA CYS A 110 0.39 8.07 6.25
C CYS A 110 -0.84 8.92 6.58
N LYS A 111 -1.61 9.29 5.56
CA LYS A 111 -2.80 10.10 5.76
C LYS A 111 -4.03 9.43 5.15
N ARG A 112 -4.69 8.63 5.97
CA ARG A 112 -5.91 7.93 5.56
C ARG A 112 -7.06 8.33 6.48
N GLY A 113 -6.83 8.20 7.77
CA GLY A 113 -7.83 8.55 8.77
C GLY A 113 -8.07 10.05 8.88
N PRO A 114 -6.99 10.87 9.02
CA PRO A 114 -7.11 12.32 9.16
C PRO A 114 -8.15 12.91 8.20
N ARG A 115 -7.99 12.63 6.91
CA ARG A 115 -8.90 13.13 5.89
C ARG A 115 -8.42 12.74 4.49
N THR A 116 -9.10 11.76 3.89
CA THR A 116 -8.76 11.32 2.54
C THR A 116 -9.83 11.78 1.56
N HIS A 117 -9.44 12.58 0.57
CA HIS A 117 -10.38 13.10 -0.43
C HIS A 117 -9.67 14.06 -1.38
N TYR A 118 -9.10 15.12 -0.81
CA TYR A 118 -8.39 16.12 -1.59
C TYR A 118 -6.92 15.78 -1.71
N GLY A 119 -6.28 16.33 -2.73
CA GLY A 119 -4.88 16.08 -2.94
C GLY A 119 -4.62 14.78 -3.69
N GLN A 120 -3.80 14.87 -4.73
CA GLN A 120 -3.46 13.70 -5.55
C GLN A 120 -3.19 12.47 -4.69
N LYS A 121 -2.53 12.68 -3.55
CA LYS A 121 -2.20 11.59 -2.63
C LYS A 121 -3.42 10.74 -2.29
N ALA A 122 -4.61 11.33 -2.36
CA ALA A 122 -5.84 10.63 -2.04
C ALA A 122 -6.28 9.69 -3.16
N ILE A 123 -5.93 10.01 -4.41
CA ILE A 123 -6.32 9.18 -5.55
C ILE A 123 -5.25 9.20 -6.65
N LEU A 124 -4.01 8.89 -6.28
CA LEU A 124 -2.93 8.86 -7.26
C LEU A 124 -1.76 7.98 -6.80
N PHE A 125 -1.98 6.66 -6.85
CA PHE A 125 -0.96 5.70 -6.45
C PHE A 125 -0.48 4.92 -7.69
N LEU A 126 0.84 4.79 -7.82
CA LEU A 126 1.42 4.08 -8.96
C LEU A 126 2.16 2.82 -8.49
N PRO A 127 1.55 1.64 -8.71
CA PRO A 127 2.13 0.37 -8.33
C PRO A 127 2.75 -0.36 -9.53
N LEU A 128 3.37 -1.50 -9.26
CA LEU A 128 3.98 -2.28 -10.33
C LEU A 128 2.97 -3.27 -10.90
N PRO A 129 2.95 -3.45 -12.23
CA PRO A 129 2.01 -4.35 -12.89
C PRO A 129 1.84 -5.70 -12.18
N VAL A 130 2.98 -6.31 -11.81
CA VAL A 130 2.99 -7.60 -11.12
C VAL A 130 1.93 -7.68 -10.02
N SER A 131 0.79 -8.28 -10.35
CA SER A 131 -0.31 -8.42 -9.42
C SER A 131 -1.18 -9.62 -9.82
N SER A 132 -2.24 -9.89 -9.05
CA SER A 132 -3.14 -11.00 -9.36
C SER A 132 -4.29 -10.53 -10.25
N ASP A 133 -4.56 -11.29 -11.30
CA ASP A 133 -5.63 -10.98 -12.23
C ASP A 133 -6.93 -11.58 -11.72
C1 IHP B . -2.98 17.39 4.45
C2 IHP B . -3.79 17.11 3.16
C3 IHP B . -3.45 18.17 2.09
C4 IHP B . -1.95 18.09 1.76
C5 IHP B . -1.12 18.36 3.03
C6 IHP B . -1.48 17.34 4.11
O11 IHP B . -3.27 16.40 5.44
P1 IHP B . -3.85 16.85 6.89
O21 IHP B . -5.09 17.65 6.82
O31 IHP B . -2.67 17.65 7.61
O41 IHP B . -4.07 15.50 7.74
O12 IHP B . -3.52 15.82 2.65
P2 IHP B . -4.69 14.73 2.53
O22 IHP B . -4.42 13.60 3.46
O32 IHP B . -6.06 15.48 2.89
O42 IHP B . -4.71 14.27 1.00
O13 IHP B . -4.20 17.92 0.90
P3 IHP B . -5.19 19.02 0.29
O23 IHP B . -4.58 20.36 0.44
O33 IHP B . -6.56 18.88 1.11
O43 IHP B . -5.44 18.67 -1.26
O14 IHP B . -1.61 19.08 0.79
P4 IHP B . -0.97 18.65 -0.63
O24 IHP B . -2.04 18.34 -1.60
O34 IHP B . -0.07 17.37 -0.28
O44 IHP B . -0.01 19.84 -1.14
O15 IHP B . 0.27 18.25 2.72
P5 IHP B . 1.25 19.50 2.96
O25 IHP B . 0.79 20.67 2.19
O35 IHP B . 1.24 19.80 4.55
O45 IHP B . 2.72 19.03 2.51
O16 IHP B . -0.70 17.60 5.29
P6 IHP B . 0.35 16.51 5.85
O26 IHP B . 1.05 16.99 7.08
O36 IHP B . 1.36 16.28 4.63
O46 IHP B . -0.46 15.15 6.12
H1 IHP B . -3.19 18.31 4.79
H2 IHP B . -4.76 17.16 3.39
H3 IHP B . -3.65 19.09 2.44
H4 IHP B . -1.74 17.18 1.44
H5 IHP B . -1.34 19.27 3.38
H6 IHP B . -1.28 16.41 3.75
N TYR A 1 2.50 -14.55 -10.34
CA TYR A 1 1.75 -13.52 -9.57
C TYR A 1 2.65 -12.77 -8.59
N LYS A 2 3.51 -13.50 -7.87
CA LYS A 2 4.41 -12.88 -6.91
C LYS A 2 5.69 -12.39 -7.58
N LYS A 3 5.91 -11.09 -7.52
CA LYS A 3 7.09 -10.47 -8.11
C LYS A 3 7.42 -9.19 -7.35
N PRO A 4 8.68 -8.72 -7.44
CA PRO A 4 9.12 -7.50 -6.78
C PRO A 4 8.27 -6.30 -7.17
N LYS A 5 7.24 -6.03 -6.36
CA LYS A 5 6.33 -4.92 -6.61
C LYS A 5 6.74 -3.71 -5.77
N LEU A 6 6.27 -2.53 -6.16
CA LEU A 6 6.56 -1.30 -5.43
C LEU A 6 5.31 -0.43 -5.37
N LEU A 7 5.27 0.50 -4.41
CA LEU A 7 4.14 1.39 -4.24
C LEU A 7 4.60 2.84 -4.40
N TYR A 8 4.57 3.32 -5.63
CA TYR A 8 4.99 4.68 -5.93
C TYR A 8 3.80 5.64 -5.82
N CYS A 9 4.06 6.81 -5.24
CA CYS A 9 3.02 7.82 -5.07
C CYS A 9 3.45 9.12 -5.76
N SER A 10 2.63 9.59 -6.69
CA SER A 10 2.93 10.83 -7.40
C SER A 10 2.77 12.04 -6.49
N ASN A 11 3.67 12.16 -5.51
CA ASN A 11 3.64 13.27 -4.59
C ASN A 11 5.05 13.78 -4.29
N GLY A 12 5.91 13.72 -5.31
CA GLY A 12 7.28 14.18 -5.15
C GLY A 12 8.16 13.16 -4.48
N GLY A 13 9.32 12.89 -5.07
CA GLY A 13 10.25 11.94 -4.51
C GLY A 13 9.93 10.52 -4.95
N HIS A 14 10.40 9.55 -4.17
CA HIS A 14 10.18 8.14 -4.46
C HIS A 14 9.57 7.45 -3.23
N PHE A 15 8.79 6.39 -3.43
CA PHE A 15 8.16 5.70 -2.32
C PHE A 15 8.25 4.18 -2.50
N LEU A 16 8.74 3.49 -1.47
CA LEU A 16 8.87 2.03 -1.51
C LEU A 16 9.66 1.48 -0.31
N ARG A 17 9.39 1.99 0.89
CA ARG A 17 10.09 1.52 2.07
C ARG A 17 9.17 1.49 3.29
N ILE A 18 9.32 0.43 4.08
CA ILE A 18 8.53 0.25 5.28
C ILE A 18 9.42 -0.15 6.46
N LEU A 19 9.25 0.53 7.57
CA LEU A 19 10.04 0.26 8.77
C LEU A 19 9.32 -0.76 9.65
N PRO A 20 10.03 -1.81 10.10
CA PRO A 20 9.44 -2.87 10.94
C PRO A 20 8.63 -2.32 12.11
N ASP A 21 9.10 -1.21 12.67
CA ASP A 21 8.42 -0.56 13.79
C ASP A 21 6.97 -0.23 13.42
N GLY A 22 6.73 -0.01 12.13
CA GLY A 22 5.39 0.31 11.66
C GLY A 22 5.31 1.70 11.06
N THR A 23 6.10 1.93 10.01
CA THR A 23 6.11 3.23 9.33
C THR A 23 6.61 3.10 7.90
N VAL A 24 5.91 3.74 6.97
CA VAL A 24 6.29 3.72 5.56
C VAL A 24 6.78 5.11 5.15
N ASP A 25 7.89 5.17 4.41
CA ASP A 25 8.45 6.45 3.99
C ASP A 25 8.87 6.43 2.51
N GLY A 26 9.47 7.54 2.07
CA GLY A 26 9.90 7.66 0.69
C GLY A 26 11.27 7.08 0.46
N THR A 27 11.43 6.33 -0.62
CA THR A 27 12.68 5.70 -0.97
C THR A 27 12.71 5.36 -2.46
N ARG A 28 13.90 5.18 -3.02
CA ARG A 28 14.04 4.87 -4.43
C ARG A 28 14.77 3.54 -4.62
N ASP A 29 14.25 2.70 -5.51
CA ASP A 29 14.84 1.41 -5.81
C ASP A 29 14.29 0.88 -7.13
N ARG A 30 14.95 -0.11 -7.71
CA ARG A 30 14.54 -0.69 -8.98
C ARG A 30 13.35 -1.62 -8.77
N SER A 31 12.14 -1.04 -8.76
CA SER A 31 10.92 -1.81 -8.57
C SER A 31 11.07 -2.73 -7.37
N ASP A 32 11.62 -2.17 -6.29
CA ASP A 32 11.86 -2.94 -5.07
C ASP A 32 11.33 -2.18 -3.85
N GLN A 33 11.62 -2.71 -2.68
CA GLN A 33 11.19 -2.09 -1.43
C GLN A 33 12.32 -2.14 -0.41
N HIS A 34 12.02 -1.87 0.86
CA HIS A 34 13.04 -1.94 1.90
C HIS A 34 13.83 -3.23 1.77
N ILE A 35 13.14 -4.28 1.30
CA ILE A 35 13.73 -5.60 1.06
C ILE A 35 13.05 -6.26 -0.14
N GLN A 36 11.71 -6.17 -0.16
CA GLN A 36 10.90 -6.72 -1.25
C GLN A 36 9.43 -6.39 -0.99
N LEU A 37 8.59 -6.47 -2.01
CA LEU A 37 7.17 -6.19 -1.85
C LEU A 37 6.33 -7.16 -2.70
N GLN A 38 5.43 -7.88 -2.05
CA GLN A 38 4.57 -8.83 -2.73
C GLN A 38 3.11 -8.44 -2.58
N LEU A 39 2.37 -8.47 -3.68
CA LEU A 39 0.95 -8.12 -3.67
C LEU A 39 0.20 -9.05 -4.62
N SER A 40 -0.53 -10.00 -4.06
CA SER A 40 -1.28 -10.97 -4.86
C SER A 40 -1.88 -12.06 -3.98
N ALA A 41 -2.44 -13.09 -4.62
CA ALA A 41 -3.04 -14.23 -3.91
C ALA A 41 -4.43 -13.91 -3.37
N GLU A 42 -5.30 -13.41 -4.25
CA GLU A 42 -6.66 -13.08 -3.87
C GLU A 42 -7.57 -13.12 -5.10
N SER A 43 -8.87 -12.99 -4.87
CA SER A 43 -9.85 -13.02 -5.95
C SER A 43 -9.87 -11.70 -6.70
N VAL A 44 -10.17 -11.75 -8.00
CA VAL A 44 -10.23 -10.54 -8.83
C VAL A 44 -10.77 -9.34 -8.05
N GLY A 45 -9.88 -8.40 -7.75
CA GLY A 45 -10.26 -7.23 -7.00
C GLY A 45 -9.60 -7.20 -5.63
N GLU A 46 -9.73 -8.30 -4.90
CA GLU A 46 -9.14 -8.42 -3.58
C GLU A 46 -7.64 -8.63 -3.71
N VAL A 47 -6.86 -8.02 -2.83
CA VAL A 47 -5.41 -8.16 -2.90
C VAL A 47 -4.77 -8.23 -1.51
N TYR A 48 -3.76 -9.09 -1.40
CA TYR A 48 -3.02 -9.27 -0.16
C TYR A 48 -1.63 -8.65 -0.32
N ILE A 49 -1.33 -7.63 0.48
CA ILE A 49 -0.05 -6.94 0.39
C ILE A 49 0.93 -7.47 1.43
N LYS A 50 2.06 -7.97 0.97
CA LYS A 50 3.09 -8.51 1.84
C LYS A 50 4.44 -7.85 1.57
N SER A 51 4.95 -7.13 2.56
CA SER A 51 6.23 -6.46 2.42
C SER A 51 7.35 -7.41 2.85
N THR A 52 8.39 -7.49 2.03
CA THR A 52 9.53 -8.36 2.30
C THR A 52 9.13 -9.83 2.15
N GLU A 53 10.09 -10.67 1.77
CA GLU A 53 9.85 -12.10 1.59
C GLU A 53 9.39 -12.71 2.90
N THR A 54 10.04 -12.33 3.99
CA THR A 54 9.70 -12.84 5.31
C THR A 54 9.99 -11.79 6.38
N GLY A 55 9.33 -11.91 7.54
CA GLY A 55 9.55 -10.98 8.63
C GLY A 55 8.57 -9.82 8.64
N GLN A 56 8.50 -9.10 7.52
CA GLN A 56 7.61 -7.95 7.42
C GLN A 56 6.16 -8.37 7.18
N TYR A 57 5.24 -7.45 7.51
CA TYR A 57 3.81 -7.69 7.34
C TYR A 57 3.09 -6.35 7.27
N LEU A 58 2.50 -6.05 6.11
CA LEU A 58 1.79 -4.79 5.92
C LEU A 58 0.39 -4.87 6.53
N ALA A 59 0.16 -4.09 7.59
CA ALA A 59 -1.13 -4.08 8.26
C ALA A 59 -1.66 -2.65 8.40
N MET A 60 -2.96 -2.50 8.33
CA MET A 60 -3.59 -1.18 8.45
C MET A 60 -4.12 -0.94 9.86
N ASP A 61 -4.08 0.31 10.29
CA ASP A 61 -4.57 0.71 11.61
C ASP A 61 -6.01 1.19 11.49
N THR A 62 -6.81 0.88 12.51
CA THR A 62 -8.22 1.28 12.54
C THR A 62 -8.39 2.77 12.24
N ASP A 63 -7.51 3.61 12.79
CA ASP A 63 -7.57 5.05 12.58
C ASP A 63 -7.40 5.38 11.11
N GLY A 64 -6.35 4.84 10.51
CA GLY A 64 -6.08 5.09 9.11
C GLY A 64 -4.59 5.19 8.83
N LEU A 65 -3.83 4.22 9.31
CA LEU A 65 -2.39 4.20 9.12
C LEU A 65 -1.95 2.81 8.65
N LEU A 66 -1.01 2.76 7.71
CA LEU A 66 -0.49 1.50 7.21
C LEU A 66 0.88 1.25 7.82
N TYR A 67 1.02 0.13 8.52
CA TYR A 67 2.28 -0.21 9.19
C TYR A 67 2.78 -1.60 8.80
N GLY A 68 4.09 -1.75 8.78
CA GLY A 68 4.69 -3.03 8.44
C GLY A 68 5.19 -3.74 9.69
N SER A 69 4.29 -4.43 10.36
CA SER A 69 4.64 -5.16 11.57
C SER A 69 4.05 -6.57 11.52
N GLN A 70 4.88 -7.55 11.87
CA GLN A 70 4.46 -8.95 11.85
C GLN A 70 3.22 -9.18 12.69
N THR A 71 2.05 -9.17 12.05
CA THR A 71 0.79 -9.39 12.72
C THR A 71 -0.24 -9.97 11.75
N PRO A 72 -0.30 -11.31 11.62
CA PRO A 72 -1.24 -12.00 10.73
C PRO A 72 -2.68 -11.64 11.08
N ASN A 73 -3.34 -10.89 10.20
CA ASN A 73 -4.72 -10.49 10.45
C ASN A 73 -5.43 -10.07 9.17
N GLU A 74 -6.75 -10.10 9.19
CA GLU A 74 -7.58 -9.73 8.05
C GLU A 74 -7.30 -8.29 7.60
N GLU A 75 -6.80 -7.47 8.54
CA GLU A 75 -6.48 -6.08 8.26
C GLU A 75 -5.61 -5.95 7.00
N CYS A 76 -4.93 -7.04 6.62
CA CYS A 76 -4.06 -7.06 5.44
C CYS A 76 -4.87 -7.18 4.13
N LEU A 77 -6.19 -7.36 4.23
CA LEU A 77 -7.02 -7.49 3.04
C LEU A 77 -7.39 -6.13 2.45
N PHE A 78 -6.79 -5.80 1.32
CA PHE A 78 -7.04 -4.52 0.66
C PHE A 78 -7.57 -4.74 -0.75
N LEU A 79 -8.07 -3.67 -1.35
CA LEU A 79 -8.62 -3.71 -2.70
C LEU A 79 -7.73 -2.88 -3.64
N GLU A 80 -7.13 -3.55 -4.62
CA GLU A 80 -6.26 -2.87 -5.59
C GLU A 80 -7.07 -2.45 -6.82
N ARG A 81 -7.50 -1.19 -6.83
CA ARG A 81 -8.30 -0.69 -7.94
C ARG A 81 -7.43 0.08 -8.94
N LEU A 82 -6.94 -0.64 -9.95
CA LEU A 82 -6.12 -0.04 -10.98
C LEU A 82 -6.98 0.43 -12.15
N GLU A 83 -6.90 1.72 -12.48
CA GLU A 83 -7.70 2.27 -13.58
C GLU A 83 -6.87 2.46 -14.86
N GLU A 84 -5.72 1.79 -14.93
CA GLU A 84 -4.84 1.86 -16.10
C GLU A 84 -4.18 3.23 -16.27
N ASN A 85 -4.97 4.31 -16.17
CA ASN A 85 -4.45 5.67 -16.34
C ASN A 85 -3.41 6.02 -15.26
N HIS A 86 -2.28 5.31 -15.31
CA HIS A 86 -1.17 5.52 -14.38
C HIS A 86 -1.61 5.82 -12.95
N TYR A 87 -2.70 5.21 -12.51
CA TYR A 87 -3.20 5.44 -11.17
C TYR A 87 -4.12 4.31 -10.70
N ASN A 88 -4.14 4.08 -9.40
CA ASN A 88 -4.96 3.05 -8.80
C ASN A 88 -5.43 3.51 -7.42
N THR A 89 -6.50 2.91 -6.94
CA THR A 89 -7.04 3.25 -5.63
C THR A 89 -6.99 2.04 -4.69
N TYR A 90 -6.33 2.24 -3.54
CA TYR A 90 -6.21 1.19 -2.55
C TYR A 90 -7.17 1.45 -1.39
N ILE A 91 -8.14 0.56 -1.22
CA ILE A 91 -9.12 0.70 -0.14
C ILE A 91 -9.17 -0.55 0.72
N SER A 92 -9.55 -0.38 1.99
CA SER A 92 -9.64 -1.49 2.93
C SER A 92 -10.77 -2.45 2.52
N LYS A 93 -10.45 -3.72 2.36
CA LYS A 93 -11.45 -4.72 1.98
C LYS A 93 -12.33 -5.07 3.17
N LYS A 94 -11.71 -5.66 4.20
CA LYS A 94 -12.44 -6.06 5.41
C LYS A 94 -13.26 -4.90 5.97
N HIS A 95 -12.71 -3.69 5.92
CA HIS A 95 -13.38 -2.51 6.45
C HIS A 95 -14.12 -1.75 5.35
N ALA A 96 -14.72 -2.47 4.41
CA ALA A 96 -15.46 -1.85 3.30
C ALA A 96 -16.38 -0.73 3.80
N GLU A 97 -17.03 -0.95 4.95
CA GLU A 97 -17.93 0.05 5.53
C GLU A 97 -17.23 1.41 5.65
N LYS A 98 -15.91 1.41 5.75
CA LYS A 98 -15.14 2.63 5.85
C LYS A 98 -13.98 2.57 4.86
N ASN A 99 -14.32 2.22 3.61
CA ASN A 99 -13.34 2.11 2.53
C ASN A 99 -12.74 3.47 2.16
N TRP A 100 -11.89 3.98 3.04
CA TRP A 100 -11.23 5.26 2.81
C TRP A 100 -9.91 5.07 2.06
N PHE A 101 -9.59 6.03 1.20
CA PHE A 101 -8.37 5.96 0.40
C PHE A 101 -7.13 6.19 1.26
N VAL A 102 -6.13 5.33 1.08
CA VAL A 102 -4.88 5.41 1.82
C VAL A 102 -4.00 6.55 1.28
N GLY A 103 -2.68 6.33 1.22
CA GLY A 103 -1.79 7.36 0.68
C GLY A 103 -0.93 7.99 1.76
N LEU A 104 0.38 7.79 1.66
CA LEU A 104 1.33 8.33 2.61
C LEU A 104 2.01 9.59 2.04
N LYS A 105 2.80 10.26 2.89
CA LYS A 105 3.50 11.47 2.48
C LYS A 105 5.01 11.28 2.61
N LYS A 106 5.76 11.82 1.66
CA LYS A 106 7.22 11.70 1.66
C LYS A 106 7.80 12.02 3.03
N ASN A 107 7.17 12.96 3.75
CA ASN A 107 7.62 13.34 5.10
C ASN A 107 7.80 12.10 5.99
N GLY A 108 7.07 11.04 5.68
CA GLY A 108 7.16 9.82 6.47
C GLY A 108 5.94 9.65 7.35
N SER A 109 4.77 9.91 6.78
CA SER A 109 3.51 9.79 7.50
C SER A 109 2.39 9.46 6.52
N CYS A 110 1.36 8.76 7.00
CA CYS A 110 0.23 8.39 6.17
C CYS A 110 -1.02 9.13 6.61
N LYS A 111 -1.86 9.52 5.66
CA LYS A 111 -3.08 10.24 5.98
C LYS A 111 -4.30 9.53 5.45
N ARG A 112 -4.88 8.68 6.29
CA ARG A 112 -6.10 7.94 5.96
C ARG A 112 -7.19 8.28 6.97
N GLY A 113 -6.81 8.42 8.24
CA GLY A 113 -7.75 8.76 9.28
C GLY A 113 -8.12 10.23 9.27
N PRO A 114 -7.13 11.14 9.37
CA PRO A 114 -7.37 12.59 9.39
C PRO A 114 -8.38 13.04 8.34
N ARG A 115 -8.16 12.62 7.09
CA ARG A 115 -9.05 12.98 5.99
C ARG A 115 -8.48 12.49 4.67
N THR A 116 -9.34 11.97 3.80
CA THR A 116 -8.91 11.48 2.50
C THR A 116 -9.93 11.87 1.42
N HIS A 117 -9.44 12.59 0.41
CA HIS A 117 -10.27 13.07 -0.70
C HIS A 117 -9.51 14.14 -1.48
N TYR A 118 -9.20 15.24 -0.79
CA TYR A 118 -8.46 16.34 -1.40
C TYR A 118 -6.99 15.97 -1.56
N GLY A 119 -6.40 16.35 -2.68
CA GLY A 119 -5.00 16.05 -2.91
C GLY A 119 -4.81 14.74 -3.65
N GLN A 120 -4.11 14.80 -4.78
CA GLN A 120 -3.86 13.62 -5.61
C GLN A 120 -3.31 12.45 -4.76
N LYS A 121 -2.61 12.77 -3.67
CA LYS A 121 -2.04 11.74 -2.79
C LYS A 121 -3.10 10.74 -2.34
N ALA A 122 -4.38 11.13 -2.41
CA ALA A 122 -5.46 10.24 -2.00
C ALA A 122 -5.95 9.36 -3.16
N ILE A 123 -5.69 9.78 -4.39
CA ILE A 123 -6.13 9.02 -5.56
C ILE A 123 -5.10 9.10 -6.70
N LEU A 124 -3.84 8.80 -6.38
CA LEU A 124 -2.78 8.83 -7.39
C LEU A 124 -1.61 7.93 -6.98
N PHE A 125 -1.89 6.64 -6.88
CA PHE A 125 -0.87 5.66 -6.51
C PHE A 125 -0.41 4.89 -7.75
N LEU A 126 0.90 4.74 -7.90
CA LEU A 126 1.46 4.05 -9.06
C LEU A 126 2.32 2.86 -8.62
N PRO A 127 1.73 1.67 -8.52
CA PRO A 127 2.43 0.45 -8.14
C PRO A 127 2.80 -0.38 -9.37
N LEU A 128 3.62 -1.40 -9.16
CA LEU A 128 4.04 -2.26 -10.27
C LEU A 128 2.83 -3.02 -10.83
N PRO A 129 2.72 -3.11 -12.17
CA PRO A 129 1.60 -3.79 -12.83
C PRO A 129 1.28 -5.16 -12.23
N VAL A 130 2.32 -5.88 -11.82
CA VAL A 130 2.14 -7.21 -11.23
C VAL A 130 0.97 -7.22 -10.26
N SER A 131 -0.02 -8.04 -10.57
CA SER A 131 -1.21 -8.16 -9.74
C SER A 131 -1.93 -9.48 -10.01
N SER A 132 -2.84 -9.87 -9.12
CA SER A 132 -3.60 -11.10 -9.30
C SER A 132 -4.88 -10.82 -10.08
N ASP A 133 -4.71 -10.47 -11.36
CA ASP A 133 -5.85 -10.16 -12.23
C ASP A 133 -6.87 -11.29 -12.20
C1 IHP B . -2.69 17.19 4.23
C2 IHP B . -3.51 17.03 2.95
C3 IHP B . -3.11 18.12 1.93
C4 IHP B . -1.62 17.97 1.59
C5 IHP B . -0.77 18.12 2.86
C6 IHP B . -1.19 17.07 3.91
O11 IHP B . -3.04 16.18 5.19
P1 IHP B . -3.61 16.57 6.66
O21 IHP B . -4.80 17.45 6.62
O31 IHP B . -2.38 17.27 7.42
O41 IHP B . -3.90 15.20 7.42
O12 IHP B . -3.31 15.75 2.38
P2 IHP B . -4.54 14.73 2.20
O22 IHP B . -4.46 13.66 3.21
O32 IHP B . -5.89 15.59 2.36
O42 IHP B . -4.44 14.17 0.71
O13 IHP B . -3.87 17.96 0.73
P3 IHP B . -4.81 19.16 0.18
O23 IHP B . -4.07 20.44 0.31
O33 IHP B . -6.14 19.12 1.07
O43 IHP B . -5.17 18.85 -1.35
O14 IHP B . -1.23 18.98 0.65
P4 IHP B . -0.63 18.57 -0.79
O24 IHP B . -1.72 18.60 -1.80
O34 IHP B . -0.02 17.10 -0.60
O44 IHP B . 0.55 19.60 -1.15
O15 IHP B . 0.60 17.94 2.55
P5 IHP B . 1.68 19.10 2.83
O25 IHP B . 1.30 20.33 2.09
O35 IHP B . 1.70 19.35 4.42
O45 IHP B . 3.12 18.55 2.36
O16 IHP B . -0.39 17.23 5.08
P6 IHP B . 0.59 16.07 5.61
O26 IHP B . 1.32 16.47 6.84
O36 IHP B . 1.60 15.85 4.37
O46 IHP B . -0.27 14.75 5.82
H1 IHP B . -2.84 18.11 4.63
H2 IHP B . -4.48 17.13 3.18
H3 IHP B . -3.25 19.03 2.32
H4 IHP B . -1.47 17.04 1.21
H5 IHP B . -0.93 19.03 3.26
H6 IHP B . -1.05 16.16 3.49
N TYR A 1 2.58 -13.88 -10.93
CA TYR A 1 1.95 -13.03 -9.89
C TYR A 1 2.93 -12.73 -8.75
N LYS A 2 3.65 -13.75 -8.27
CA LYS A 2 4.60 -13.57 -7.17
C LYS A 2 5.89 -12.92 -7.67
N LYS A 3 5.89 -11.60 -7.75
CA LYS A 3 7.06 -10.85 -8.22
C LYS A 3 7.25 -9.57 -7.39
N PRO A 4 8.46 -8.98 -7.44
CA PRO A 4 8.78 -7.76 -6.68
C PRO A 4 7.93 -6.57 -7.14
N LYS A 5 7.13 -6.04 -6.24
CA LYS A 5 6.27 -4.90 -6.52
C LYS A 5 6.68 -3.69 -5.67
N LEU A 6 6.19 -2.51 -6.05
CA LEU A 6 6.49 -1.29 -5.31
C LEU A 6 5.27 -0.37 -5.32
N LEU A 7 5.20 0.57 -4.39
CA LEU A 7 4.08 1.49 -4.29
C LEU A 7 4.55 2.93 -4.47
N TYR A 8 4.53 3.40 -5.71
CA TYR A 8 4.97 4.76 -6.03
C TYR A 8 3.82 5.75 -5.84
N CYS A 9 4.06 6.75 -4.99
CA CYS A 9 3.06 7.76 -4.73
C CYS A 9 3.38 9.04 -5.49
N SER A 10 2.42 9.55 -6.26
CA SER A 10 2.63 10.75 -7.04
C SER A 10 2.64 11.99 -6.14
N ASN A 11 3.78 12.22 -5.48
CA ASN A 11 3.93 13.37 -4.60
C ASN A 11 5.36 13.93 -4.64
N GLY A 12 6.01 13.80 -5.79
CA GLY A 12 7.37 14.29 -5.94
C GLY A 12 8.38 13.49 -5.13
N GLY A 13 9.12 12.63 -5.82
CA GLY A 13 10.12 11.82 -5.15
C GLY A 13 9.90 10.34 -5.42
N HIS A 14 10.51 9.49 -4.60
CA HIS A 14 10.38 8.04 -4.76
C HIS A 14 9.85 7.45 -3.46
N PHE A 15 8.92 6.49 -3.56
CA PHE A 15 8.33 5.87 -2.37
C PHE A 15 8.41 4.35 -2.43
N LEU A 16 8.90 3.74 -1.35
CA LEU A 16 9.01 2.28 -1.26
C LEU A 16 9.82 1.85 -0.03
N ARG A 17 9.67 2.56 1.09
CA ARG A 17 10.40 2.22 2.30
C ARG A 17 9.45 1.95 3.47
N ILE A 18 9.60 0.77 4.06
CA ILE A 18 8.78 0.37 5.21
C ILE A 18 9.69 -0.07 6.36
N LEU A 19 9.43 0.45 7.55
CA LEU A 19 10.23 0.13 8.73
C LEU A 19 9.49 -0.82 9.68
N PRO A 20 10.21 -1.78 10.27
CA PRO A 20 9.64 -2.76 11.20
C PRO A 20 8.83 -2.11 12.32
N ASP A 21 9.26 -0.92 12.73
CA ASP A 21 8.58 -0.17 13.78
C ASP A 21 7.10 0.02 13.44
N GLY A 22 6.78 -0.03 12.16
CA GLY A 22 5.41 0.13 11.71
C GLY A 22 5.20 1.45 11.02
N THR A 23 5.99 1.73 9.98
CA THR A 23 5.87 2.97 9.23
C THR A 23 6.42 2.82 7.82
N VAL A 24 5.75 3.45 6.85
CA VAL A 24 6.18 3.42 5.46
C VAL A 24 6.37 4.84 4.94
N ASP A 25 7.38 5.05 4.11
CA ASP A 25 7.65 6.39 3.56
C ASP A 25 8.45 6.32 2.24
N GLY A 26 9.02 7.46 1.85
CA GLY A 26 9.77 7.56 0.62
C GLY A 26 11.07 6.77 0.62
N THR A 27 11.62 6.57 -0.58
CA THR A 27 12.87 5.85 -0.82
C THR A 27 12.94 5.46 -2.30
N ARG A 28 14.15 5.23 -2.82
CA ARG A 28 14.30 4.87 -4.23
C ARG A 28 14.95 3.49 -4.39
N ASP A 29 14.42 2.70 -5.32
CA ASP A 29 14.93 1.36 -5.60
C ASP A 29 14.43 0.89 -6.96
N ARG A 30 15.07 -0.13 -7.51
CA ARG A 30 14.69 -0.65 -8.81
C ARG A 30 13.46 -1.54 -8.69
N SER A 31 12.28 -0.92 -8.64
CA SER A 31 11.02 -1.65 -8.51
C SER A 31 11.09 -2.58 -7.30
N ASP A 32 11.46 -2.01 -6.15
CA ASP A 32 11.58 -2.77 -4.92
C ASP A 32 10.97 -2.00 -3.75
N GLN A 33 11.24 -2.46 -2.54
CA GLN A 33 10.72 -1.82 -1.33
C GLN A 33 11.76 -1.92 -0.20
N HIS A 34 11.37 -2.46 0.96
CA HIS A 34 12.29 -2.62 2.07
C HIS A 34 13.20 -3.83 1.81
N ILE A 35 12.70 -4.77 1.01
CA ILE A 35 13.42 -5.99 0.65
C ILE A 35 12.77 -6.66 -0.57
N GLN A 36 11.44 -6.67 -0.58
CA GLN A 36 10.67 -7.24 -1.68
C GLN A 36 9.17 -7.15 -1.37
N LEU A 37 8.46 -6.28 -2.10
CA LEU A 37 7.04 -6.11 -1.88
C LEU A 37 6.25 -7.07 -2.77
N GLN A 38 5.37 -7.85 -2.15
CA GLN A 38 4.54 -8.82 -2.87
C GLN A 38 3.06 -8.46 -2.73
N LEU A 39 2.32 -8.57 -3.83
CA LEU A 39 0.89 -8.28 -3.82
C LEU A 39 0.17 -9.20 -4.79
N SER A 40 -0.54 -10.20 -4.25
CA SER A 40 -1.28 -11.15 -5.06
C SER A 40 -1.88 -12.27 -4.18
N ALA A 41 -2.46 -13.28 -4.84
CA ALA A 41 -3.06 -14.45 -4.17
C ALA A 41 -4.56 -14.30 -3.94
N GLU A 42 -5.06 -13.06 -3.91
CA GLU A 42 -6.48 -12.82 -3.71
C GLU A 42 -7.26 -12.92 -5.03
N SER A 43 -8.56 -12.65 -4.99
CA SER A 43 -9.41 -12.74 -6.17
C SER A 43 -9.31 -11.49 -7.05
N VAL A 44 -10.08 -11.46 -8.14
CA VAL A 44 -10.08 -10.34 -9.07
C VAL A 44 -10.65 -9.08 -8.41
N GLY A 45 -9.84 -8.46 -7.57
CA GLY A 45 -10.22 -7.25 -6.86
C GLY A 45 -9.51 -7.15 -5.54
N GLU A 46 -9.65 -8.19 -4.73
CA GLU A 46 -9.00 -8.24 -3.44
C GLU A 46 -7.50 -8.42 -3.63
N VAL A 47 -6.71 -7.81 -2.75
CA VAL A 47 -5.28 -7.93 -2.86
C VAL A 47 -4.62 -8.04 -1.49
N TYR A 48 -3.59 -8.88 -1.41
CA TYR A 48 -2.85 -9.08 -0.18
C TYR A 48 -1.47 -8.46 -0.33
N ILE A 49 -1.18 -7.45 0.49
CA ILE A 49 0.10 -6.75 0.43
C ILE A 49 1.12 -7.34 1.40
N LYS A 50 2.14 -8.00 0.86
CA LYS A 50 3.19 -8.59 1.66
C LYS A 50 4.51 -7.85 1.46
N SER A 51 4.88 -7.04 2.43
CA SER A 51 6.12 -6.28 2.37
C SER A 51 7.28 -7.15 2.87
N THR A 52 8.22 -7.44 1.98
CA THR A 52 9.38 -8.27 2.31
C THR A 52 9.00 -9.74 2.28
N GLU A 53 9.91 -10.59 1.80
CA GLU A 53 9.64 -12.02 1.72
C GLU A 53 9.28 -12.56 3.10
N THR A 54 10.11 -12.24 4.10
CA THR A 54 9.88 -12.68 5.47
C THR A 54 10.35 -11.63 6.48
N GLY A 55 9.73 -11.60 7.65
CA GLY A 55 10.13 -10.64 8.68
C GLY A 55 9.20 -9.45 8.77
N GLN A 56 8.69 -8.98 7.63
CA GLN A 56 7.80 -7.83 7.58
C GLN A 56 6.36 -8.27 7.31
N TYR A 57 5.42 -7.35 7.48
CA TYR A 57 4.00 -7.63 7.26
C TYR A 57 3.22 -6.32 7.17
N LEU A 58 2.59 -6.09 6.03
CA LEU A 58 1.82 -4.86 5.82
C LEU A 58 0.44 -4.97 6.46
N ALA A 59 0.16 -4.09 7.41
CA ALA A 59 -1.12 -4.08 8.10
C ALA A 59 -1.66 -2.65 8.23
N MET A 60 -2.99 -2.54 8.27
CA MET A 60 -3.65 -1.26 8.39
C MET A 60 -4.21 -1.07 9.79
N ASP A 61 -4.02 0.12 10.35
CA ASP A 61 -4.53 0.42 11.68
C ASP A 61 -5.96 0.97 11.58
N THR A 62 -6.80 0.54 12.51
CA THR A 62 -8.20 0.96 12.53
C THR A 62 -8.35 2.48 12.58
N ASP A 63 -7.42 3.17 13.23
CA ASP A 63 -7.48 4.63 13.34
C ASP A 63 -7.34 5.30 11.97
N GLY A 64 -6.49 4.75 11.11
CA GLY A 64 -6.32 5.31 9.78
C GLY A 64 -4.87 5.46 9.38
N LEU A 65 -4.08 4.41 9.58
CA LEU A 65 -2.67 4.41 9.22
C LEU A 65 -2.25 3.01 8.79
N LEU A 66 -1.26 2.91 7.92
CA LEU A 66 -0.76 1.63 7.44
C LEU A 66 0.66 1.42 7.95
N TYR A 67 0.96 0.20 8.41
CA TYR A 67 2.29 -0.09 8.94
C TYR A 67 2.79 -1.47 8.52
N GLY A 68 4.07 -1.70 8.76
CA GLY A 68 4.69 -2.96 8.43
C GLY A 68 5.23 -3.66 9.66
N SER A 69 4.44 -4.57 10.22
CA SER A 69 4.84 -5.31 11.41
C SER A 69 4.19 -6.70 11.40
N GLN A 70 4.98 -7.71 11.76
CA GLN A 70 4.49 -9.09 11.80
C GLN A 70 3.25 -9.23 12.67
N THR A 71 2.09 -9.20 12.04
CA THR A 71 0.82 -9.33 12.73
C THR A 71 -0.26 -9.80 11.75
N PRO A 72 -0.34 -11.11 11.51
CA PRO A 72 -1.32 -11.70 10.58
C PRO A 72 -2.76 -11.47 11.03
N ASN A 73 -3.51 -10.68 10.27
CA ASN A 73 -4.91 -10.40 10.61
C ASN A 73 -5.68 -9.89 9.39
N GLU A 74 -7.01 -9.96 9.48
CA GLU A 74 -7.90 -9.54 8.39
C GLU A 74 -7.53 -8.16 7.85
N GLU A 75 -7.01 -7.30 8.71
CA GLU A 75 -6.62 -5.93 8.31
C GLU A 75 -5.75 -5.93 7.05
N CYS A 76 -5.07 -7.03 6.76
CA CYS A 76 -4.21 -7.12 5.58
C CYS A 76 -5.02 -7.31 4.29
N LEU A 77 -6.34 -7.47 4.39
CA LEU A 77 -7.19 -7.65 3.21
C LEU A 77 -7.55 -6.31 2.58
N PHE A 78 -6.90 -5.99 1.47
CA PHE A 78 -7.13 -4.73 0.77
C PHE A 78 -7.70 -4.97 -0.63
N LEU A 79 -8.22 -3.91 -1.22
CA LEU A 79 -8.79 -3.95 -2.57
C LEU A 79 -7.97 -3.03 -3.48
N GLU A 80 -7.42 -3.59 -4.55
CA GLU A 80 -6.60 -2.81 -5.49
C GLU A 80 -7.38 -2.54 -6.77
N ARG A 81 -7.81 -1.30 -6.95
CA ARG A 81 -8.54 -0.92 -8.14
C ARG A 81 -7.62 -0.14 -9.09
N LEU A 82 -7.18 -0.81 -10.15
CA LEU A 82 -6.28 -0.21 -11.11
C LEU A 82 -7.04 0.36 -12.31
N GLU A 83 -7.09 1.69 -12.39
CA GLU A 83 -7.77 2.35 -13.49
C GLU A 83 -6.95 2.18 -14.78
N GLU A 84 -5.65 1.92 -14.59
CA GLU A 84 -4.70 1.71 -15.70
C GLU A 84 -4.06 3.02 -16.13
N ASN A 85 -4.81 4.13 -16.03
CA ASN A 85 -4.29 5.44 -16.40
C ASN A 85 -3.19 5.88 -15.44
N HIS A 86 -2.04 5.20 -15.53
CA HIS A 86 -0.87 5.50 -14.71
C HIS A 86 -1.22 5.73 -13.24
N TYR A 87 -2.22 5.01 -12.73
CA TYR A 87 -2.62 5.15 -11.33
C TYR A 87 -3.71 4.13 -10.96
N ASN A 88 -3.88 3.92 -9.65
CA ASN A 88 -4.87 2.99 -9.13
C ASN A 88 -5.44 3.49 -7.80
N THR A 89 -6.40 2.76 -7.25
CA THR A 89 -7.02 3.11 -5.98
C THR A 89 -7.01 1.93 -5.01
N TYR A 90 -6.57 2.18 -3.78
CA TYR A 90 -6.51 1.14 -2.76
C TYR A 90 -7.54 1.39 -1.66
N ILE A 91 -8.30 0.37 -1.31
CA ILE A 91 -9.30 0.46 -0.26
C ILE A 91 -9.31 -0.80 0.60
N SER A 92 -9.70 -0.68 1.86
CA SER A 92 -9.75 -1.81 2.78
C SER A 92 -10.95 -2.71 2.47
N LYS A 93 -10.70 -4.03 2.48
CA LYS A 93 -11.77 -4.99 2.19
C LYS A 93 -12.63 -5.22 3.44
N LYS A 94 -12.01 -5.71 4.50
CA LYS A 94 -12.72 -5.98 5.76
C LYS A 94 -13.46 -4.74 6.26
N HIS A 95 -12.89 -3.56 6.03
CA HIS A 95 -13.51 -2.32 6.49
C HIS A 95 -14.26 -1.62 5.37
N ALA A 96 -14.83 -2.38 4.44
CA ALA A 96 -15.57 -1.82 3.32
C ALA A 96 -16.54 -0.73 3.78
N GLU A 97 -17.15 -0.93 4.95
CA GLU A 97 -18.10 0.03 5.51
C GLU A 97 -17.45 1.42 5.66
N LYS A 98 -16.12 1.45 5.80
CA LYS A 98 -15.39 2.70 5.95
C LYS A 98 -14.31 2.80 4.86
N ASN A 99 -14.75 2.93 3.61
CA ASN A 99 -13.83 3.04 2.49
C ASN A 99 -13.09 4.38 2.50
N TRP A 100 -11.82 4.33 2.88
CA TRP A 100 -10.99 5.53 2.92
C TRP A 100 -9.66 5.28 2.20
N PHE A 101 -9.44 6.03 1.13
CA PHE A 101 -8.23 5.89 0.33
C PHE A 101 -6.97 6.13 1.16
N VAL A 102 -5.95 5.32 0.94
CA VAL A 102 -4.69 5.44 1.67
C VAL A 102 -3.87 6.65 1.20
N GLY A 103 -2.56 6.64 1.43
CA GLY A 103 -1.72 7.74 1.02
C GLY A 103 -0.72 8.11 2.09
N LEU A 104 0.56 8.12 1.73
CA LEU A 104 1.61 8.47 2.67
C LEU A 104 2.38 9.69 2.17
N LYS A 105 2.88 10.50 3.11
CA LYS A 105 3.64 11.68 2.77
C LYS A 105 5.13 11.41 2.95
N LYS A 106 5.91 11.70 1.90
CA LYS A 106 7.35 11.48 1.92
C LYS A 106 7.98 12.00 3.22
N ASN A 107 7.33 12.99 3.85
CA ASN A 107 7.80 13.54 5.12
C ASN A 107 8.05 12.43 6.15
N GLY A 108 7.35 11.31 6.00
CA GLY A 108 7.51 10.20 6.92
C GLY A 108 6.23 9.83 7.65
N SER A 109 5.11 10.39 7.24
CA SER A 109 3.82 10.12 7.86
C SER A 109 2.76 9.83 6.80
N CYS A 110 1.83 8.93 7.12
CA CYS A 110 0.76 8.57 6.19
C CYS A 110 -0.52 9.32 6.54
N LYS A 111 -1.47 9.38 5.60
CA LYS A 111 -2.73 10.06 5.83
C LYS A 111 -3.90 9.30 5.22
N ARG A 112 -4.56 8.49 6.06
CA ARG A 112 -5.71 7.72 5.65
C ARG A 112 -6.93 8.11 6.49
N GLY A 113 -6.76 8.07 7.81
CA GLY A 113 -7.83 8.42 8.73
C GLY A 113 -8.11 9.91 8.83
N PRO A 114 -7.07 10.75 9.01
CA PRO A 114 -7.23 12.21 9.16
C PRO A 114 -8.32 12.79 8.26
N ARG A 115 -8.15 12.69 6.96
CA ARG A 115 -9.12 13.21 6.00
C ARG A 115 -8.64 12.93 4.57
N THR A 116 -8.91 11.72 4.10
CA THR A 116 -8.50 11.31 2.77
C THR A 116 -9.58 11.65 1.73
N HIS A 117 -9.19 12.42 0.72
CA HIS A 117 -10.11 12.84 -0.35
C HIS A 117 -9.43 13.87 -1.24
N TYR A 118 -9.18 15.05 -0.68
CA TYR A 118 -8.52 16.12 -1.41
C TYR A 118 -7.03 15.81 -1.55
N GLY A 119 -6.44 16.25 -2.64
CA GLY A 119 -5.03 15.99 -2.88
C GLY A 119 -4.84 14.70 -3.65
N GLN A 120 -4.25 14.79 -4.85
CA GLN A 120 -4.01 13.63 -5.70
C GLN A 120 -3.55 12.41 -4.90
N LYS A 121 -2.77 12.65 -3.84
CA LYS A 121 -2.26 11.57 -2.99
C LYS A 121 -3.37 10.60 -2.61
N ALA A 122 -4.59 11.11 -2.47
CA ALA A 122 -5.74 10.28 -2.08
C ALA A 122 -6.21 9.37 -3.21
N ILE A 123 -5.95 9.76 -4.46
CA ILE A 123 -6.38 8.97 -5.60
C ILE A 123 -5.34 9.01 -6.72
N LEU A 124 -4.09 8.72 -6.38
CA LEU A 124 -3.01 8.73 -7.37
C LEU A 124 -1.85 7.84 -6.94
N PHE A 125 -2.10 6.53 -6.88
CA PHE A 125 -1.09 5.57 -6.49
C PHE A 125 -0.57 4.83 -7.72
N LEU A 126 0.75 4.81 -7.90
CA LEU A 126 1.35 4.15 -9.06
C LEU A 126 2.19 2.94 -8.61
N PRO A 127 1.62 1.73 -8.73
CA PRO A 127 2.29 0.51 -8.36
C PRO A 127 2.95 -0.18 -9.57
N LEU A 128 3.21 -1.47 -9.45
CA LEU A 128 3.82 -2.23 -10.53
C LEU A 128 2.77 -3.18 -11.13
N PRO A 129 2.83 -3.44 -12.45
CA PRO A 129 1.88 -4.32 -13.14
C PRO A 129 1.63 -5.65 -12.43
N VAL A 130 2.61 -6.12 -11.67
CA VAL A 130 2.50 -7.37 -10.93
C VAL A 130 1.29 -7.35 -9.98
N SER A 131 0.22 -8.03 -10.38
CA SER A 131 -1.00 -8.12 -9.58
C SER A 131 -1.81 -9.35 -9.99
N SER A 132 -2.70 -9.81 -9.11
CA SER A 132 -3.53 -10.97 -9.41
C SER A 132 -4.73 -10.54 -10.25
N ASP A 133 -4.45 -10.12 -11.48
CA ASP A 133 -5.48 -9.66 -12.40
C ASP A 133 -6.64 -10.66 -12.50
C1 IHP B . -2.93 17.30 4.56
C2 IHP B . -3.75 17.04 3.29
C3 IHP B . -3.40 18.09 2.21
C4 IHP B . -1.91 17.98 1.87
C5 IHP B . -1.06 18.22 3.12
C6 IHP B . -1.42 17.21 4.22
O11 IHP B . -3.23 16.32 5.57
P1 IHP B . -3.79 16.77 7.02
O21 IHP B . -5.00 17.61 6.97
O31 IHP B . -2.57 17.55 7.73
O41 IHP B . -4.03 15.42 7.87
O12 IHP B . -3.51 15.74 2.78
P2 IHP B . -4.72 14.68 2.67
O22 IHP B . -4.47 13.55 3.59
O32 IHP B . -6.05 15.48 3.07
O42 IHP B . -4.80 14.23 1.14
O13 IHP B . -4.16 17.85 1.03
P3 IHP B . -5.14 18.97 0.41
O23 IHP B . -4.47 20.29 0.49
O33 IHP B . -6.47 18.92 1.30
O43 IHP B . -5.47 18.57 -1.11
O14 IHP B . -1.56 18.96 0.89
P4 IHP B . -0.95 18.51 -0.53
O24 IHP B . -2.04 18.03 -1.42
O34 IHP B . 0.10 17.34 -0.18
O44 IHP B . -0.17 19.76 -1.16
O15 IHP B . 0.33 18.08 2.81
P5 IHP B . 1.36 19.29 3.04
O25 IHP B . 0.91 20.47 2.27
O35 IHP B . 1.37 19.59 4.63
O45 IHP B . 2.80 18.79 2.58
O16 IHP B . -0.62 17.45 5.38
P6 IHP B . 0.40 16.35 5.95
O26 IHP B . 1.12 16.82 7.16
O36 IHP B . 1.40 16.09 4.71
O46 IHP B . -0.43 15.01 6.23
H1 IHP B . -3.10 18.22 4.92
H2 IHP B . -4.72 17.11 3.52
H3 IHP B . -3.57 19.01 2.56
H4 IHP B . -1.72 17.05 1.54
H5 IHP B . -1.24 19.14 3.49
H6 IHP B . -1.25 16.28 3.86
N TYR A 1 2.05 -14.01 -10.99
CA TYR A 1 1.41 -13.13 -9.98
C TYR A 1 2.39 -12.72 -8.88
N LYS A 2 3.25 -13.65 -8.43
CA LYS A 2 4.21 -13.34 -7.39
C LYS A 2 5.50 -12.77 -7.99
N LYS A 3 5.85 -11.56 -7.59
CA LYS A 3 7.05 -10.89 -8.06
C LYS A 3 7.32 -9.62 -7.25
N PRO A 4 8.52 -9.02 -7.41
CA PRO A 4 8.89 -7.80 -6.69
C PRO A 4 8.04 -6.62 -7.14
N LYS A 5 7.04 -6.26 -6.34
CA LYS A 5 6.15 -5.14 -6.64
C LYS A 5 6.53 -3.94 -5.80
N LEU A 6 6.03 -2.76 -6.18
CA LEU A 6 6.30 -1.53 -5.44
C LEU A 6 5.08 -0.62 -5.52
N LEU A 7 4.95 0.29 -4.56
CA LEU A 7 3.83 1.22 -4.52
C LEU A 7 4.33 2.66 -4.67
N TYR A 8 4.31 3.16 -5.89
CA TYR A 8 4.77 4.52 -6.16
C TYR A 8 3.65 5.53 -5.98
N CYS A 9 3.94 6.61 -5.29
CA CYS A 9 2.98 7.68 -5.05
C CYS A 9 3.50 9.00 -5.61
N SER A 10 2.73 9.62 -6.50
CA SER A 10 3.14 10.87 -7.11
C SER A 10 2.95 12.04 -6.13
N ASN A 11 3.83 12.13 -5.13
CA ASN A 11 3.75 13.20 -4.15
C ASN A 11 5.11 13.89 -3.96
N GLY A 12 6.02 13.69 -4.91
CA GLY A 12 7.33 14.31 -4.81
C GLY A 12 8.42 13.33 -4.41
N GLY A 13 9.12 12.77 -5.39
CA GLY A 13 10.18 11.84 -5.11
C GLY A 13 9.79 10.40 -5.37
N HIS A 14 10.38 9.48 -4.62
CA HIS A 14 10.10 8.06 -4.76
C HIS A 14 9.65 7.49 -3.42
N PHE A 15 8.95 6.36 -3.44
CA PHE A 15 8.46 5.73 -2.22
C PHE A 15 8.55 4.20 -2.30
N LEU A 16 9.18 3.56 -1.31
CA LEU A 16 9.31 2.10 -1.30
C LEU A 16 10.05 1.60 -0.05
N ARG A 17 9.75 2.17 1.11
CA ARG A 17 10.39 1.77 2.35
C ARG A 17 9.34 1.47 3.41
N ILE A 18 9.65 0.48 4.26
CA ILE A 18 8.75 0.09 5.33
C ILE A 18 9.54 -0.05 6.64
N LEU A 19 9.18 0.76 7.63
CA LEU A 19 9.86 0.73 8.91
C LEU A 19 9.22 -0.33 9.80
N PRO A 20 10.01 -1.30 10.31
CA PRO A 20 9.52 -2.37 11.18
C PRO A 20 8.59 -1.85 12.27
N ASP A 21 8.92 -0.69 12.82
CA ASP A 21 8.11 -0.05 13.86
C ASP A 21 6.67 0.11 13.39
N GLY A 22 6.47 0.19 12.07
CA GLY A 22 5.16 0.36 11.51
C GLY A 22 5.02 1.72 10.88
N THR A 23 5.84 2.00 9.88
CA THR A 23 5.82 3.29 9.20
C THR A 23 6.35 3.18 7.77
N VAL A 24 5.96 4.12 6.92
CA VAL A 24 6.40 4.14 5.54
C VAL A 24 6.74 5.58 5.12
N ASP A 25 7.80 5.74 4.35
CA ASP A 25 8.23 7.07 3.90
C ASP A 25 8.87 6.99 2.51
N GLY A 26 9.40 8.12 2.05
CA GLY A 26 10.02 8.18 0.73
C GLY A 26 11.20 7.23 0.60
N THR A 27 11.44 6.75 -0.62
CA THR A 27 12.54 5.83 -0.90
C THR A 27 12.65 5.58 -2.40
N ARG A 28 13.87 5.33 -2.87
CA ARG A 28 14.08 5.08 -4.30
C ARG A 28 14.81 3.76 -4.51
N ASP A 29 14.37 3.02 -5.52
CA ASP A 29 14.96 1.73 -5.87
C ASP A 29 14.40 1.25 -7.22
N ARG A 30 15.00 0.23 -7.79
CA ARG A 30 14.56 -0.30 -9.08
C ARG A 30 13.50 -1.36 -8.88
N SER A 31 12.24 -0.92 -8.77
CA SER A 31 11.12 -1.83 -8.58
C SER A 31 11.38 -2.75 -7.39
N ASP A 32 11.45 -2.16 -6.20
CA ASP A 32 11.72 -2.92 -4.99
C ASP A 32 11.20 -2.18 -3.75
N GLN A 33 11.52 -2.73 -2.58
CA GLN A 33 11.11 -2.15 -1.30
C GLN A 33 12.24 -2.37 -0.29
N HIS A 34 11.90 -2.59 0.98
CA HIS A 34 12.94 -2.85 2.00
C HIS A 34 13.74 -4.08 1.59
N ILE A 35 13.05 -5.05 1.01
CA ILE A 35 13.68 -6.29 0.56
C ILE A 35 12.92 -6.87 -0.64
N GLN A 36 11.59 -6.84 -0.58
CA GLN A 36 10.75 -7.36 -1.66
C GLN A 36 9.27 -7.20 -1.32
N LEU A 37 8.59 -6.29 -2.02
CA LEU A 37 7.17 -6.06 -1.77
C LEU A 37 6.34 -6.94 -2.70
N GLN A 38 5.36 -7.64 -2.14
CA GLN A 38 4.49 -8.50 -2.92
C GLN A 38 3.03 -8.15 -2.70
N LEU A 39 2.22 -8.36 -3.73
CA LEU A 39 0.79 -8.08 -3.67
C LEU A 39 0.07 -9.02 -4.63
N SER A 40 -0.56 -10.06 -4.09
CA SER A 40 -1.26 -11.04 -4.92
C SER A 40 -1.82 -12.19 -4.05
N ALA A 41 -2.26 -13.26 -4.70
CA ALA A 41 -2.79 -14.44 -4.01
C ALA A 41 -4.23 -14.21 -3.52
N GLU A 42 -4.97 -13.39 -4.27
CA GLU A 42 -6.35 -13.09 -3.92
C GLU A 42 -7.22 -13.03 -5.18
N SER A 43 -8.52 -12.85 -5.00
CA SER A 43 -9.45 -12.78 -6.11
C SER A 43 -9.40 -11.39 -6.76
N VAL A 44 -10.16 -11.20 -7.83
CA VAL A 44 -10.19 -9.92 -8.51
C VAL A 44 -10.60 -8.81 -7.54
N GLY A 45 -9.88 -7.70 -7.57
CA GLY A 45 -10.19 -6.59 -6.68
C GLY A 45 -9.52 -6.74 -5.32
N GLU A 46 -9.94 -7.75 -4.57
CA GLU A 46 -9.37 -8.00 -3.24
C GLU A 46 -7.94 -8.49 -3.38
N VAL A 47 -7.00 -7.83 -2.71
CA VAL A 47 -5.61 -8.22 -2.79
C VAL A 47 -4.92 -8.28 -1.43
N TYR A 48 -3.93 -9.16 -1.34
CA TYR A 48 -3.15 -9.34 -0.13
C TYR A 48 -1.76 -8.76 -0.35
N ILE A 49 -1.39 -7.76 0.47
CA ILE A 49 -0.10 -7.11 0.35
C ILE A 49 0.92 -7.71 1.32
N LYS A 50 2.14 -7.88 0.84
CA LYS A 50 3.21 -8.45 1.66
C LYS A 50 4.52 -7.70 1.44
N SER A 51 5.03 -7.09 2.50
CA SER A 51 6.28 -6.36 2.43
C SER A 51 7.42 -7.23 2.93
N THR A 52 8.30 -7.63 2.03
CA THR A 52 9.44 -8.48 2.36
C THR A 52 9.01 -9.94 2.46
N GLU A 53 9.76 -10.82 1.80
CA GLU A 53 9.46 -12.26 1.81
C GLU A 53 9.19 -12.75 3.23
N THR A 54 10.09 -12.39 4.14
CA THR A 54 9.95 -12.77 5.54
C THR A 54 10.57 -11.71 6.44
N GLY A 55 9.75 -11.06 7.25
CA GLY A 55 10.25 -10.03 8.15
C GLY A 55 9.25 -8.93 8.44
N GLN A 56 8.46 -8.56 7.43
CA GLN A 56 7.47 -7.50 7.60
C GLN A 56 6.07 -7.99 7.27
N TYR A 57 5.07 -7.21 7.67
CA TYR A 57 3.67 -7.55 7.43
C TYR A 57 2.87 -6.26 7.28
N LEU A 58 2.40 -6.01 6.06
CA LEU A 58 1.62 -4.80 5.77
C LEU A 58 0.21 -4.91 6.33
N ALA A 59 -0.12 -4.04 7.28
CA ALA A 59 -1.44 -4.03 7.90
C ALA A 59 -1.91 -2.59 8.15
N MET A 60 -3.21 -2.38 8.02
CA MET A 60 -3.78 -1.05 8.24
C MET A 60 -4.42 -0.94 9.63
N ASP A 61 -3.95 0.03 10.40
CA ASP A 61 -4.48 0.26 11.74
C ASP A 61 -5.90 0.82 11.65
N THR A 62 -6.76 0.36 12.55
CA THR A 62 -8.15 0.80 12.57
C THR A 62 -8.29 2.32 12.46
N ASP A 63 -7.41 3.06 13.14
CA ASP A 63 -7.48 4.52 13.12
C ASP A 63 -7.18 5.07 11.73
N GLY A 64 -6.44 4.30 10.93
CA GLY A 64 -6.10 4.73 9.58
C GLY A 64 -4.60 4.88 9.38
N LEU A 65 -3.83 3.94 9.91
CA LEU A 65 -2.38 3.97 9.79
C LEU A 65 -1.88 2.65 9.21
N LEU A 66 -1.21 2.72 8.07
CA LEU A 66 -0.68 1.54 7.42
C LEU A 66 0.73 1.26 7.91
N TYR A 67 0.92 0.07 8.47
CA TYR A 67 2.21 -0.33 9.01
C TYR A 67 2.64 -1.67 8.42
N GLY A 68 3.93 -1.97 8.56
CA GLY A 68 4.45 -3.22 8.04
C GLY A 68 5.00 -4.14 9.12
N SER A 69 4.54 -3.95 10.36
CA SER A 69 4.98 -4.76 11.48
C SER A 69 4.35 -6.16 11.41
N GLN A 70 5.15 -7.19 11.63
CA GLN A 70 4.67 -8.56 11.59
C GLN A 70 3.51 -8.77 12.57
N THR A 71 2.30 -8.78 12.05
CA THR A 71 1.11 -8.98 12.86
C THR A 71 -0.05 -9.49 11.99
N PRO A 72 -0.13 -10.82 11.77
CA PRO A 72 -1.18 -11.44 10.95
C PRO A 72 -2.57 -11.01 11.41
N ASN A 73 -3.30 -10.34 10.51
CA ASN A 73 -4.64 -9.87 10.82
C ASN A 73 -5.42 -9.55 9.54
N GLU A 74 -6.74 -9.53 9.64
CA GLU A 74 -7.63 -9.26 8.51
C GLU A 74 -7.28 -7.94 7.81
N GLU A 75 -6.72 -7.00 8.58
CA GLU A 75 -6.35 -5.68 8.06
C GLU A 75 -5.48 -5.79 6.80
N CYS A 76 -4.84 -6.94 6.59
CA CYS A 76 -3.97 -7.16 5.43
C CYS A 76 -4.77 -7.27 4.13
N LEU A 77 -6.07 -7.47 4.22
CA LEU A 77 -6.91 -7.61 3.02
C LEU A 77 -7.35 -6.25 2.50
N PHE A 78 -6.81 -5.87 1.34
CA PHE A 78 -7.14 -4.59 0.71
C PHE A 78 -7.73 -4.80 -0.67
N LEU A 79 -8.33 -3.75 -1.22
CA LEU A 79 -8.93 -3.80 -2.54
C LEU A 79 -8.06 -3.00 -3.52
N GLU A 80 -7.53 -3.67 -4.54
CA GLU A 80 -6.68 -3.02 -5.54
C GLU A 80 -7.49 -2.70 -6.79
N ARG A 81 -7.62 -1.42 -7.09
CA ARG A 81 -8.38 -0.98 -8.25
C ARG A 81 -7.46 -0.28 -9.26
N LEU A 82 -7.18 -0.96 -10.38
CA LEU A 82 -6.33 -0.41 -11.41
C LEU A 82 -7.16 0.20 -12.53
N GLU A 83 -7.04 1.52 -12.70
CA GLU A 83 -7.78 2.22 -13.74
C GLU A 83 -7.05 2.12 -15.09
N GLU A 84 -5.71 2.06 -15.02
CA GLU A 84 -4.83 1.97 -16.19
C GLU A 84 -4.25 3.35 -16.51
N ASN A 85 -4.97 4.40 -16.13
CA ASN A 85 -4.54 5.78 -16.35
C ASN A 85 -3.33 6.12 -15.46
N HIS A 86 -2.24 5.37 -15.65
CA HIS A 86 -0.99 5.56 -14.88
C HIS A 86 -1.25 5.71 -13.38
N TYR A 87 -2.33 5.10 -12.88
CA TYR A 87 -2.64 5.17 -11.45
C TYR A 87 -3.70 4.13 -11.06
N ASN A 88 -3.78 3.84 -9.78
CA ASN A 88 -4.74 2.87 -9.26
C ASN A 88 -5.31 3.36 -7.92
N THR A 89 -6.26 2.61 -7.36
CA THR A 89 -6.88 2.97 -6.10
C THR A 89 -6.87 1.79 -5.12
N TYR A 90 -6.62 2.09 -3.85
CA TYR A 90 -6.58 1.06 -2.81
C TYR A 90 -7.57 1.37 -1.68
N ILE A 91 -8.29 0.36 -1.23
CA ILE A 91 -9.26 0.52 -0.14
C ILE A 91 -9.28 -0.73 0.74
N SER A 92 -9.73 -0.58 1.97
CA SER A 92 -9.81 -1.69 2.92
C SER A 92 -10.92 -2.67 2.53
N LYS A 93 -10.57 -3.95 2.45
CA LYS A 93 -11.54 -5.00 2.09
C LYS A 93 -12.54 -5.24 3.22
N LYS A 94 -12.02 -5.63 4.39
CA LYS A 94 -12.87 -5.92 5.55
C LYS A 94 -13.63 -4.67 6.02
N HIS A 95 -13.11 -3.48 5.72
CA HIS A 95 -13.75 -2.24 6.15
C HIS A 95 -14.53 -1.59 5.01
N ALA A 96 -15.30 -2.39 4.28
CA ALA A 96 -16.10 -1.89 3.15
C ALA A 96 -16.98 -0.70 3.57
N GLU A 97 -17.47 -0.72 4.81
CA GLU A 97 -18.33 0.35 5.30
C GLU A 97 -17.54 1.62 5.57
N LYS A 98 -16.23 1.50 5.77
CA LYS A 98 -15.38 2.65 6.05
C LYS A 98 -14.21 2.67 5.06
N ASN A 99 -14.54 2.58 3.77
CA ASN A 99 -13.54 2.56 2.71
C ASN A 99 -12.89 3.94 2.56
N TRP A 100 -11.70 4.08 3.12
CA TRP A 100 -10.95 5.32 3.03
C TRP A 100 -9.68 5.13 2.22
N PHE A 101 -9.46 5.99 1.23
CA PHE A 101 -8.29 5.92 0.37
C PHE A 101 -7.01 6.12 1.17
N VAL A 102 -6.02 5.28 0.90
CA VAL A 102 -4.73 5.34 1.59
C VAL A 102 -3.93 6.59 1.18
N GLY A 103 -2.61 6.56 1.42
CA GLY A 103 -1.76 7.68 1.05
C GLY A 103 -0.74 8.00 2.12
N LEU A 104 0.54 7.97 1.76
CA LEU A 104 1.61 8.26 2.70
C LEU A 104 2.37 9.50 2.24
N LYS A 105 2.83 10.29 3.21
CA LYS A 105 3.57 11.50 2.91
C LYS A 105 5.08 11.25 2.93
N LYS A 106 5.77 11.78 1.94
CA LYS A 106 7.24 11.62 1.82
C LYS A 106 7.95 11.81 3.16
N ASN A 107 7.44 12.74 3.97
CA ASN A 107 8.01 13.02 5.28
C ASN A 107 7.99 11.79 6.19
N GLY A 108 7.20 10.79 5.82
CA GLY A 108 7.09 9.57 6.62
C GLY A 108 5.86 9.60 7.49
N SER A 109 4.72 9.85 6.87
CA SER A 109 3.46 9.92 7.61
C SER A 109 2.29 9.55 6.70
N CYS A 110 1.57 8.51 7.07
CA CYS A 110 0.41 8.06 6.30
C CYS A 110 -0.80 8.95 6.61
N LYS A 111 -1.70 9.08 5.64
CA LYS A 111 -2.90 9.89 5.83
C LYS A 111 -4.13 9.15 5.32
N ARG A 112 -4.72 8.35 6.21
CA ARG A 112 -5.91 7.58 5.91
C ARG A 112 -7.03 7.92 6.90
N GLY A 113 -6.66 8.04 8.18
CA GLY A 113 -7.63 8.36 9.21
C GLY A 113 -8.03 9.83 9.23
N PRO A 114 -7.06 10.75 9.43
CA PRO A 114 -7.33 12.19 9.50
C PRO A 114 -8.33 12.66 8.43
N ARG A 115 -8.04 12.34 7.17
CA ARG A 115 -8.89 12.74 6.05
C ARG A 115 -8.25 12.32 4.74
N THR A 116 -9.04 11.76 3.84
CA THR A 116 -8.55 11.32 2.55
C THR A 116 -9.59 11.55 1.46
N HIS A 117 -9.27 12.43 0.52
CA HIS A 117 -10.16 12.79 -0.59
C HIS A 117 -9.53 13.91 -1.40
N TYR A 118 -9.21 15.01 -0.73
CA TYR A 118 -8.57 16.16 -1.38
C TYR A 118 -7.08 15.90 -1.54
N GLY A 119 -6.52 16.34 -2.66
CA GLY A 119 -5.11 16.14 -2.91
C GLY A 119 -4.81 14.89 -3.71
N GLN A 120 -4.02 15.04 -4.76
CA GLN A 120 -3.65 13.93 -5.64
C GLN A 120 -3.30 12.67 -4.83
N LYS A 121 -2.61 12.84 -3.72
CA LYS A 121 -2.21 11.72 -2.87
C LYS A 121 -3.40 10.81 -2.54
N ALA A 122 -4.59 11.38 -2.48
CA ALA A 122 -5.79 10.62 -2.17
C ALA A 122 -6.13 9.62 -3.27
N ILE A 123 -5.81 9.97 -4.51
CA ILE A 123 -6.10 9.09 -5.65
C ILE A 123 -5.01 9.22 -6.72
N LEU A 124 -3.80 8.78 -6.41
CA LEU A 124 -2.69 8.84 -7.35
C LEU A 124 -1.59 7.86 -6.96
N PHE A 125 -1.92 6.58 -6.95
CA PHE A 125 -0.98 5.53 -6.59
C PHE A 125 -0.59 4.73 -7.84
N LEU A 126 0.70 4.55 -8.05
CA LEU A 126 1.19 3.81 -9.21
C LEU A 126 2.09 2.64 -8.77
N PRO A 127 1.54 1.42 -8.76
CA PRO A 127 2.27 0.24 -8.38
C PRO A 127 2.78 -0.55 -9.58
N LEU A 128 3.66 -1.53 -9.34
CA LEU A 128 4.20 -2.34 -10.42
C LEU A 128 3.10 -3.26 -10.98
N PRO A 129 3.06 -3.44 -12.31
CA PRO A 129 2.04 -4.28 -12.96
C PRO A 129 1.81 -5.62 -12.25
N VAL A 130 2.91 -6.30 -11.89
CA VAL A 130 2.83 -7.60 -11.21
C VAL A 130 1.73 -7.63 -10.15
N SER A 131 0.58 -8.20 -10.51
CA SER A 131 -0.55 -8.30 -9.60
C SER A 131 -1.45 -9.48 -9.98
N SER A 132 -2.44 -9.77 -9.15
CA SER A 132 -3.37 -10.86 -9.41
C SER A 132 -4.66 -10.32 -10.03
N ASP A 133 -4.73 -10.36 -11.36
CA ASP A 133 -5.92 -9.88 -12.07
C ASP A 133 -7.05 -10.89 -11.96
C1 IHP B . -2.77 17.19 4.67
C2 IHP B . -3.51 16.99 3.34
C3 IHP B . -3.08 18.07 2.32
C4 IHP B . -1.58 17.96 2.08
C5 IHP B . -0.80 18.14 3.39
C6 IHP B . -1.25 17.10 4.42
O11 IHP B . -3.16 16.18 5.62
P1 IHP B . -3.79 16.62 7.04
O21 IHP B . -4.99 17.48 6.93
O31 IHP B . -2.61 17.36 7.84
O41 IHP B . -4.11 15.27 7.86
O12 IHP B . -3.24 15.71 2.79
P2 IHP B . -4.42 14.65 2.55
O22 IHP B . -4.19 13.43 3.37
O32 IHP B . -5.81 15.37 2.96
O42 IHP B . -4.42 14.33 0.98
O13 IHP B . -3.77 17.90 1.09
P3 IHP B . -4.69 19.07 0.49
O23 IHP B . -4.03 20.38 0.72
O33 IHP B . -6.10 18.97 1.26
O43 IHP B . -4.90 18.80 -1.08
O14 IHP B . -1.15 18.97 1.16
P4 IHP B . -0.47 18.58 -0.25
O24 IHP B . -1.52 18.41 -1.28
O34 IHP B . 0.33 17.22 0.03
O44 IHP B . 0.57 19.74 -0.64
O15 IHP B . 0.59 17.99 3.16
P5 IHP B . 1.62 19.18 3.48
O25 IHP B . 1.25 20.38 2.72
O35 IHP B . 1.55 19.44 5.07
O45 IHP B . 3.09 18.65 3.09
O16 IHP B . -0.53 17.28 5.64
P6 IHP B . 0.43 16.14 6.23
O26 IHP B . 1.08 16.55 7.49
O36 IHP B . 1.51 15.90 5.05
O46 IHP B . -0.44 14.81 6.41
H1 IHP B . -2.96 18.10 5.05
H2 IHP B . -4.49 17.07 3.51
H3 IHP B . -3.26 18.99 2.71
H4 IHP B . -1.38 17.04 1.71
H5 IHP B . -1.00 19.05 3.76
H6 IHP B . -1.08 16.17 4.03
N TYR A 1 2.86 -15.19 -10.83
CA TYR A 1 1.85 -14.30 -10.22
C TYR A 1 2.48 -13.29 -9.26
N LYS A 2 3.26 -13.79 -8.29
CA LYS A 2 3.90 -12.90 -7.31
C LYS A 2 5.26 -12.43 -7.81
N LYS A 3 5.44 -11.13 -7.86
CA LYS A 3 6.69 -10.53 -8.32
C LYS A 3 6.99 -9.28 -7.50
N PRO A 4 8.28 -8.89 -7.41
CA PRO A 4 8.69 -7.70 -6.66
C PRO A 4 7.89 -6.47 -7.11
N LYS A 5 6.96 -6.05 -6.26
CA LYS A 5 6.11 -4.90 -6.54
C LYS A 5 6.55 -3.70 -5.72
N LEU A 6 6.02 -2.54 -6.05
CA LEU A 6 6.33 -1.30 -5.33
C LEU A 6 5.12 -0.37 -5.37
N LEU A 7 5.08 0.60 -4.46
CA LEU A 7 3.97 1.53 -4.39
C LEU A 7 4.48 2.96 -4.53
N TYR A 8 4.44 3.48 -5.75
CA TYR A 8 4.90 4.83 -6.03
C TYR A 8 3.77 5.83 -5.85
N CYS A 9 4.03 6.89 -5.10
CA CYS A 9 3.04 7.93 -4.87
C CYS A 9 3.47 9.20 -5.58
N SER A 10 2.65 9.67 -6.51
CA SER A 10 2.96 10.87 -7.27
C SER A 10 2.84 12.13 -6.41
N ASN A 11 3.69 12.21 -5.38
CA ASN A 11 3.68 13.37 -4.49
C ASN A 11 5.11 13.87 -4.26
N GLY A 12 5.94 13.75 -5.28
CA GLY A 12 7.33 14.17 -5.18
C GLY A 12 8.22 13.06 -4.68
N GLY A 13 9.49 13.09 -5.09
CA GLY A 13 10.43 12.08 -4.67
C GLY A 13 10.06 10.69 -5.15
N HIS A 14 10.43 9.69 -4.36
CA HIS A 14 10.16 8.30 -4.68
C HIS A 14 9.66 7.57 -3.42
N PHE A 15 8.79 6.58 -3.59
CA PHE A 15 8.24 5.86 -2.44
C PHE A 15 8.40 4.35 -2.59
N LEU A 16 8.91 3.70 -1.55
CA LEU A 16 9.09 2.24 -1.54
C LEU A 16 9.90 1.76 -0.32
N ARG A 17 9.70 2.37 0.84
CA ARG A 17 10.42 1.98 2.05
C ARG A 17 9.48 1.83 3.24
N ILE A 18 9.71 0.80 4.02
CA ILE A 18 8.91 0.52 5.21
C ILE A 18 9.82 0.37 6.44
N LEU A 19 9.40 0.96 7.54
CA LEU A 19 10.16 0.88 8.79
C LEU A 19 9.59 -0.22 9.68
N PRO A 20 10.46 -1.13 10.16
CA PRO A 20 10.06 -2.26 11.01
C PRO A 20 9.10 -1.88 12.14
N ASP A 21 9.26 -0.66 12.65
CA ASP A 21 8.40 -0.16 13.73
C ASP A 21 6.95 -0.01 13.28
N GLY A 22 6.72 -0.03 11.96
CA GLY A 22 5.38 0.10 11.44
C GLY A 22 5.13 1.45 10.80
N THR A 23 5.90 1.78 9.77
CA THR A 23 5.74 3.06 9.07
C THR A 23 6.34 2.97 7.67
N VAL A 24 5.71 3.63 6.70
CA VAL A 24 6.20 3.64 5.33
C VAL A 24 6.56 5.06 4.92
N ASP A 25 7.71 5.21 4.24
CA ASP A 25 8.16 6.53 3.81
C ASP A 25 8.84 6.48 2.44
N GLY A 26 9.32 7.63 1.98
CA GLY A 26 9.97 7.72 0.68
C GLY A 26 11.25 6.90 0.56
N THR A 27 11.65 6.63 -0.68
CA THR A 27 12.86 5.86 -0.98
C THR A 27 12.95 5.62 -2.49
N ARG A 28 14.16 5.40 -2.98
CA ARG A 28 14.40 5.15 -4.39
C ARG A 28 15.17 3.85 -4.58
N ASP A 29 14.58 2.91 -5.32
CA ASP A 29 15.21 1.62 -5.58
C ASP A 29 14.79 1.09 -6.95
N ARG A 30 15.43 0.01 -7.38
CA ARG A 30 15.11 -0.59 -8.68
C ARG A 30 13.85 -1.43 -8.58
N SER A 31 12.69 -0.77 -8.58
CA SER A 31 11.41 -1.46 -8.48
C SER A 31 11.45 -2.46 -7.32
N ASP A 32 11.90 -1.99 -6.17
CA ASP A 32 12.03 -2.83 -4.99
C ASP A 32 11.44 -2.16 -3.76
N GLN A 33 11.71 -2.75 -2.60
CA GLN A 33 11.21 -2.25 -1.32
C GLN A 33 12.25 -2.58 -0.23
N HIS A 34 11.79 -2.72 1.02
CA HIS A 34 12.68 -3.07 2.12
C HIS A 34 13.58 -4.23 1.71
N ILE A 35 12.97 -5.17 0.98
CA ILE A 35 13.66 -6.36 0.47
C ILE A 35 12.93 -6.89 -0.77
N GLN A 36 11.60 -6.88 -0.71
CA GLN A 36 10.76 -7.33 -1.82
C GLN A 36 9.29 -7.18 -1.45
N LEU A 37 8.57 -6.36 -2.20
CA LEU A 37 7.15 -6.14 -1.93
C LEU A 37 6.33 -7.09 -2.80
N GLN A 38 5.40 -7.81 -2.18
CA GLN A 38 4.55 -8.74 -2.90
C GLN A 38 3.07 -8.40 -2.71
N LEU A 39 2.32 -8.43 -3.79
CA LEU A 39 0.88 -8.14 -3.76
C LEU A 39 0.15 -9.00 -4.79
N SER A 40 -0.48 -10.06 -4.30
CA SER A 40 -1.23 -11.00 -5.17
C SER A 40 -1.76 -12.17 -4.34
N ALA A 41 -2.32 -13.17 -5.02
CA ALA A 41 -2.84 -14.37 -4.38
C ALA A 41 -4.23 -14.15 -3.76
N GLU A 42 -5.04 -13.32 -4.39
CA GLU A 42 -6.38 -13.05 -3.91
C GLU A 42 -7.36 -12.92 -5.08
N SER A 43 -8.63 -13.11 -4.80
CA SER A 43 -9.67 -13.04 -5.83
C SER A 43 -9.79 -11.63 -6.39
N VAL A 44 -10.18 -11.53 -7.66
CA VAL A 44 -10.34 -10.25 -8.35
C VAL A 44 -10.78 -9.14 -7.40
N GLY A 45 -10.00 -8.07 -7.38
CA GLY A 45 -10.31 -6.94 -6.51
C GLY A 45 -9.59 -7.03 -5.17
N GLU A 46 -9.67 -8.20 -4.55
CA GLU A 46 -9.04 -8.43 -3.26
C GLU A 46 -7.53 -8.58 -3.45
N VAL A 47 -6.75 -7.87 -2.65
CA VAL A 47 -5.30 -7.94 -2.76
C VAL A 47 -4.63 -8.08 -1.41
N TYR A 48 -3.61 -8.92 -1.36
CA TYR A 48 -2.83 -9.15 -0.16
C TYR A 48 -1.46 -8.50 -0.33
N ILE A 49 -1.18 -7.48 0.49
CA ILE A 49 0.08 -6.75 0.41
C ILE A 49 1.11 -7.31 1.40
N LYS A 50 2.19 -7.87 0.86
CA LYS A 50 3.24 -8.44 1.67
C LYS A 50 4.56 -7.69 1.47
N SER A 51 5.01 -7.02 2.51
CA SER A 51 6.26 -6.28 2.46
C SER A 51 7.40 -7.20 2.93
N THR A 52 8.34 -7.48 2.04
CA THR A 52 9.47 -8.34 2.34
C THR A 52 9.05 -9.82 2.33
N GLU A 53 9.89 -10.67 1.77
CA GLU A 53 9.60 -12.10 1.68
C GLU A 53 9.16 -12.64 3.04
N THR A 54 9.93 -12.31 4.06
CA THR A 54 9.64 -12.76 5.42
C THR A 54 9.86 -11.65 6.44
N GLY A 55 9.37 -11.87 7.65
CA GLY A 55 9.53 -10.89 8.72
C GLY A 55 8.51 -9.78 8.66
N GLN A 56 8.70 -8.86 7.72
CA GLN A 56 7.79 -7.72 7.56
C GLN A 56 6.41 -8.17 7.09
N TYR A 57 5.39 -7.46 7.55
CA TYR A 57 4.00 -7.74 7.20
C TYR A 57 3.24 -6.42 7.09
N LEU A 58 2.52 -6.22 6.00
CA LEU A 58 1.77 -4.98 5.80
C LEU A 58 0.40 -5.06 6.47
N ALA A 59 0.13 -4.12 7.35
CA ALA A 59 -1.15 -4.06 8.05
C ALA A 59 -1.59 -2.62 8.28
N MET A 60 -2.89 -2.41 8.30
CA MET A 60 -3.45 -1.07 8.50
C MET A 60 -4.13 -0.99 9.85
N ASP A 61 -4.11 0.19 10.45
CA ASP A 61 -4.75 0.43 11.74
C ASP A 61 -6.15 0.97 11.53
N THR A 62 -7.09 0.51 12.34
CA THR A 62 -8.49 0.94 12.24
C THR A 62 -8.61 2.46 12.15
N ASP A 63 -7.75 3.17 12.89
CA ASP A 63 -7.78 4.64 12.89
C ASP A 63 -7.60 5.19 11.48
N GLY A 64 -6.79 4.48 10.68
CA GLY A 64 -6.53 4.90 9.33
C GLY A 64 -5.05 5.15 9.09
N LEU A 65 -4.24 4.14 9.38
CA LEU A 65 -2.79 4.23 9.21
C LEU A 65 -2.25 2.90 8.69
N LEU A 66 -1.30 2.96 7.76
CA LEU A 66 -0.69 1.77 7.19
C LEU A 66 0.69 1.54 7.80
N TYR A 67 0.95 0.32 8.25
CA TYR A 67 2.22 -0.01 8.87
C TYR A 67 2.73 -1.39 8.48
N GLY A 68 4.03 -1.58 8.63
CA GLY A 68 4.66 -2.86 8.32
C GLY A 68 5.20 -3.52 9.56
N SER A 69 4.52 -4.56 10.03
CA SER A 69 4.93 -5.28 11.22
C SER A 69 4.30 -6.67 11.23
N GLN A 70 5.07 -7.66 11.71
CA GLN A 70 4.60 -9.04 11.76
C GLN A 70 3.36 -9.15 12.65
N THR A 71 2.19 -9.08 12.03
CA THR A 71 0.93 -9.19 12.74
C THR A 71 -0.19 -9.62 11.79
N PRO A 72 -0.42 -10.94 11.66
CA PRO A 72 -1.47 -11.47 10.78
C PRO A 72 -2.86 -11.12 11.28
N ASN A 73 -3.61 -10.38 10.48
CA ASN A 73 -4.97 -9.98 10.85
C ASN A 73 -5.77 -9.60 9.62
N GLU A 74 -7.09 -9.81 9.68
CA GLU A 74 -7.99 -9.51 8.57
C GLU A 74 -7.69 -8.14 7.95
N GLU A 75 -7.31 -7.19 8.78
CA GLU A 75 -6.98 -5.84 8.32
C GLU A 75 -6.00 -5.84 7.14
N CYS A 76 -5.28 -6.94 6.96
CA CYS A 76 -4.32 -7.05 5.84
C CYS A 76 -5.05 -7.17 4.49
N LEU A 77 -6.35 -7.45 4.51
CA LEU A 77 -7.13 -7.57 3.27
C LEU A 77 -7.43 -6.19 2.68
N PHE A 78 -6.85 -5.90 1.53
CA PHE A 78 -7.05 -4.62 0.86
C PHE A 78 -7.66 -4.82 -0.53
N LEU A 79 -8.20 -3.74 -1.08
CA LEU A 79 -8.80 -3.75 -2.40
C LEU A 79 -7.97 -2.89 -3.36
N GLU A 80 -7.50 -3.50 -4.44
CA GLU A 80 -6.69 -2.78 -5.44
C GLU A 80 -7.54 -2.41 -6.64
N ARG A 81 -7.59 -1.13 -6.96
CA ARG A 81 -8.36 -0.64 -8.10
C ARG A 81 -7.47 0.02 -9.14
N LEU A 82 -7.06 -0.74 -10.14
CA LEU A 82 -6.20 -0.21 -11.20
C LEU A 82 -7.06 0.48 -12.26
N GLU A 83 -6.82 1.77 -12.49
CA GLU A 83 -7.59 2.52 -13.47
C GLU A 83 -6.85 2.64 -14.82
N GLU A 84 -5.69 1.99 -14.93
CA GLU A 84 -4.90 2.02 -16.17
C GLU A 84 -4.22 3.38 -16.38
N ASN A 85 -4.96 4.46 -16.17
CA ASN A 85 -4.44 5.83 -16.34
C ASN A 85 -3.26 6.11 -15.39
N HIS A 86 -2.16 5.41 -15.61
CA HIS A 86 -0.93 5.56 -14.82
C HIS A 86 -1.21 5.73 -13.32
N TYR A 87 -2.21 5.01 -12.80
CA TYR A 87 -2.54 5.09 -11.39
C TYR A 87 -3.59 4.07 -10.99
N ASN A 88 -3.73 3.86 -9.68
CA ASN A 88 -4.70 2.92 -9.13
C ASN A 88 -5.22 3.43 -7.80
N THR A 89 -6.25 2.79 -7.27
CA THR A 89 -6.84 3.18 -5.99
C THR A 89 -6.80 2.01 -5.02
N TYR A 90 -6.44 2.30 -3.77
CA TYR A 90 -6.36 1.27 -2.73
C TYR A 90 -7.35 1.60 -1.61
N ILE A 91 -8.17 0.61 -1.25
CA ILE A 91 -9.15 0.78 -0.18
C ILE A 91 -9.20 -0.44 0.72
N SER A 92 -9.67 -0.25 1.94
CA SER A 92 -9.77 -1.33 2.92
C SER A 92 -10.85 -2.34 2.51
N LYS A 93 -10.46 -3.62 2.44
CA LYS A 93 -11.38 -4.68 2.06
C LYS A 93 -12.27 -5.08 3.24
N LYS A 94 -11.65 -5.36 4.38
CA LYS A 94 -12.39 -5.77 5.58
C LYS A 94 -13.40 -4.70 5.98
N HIS A 95 -12.95 -3.45 6.07
CA HIS A 95 -13.83 -2.35 6.46
C HIS A 95 -14.60 -1.82 5.25
N ALA A 96 -15.36 -2.71 4.61
CA ALA A 96 -16.14 -2.35 3.43
C ALA A 96 -17.02 -1.14 3.69
N GLU A 97 -17.61 -1.07 4.89
CA GLU A 97 -18.48 0.03 5.26
C GLU A 97 -17.68 1.32 5.48
N LYS A 98 -16.43 1.16 5.94
CA LYS A 98 -15.55 2.29 6.19
C LYS A 98 -14.34 2.27 5.25
N ASN A 99 -14.61 2.12 3.96
CA ASN A 99 -13.56 2.08 2.95
C ASN A 99 -13.03 3.48 2.68
N TRP A 100 -11.79 3.73 3.08
CA TRP A 100 -11.17 5.03 2.89
C TRP A 100 -9.87 4.90 2.07
N PHE A 101 -9.67 5.85 1.17
CA PHE A 101 -8.48 5.86 0.32
C PHE A 101 -7.21 6.06 1.13
N VAL A 102 -6.19 5.25 0.84
CA VAL A 102 -4.91 5.33 1.54
C VAL A 102 -4.08 6.54 1.07
N GLY A 103 -2.77 6.48 1.23
CA GLY A 103 -1.91 7.57 0.81
C GLY A 103 -0.97 8.03 1.91
N LEU A 104 0.33 7.89 1.67
CA LEU A 104 1.32 8.30 2.66
C LEU A 104 1.99 9.61 2.23
N LYS A 105 2.82 10.15 3.10
CA LYS A 105 3.53 11.38 2.80
C LYS A 105 5.03 11.16 2.87
N LYS A 106 5.75 11.64 1.85
CA LYS A 106 7.20 11.48 1.80
C LYS A 106 7.85 11.82 3.14
N ASN A 107 7.21 12.71 3.90
CA ASN A 107 7.70 13.10 5.22
C ASN A 107 7.82 11.88 6.15
N GLY A 108 7.01 10.86 5.91
CA GLY A 108 7.05 9.67 6.75
C GLY A 108 5.69 9.28 7.28
N SER A 109 4.89 10.26 7.67
CA SER A 109 3.56 10.00 8.20
C SER A 109 2.55 9.84 7.06
N CYS A 110 1.78 8.77 7.11
CA CYS A 110 0.76 8.50 6.11
C CYS A 110 -0.55 9.20 6.48
N LYS A 111 -1.41 9.45 5.51
CA LYS A 111 -2.68 10.13 5.80
C LYS A 111 -3.87 9.40 5.20
N ARG A 112 -4.56 8.66 6.07
CA ARG A 112 -5.75 7.91 5.68
C ARG A 112 -6.88 8.26 6.65
N GLY A 113 -6.62 8.06 7.94
CA GLY A 113 -7.60 8.36 8.96
C GLY A 113 -7.94 9.85 9.04
N PRO A 114 -6.93 10.72 9.25
CA PRO A 114 -7.13 12.17 9.35
C PRO A 114 -8.16 12.70 8.35
N ARG A 115 -7.88 12.47 7.07
CA ARG A 115 -8.78 12.93 6.00
C ARG A 115 -8.22 12.50 4.64
N THR A 116 -9.02 11.78 3.88
CA THR A 116 -8.62 11.31 2.57
C THR A 116 -9.70 11.68 1.54
N HIS A 117 -9.31 12.47 0.55
CA HIS A 117 -10.23 12.91 -0.50
C HIS A 117 -9.55 13.99 -1.34
N TYR A 118 -9.07 15.03 -0.66
CA TYR A 118 -8.38 16.13 -1.33
C TYR A 118 -6.90 15.81 -1.49
N GLY A 119 -6.30 16.31 -2.56
CA GLY A 119 -4.88 16.06 -2.81
C GLY A 119 -4.67 14.81 -3.63
N GLN A 120 -3.97 14.96 -4.74
CA GLN A 120 -3.68 13.84 -5.64
C GLN A 120 -3.34 12.57 -4.86
N LYS A 121 -2.58 12.71 -3.78
CA LYS A 121 -2.18 11.57 -2.96
C LYS A 121 -3.38 10.68 -2.59
N ALA A 122 -4.56 11.29 -2.47
CA ALA A 122 -5.76 10.55 -2.12
C ALA A 122 -6.20 9.60 -3.22
N ILE A 123 -5.90 9.94 -4.48
CA ILE A 123 -6.29 9.09 -5.60
C ILE A 123 -5.23 9.13 -6.70
N LEU A 124 -3.99 8.84 -6.34
CA LEU A 124 -2.89 8.82 -7.32
C LEU A 124 -1.75 7.92 -6.85
N PHE A 125 -2.00 6.62 -6.85
CA PHE A 125 -1.00 5.64 -6.45
C PHE A 125 -0.52 4.87 -7.67
N LEU A 126 0.80 4.86 -7.89
CA LEU A 126 1.38 4.16 -9.02
C LEU A 126 2.20 2.95 -8.56
N PRO A 127 1.61 1.75 -8.63
CA PRO A 127 2.27 0.52 -8.24
C PRO A 127 2.82 -0.22 -9.46
N LEU A 128 3.35 -1.42 -9.23
CA LEU A 128 3.87 -2.21 -10.33
C LEU A 128 2.74 -3.05 -10.93
N PRO A 129 2.72 -3.21 -12.26
CA PRO A 129 1.68 -4.00 -12.94
C PRO A 129 1.45 -5.37 -12.32
N VAL A 130 2.48 -5.92 -11.67
CA VAL A 130 2.38 -7.23 -11.04
C VAL A 130 1.19 -7.30 -10.06
N SER A 131 0.21 -8.13 -10.40
CA SER A 131 -0.97 -8.34 -9.58
C SER A 131 -1.66 -9.65 -9.99
N SER A 132 -2.56 -10.14 -9.15
CA SER A 132 -3.28 -11.37 -9.42
C SER A 132 -4.49 -11.11 -10.31
N ASP A 133 -4.41 -11.55 -11.56
CA ASP A 133 -5.51 -11.37 -12.51
C ASP A 133 -6.78 -12.04 -11.98
C1 IHP B . -2.68 17.29 4.56
C2 IHP B . -3.46 17.08 3.26
C3 IHP B . -3.07 18.15 2.22
C4 IHP B . -1.56 18.02 1.92
C5 IHP B . -0.75 18.21 3.20
C6 IHP B . -1.17 17.18 4.26
O11 IHP B . -3.03 16.28 5.53
P1 IHP B . -3.63 16.70 6.98
O21 IHP B . -4.84 17.55 6.91
O31 IHP B . -2.44 17.44 7.75
O41 IHP B . -3.91 15.33 7.78
O12 IHP B . -3.23 15.80 2.71
P2 IHP B . -4.43 14.75 2.49
O22 IHP B . -4.34 13.67 3.50
O32 IHP B . -5.81 15.58 2.65
O42 IHP B . -4.29 14.21 1.00
O13 IHP B . -3.79 17.96 1.01
P3 IHP B . -4.73 19.12 0.42
O23 IHP B . -3.95 20.37 0.33
O33 IHP B . -5.98 19.25 1.42
O43 IHP B . -5.26 18.67 -1.04
O14 IHP B . -1.16 19.02 0.97
P4 IHP B . -0.52 18.59 -0.44
O24 IHP B . -1.59 18.41 -1.45
O34 IHP B . 0.26 17.21 -0.14
O44 IHP B . 0.55 19.71 -0.88
O15 IHP B . 0.64 18.06 2.93
P5 IHP B . 1.69 19.24 3.20
O25 IHP B . 1.31 20.45 2.42
O35 IHP B . 1.68 19.53 4.78
O45 IHP B . 3.15 18.71 2.77
O16 IHP B . -0.39 17.39 5.45
P6 IHP B . 0.60 16.26 6.02
O26 IHP B . 1.29 16.70 7.26
O36 IHP B . 1.63 16.02 4.81
O46 IHP B . -0.25 14.92 6.26
H1 IHP B . -2.86 18.20 4.93
H2 IHP B . -4.44 17.16 3.46
H3 IHP B . -3.24 19.07 2.59
H4 IHP B . -1.39 17.10 1.56
H5 IHP B . -0.92 19.13 3.57
H6 IHP B . -1.00 16.26 3.87
N TYR A 1 2.18 -14.17 -10.96
CA TYR A 1 1.24 -13.53 -10.01
C TYR A 1 1.98 -12.70 -8.94
N LYS A 2 3.10 -13.22 -8.42
CA LYS A 2 3.87 -12.49 -7.40
C LYS A 2 5.24 -12.13 -7.94
N LYS A 3 5.62 -10.87 -7.74
CA LYS A 3 6.91 -10.35 -8.20
C LYS A 3 7.27 -9.09 -7.42
N PRO A 4 8.54 -8.67 -7.46
CA PRO A 4 9.01 -7.47 -6.76
C PRO A 4 8.17 -6.26 -7.14
N LYS A 5 7.20 -5.91 -6.30
CA LYS A 5 6.33 -4.78 -6.54
C LYS A 5 6.77 -3.57 -5.72
N LEU A 6 6.25 -2.41 -6.08
CA LEU A 6 6.54 -1.16 -5.38
C LEU A 6 5.33 -0.24 -5.47
N LEU A 7 5.27 0.74 -4.58
CA LEU A 7 4.14 1.68 -4.55
C LEU A 7 4.62 3.11 -4.68
N TYR A 8 4.56 3.64 -5.90
CA TYR A 8 4.98 5.00 -6.17
C TYR A 8 3.85 5.99 -5.93
N CYS A 9 4.10 6.99 -5.10
CA CYS A 9 3.09 8.00 -4.79
C CYS A 9 3.42 9.29 -5.52
N SER A 10 2.43 9.85 -6.21
CA SER A 10 2.62 11.09 -6.95
C SER A 10 2.73 12.27 -6.01
N ASN A 11 3.86 12.37 -5.30
CA ASN A 11 4.10 13.46 -4.38
C ASN A 11 5.57 13.84 -4.35
N GLY A 12 6.25 13.67 -5.48
CA GLY A 12 7.66 14.00 -5.58
C GLY A 12 8.55 12.94 -4.96
N GLY A 13 9.79 12.89 -5.42
CA GLY A 13 10.75 11.91 -4.92
C GLY A 13 10.36 10.49 -5.29
N HIS A 14 10.74 9.55 -4.45
CA HIS A 14 10.44 8.13 -4.67
C HIS A 14 9.75 7.55 -3.44
N PHE A 15 9.07 6.42 -3.60
CA PHE A 15 8.37 5.77 -2.49
C PHE A 15 8.45 4.25 -2.59
N LEU A 16 8.96 3.61 -1.53
CA LEU A 16 9.08 2.14 -1.51
C LEU A 16 9.84 1.63 -0.27
N ARG A 17 9.67 2.30 0.87
CA ARG A 17 10.35 1.88 2.10
C ARG A 17 9.36 1.70 3.24
N ILE A 18 9.55 0.64 4.01
CA ILE A 18 8.69 0.34 5.14
C ILE A 18 9.52 -0.04 6.36
N LEU A 19 9.34 0.69 7.45
CA LEU A 19 10.08 0.43 8.68
C LEU A 19 9.32 -0.53 9.58
N PRO A 20 9.97 -1.63 10.00
CA PRO A 20 9.37 -2.65 10.88
C PRO A 20 8.66 -2.03 12.08
N ASP A 21 9.13 -0.86 12.50
CA ASP A 21 8.53 -0.13 13.62
C ASP A 21 7.08 0.18 13.33
N GLY A 22 6.74 0.26 12.05
CA GLY A 22 5.39 0.57 11.63
C GLY A 22 5.32 1.94 10.97
N THR A 23 6.13 2.14 9.95
CA THR A 23 6.16 3.42 9.25
C THR A 23 6.61 3.25 7.79
N VAL A 24 6.07 4.08 6.92
CA VAL A 24 6.40 4.06 5.51
C VAL A 24 6.76 5.46 5.04
N ASP A 25 7.80 5.58 4.24
CA ASP A 25 8.25 6.87 3.73
C ASP A 25 8.77 6.76 2.29
N GLY A 26 9.23 7.88 1.76
CA GLY A 26 9.76 7.90 0.42
C GLY A 26 11.18 7.37 0.33
N THR A 27 11.43 6.52 -0.66
CA THR A 27 12.76 5.94 -0.87
C THR A 27 12.92 5.53 -2.34
N ARG A 28 14.16 5.45 -2.80
CA ARG A 28 14.44 5.08 -4.18
C ARG A 28 14.97 3.65 -4.27
N ASP A 29 14.48 2.89 -5.24
CA ASP A 29 14.92 1.52 -5.44
C ASP A 29 14.50 1.02 -6.82
N ARG A 30 14.99 -0.13 -7.21
CA ARG A 30 14.68 -0.70 -8.51
C ARG A 30 13.51 -1.66 -8.41
N SER A 31 12.30 -1.10 -8.35
CA SER A 31 11.09 -1.90 -8.26
C SER A 31 11.17 -2.91 -7.11
N ASP A 32 11.75 -2.46 -5.99
CA ASP A 32 11.90 -3.29 -4.82
C ASP A 32 11.70 -2.47 -3.56
N GLN A 33 10.82 -2.93 -2.69
CA GLN A 33 10.53 -2.25 -1.43
C GLN A 33 11.67 -2.53 -0.43
N HIS A 34 11.36 -2.60 0.87
CA HIS A 34 12.37 -2.88 1.90
C HIS A 34 13.33 -3.97 1.42
N ILE A 35 12.76 -4.97 0.75
CA ILE A 35 13.53 -6.08 0.20
C ILE A 35 12.80 -6.62 -1.03
N GLN A 36 11.49 -6.76 -0.92
CA GLN A 36 10.65 -7.25 -2.00
C GLN A 36 9.18 -7.10 -1.61
N LEU A 37 8.43 -6.30 -2.36
CA LEU A 37 7.01 -6.09 -2.07
C LEU A 37 6.17 -7.06 -2.89
N GLN A 38 5.26 -7.76 -2.22
CA GLN A 38 4.39 -8.71 -2.88
C GLN A 38 2.93 -8.33 -2.70
N LEU A 39 2.18 -8.37 -3.80
CA LEU A 39 0.77 -8.06 -3.80
C LEU A 39 0.05 -9.02 -4.75
N SER A 40 -0.58 -10.04 -4.18
CA SER A 40 -1.28 -11.05 -4.97
C SER A 40 -1.92 -12.10 -4.06
N ALA A 41 -2.34 -13.23 -4.64
CA ALA A 41 -2.96 -14.31 -3.90
C ALA A 41 -4.33 -13.92 -3.38
N GLU A 42 -5.21 -13.55 -4.31
CA GLU A 42 -6.56 -13.14 -3.97
C GLU A 42 -7.49 -13.21 -5.19
N SER A 43 -8.75 -12.87 -4.99
CA SER A 43 -9.73 -12.88 -6.06
C SER A 43 -9.48 -11.71 -7.03
N VAL A 44 -10.26 -11.65 -8.11
CA VAL A 44 -10.13 -10.58 -9.08
C VAL A 44 -10.63 -9.25 -8.50
N GLY A 45 -9.95 -8.78 -7.46
CA GLY A 45 -10.31 -7.55 -6.80
C GLY A 45 -9.59 -7.41 -5.48
N GLU A 46 -9.74 -8.43 -4.63
CA GLU A 46 -9.07 -8.43 -3.33
C GLU A 46 -7.57 -8.61 -3.53
N VAL A 47 -6.77 -8.11 -2.61
CA VAL A 47 -5.32 -8.23 -2.73
C VAL A 47 -4.64 -8.32 -1.38
N TYR A 48 -3.67 -9.23 -1.28
CA TYR A 48 -2.88 -9.42 -0.07
C TYR A 48 -1.53 -8.74 -0.26
N ILE A 49 -1.26 -7.73 0.54
CA ILE A 49 0.00 -6.98 0.43
C ILE A 49 1.02 -7.47 1.44
N LYS A 50 2.14 -8.00 0.94
CA LYS A 50 3.20 -8.49 1.79
C LYS A 50 4.51 -7.76 1.51
N SER A 51 4.99 -7.01 2.49
CA SER A 51 6.23 -6.26 2.36
C SER A 51 7.40 -7.14 2.82
N THR A 52 8.27 -7.49 1.89
CA THR A 52 9.43 -8.35 2.16
C THR A 52 9.01 -9.83 2.09
N GLU A 53 9.92 -10.68 1.63
CA GLU A 53 9.61 -12.11 1.52
C GLU A 53 9.32 -12.68 2.91
N THR A 54 10.20 -12.39 3.86
CA THR A 54 10.03 -12.88 5.23
C THR A 54 10.59 -11.87 6.24
N GLY A 55 10.05 -11.90 7.46
CA GLY A 55 10.51 -11.00 8.50
C GLY A 55 9.73 -9.69 8.56
N GLN A 56 8.65 -9.60 7.79
CA GLN A 56 7.83 -8.39 7.78
C GLN A 56 6.37 -8.71 7.53
N TYR A 57 5.50 -7.72 7.65
CA TYR A 57 4.07 -7.89 7.47
C TYR A 57 3.40 -6.52 7.34
N LEU A 58 2.51 -6.35 6.38
CA LEU A 58 1.83 -5.08 6.16
C LEU A 58 0.42 -5.10 6.76
N ALA A 59 0.11 -4.12 7.60
CA ALA A 59 -1.20 -4.04 8.23
C ALA A 59 -1.69 -2.59 8.31
N MET A 60 -3.00 -2.43 8.36
CA MET A 60 -3.61 -1.11 8.44
C MET A 60 -4.25 -0.87 9.82
N ASP A 61 -3.96 0.28 10.40
CA ASP A 61 -4.53 0.65 11.69
C ASP A 61 -5.99 1.02 11.54
N THR A 62 -6.81 0.60 12.49
CA THR A 62 -8.25 0.88 12.47
C THR A 62 -8.54 2.35 12.17
N ASP A 63 -7.78 3.25 12.81
CA ASP A 63 -7.98 4.68 12.60
C ASP A 63 -7.81 5.05 11.14
N GLY A 64 -6.65 4.71 10.60
CA GLY A 64 -6.35 5.00 9.21
C GLY A 64 -4.87 5.22 8.98
N LEU A 65 -4.07 4.24 9.39
CA LEU A 65 -2.62 4.31 9.24
C LEU A 65 -2.08 2.95 8.81
N LEU A 66 -1.29 2.94 7.74
CA LEU A 66 -0.68 1.70 7.24
C LEU A 66 0.69 1.51 7.89
N TYR A 67 0.93 0.33 8.43
CA TYR A 67 2.19 0.03 9.09
C TYR A 67 2.69 -1.37 8.75
N GLY A 68 4.01 -1.56 8.90
CA GLY A 68 4.61 -2.85 8.63
C GLY A 68 5.16 -3.48 9.89
N SER A 69 4.47 -4.52 10.37
CA SER A 69 4.88 -5.23 11.57
C SER A 69 4.32 -6.65 11.56
N GLN A 70 5.10 -7.60 12.03
CA GLN A 70 4.68 -9.00 12.07
C GLN A 70 3.43 -9.18 12.93
N THR A 71 2.28 -9.17 12.29
CA THR A 71 1.00 -9.35 12.98
C THR A 71 -0.08 -9.85 12.02
N PRO A 72 -0.26 -11.18 11.92
CA PRO A 72 -1.25 -11.78 11.02
C PRO A 72 -2.66 -11.31 11.37
N ASN A 73 -3.32 -10.64 10.43
CA ASN A 73 -4.67 -10.14 10.68
C ASN A 73 -5.39 -9.80 9.37
N GLU A 74 -6.72 -9.81 9.41
CA GLU A 74 -7.56 -9.52 8.24
C GLU A 74 -7.18 -8.17 7.63
N GLU A 75 -6.74 -7.25 8.49
CA GLU A 75 -6.35 -5.91 8.07
C GLU A 75 -5.37 -5.94 6.89
N CYS A 76 -4.72 -7.08 6.67
CA CYS A 76 -3.76 -7.22 5.57
C CYS A 76 -4.47 -7.40 4.21
N LEU A 77 -5.78 -7.61 4.23
CA LEU A 77 -6.54 -7.79 2.99
C LEU A 77 -7.10 -6.47 2.49
N PHE A 78 -6.60 -6.03 1.32
CA PHE A 78 -7.04 -4.77 0.73
C PHE A 78 -7.61 -5.00 -0.67
N LEU A 79 -8.12 -3.92 -1.26
CA LEU A 79 -8.68 -3.96 -2.61
C LEU A 79 -7.84 -3.08 -3.54
N GLU A 80 -7.29 -3.67 -4.59
CA GLU A 80 -6.47 -2.92 -5.53
C GLU A 80 -7.26 -2.56 -6.79
N ARG A 81 -7.61 -1.28 -6.91
CA ARG A 81 -8.38 -0.81 -8.06
C ARG A 81 -7.46 -0.07 -9.03
N LEU A 82 -7.13 -0.72 -10.13
CA LEU A 82 -6.26 -0.14 -11.14
C LEU A 82 -7.08 0.48 -12.27
N GLU A 83 -6.72 1.70 -12.68
CA GLU A 83 -7.44 2.39 -13.76
C GLU A 83 -6.57 2.49 -15.03
N GLU A 84 -5.48 1.72 -15.07
CA GLU A 84 -4.56 1.71 -16.22
C GLU A 84 -3.81 3.04 -16.38
N ASN A 85 -4.53 4.15 -16.35
CA ASN A 85 -3.94 5.48 -16.53
C ASN A 85 -2.98 5.83 -15.39
N HIS A 86 -1.85 5.13 -15.33
CA HIS A 86 -0.82 5.36 -14.31
C HIS A 86 -1.42 5.70 -12.95
N TYR A 87 -2.50 5.01 -12.58
CA TYR A 87 -3.15 5.27 -11.31
C TYR A 87 -3.99 4.08 -10.85
N ASN A 88 -4.10 3.95 -9.54
CA ASN A 88 -4.88 2.89 -8.93
C ASN A 88 -5.41 3.37 -7.57
N THR A 89 -6.38 2.67 -7.03
CA THR A 89 -6.97 3.04 -5.75
C THR A 89 -6.95 1.86 -4.78
N TYR A 90 -6.48 2.11 -3.55
CA TYR A 90 -6.41 1.08 -2.51
C TYR A 90 -7.39 1.39 -1.40
N ILE A 91 -8.18 0.39 -1.00
CA ILE A 91 -9.16 0.56 0.07
C ILE A 91 -9.21 -0.68 0.97
N SER A 92 -9.60 -0.47 2.22
CA SER A 92 -9.72 -1.55 3.20
C SER A 92 -10.88 -2.48 2.83
N LYS A 93 -10.54 -3.69 2.38
CA LYS A 93 -11.53 -4.67 1.96
C LYS A 93 -12.53 -4.99 3.07
N LYS A 94 -12.03 -5.51 4.19
CA LYS A 94 -12.90 -5.90 5.30
C LYS A 94 -13.74 -4.74 5.81
N HIS A 95 -13.23 -3.52 5.72
CA HIS A 95 -13.96 -2.34 6.21
C HIS A 95 -14.67 -1.61 5.06
N ALA A 96 -15.47 -2.35 4.29
CA ALA A 96 -16.20 -1.75 3.17
C ALA A 96 -16.93 -0.48 3.60
N GLU A 97 -17.46 -0.50 4.82
CA GLU A 97 -18.17 0.64 5.39
C GLU A 97 -17.25 1.87 5.48
N LYS A 98 -15.97 1.63 5.75
CA LYS A 98 -15.00 2.71 5.88
C LYS A 98 -13.93 2.61 4.79
N ASN A 99 -14.38 2.48 3.54
CA ASN A 99 -13.48 2.38 2.40
C ASN A 99 -12.79 3.73 2.13
N TRP A 100 -11.98 4.16 3.09
CA TRP A 100 -11.26 5.42 2.96
C TRP A 100 -9.96 5.22 2.18
N PHE A 101 -9.71 6.09 1.21
CA PHE A 101 -8.51 6.02 0.39
C PHE A 101 -7.25 6.24 1.23
N VAL A 102 -6.24 5.39 0.99
CA VAL A 102 -4.97 5.47 1.72
C VAL A 102 -4.12 6.66 1.23
N GLY A 103 -2.80 6.58 1.42
CA GLY A 103 -1.92 7.65 1.00
C GLY A 103 -0.96 8.06 2.10
N LEU A 104 0.32 8.16 1.75
CA LEU A 104 1.35 8.55 2.72
C LEU A 104 2.13 9.76 2.20
N LYS A 105 2.73 10.50 3.12
CA LYS A 105 3.49 11.69 2.77
C LYS A 105 4.99 11.38 2.80
N LYS A 106 5.71 11.92 1.82
CA LYS A 106 7.16 11.74 1.70
C LYS A 106 7.88 11.78 3.05
N ASN A 107 7.44 12.68 3.93
CA ASN A 107 8.05 12.83 5.25
C ASN A 107 8.05 11.50 6.03
N GLY A 108 7.08 10.64 5.72
CA GLY A 108 6.98 9.36 6.40
C GLY A 108 5.78 9.33 7.31
N SER A 109 4.60 9.33 6.72
CA SER A 109 3.36 9.30 7.47
C SER A 109 2.16 9.10 6.55
N CYS A 110 1.26 8.22 6.94
CA CYS A 110 0.08 7.93 6.14
C CYS A 110 -1.07 8.87 6.51
N LYS A 111 -1.97 9.11 5.57
CA LYS A 111 -3.12 9.97 5.79
C LYS A 111 -4.39 9.29 5.31
N ARG A 112 -4.92 8.40 6.13
CA ARG A 112 -6.16 7.68 5.84
C ARG A 112 -7.23 8.04 6.86
N GLY A 113 -6.82 8.15 8.12
CA GLY A 113 -7.74 8.50 9.18
C GLY A 113 -8.02 9.99 9.25
N PRO A 114 -6.97 10.85 9.29
CA PRO A 114 -7.13 12.30 9.36
C PRO A 114 -8.12 12.84 8.34
N ARG A 115 -7.87 12.53 7.07
CA ARG A 115 -8.72 12.98 5.97
C ARG A 115 -8.17 12.46 4.65
N THR A 116 -9.06 12.05 3.76
CA THR A 116 -8.66 11.54 2.46
C THR A 116 -9.75 11.82 1.42
N HIS A 117 -9.39 12.59 0.41
CA HIS A 117 -10.30 12.98 -0.68
C HIS A 117 -9.59 14.01 -1.56
N TYR A 118 -9.23 15.13 -0.95
CA TYR A 118 -8.53 16.20 -1.65
C TYR A 118 -7.05 15.86 -1.72
N GLY A 119 -6.36 16.47 -2.67
CA GLY A 119 -4.95 16.20 -2.84
C GLY A 119 -4.74 14.88 -3.58
N GLN A 120 -4.11 14.96 -4.75
CA GLN A 120 -3.86 13.78 -5.59
C GLN A 120 -3.44 12.56 -4.76
N LYS A 121 -2.68 12.78 -3.68
CA LYS A 121 -2.23 11.68 -2.82
C LYS A 121 -3.40 10.77 -2.42
N ALA A 122 -4.59 11.35 -2.30
CA ALA A 122 -5.78 10.60 -1.91
C ALA A 122 -6.21 9.63 -3.02
N ILE A 123 -6.01 10.03 -4.26
CA ILE A 123 -6.40 9.21 -5.41
C ILE A 123 -5.38 9.31 -6.54
N LEU A 124 -4.19 8.75 -6.31
CA LEU A 124 -3.12 8.78 -7.32
C LEU A 124 -1.91 7.96 -6.85
N PHE A 125 -2.08 6.63 -6.82
CA PHE A 125 -1.01 5.73 -6.41
C PHE A 125 -0.53 4.94 -7.62
N LEU A 126 0.79 4.90 -7.83
CA LEU A 126 1.37 4.19 -8.96
C LEU A 126 2.21 2.99 -8.51
N PRO A 127 1.60 1.79 -8.47
CA PRO A 127 2.28 0.57 -8.09
C PRO A 127 2.73 -0.23 -9.31
N LEU A 128 3.61 -1.21 -9.10
CA LEU A 128 4.07 -2.03 -10.21
C LEU A 128 2.91 -2.88 -10.73
N PRO A 129 2.80 -3.03 -12.07
CA PRO A 129 1.72 -3.80 -12.70
C PRO A 129 1.49 -5.15 -12.03
N VAL A 130 2.57 -5.81 -11.61
CA VAL A 130 2.48 -7.12 -10.95
C VAL A 130 1.32 -7.14 -9.95
N SER A 131 0.40 -8.08 -10.15
CA SER A 131 -0.78 -8.22 -9.30
C SER A 131 -1.56 -9.48 -9.67
N SER A 132 -2.68 -9.72 -9.00
CA SER A 132 -3.51 -10.88 -9.28
C SER A 132 -4.70 -10.47 -10.12
N ASP A 133 -5.29 -11.43 -10.81
CA ASP A 133 -6.44 -11.18 -11.67
C ASP A 133 -7.06 -12.50 -12.10
C1 IHP B . -2.77 17.29 4.47
C2 IHP B . -3.56 17.12 3.17
C3 IHP B . -3.15 18.22 2.16
C4 IHP B . -1.65 18.09 1.85
C5 IHP B . -0.84 18.26 3.15
C6 IHP B . -1.26 17.19 4.18
O11 IHP B . -3.13 16.25 5.41
P1 IHP B . -3.74 16.63 6.87
O21 IHP B . -4.95 17.50 6.81
O31 IHP B . -2.55 17.35 7.67
O41 IHP B . -4.03 15.24 7.63
O12 IHP B . -3.33 15.86 2.57
P2 IHP B . -4.54 14.82 2.35
O22 IHP B . -4.39 13.68 3.29
O32 IHP B . -5.90 15.63 2.61
O42 IHP B . -4.47 14.37 0.82
O13 IHP B . -3.89 18.06 0.95
P3 IHP B . -4.83 19.24 0.37
O23 IHP B . -4.14 20.54 0.54
O33 IHP B . -6.18 19.16 1.23
O43 IHP B . -5.14 18.94 -1.18
O14 IHP B . -1.26 19.12 0.94
P4 IHP B . -0.62 18.74 -0.49
O24 IHP B . -1.71 18.50 -1.47
O34 IHP B . 0.25 17.41 -0.22
O44 IHP B . 0.36 19.92 -0.96
O15 IHP B . 0.55 18.11 2.87
P5 IHP B . 1.59 19.30 3.18
O25 IHP B . 1.20 20.52 2.44
O35 IHP B . 1.56 19.53 4.77
O45 IHP B . 3.05 18.78 2.74
O16 IHP B . -0.51 17.34 5.38
P6 IHP B . 0.46 16.17 5.91
O26 IHP B . 1.15 16.56 7.17
O36 IHP B . 1.49 15.97 4.71
O46 IHP B . -0.42 14.85 6.10
H1 IHP B . -2.95 18.18 4.87
H2 IHP B . -4.53 17.20 3.37
H3 IHP B . -3.31 19.13 2.56
H4 IHP B . -1.48 17.19 1.48
H5 IHP B . -1.03 19.16 3.55
H6 IHP B . -1.10 16.27 3.76
N TYR A 1 2.51 -15.12 -10.48
CA TYR A 1 1.59 -14.10 -9.92
C TYR A 1 2.32 -13.18 -8.92
N LYS A 2 3.04 -13.76 -7.97
CA LYS A 2 3.75 -12.97 -6.98
C LYS A 2 5.05 -12.44 -7.57
N LYS A 3 5.19 -11.13 -7.57
CA LYS A 3 6.39 -10.48 -8.10
C LYS A 3 6.72 -9.25 -7.26
N PRO A 4 7.98 -8.79 -7.32
CA PRO A 4 8.42 -7.61 -6.58
C PRO A 4 7.65 -6.36 -7.00
N LYS A 5 6.69 -5.95 -6.18
CA LYS A 5 5.87 -4.78 -6.47
C LYS A 5 6.30 -3.61 -5.60
N LEU A 6 6.10 -2.40 -6.10
CA LEU A 6 6.43 -1.18 -5.36
C LEU A 6 5.23 -0.24 -5.39
N LEU A 7 5.06 0.51 -4.31
CA LEU A 7 3.94 1.44 -4.21
C LEU A 7 4.44 2.88 -4.41
N TYR A 8 4.47 3.31 -5.66
CA TYR A 8 4.94 4.65 -5.99
C TYR A 8 3.82 5.67 -5.88
N CYS A 9 4.09 6.73 -5.12
CA CYS A 9 3.12 7.81 -4.95
C CYS A 9 3.61 9.06 -5.67
N SER A 10 2.82 9.54 -6.62
CA SER A 10 3.19 10.72 -7.39
C SER A 10 2.95 11.98 -6.57
N ASN A 11 3.84 12.23 -5.60
CA ASN A 11 3.75 13.41 -4.76
C ASN A 11 5.13 14.00 -4.49
N GLY A 12 6.03 13.87 -5.46
CA GLY A 12 7.37 14.40 -5.33
C GLY A 12 8.32 13.43 -4.66
N GLY A 13 9.23 12.85 -5.45
CA GLY A 13 10.20 11.91 -4.91
C GLY A 13 9.86 10.47 -5.26
N HIS A 14 10.29 9.55 -4.40
CA HIS A 14 10.04 8.12 -4.60
C HIS A 14 9.50 7.52 -3.31
N PHE A 15 8.80 6.38 -3.41
CA PHE A 15 8.22 5.73 -2.25
C PHE A 15 8.28 4.21 -2.39
N LEU A 16 8.83 3.54 -1.37
CA LEU A 16 8.94 2.07 -1.38
C LEU A 16 9.69 1.53 -0.15
N ARG A 17 9.55 2.18 1.00
CA ARG A 17 10.22 1.71 2.21
C ARG A 17 9.25 1.58 3.37
N ILE A 18 9.42 0.51 4.14
CA ILE A 18 8.57 0.24 5.29
C ILE A 18 9.43 -0.12 6.50
N LEU A 19 9.29 0.65 7.57
CA LEU A 19 10.07 0.42 8.78
C LEU A 19 9.35 -0.61 9.67
N PRO A 20 10.11 -1.57 10.22
CA PRO A 20 9.57 -2.62 11.08
C PRO A 20 8.71 -2.07 12.21
N ASP A 21 9.11 -0.91 12.74
CA ASP A 21 8.37 -0.25 13.82
C ASP A 21 6.92 -0.02 13.41
N GLY A 22 6.67 0.08 12.10
CA GLY A 22 5.32 0.29 11.60
C GLY A 22 5.15 1.63 10.93
N THR A 23 5.99 1.94 9.95
CA THR A 23 5.89 3.21 9.24
C THR A 23 6.47 3.11 7.83
N VAL A 24 5.82 3.77 6.88
CA VAL A 24 6.25 3.79 5.48
C VAL A 24 6.61 5.22 5.08
N ASP A 25 7.66 5.38 4.28
CA ASP A 25 8.09 6.70 3.85
C ASP A 25 8.62 6.68 2.42
N GLY A 26 9.20 7.81 1.98
CA GLY A 26 9.72 7.93 0.64
C GLY A 26 11.10 7.32 0.49
N THR A 27 11.32 6.61 -0.61
CA THR A 27 12.59 5.96 -0.89
C THR A 27 12.69 5.60 -2.36
N ARG A 28 13.91 5.45 -2.86
CA ARG A 28 14.14 5.10 -4.26
C ARG A 28 14.81 3.72 -4.37
N ASP A 29 14.35 2.91 -5.31
CA ASP A 29 14.91 1.57 -5.51
C ASP A 29 14.51 1.04 -6.90
N ARG A 30 15.07 -0.09 -7.29
CA ARG A 30 14.78 -0.69 -8.59
C ARG A 30 13.47 -1.47 -8.51
N SER A 31 12.36 -0.75 -8.50
CA SER A 31 11.04 -1.36 -8.43
C SER A 31 10.98 -2.36 -7.26
N ASP A 32 11.66 -2.01 -6.16
CA ASP A 32 11.72 -2.87 -4.99
C ASP A 32 11.21 -2.14 -3.76
N GLN A 33 11.19 -2.85 -2.63
CA GLN A 33 10.73 -2.29 -1.37
C GLN A 33 11.82 -2.46 -0.31
N HIS A 34 11.45 -2.48 0.97
CA HIS A 34 12.41 -2.68 2.05
C HIS A 34 13.29 -3.88 1.69
N ILE A 35 12.65 -4.89 1.13
CA ILE A 35 13.33 -6.10 0.69
C ILE A 35 12.69 -6.62 -0.60
N GLN A 36 11.36 -6.62 -0.63
CA GLN A 36 10.60 -7.08 -1.80
C GLN A 36 9.11 -7.16 -1.46
N LEU A 37 8.31 -6.28 -2.03
CA LEU A 37 6.88 -6.28 -1.76
C LEU A 37 6.16 -7.27 -2.68
N GLN A 38 5.40 -8.17 -2.07
CA GLN A 38 4.65 -9.18 -2.80
C GLN A 38 3.15 -8.92 -2.66
N LEU A 39 2.43 -8.91 -3.78
CA LEU A 39 1.00 -8.69 -3.77
C LEU A 39 0.33 -9.50 -4.87
N SER A 40 -0.40 -10.54 -4.49
CA SER A 40 -1.09 -11.40 -5.44
C SER A 40 -1.69 -12.63 -4.73
N ALA A 41 -2.30 -13.52 -5.51
CA ALA A 41 -2.90 -14.75 -4.99
C ALA A 41 -4.25 -14.49 -4.32
N GLU A 42 -4.87 -13.35 -4.61
CA GLU A 42 -6.16 -13.00 -4.02
C GLU A 42 -7.25 -12.97 -5.10
N SER A 43 -8.49 -12.95 -4.65
CA SER A 43 -9.63 -12.93 -5.56
C SER A 43 -9.72 -11.59 -6.30
N VAL A 44 -10.10 -11.64 -7.57
CA VAL A 44 -10.23 -10.45 -8.41
C VAL A 44 -10.64 -9.22 -7.61
N GLY A 45 -9.80 -8.18 -7.67
CA GLY A 45 -10.08 -6.95 -6.96
C GLY A 45 -9.41 -6.91 -5.59
N GLU A 46 -9.54 -8.00 -4.85
CA GLU A 46 -8.96 -8.10 -3.52
C GLU A 46 -7.47 -8.41 -3.62
N VAL A 47 -6.66 -7.79 -2.78
CA VAL A 47 -5.23 -8.00 -2.80
C VAL A 47 -4.63 -8.02 -1.40
N TYR A 48 -3.62 -8.86 -1.23
CA TYR A 48 -2.91 -9.01 0.04
C TYR A 48 -1.56 -8.29 -0.07
N ILE A 49 -1.22 -7.47 0.91
CA ILE A 49 0.03 -6.72 0.88
C ILE A 49 1.13 -7.45 1.65
N LYS A 50 1.87 -8.28 0.93
CA LYS A 50 2.96 -9.05 1.51
C LYS A 50 4.28 -8.31 1.33
N SER A 51 4.58 -7.39 2.24
CA SER A 51 5.79 -6.61 2.18
C SER A 51 7.00 -7.41 2.68
N THR A 52 7.97 -7.62 1.78
CA THR A 52 9.20 -8.34 2.11
C THR A 52 8.98 -9.86 2.15
N GLU A 53 10.01 -10.60 1.74
CA GLU A 53 9.95 -12.04 1.72
C GLU A 53 9.58 -12.61 3.09
N THR A 54 10.22 -12.08 4.13
CA THR A 54 9.94 -12.54 5.49
C THR A 54 10.14 -11.43 6.52
N GLY A 55 9.65 -11.65 7.74
CA GLY A 55 9.81 -10.66 8.79
C GLY A 55 8.79 -9.53 8.72
N GLN A 56 8.88 -8.73 7.66
CA GLN A 56 7.97 -7.60 7.49
C GLN A 56 6.56 -8.08 7.19
N TYR A 57 5.58 -7.29 7.62
CA TYR A 57 4.17 -7.61 7.41
C TYR A 57 3.37 -6.32 7.33
N LEU A 58 2.69 -6.11 6.21
CA LEU A 58 1.91 -4.89 6.01
C LEU A 58 0.47 -5.06 6.48
N ALA A 59 0.03 -4.19 7.38
CA ALA A 59 -1.32 -4.24 7.90
C ALA A 59 -1.86 -2.83 8.11
N MET A 60 -3.17 -2.65 7.87
CA MET A 60 -3.81 -1.35 8.03
C MET A 60 -4.16 -1.11 9.49
N ASP A 61 -4.04 0.14 9.93
CA ASP A 61 -4.36 0.51 11.30
C ASP A 61 -5.86 0.78 11.43
N THR A 62 -6.41 0.46 12.60
CA THR A 62 -7.83 0.62 12.86
C THR A 62 -8.30 2.07 12.63
N ASP A 63 -7.53 3.04 13.13
CA ASP A 63 -7.91 4.44 12.99
C ASP A 63 -7.82 4.91 11.54
N GLY A 64 -6.62 4.79 10.96
CA GLY A 64 -6.43 5.19 9.58
C GLY A 64 -4.96 5.35 9.22
N LEU A 65 -4.15 4.38 9.64
CA LEU A 65 -2.72 4.37 9.36
C LEU A 65 -2.32 3.05 8.73
N LEU A 66 -1.06 2.95 8.33
CA LEU A 66 -0.54 1.72 7.73
C LEU A 66 0.82 1.39 8.34
N TYR A 67 0.99 0.15 8.80
CA TYR A 67 2.25 -0.26 9.42
C TYR A 67 2.72 -1.60 8.87
N GLY A 68 4.05 -1.76 8.84
CA GLY A 68 4.64 -2.99 8.33
C GLY A 68 5.25 -3.83 9.45
N SER A 69 4.43 -4.20 10.42
CA SER A 69 4.89 -5.00 11.55
C SER A 69 4.28 -6.41 11.47
N GLN A 70 5.09 -7.42 11.78
CA GLN A 70 4.64 -8.81 11.72
C GLN A 70 3.45 -9.04 12.65
N THR A 71 2.25 -9.04 12.09
CA THR A 71 1.04 -9.27 12.86
C THR A 71 -0.08 -9.79 11.95
N PRO A 72 -0.08 -11.10 11.67
CA PRO A 72 -1.09 -11.72 10.81
C PRO A 72 -2.51 -11.35 11.22
N ASN A 73 -3.25 -10.72 10.30
CA ASN A 73 -4.62 -10.32 10.59
C ASN A 73 -5.35 -9.88 9.32
N GLU A 74 -6.68 -9.96 9.35
CA GLU A 74 -7.52 -9.59 8.21
C GLU A 74 -7.20 -8.18 7.70
N GLU A 75 -6.68 -7.33 8.60
CA GLU A 75 -6.33 -5.96 8.25
C GLU A 75 -5.33 -5.89 7.09
N CYS A 76 -4.76 -7.05 6.71
CA CYS A 76 -3.81 -7.10 5.59
C CYS A 76 -4.53 -7.29 4.25
N LEU A 77 -5.86 -7.43 4.27
CA LEU A 77 -6.63 -7.61 3.04
C LEU A 77 -7.13 -6.27 2.50
N PHE A 78 -6.68 -5.93 1.30
CA PHE A 78 -7.06 -4.67 0.66
C PHE A 78 -7.65 -4.90 -0.72
N LEU A 79 -8.20 -3.84 -1.30
CA LEU A 79 -8.80 -3.89 -2.63
C LEU A 79 -7.96 -3.04 -3.59
N GLU A 80 -7.42 -3.67 -4.64
CA GLU A 80 -6.60 -2.96 -5.62
C GLU A 80 -7.45 -2.57 -6.84
N ARG A 81 -7.53 -1.28 -7.10
CA ARG A 81 -8.31 -0.77 -8.22
C ARG A 81 -7.41 -0.02 -9.21
N LEU A 82 -6.95 -0.72 -10.24
CA LEU A 82 -6.08 -0.13 -11.26
C LEU A 82 -6.88 0.31 -12.48
N GLU A 83 -6.74 1.57 -12.87
CA GLU A 83 -7.46 2.11 -14.01
C GLU A 83 -6.57 2.26 -15.25
N GLU A 84 -5.40 1.61 -15.23
CA GLU A 84 -4.46 1.65 -16.36
C GLU A 84 -3.81 3.03 -16.54
N ASN A 85 -4.62 4.10 -16.52
CA ASN A 85 -4.11 5.47 -16.70
C ASN A 85 -3.14 5.88 -15.59
N HIS A 86 -1.99 5.19 -15.52
CA HIS A 86 -0.94 5.48 -14.55
C HIS A 86 -1.49 5.87 -13.17
N TYR A 87 -2.55 5.20 -12.73
CA TYR A 87 -3.14 5.49 -11.43
C TYR A 87 -4.06 4.36 -10.98
N ASN A 88 -4.14 4.16 -9.67
CA ASN A 88 -4.97 3.11 -9.09
C ASN A 88 -5.50 3.54 -7.73
N THR A 89 -6.44 2.77 -7.19
CA THR A 89 -7.03 3.06 -5.90
C THR A 89 -6.90 1.85 -4.97
N TYR A 90 -6.51 2.11 -3.72
CA TYR A 90 -6.35 1.06 -2.72
C TYR A 90 -7.31 1.30 -1.55
N ILE A 91 -8.15 0.32 -1.26
CA ILE A 91 -9.10 0.43 -0.16
C ILE A 91 -9.11 -0.84 0.68
N SER A 92 -9.68 -0.76 1.87
CA SER A 92 -9.75 -1.89 2.79
C SER A 92 -10.78 -2.92 2.31
N LYS A 93 -10.41 -4.20 2.41
CA LYS A 93 -11.30 -5.28 2.00
C LYS A 93 -12.38 -5.52 3.05
N LYS A 94 -11.96 -5.81 4.29
CA LYS A 94 -12.91 -6.06 5.36
C LYS A 94 -13.62 -4.77 5.77
N HIS A 95 -12.87 -3.68 5.89
CA HIS A 95 -13.44 -2.38 6.27
C HIS A 95 -14.13 -1.75 5.07
N ALA A 96 -15.20 -2.38 4.62
CA ALA A 96 -15.97 -1.90 3.47
C ALA A 96 -16.80 -0.66 3.84
N GLU A 97 -17.23 -0.60 5.10
CA GLU A 97 -18.04 0.52 5.58
C GLU A 97 -17.23 1.81 5.55
N LYS A 98 -15.94 1.70 5.84
CA LYS A 98 -15.05 2.86 5.87
C LYS A 98 -14.05 2.79 4.71
N ASN A 99 -14.56 2.86 3.49
CA ASN A 99 -13.70 2.79 2.31
C ASN A 99 -12.93 4.11 2.14
N TRP A 100 -11.85 4.24 2.89
CA TRP A 100 -11.01 5.43 2.84
C TRP A 100 -9.71 5.14 2.08
N PHE A 101 -9.36 6.02 1.16
CA PHE A 101 -8.15 5.86 0.35
C PHE A 101 -6.90 6.12 1.19
N VAL A 102 -5.89 5.28 0.99
CA VAL A 102 -4.63 5.41 1.72
C VAL A 102 -3.80 6.60 1.21
N GLY A 103 -2.49 6.58 1.45
CA GLY A 103 -1.64 7.67 0.99
C GLY A 103 -0.62 8.08 2.03
N LEU A 104 0.66 7.93 1.71
CA LEU A 104 1.74 8.31 2.60
C LEU A 104 2.42 9.57 2.11
N LYS A 105 2.80 10.44 3.02
CA LYS A 105 3.45 11.69 2.67
C LYS A 105 4.97 11.57 2.84
N LYS A 106 5.70 12.10 1.86
CA LYS A 106 7.17 12.09 1.88
C LYS A 106 7.71 12.39 3.27
N ASN A 107 7.04 13.30 3.98
CA ASN A 107 7.43 13.69 5.33
C ASN A 107 7.65 12.45 6.22
N GLY A 108 6.94 11.36 5.92
CA GLY A 108 7.08 10.15 6.71
C GLY A 108 5.83 9.85 7.53
N SER A 109 4.67 9.99 6.92
CA SER A 109 3.40 9.73 7.60
C SER A 109 2.29 9.47 6.59
N CYS A 110 1.38 8.56 6.94
CA CYS A 110 0.26 8.23 6.06
C CYS A 110 -0.99 8.99 6.48
N LYS A 111 -1.68 9.57 5.50
CA LYS A 111 -2.89 10.32 5.75
C LYS A 111 -4.10 9.56 5.21
N ARG A 112 -4.73 8.79 6.09
CA ARG A 112 -5.90 8.00 5.73
C ARG A 112 -7.04 8.24 6.71
N GLY A 113 -6.77 8.02 8.00
CA GLY A 113 -7.78 8.20 9.03
C GLY A 113 -8.21 9.65 9.19
N PRO A 114 -7.27 10.55 9.56
CA PRO A 114 -7.57 11.96 9.77
C PRO A 114 -8.42 12.57 8.65
N ARG A 115 -7.99 12.42 7.41
CA ARG A 115 -8.71 12.95 6.26
C ARG A 115 -8.03 12.55 4.96
N THR A 116 -8.74 11.79 4.13
CA THR A 116 -8.21 11.34 2.86
C THR A 116 -9.25 11.53 1.75
N HIS A 117 -8.92 12.41 0.80
CA HIS A 117 -9.79 12.73 -0.32
C HIS A 117 -9.18 13.86 -1.14
N TYR A 118 -8.81 14.93 -0.45
CA TYR A 118 -8.20 16.10 -1.09
C TYR A 118 -6.75 15.80 -1.46
N GLY A 119 -6.27 16.45 -2.51
CA GLY A 119 -4.90 16.25 -2.95
C GLY A 119 -4.71 14.97 -3.72
N GLN A 120 -4.01 15.07 -4.85
CA GLN A 120 -3.73 13.91 -5.71
C GLN A 120 -3.36 12.69 -4.89
N LYS A 121 -2.58 12.88 -3.83
CA LYS A 121 -2.14 11.79 -2.96
C LYS A 121 -3.32 10.89 -2.55
N ALA A 122 -4.52 11.47 -2.48
CA ALA A 122 -5.70 10.73 -2.09
C ALA A 122 -6.08 9.67 -3.13
N ILE A 123 -5.78 9.92 -4.40
CA ILE A 123 -6.12 8.99 -5.46
C ILE A 123 -5.05 8.97 -6.57
N LEU A 124 -3.78 9.03 -6.18
CA LEU A 124 -2.70 9.02 -7.16
C LEU A 124 -1.58 8.06 -6.74
N PHE A 125 -1.91 6.77 -6.71
CA PHE A 125 -0.95 5.74 -6.34
C PHE A 125 -0.56 4.93 -7.57
N LEU A 126 0.74 4.78 -7.80
CA LEU A 126 1.25 4.04 -8.95
C LEU A 126 2.05 2.81 -8.51
N PRO A 127 1.40 1.64 -8.45
CA PRO A 127 2.04 0.40 -8.06
C PRO A 127 2.48 -0.41 -9.29
N LEU A 128 3.35 -1.38 -9.08
CA LEU A 128 3.80 -2.21 -10.19
C LEU A 128 2.63 -3.04 -10.74
N PRO A 129 2.53 -3.14 -12.07
CA PRO A 129 1.45 -3.89 -12.75
C PRO A 129 1.35 -5.36 -12.35
N VAL A 130 2.38 -5.88 -11.67
CA VAL A 130 2.38 -7.28 -11.24
C VAL A 130 1.30 -7.51 -10.19
N SER A 131 0.15 -8.04 -10.63
CA SER A 131 -0.96 -8.30 -9.75
C SER A 131 -1.73 -9.55 -10.19
N SER A 132 -2.64 -10.02 -9.35
CA SER A 132 -3.45 -11.19 -9.67
C SER A 132 -4.79 -10.76 -10.27
N ASP A 133 -4.90 -10.91 -11.58
CA ASP A 133 -6.13 -10.53 -12.28
C ASP A 133 -7.25 -11.52 -11.97
C1 IHP B . -2.46 17.83 4.22
C2 IHP B . -3.32 17.49 2.99
C3 IHP B . -3.01 18.49 1.85
C4 IHP B . -1.53 18.37 1.48
C5 IHP B . -0.65 18.68 2.70
C6 IHP B . -0.97 17.73 3.85
O11 IHP B . -2.72 16.91 5.29
P1 IHP B . -3.23 17.46 6.73
O21 IHP B . -4.46 18.28 6.67
O31 IHP B . -2.00 18.30 7.33
O41 IHP B . -3.42 16.17 7.68
O12 IHP B . -3.08 16.17 2.54
P2 IHP B . -4.27 15.08 2.50
O22 IHP B . -4.05 14.06 3.55
O32 IHP B . -5.64 15.88 2.75
O42 IHP B . -4.26 14.46 1.02
O13 IHP B . -3.79 18.18 0.71
P3 IHP B . -4.79 19.28 0.08
O23 IHP B . -4.14 20.61 0.15
O33 IHP B . -6.13 19.22 0.97
O43 IHP B . -5.12 18.88 -1.44
O14 IHP B . -1.21 19.30 0.44
P4 IHP B . -0.63 18.79 -0.98
O24 IHP B . -1.76 18.47 -1.89
O34 IHP B . 0.24 17.49 -0.61
O44 IHP B . 0.33 19.92 -1.57
O15 IHP B . 0.73 18.54 2.36
P5 IHP B . 1.75 19.79 2.49
O25 IHP B . 1.28 20.92 1.68
O35 IHP B . 1.80 20.17 4.06
O45 IHP B . 3.20 19.28 2.03
O16 IHP B . -0.15 18.04 4.98
P6 IHP B . 0.89 16.97 5.58
O26 IHP B . 1.63 17.51 6.75
O36 IHP B . 1.87 16.67 4.36
O46 IHP B . 0.08 15.64 5.96
H1 IHP B . -2.64 18.77 4.53
H2 IHP B . -4.28 17.57 3.25
H3 IHP B . -3.18 19.43 2.16
H4 IHP B . -1.33 17.43 1.18
H5 IHP B . -0.84 19.62 3.01
H6 IHP B . -0.80 16.78 3.53
N TYR A 1 2.22 -14.17 -10.73
CA TYR A 1 1.58 -13.10 -9.93
C TYR A 1 2.49 -12.61 -8.80
N LYS A 2 3.03 -13.54 -8.01
CA LYS A 2 3.90 -13.19 -6.89
C LYS A 2 5.27 -12.76 -7.40
N LYS A 3 5.43 -11.46 -7.61
CA LYS A 3 6.70 -10.90 -8.09
C LYS A 3 6.99 -9.57 -7.40
N PRO A 4 8.26 -9.11 -7.45
CA PRO A 4 8.68 -7.85 -6.83
C PRO A 4 7.82 -6.66 -7.27
N LYS A 5 7.03 -6.14 -6.36
CA LYS A 5 6.15 -5.01 -6.63
C LYS A 5 6.51 -3.83 -5.73
N LEU A 6 6.25 -2.62 -6.20
CA LEU A 6 6.53 -1.41 -5.44
C LEU A 6 5.32 -0.50 -5.44
N LEU A 7 5.14 0.26 -4.37
CA LEU A 7 4.02 1.19 -4.25
C LEU A 7 4.50 2.62 -4.44
N TYR A 8 4.58 3.04 -5.70
CA TYR A 8 5.04 4.38 -6.02
C TYR A 8 3.87 5.37 -5.96
N CYS A 9 4.03 6.41 -5.16
CA CYS A 9 3.01 7.44 -5.01
C CYS A 9 3.46 8.72 -5.72
N SER A 10 2.58 9.28 -6.54
CA SER A 10 2.90 10.50 -7.27
C SER A 10 2.79 11.71 -6.35
N ASN A 11 3.86 11.97 -5.59
CA ASN A 11 3.86 13.10 -4.67
C ASN A 11 5.24 13.77 -4.64
N GLY A 12 5.82 13.97 -5.82
CA GLY A 12 7.12 14.62 -5.92
C GLY A 12 8.21 13.92 -5.14
N GLY A 13 8.60 12.74 -5.60
CA GLY A 13 9.65 11.99 -4.93
C GLY A 13 9.58 10.51 -5.23
N HIS A 14 10.26 9.70 -4.43
CA HIS A 14 10.28 8.25 -4.58
C HIS A 14 9.75 7.60 -3.32
N PHE A 15 8.89 6.59 -3.45
CA PHE A 15 8.31 5.93 -2.29
C PHE A 15 8.36 4.41 -2.45
N LEU A 16 8.95 3.74 -1.47
CA LEU A 16 9.06 2.29 -1.47
C LEU A 16 9.88 1.78 -0.27
N ARG A 17 9.57 2.28 0.91
CA ARG A 17 10.27 1.86 2.13
C ARG A 17 9.30 1.75 3.31
N ILE A 18 9.56 0.78 4.17
CA ILE A 18 8.73 0.55 5.34
C ILE A 18 9.61 0.14 6.52
N LEU A 19 9.39 0.76 7.66
CA LEU A 19 10.16 0.47 8.86
C LEU A 19 9.41 -0.52 9.75
N PRO A 20 10.09 -1.60 10.18
CA PRO A 20 9.49 -2.64 11.03
C PRO A 20 8.68 -2.05 12.18
N ASP A 21 9.15 -0.93 12.70
CA ASP A 21 8.48 -0.24 13.80
C ASP A 21 7.02 0.02 13.47
N GLY A 22 6.70 0.08 12.18
CA GLY A 22 5.34 0.32 11.76
C GLY A 22 5.18 1.67 11.08
N THR A 23 6.12 2.02 10.21
CA THR A 23 6.07 3.30 9.51
C THR A 23 6.54 3.17 8.07
N VAL A 24 5.86 3.87 7.16
CA VAL A 24 6.20 3.87 5.74
C VAL A 24 6.65 5.26 5.31
N ASP A 25 7.65 5.34 4.44
CA ASP A 25 8.15 6.63 3.97
C ASP A 25 8.70 6.54 2.54
N GLY A 26 9.28 7.65 2.07
CA GLY A 26 9.83 7.69 0.74
C GLY A 26 11.24 7.12 0.66
N THR A 27 11.59 6.61 -0.51
CA THR A 27 12.89 6.02 -0.75
C THR A 27 13.05 5.70 -2.23
N ARG A 28 14.29 5.70 -2.72
CA ARG A 28 14.58 5.42 -4.11
C ARG A 28 15.19 4.03 -4.26
N ASP A 29 14.56 3.19 -5.06
CA ASP A 29 15.04 1.83 -5.28
C ASP A 29 14.65 1.35 -6.68
N ARG A 30 14.92 0.08 -6.99
CA ARG A 30 14.61 -0.47 -8.30
C ARG A 30 13.43 -1.44 -8.23
N SER A 31 12.24 -0.89 -7.98
CA SER A 31 11.01 -1.68 -7.90
C SER A 31 10.91 -2.52 -6.62
N ASP A 32 11.99 -2.60 -5.85
CA ASP A 32 11.98 -3.36 -4.61
C ASP A 32 11.86 -2.42 -3.41
N GLN A 33 10.86 -2.69 -2.58
CA GLN A 33 10.61 -1.90 -1.39
C GLN A 33 11.70 -2.16 -0.33
N HIS A 34 11.29 -2.45 0.93
CA HIS A 34 12.24 -2.73 2.01
C HIS A 34 13.25 -3.78 1.56
N ILE A 35 12.77 -4.72 0.76
CA ILE A 35 13.60 -5.80 0.21
C ILE A 35 12.91 -6.32 -1.05
N GLN A 36 11.60 -6.57 -0.91
CA GLN A 36 10.77 -7.05 -2.00
C GLN A 36 9.31 -7.05 -1.55
N LEU A 37 8.47 -6.27 -2.22
CA LEU A 37 7.06 -6.19 -1.85
C LEU A 37 6.22 -7.01 -2.83
N GLN A 38 5.27 -7.77 -2.29
CA GLN A 38 4.39 -8.60 -3.12
C GLN A 38 2.94 -8.24 -2.86
N LEU A 39 2.13 -8.31 -3.91
CA LEU A 39 0.71 -8.01 -3.82
C LEU A 39 -0.05 -8.88 -4.83
N SER A 40 -0.65 -9.95 -4.34
CA SER A 40 -1.39 -10.88 -5.20
C SER A 40 -2.02 -12.00 -4.37
N ALA A 41 -2.52 -13.03 -5.05
CA ALA A 41 -3.15 -14.19 -4.40
C ALA A 41 -4.48 -13.81 -3.73
N GLU A 42 -5.46 -13.43 -4.54
CA GLU A 42 -6.78 -13.07 -4.03
C GLU A 42 -7.80 -13.04 -5.17
N SER A 43 -9.08 -12.96 -4.81
CA SER A 43 -10.15 -12.91 -5.80
C SER A 43 -10.04 -11.64 -6.64
N VAL A 44 -10.44 -11.72 -7.90
CA VAL A 44 -10.39 -10.57 -8.81
C VAL A 44 -10.81 -9.29 -8.08
N GLY A 45 -9.85 -8.38 -7.92
CA GLY A 45 -10.11 -7.12 -7.24
C GLY A 45 -9.46 -7.07 -5.87
N GLU A 46 -9.58 -8.16 -5.12
CA GLU A 46 -9.00 -8.26 -3.80
C GLU A 46 -7.51 -8.51 -3.91
N VAL A 47 -6.73 -7.94 -3.00
CA VAL A 47 -5.29 -8.12 -3.04
C VAL A 47 -4.69 -8.24 -1.65
N TYR A 48 -3.76 -9.17 -1.50
CA TYR A 48 -3.06 -9.40 -0.25
C TYR A 48 -1.65 -8.83 -0.38
N ILE A 49 -1.30 -7.93 0.52
CA ILE A 49 0.02 -7.29 0.50
C ILE A 49 1.04 -8.05 1.31
N LYS A 50 2.24 -8.20 0.76
CA LYS A 50 3.33 -8.88 1.43
C LYS A 50 4.62 -8.07 1.29
N SER A 51 4.96 -7.34 2.34
CA SER A 51 6.16 -6.52 2.36
C SER A 51 7.37 -7.34 2.82
N THR A 52 8.28 -7.62 1.89
CA THR A 52 9.48 -8.40 2.17
C THR A 52 9.14 -9.89 2.18
N GLU A 53 9.98 -10.70 1.53
CA GLU A 53 9.76 -12.15 1.46
C GLU A 53 9.41 -12.70 2.84
N THR A 54 10.16 -12.29 3.85
CA THR A 54 9.93 -12.74 5.21
C THR A 54 10.35 -11.67 6.24
N GLY A 55 9.71 -11.68 7.40
CA GLY A 55 10.05 -10.74 8.45
C GLY A 55 9.07 -9.57 8.56
N GLN A 56 8.86 -8.86 7.46
CA GLN A 56 7.97 -7.71 7.44
C GLN A 56 6.52 -8.11 7.17
N TYR A 57 5.60 -7.20 7.48
CA TYR A 57 4.17 -7.44 7.28
C TYR A 57 3.41 -6.12 7.28
N LEU A 58 2.85 -5.76 6.13
CA LEU A 58 2.10 -4.52 6.00
C LEU A 58 0.67 -4.69 6.52
N ALA A 59 0.28 -3.83 7.45
CA ALA A 59 -1.05 -3.88 8.03
C ALA A 59 -1.59 -2.46 8.26
N MET A 60 -2.91 -2.32 8.22
CA MET A 60 -3.55 -1.02 8.42
C MET A 60 -4.19 -0.94 9.80
N ASP A 61 -4.02 0.19 10.47
CA ASP A 61 -4.59 0.41 11.79
C ASP A 61 -6.04 0.87 11.67
N THR A 62 -6.87 0.44 12.61
CA THR A 62 -8.29 0.79 12.61
C THR A 62 -8.52 2.29 12.45
N ASP A 63 -7.68 3.11 13.10
CA ASP A 63 -7.82 4.56 13.03
C ASP A 63 -7.64 5.07 11.61
N GLY A 64 -6.76 4.41 10.86
CA GLY A 64 -6.50 4.81 9.48
C GLY A 64 -5.05 5.09 9.23
N LEU A 65 -4.18 4.18 9.68
CA LEU A 65 -2.75 4.32 9.49
C LEU A 65 -2.16 2.99 9.01
N LEU A 66 -1.29 3.05 8.02
CA LEU A 66 -0.67 1.84 7.48
C LEU A 66 0.70 1.64 8.10
N TYR A 67 0.97 0.43 8.57
CA TYR A 67 2.24 0.12 9.21
C TYR A 67 2.75 -1.26 8.79
N GLY A 68 4.04 -1.47 8.94
CA GLY A 68 4.64 -2.74 8.58
C GLY A 68 5.21 -3.46 9.79
N SER A 69 4.41 -4.35 10.37
CA SER A 69 4.83 -5.11 11.54
C SER A 69 4.30 -6.54 11.45
N GLN A 70 5.11 -7.51 11.84
CA GLN A 70 4.72 -8.92 11.77
C GLN A 70 3.53 -9.20 12.68
N THR A 71 2.33 -9.07 12.12
CA THR A 71 1.11 -9.32 12.86
C THR A 71 -0.01 -9.77 11.91
N PRO A 72 -0.11 -11.09 11.65
CA PRO A 72 -1.13 -11.64 10.76
C PRO A 72 -2.53 -11.29 11.23
N ASN A 73 -3.25 -10.51 10.43
CA ASN A 73 -4.60 -10.11 10.76
C ASN A 73 -5.40 -9.77 9.49
N GLU A 74 -6.72 -9.85 9.59
CA GLU A 74 -7.61 -9.59 8.46
C GLU A 74 -7.37 -8.20 7.85
N GLU A 75 -6.89 -7.27 8.67
CA GLU A 75 -6.63 -5.90 8.22
C GLU A 75 -5.57 -5.84 7.11
N CYS A 76 -4.93 -6.96 6.81
CA CYS A 76 -3.89 -6.99 5.77
C CYS A 76 -4.48 -7.17 4.36
N LEU A 77 -5.78 -7.46 4.27
CA LEU A 77 -6.42 -7.66 2.96
C LEU A 77 -7.03 -6.35 2.45
N PHE A 78 -6.68 -5.99 1.22
CA PHE A 78 -7.17 -4.76 0.61
C PHE A 78 -7.71 -5.01 -0.80
N LEU A 79 -8.28 -3.97 -1.39
CA LEU A 79 -8.83 -4.03 -2.74
C LEU A 79 -8.00 -3.14 -3.66
N GLU A 80 -7.40 -3.73 -4.71
CA GLU A 80 -6.58 -2.97 -5.65
C GLU A 80 -7.40 -2.58 -6.89
N ARG A 81 -7.57 -1.29 -7.08
CA ARG A 81 -8.33 -0.78 -8.20
C ARG A 81 -7.43 0.00 -9.16
N LEU A 82 -7.01 -0.65 -10.25
CA LEU A 82 -6.14 -0.03 -11.25
C LEU A 82 -6.97 0.43 -12.44
N GLU A 83 -7.05 1.74 -12.65
CA GLU A 83 -7.84 2.29 -13.75
C GLU A 83 -7.02 2.43 -15.03
N GLU A 84 -5.79 1.90 -15.05
CA GLU A 84 -4.94 1.96 -16.24
C GLU A 84 -4.34 3.35 -16.45
N ASN A 85 -5.10 4.40 -16.15
CA ASN A 85 -4.64 5.78 -16.33
C ASN A 85 -3.46 6.10 -15.39
N HIS A 86 -2.37 5.35 -15.54
CA HIS A 86 -1.15 5.54 -14.74
C HIS A 86 -1.47 5.83 -13.26
N TYR A 87 -2.50 5.19 -12.73
CA TYR A 87 -2.89 5.39 -11.33
C TYR A 87 -3.88 4.31 -10.89
N ASN A 88 -3.91 4.05 -9.59
CA ASN A 88 -4.81 3.06 -9.02
C ASN A 88 -5.30 3.51 -7.64
N THR A 89 -6.24 2.75 -7.08
CA THR A 89 -6.79 3.06 -5.78
C THR A 89 -6.82 1.81 -4.90
N TYR A 90 -6.49 1.98 -3.62
CA TYR A 90 -6.48 0.88 -2.66
C TYR A 90 -7.47 1.16 -1.52
N ILE A 91 -8.31 0.17 -1.22
CA ILE A 91 -9.29 0.30 -0.14
C ILE A 91 -9.31 -0.94 0.74
N SER A 92 -9.57 -0.74 2.04
CA SER A 92 -9.61 -1.84 3.00
C SER A 92 -10.87 -2.68 2.79
N LYS A 93 -10.70 -3.90 2.28
CA LYS A 93 -11.82 -4.80 2.01
C LYS A 93 -12.66 -5.04 3.27
N LYS A 94 -12.02 -5.54 4.33
CA LYS A 94 -12.73 -5.82 5.58
C LYS A 94 -13.49 -4.58 6.10
N HIS A 95 -12.99 -3.40 5.77
CA HIS A 95 -13.63 -2.17 6.22
C HIS A 95 -14.43 -1.53 5.10
N ALA A 96 -15.16 -2.35 4.35
CA ALA A 96 -15.98 -1.85 3.24
C ALA A 96 -16.79 -0.62 3.66
N GLU A 97 -17.34 -0.65 4.87
CA GLU A 97 -18.14 0.46 5.39
C GLU A 97 -17.28 1.71 5.56
N LYS A 98 -16.02 1.52 5.93
CA LYS A 98 -15.10 2.63 6.13
C LYS A 98 -13.93 2.53 5.16
N ASN A 99 -14.26 2.22 3.90
CA ASN A 99 -13.26 2.07 2.85
C ASN A 99 -12.65 3.43 2.47
N TRP A 100 -11.82 3.96 3.35
CA TRP A 100 -11.16 5.24 3.11
C TRP A 100 -9.91 5.03 2.26
N PHE A 101 -9.60 6.00 1.41
CA PHE A 101 -8.44 5.93 0.54
C PHE A 101 -7.14 6.07 1.34
N VAL A 102 -6.15 5.27 0.98
CA VAL A 102 -4.84 5.29 1.64
C VAL A 102 -3.96 6.40 1.07
N GLY A 103 -2.64 6.25 1.16
CA GLY A 103 -1.74 7.25 0.63
C GLY A 103 -0.93 7.92 1.72
N LEU A 104 0.35 7.57 1.80
CA LEU A 104 1.24 8.14 2.80
C LEU A 104 1.75 9.52 2.34
N LYS A 105 2.87 9.95 2.92
CA LYS A 105 3.48 11.23 2.58
C LYS A 105 5.00 11.12 2.68
N LYS A 106 5.70 11.83 1.78
CA LYS A 106 7.17 11.81 1.75
C LYS A 106 7.81 11.98 3.13
N ASN A 107 7.19 12.80 3.98
CA ASN A 107 7.74 13.04 5.33
C ASN A 107 7.60 11.82 6.24
N GLY A 108 7.02 10.73 5.73
CA GLY A 108 6.87 9.53 6.53
C GLY A 108 5.64 9.60 7.41
N SER A 109 4.48 9.67 6.78
CA SER A 109 3.22 9.73 7.51
C SER A 109 2.05 9.34 6.61
N CYS A 110 0.93 8.96 7.21
CA CYS A 110 -0.26 8.56 6.48
C CYS A 110 -1.46 9.38 6.94
N LYS A 111 -2.45 9.52 6.06
CA LYS A 111 -3.65 10.28 6.40
C LYS A 111 -4.93 9.54 5.96
N ARG A 112 -4.89 8.21 6.04
CA ARG A 112 -6.04 7.38 5.66
C ARG A 112 -7.22 7.69 6.58
N GLY A 113 -6.95 7.78 7.87
CA GLY A 113 -7.99 8.08 8.85
C GLY A 113 -8.24 9.57 8.98
N PRO A 114 -7.18 10.38 9.20
CA PRO A 114 -7.30 11.84 9.35
C PRO A 114 -8.24 12.48 8.34
N ARG A 115 -7.89 12.42 7.05
CA ARG A 115 -8.73 13.02 6.02
C ARG A 115 -8.16 12.79 4.62
N THR A 116 -8.75 11.84 3.90
CA THR A 116 -8.34 11.53 2.54
C THR A 116 -9.43 12.01 1.57
N HIS A 117 -9.01 12.74 0.53
CA HIS A 117 -9.95 13.28 -0.46
C HIS A 117 -9.26 14.31 -1.36
N TYR A 118 -8.72 15.36 -0.75
CA TYR A 118 -8.05 16.43 -1.49
C TYR A 118 -6.59 16.07 -1.79
N GLY A 119 -6.10 16.52 -2.93
CA GLY A 119 -4.72 16.26 -3.32
C GLY A 119 -4.55 14.90 -3.95
N GLN A 120 -4.02 14.88 -5.18
CA GLN A 120 -3.79 13.63 -5.91
C GLN A 120 -3.09 12.62 -5.00
N LYS A 121 -2.24 13.12 -4.10
CA LYS A 121 -1.50 12.27 -3.16
C LYS A 121 -2.42 11.30 -2.40
N ALA A 122 -3.73 11.58 -2.40
CA ALA A 122 -4.70 10.73 -1.71
C ALA A 122 -5.36 9.72 -2.66
N ILE A 123 -5.27 9.96 -3.97
CA ILE A 123 -5.90 9.05 -4.95
C ILE A 123 -5.02 8.87 -6.19
N LEU A 124 -3.71 9.11 -6.04
CA LEU A 124 -2.78 8.97 -7.17
C LEU A 124 -1.64 8.05 -6.80
N PHE A 125 -1.89 6.75 -6.86
CA PHE A 125 -0.88 5.75 -6.54
C PHE A 125 -0.57 4.91 -7.78
N LEU A 126 0.71 4.75 -8.08
CA LEU A 126 1.12 3.98 -9.24
C LEU A 126 2.16 2.94 -8.87
N PRO A 127 1.71 1.71 -8.55
CA PRO A 127 2.58 0.61 -8.19
C PRO A 127 3.00 -0.19 -9.42
N LEU A 128 3.61 -1.36 -9.20
CA LEU A 128 4.01 -2.20 -10.32
C LEU A 128 2.82 -3.01 -10.85
N PRO A 129 2.73 -3.16 -12.19
CA PRO A 129 1.63 -3.90 -12.82
C PRO A 129 1.42 -5.29 -12.23
N VAL A 130 2.51 -5.94 -11.81
CA VAL A 130 2.44 -7.27 -11.22
C VAL A 130 1.33 -7.36 -10.17
N SER A 131 0.38 -8.26 -10.40
CA SER A 131 -0.75 -8.46 -9.50
C SER A 131 -1.53 -9.73 -9.87
N SER A 132 -2.50 -10.09 -9.04
CA SER A 132 -3.31 -11.28 -9.28
C SER A 132 -4.60 -10.90 -10.01
N ASP A 133 -4.70 -11.27 -11.28
CA ASP A 133 -5.90 -10.98 -12.07
C ASP A 133 -7.08 -11.76 -11.51
C1 IHP B . -2.44 17.52 4.10
C2 IHP B . -3.21 17.29 2.80
C3 IHP B . -2.75 18.32 1.73
C4 IHP B . -1.26 18.12 1.46
C5 IHP B . -0.46 18.32 2.75
C6 IHP B . -0.93 17.34 3.84
O11 IHP B . -2.85 16.58 5.10
P1 IHP B . -3.45 17.10 6.51
O21 IHP B . -4.63 18.01 6.37
O31 IHP B . -2.24 17.84 7.26
O41 IHP B . -3.80 15.80 7.38
O12 IHP B . -3.00 15.98 2.30
P2 IHP B . -4.24 14.97 2.09
O22 IHP B . -4.24 13.93 3.16
O32 IHP B . -5.58 15.87 2.15
O42 IHP B . -4.06 14.34 0.64
O13 IHP B . -3.47 18.10 0.52
P3 IHP B . -4.35 19.28 -0.14
O23 IHP B . -3.60 20.55 -0.07
O33 IHP B . -5.71 19.33 0.72
O43 IHP B . -4.68 18.89 -1.66
O14 IHP B . -0.80 19.06 0.49
P4 IHP B . -0.18 18.55 -0.90
O24 IHP B . -1.27 18.13 -1.81
O34 IHP B . 0.78 17.33 -0.50
O44 IHP B . 0.71 19.74 -1.52
O15 IHP B . 0.93 18.10 2.52
P5 IHP B . 2.03 19.25 2.78
O25 IHP B . 1.71 20.45 1.96
O35 IHP B . 1.98 19.59 4.35
O45 IHP B . 3.47 18.64 2.40
O16 IHP B . -0.19 17.55 5.04
P6 IHP B . 0.71 16.37 5.67
O26 IHP B . 1.40 16.80 6.92
O36 IHP B . 1.76 16.03 4.50
O46 IHP B . -0.24 15.10 5.93
H1 IHP B . -2.58 18.46 4.44
H2 IHP B . -4.20 17.43 2.97
H3 IHP B . -2.88 19.25 2.06
H4 IHP B . -1.12 17.17 1.14
H5 IHP B . -0.60 19.25 3.09
H6 IHP B . -0.80 16.40 3.50
N TYR A 1 2.43 -14.87 -10.55
CA TYR A 1 1.43 -14.02 -9.86
C TYR A 1 2.10 -13.02 -8.90
N LYS A 2 2.98 -13.50 -8.02
CA LYS A 2 3.64 -12.60 -7.07
C LYS A 2 5.05 -12.25 -7.56
N LYS A 3 5.32 -10.95 -7.63
CA LYS A 3 6.61 -10.45 -8.09
C LYS A 3 6.94 -9.14 -7.36
N PRO A 4 8.22 -8.76 -7.32
CA PRO A 4 8.65 -7.53 -6.66
C PRO A 4 7.88 -6.31 -7.18
N LYS A 5 6.93 -5.85 -6.37
CA LYS A 5 6.11 -4.69 -6.71
C LYS A 5 6.54 -3.49 -5.88
N LEU A 6 6.29 -2.28 -6.37
CA LEU A 6 6.64 -1.08 -5.64
C LEU A 6 5.44 -0.14 -5.59
N LEU A 7 5.19 0.44 -4.43
CA LEU A 7 4.07 1.37 -4.24
C LEU A 7 4.52 2.80 -4.46
N TYR A 8 4.65 3.19 -5.71
CA TYR A 8 5.09 4.54 -6.05
C TYR A 8 3.96 5.55 -5.88
N CYS A 9 4.28 6.67 -5.23
CA CYS A 9 3.32 7.74 -5.02
C CYS A 9 3.80 9.03 -5.67
N SER A 10 3.00 9.58 -6.56
CA SER A 10 3.35 10.81 -7.26
C SER A 10 3.21 12.02 -6.34
N ASN A 11 4.13 12.16 -5.38
CA ASN A 11 4.10 13.29 -4.46
C ASN A 11 5.50 13.86 -4.23
N GLY A 12 6.32 13.88 -5.28
CA GLY A 12 7.67 14.42 -5.17
C GLY A 12 8.65 13.42 -4.59
N GLY A 13 9.43 12.79 -5.46
CA GLY A 13 10.42 11.84 -5.01
C GLY A 13 10.04 10.41 -5.33
N HIS A 14 10.60 9.48 -4.57
CA HIS A 14 10.32 8.05 -4.75
C HIS A 14 9.81 7.47 -3.44
N PHE A 15 8.91 6.49 -3.52
CA PHE A 15 8.34 5.88 -2.33
C PHE A 15 8.31 4.36 -2.43
N LEU A 16 8.85 3.69 -1.41
CA LEU A 16 8.86 2.23 -1.35
C LEU A 16 9.68 1.71 -0.16
N ARG A 17 9.66 2.44 0.96
CA ARG A 17 10.40 2.04 2.15
C ARG A 17 9.46 1.82 3.32
N ILE A 18 9.63 0.71 4.01
CA ILE A 18 8.82 0.36 5.17
C ILE A 18 9.72 -0.03 6.35
N LEU A 19 9.43 0.55 7.51
CA LEU A 19 10.21 0.27 8.71
C LEU A 19 9.44 -0.68 9.64
N PRO A 20 10.14 -1.67 10.23
CA PRO A 20 9.54 -2.66 11.14
C PRO A 20 8.65 -2.01 12.19
N ASP A 21 9.07 -0.84 12.65
CA ASP A 21 8.31 -0.07 13.65
C ASP A 21 6.85 0.05 13.23
N GLY A 22 6.61 0.01 11.92
CA GLY A 22 5.27 0.12 11.38
C GLY A 22 5.05 1.44 10.68
N THR A 23 5.93 1.77 9.74
CA THR A 23 5.82 3.02 9.00
C THR A 23 6.44 2.89 7.62
N VAL A 24 5.76 3.45 6.63
CA VAL A 24 6.23 3.45 5.24
C VAL A 24 6.49 4.88 4.79
N ASP A 25 7.56 5.10 4.04
CA ASP A 25 7.90 6.44 3.58
C ASP A 25 8.66 6.43 2.24
N GLY A 26 9.20 7.59 1.87
CA GLY A 26 9.92 7.73 0.61
C GLY A 26 11.23 6.97 0.56
N THR A 27 11.62 6.60 -0.65
CA THR A 27 12.85 5.85 -0.92
C THR A 27 12.91 5.48 -2.40
N ARG A 28 14.11 5.39 -2.94
CA ARG A 28 14.28 5.05 -4.36
C ARG A 28 14.99 3.70 -4.49
N ASP A 29 14.40 2.80 -5.28
CA ASP A 29 14.97 1.47 -5.50
C ASP A 29 14.62 0.98 -6.90
N ARG A 30 15.13 -0.18 -7.27
CA ARG A 30 14.87 -0.75 -8.58
C ARG A 30 13.61 -1.63 -8.53
N SER A 31 12.45 -0.98 -8.46
CA SER A 31 11.18 -1.68 -8.40
C SER A 31 11.18 -2.66 -7.23
N ASP A 32 11.60 -2.17 -6.06
CA ASP A 32 11.68 -3.00 -4.87
C ASP A 32 11.12 -2.27 -3.65
N GLN A 33 11.34 -2.85 -2.48
CA GLN A 33 10.86 -2.27 -1.23
C GLN A 33 11.89 -2.50 -0.12
N HIS A 34 11.46 -2.41 1.15
CA HIS A 34 12.35 -2.64 2.29
C HIS A 34 13.22 -3.88 2.04
N ILE A 35 12.64 -4.84 1.34
CA ILE A 35 13.32 -6.08 0.99
C ILE A 35 12.69 -6.65 -0.29
N GLN A 36 11.36 -6.57 -0.37
CA GLN A 36 10.61 -7.04 -1.53
C GLN A 36 9.12 -6.90 -1.24
N LEU A 37 8.41 -6.18 -2.09
CA LEU A 37 6.97 -5.99 -1.90
C LEU A 37 6.20 -6.90 -2.85
N GLN A 38 5.34 -7.73 -2.31
CA GLN A 38 4.55 -8.65 -3.11
C GLN A 38 3.06 -8.39 -2.89
N LEU A 39 2.28 -8.48 -3.96
CA LEU A 39 0.85 -8.27 -3.89
C LEU A 39 0.15 -9.26 -4.80
N SER A 40 -0.53 -10.23 -4.22
CA SER A 40 -1.24 -11.27 -4.98
C SER A 40 -1.82 -12.33 -4.06
N ALA A 41 -2.38 -13.39 -4.66
CA ALA A 41 -2.97 -14.51 -3.91
C ALA A 41 -4.39 -14.19 -3.42
N GLU A 42 -5.12 -13.40 -4.20
CA GLU A 42 -6.49 -13.03 -3.86
C GLU A 42 -7.36 -13.07 -5.10
N SER A 43 -8.67 -13.12 -4.92
CA SER A 43 -9.60 -13.18 -6.05
C SER A 43 -9.73 -11.81 -6.72
N VAL A 44 -10.11 -11.83 -8.01
CA VAL A 44 -10.26 -10.61 -8.80
C VAL A 44 -10.86 -9.48 -7.96
N GLY A 45 -10.03 -8.48 -7.65
CA GLY A 45 -10.48 -7.36 -6.86
C GLY A 45 -9.77 -7.29 -5.53
N GLU A 46 -9.68 -8.44 -4.84
CA GLU A 46 -9.03 -8.51 -3.55
C GLU A 46 -7.52 -8.56 -3.75
N VAL A 47 -6.77 -7.96 -2.83
CA VAL A 47 -5.32 -7.95 -2.94
C VAL A 47 -4.64 -8.09 -1.58
N TYR A 48 -3.71 -9.02 -1.50
CA TYR A 48 -2.95 -9.28 -0.28
C TYR A 48 -1.57 -8.64 -0.42
N ILE A 49 -1.30 -7.64 0.41
CA ILE A 49 -0.03 -6.94 0.36
C ILE A 49 1.02 -7.57 1.28
N LYS A 50 2.11 -8.03 0.68
CA LYS A 50 3.19 -8.65 1.42
C LYS A 50 4.47 -7.83 1.29
N SER A 51 4.83 -7.13 2.36
CA SER A 51 6.03 -6.32 2.38
C SER A 51 7.17 -7.12 3.01
N THR A 52 8.17 -7.47 2.20
CA THR A 52 9.31 -8.24 2.65
C THR A 52 8.96 -9.73 2.70
N GLU A 53 9.59 -10.51 1.82
CA GLU A 53 9.36 -11.96 1.73
C GLU A 53 9.11 -12.57 3.11
N THR A 54 9.97 -12.22 4.07
CA THR A 54 9.84 -12.70 5.44
C THR A 54 10.44 -11.69 6.43
N GLY A 55 9.71 -11.39 7.50
CA GLY A 55 10.20 -10.45 8.48
C GLY A 55 9.29 -9.25 8.69
N GLN A 56 8.46 -8.95 7.69
CA GLN A 56 7.54 -7.82 7.78
C GLN A 56 6.15 -8.21 7.31
N TYR A 57 5.15 -7.44 7.73
CA TYR A 57 3.77 -7.70 7.36
C TYR A 57 3.00 -6.38 7.25
N LEU A 58 2.49 -6.09 6.07
CA LEU A 58 1.75 -4.84 5.83
C LEU A 58 0.30 -4.97 6.27
N ALA A 59 -0.13 -4.09 7.16
CA ALA A 59 -1.50 -4.09 7.66
C ALA A 59 -2.01 -2.67 7.86
N MET A 60 -3.31 -2.49 7.72
CA MET A 60 -3.94 -1.17 7.88
C MET A 60 -4.24 -0.91 9.35
N ASP A 61 -4.02 0.32 9.80
CA ASP A 61 -4.28 0.68 11.18
C ASP A 61 -5.78 0.98 11.35
N THR A 62 -6.34 0.49 12.44
CA THR A 62 -7.75 0.67 12.73
C THR A 62 -8.16 2.15 12.71
N ASP A 63 -7.31 3.01 13.26
CA ASP A 63 -7.62 4.44 13.31
C ASP A 63 -7.58 5.07 11.91
N GLY A 64 -6.39 5.31 11.39
CA GLY A 64 -6.28 5.93 10.07
C GLY A 64 -4.87 5.90 9.50
N LEU A 65 -4.13 4.83 9.79
CA LEU A 65 -2.77 4.69 9.29
C LEU A 65 -2.56 3.29 8.69
N LEU A 66 -1.31 2.99 8.33
CA LEU A 66 -0.95 1.70 7.77
C LEU A 66 0.47 1.36 8.20
N TYR A 67 0.72 0.11 8.55
CA TYR A 67 2.04 -0.28 9.02
C TYR A 67 2.47 -1.62 8.44
N GLY A 68 3.78 -1.89 8.47
CA GLY A 68 4.31 -3.13 7.95
C GLY A 68 5.07 -3.91 9.01
N SER A 69 4.41 -4.21 10.12
CA SER A 69 5.02 -4.94 11.21
C SER A 69 4.56 -6.40 11.21
N GLN A 70 5.42 -7.29 11.70
CA GLN A 70 5.12 -8.72 11.72
C GLN A 70 3.89 -9.02 12.59
N THR A 71 2.70 -8.94 12.00
CA THR A 71 1.46 -9.23 12.70
C THR A 71 0.35 -9.60 11.71
N PRO A 72 0.08 -10.90 11.53
CA PRO A 72 -0.95 -11.39 10.60
C PRO A 72 -2.37 -11.12 11.10
N ASN A 73 -3.21 -10.58 10.22
CA ASN A 73 -4.59 -10.27 10.58
C ASN A 73 -5.42 -9.90 9.35
N GLU A 74 -6.74 -10.00 9.47
CA GLU A 74 -7.65 -9.68 8.37
C GLU A 74 -7.42 -8.26 7.85
N GLU A 75 -6.96 -7.38 8.74
CA GLU A 75 -6.69 -5.98 8.38
C GLU A 75 -5.79 -5.88 7.14
N CYS A 76 -5.13 -6.98 6.78
CA CYS A 76 -4.27 -7.02 5.60
C CYS A 76 -5.09 -7.16 4.31
N LEU A 77 -6.40 -7.41 4.43
CA LEU A 77 -7.27 -7.56 3.26
C LEU A 77 -7.53 -6.20 2.60
N PHE A 78 -6.77 -5.91 1.55
CA PHE A 78 -6.89 -4.65 0.82
C PHE A 78 -7.57 -4.87 -0.53
N LEU A 79 -8.02 -3.77 -1.13
CA LEU A 79 -8.67 -3.81 -2.43
C LEU A 79 -7.91 -2.94 -3.42
N GLU A 80 -7.34 -3.55 -4.46
CA GLU A 80 -6.58 -2.81 -5.46
C GLU A 80 -7.46 -2.48 -6.67
N ARG A 81 -7.44 -1.22 -7.08
CA ARG A 81 -8.23 -0.76 -8.21
C ARG A 81 -7.35 -0.06 -9.23
N LEU A 82 -6.75 -0.85 -10.12
CA LEU A 82 -5.87 -0.30 -11.16
C LEU A 82 -6.69 0.24 -12.32
N GLU A 83 -6.60 1.55 -12.55
CA GLU A 83 -7.33 2.17 -13.64
C GLU A 83 -6.48 2.25 -14.92
N GLU A 84 -5.29 1.66 -14.90
CA GLU A 84 -4.40 1.66 -16.06
C GLU A 84 -3.79 3.04 -16.34
N ASN A 85 -4.65 4.06 -16.38
CA ASN A 85 -4.21 5.43 -16.65
C ASN A 85 -3.25 5.96 -15.59
N HIS A 86 -2.02 5.42 -15.61
CA HIS A 86 -0.97 5.83 -14.69
C HIS A 86 -1.50 6.05 -13.27
N TYR A 87 -2.48 5.26 -12.85
CA TYR A 87 -3.06 5.43 -11.53
C TYR A 87 -3.85 4.19 -11.10
N ASN A 88 -4.00 4.04 -9.79
CA ASN A 88 -4.75 2.94 -9.20
C ASN A 88 -5.32 3.38 -7.85
N THR A 89 -6.46 2.82 -7.48
CA THR A 89 -7.09 3.15 -6.21
C THR A 89 -6.91 2.01 -5.20
N TYR A 90 -6.55 2.36 -3.97
CA TYR A 90 -6.37 1.38 -2.91
C TYR A 90 -7.36 1.65 -1.78
N ILE A 91 -8.20 0.66 -1.48
CA ILE A 91 -9.19 0.80 -0.40
C ILE A 91 -9.22 -0.45 0.46
N SER A 92 -9.68 -0.28 1.70
CA SER A 92 -9.78 -1.38 2.64
C SER A 92 -10.88 -2.35 2.23
N LYS A 93 -10.56 -3.64 2.19
CA LYS A 93 -11.53 -4.66 1.81
C LYS A 93 -12.41 -5.02 3.00
N LYS A 94 -11.79 -5.55 4.06
CA LYS A 94 -12.53 -5.95 5.25
C LYS A 94 -13.32 -4.77 5.82
N HIS A 95 -12.70 -3.60 5.85
CA HIS A 95 -13.35 -2.40 6.38
C HIS A 95 -14.26 -1.74 5.34
N ALA A 96 -15.04 -2.55 4.62
CA ALA A 96 -15.94 -2.01 3.60
C ALA A 96 -16.80 -0.89 4.15
N GLU A 97 -17.25 -1.05 5.40
CA GLU A 97 -18.08 -0.06 6.06
C GLU A 97 -17.38 1.30 6.08
N LYS A 98 -16.06 1.30 6.19
CA LYS A 98 -15.28 2.52 6.25
C LYS A 98 -14.10 2.45 5.28
N ASN A 99 -14.42 2.44 3.99
CA ASN A 99 -13.40 2.39 2.95
C ASN A 99 -12.79 3.77 2.74
N TRP A 100 -11.54 3.94 3.16
CA TRP A 100 -10.85 5.20 3.03
C TRP A 100 -9.60 5.05 2.17
N PHE A 101 -9.39 5.99 1.27
CA PHE A 101 -8.23 5.98 0.39
C PHE A 101 -6.96 6.19 1.20
N VAL A 102 -5.96 5.36 0.96
CA VAL A 102 -4.69 5.46 1.68
C VAL A 102 -3.90 6.70 1.23
N GLY A 103 -2.57 6.63 1.21
CA GLY A 103 -1.77 7.76 0.80
C GLY A 103 -0.74 8.14 1.83
N LEU A 104 0.51 7.81 1.54
CA LEU A 104 1.62 8.13 2.44
C LEU A 104 2.22 9.49 2.08
N LYS A 105 3.23 9.90 2.81
CA LYS A 105 3.88 11.18 2.57
C LYS A 105 5.39 11.06 2.75
N LYS A 106 6.14 11.80 1.94
CA LYS A 106 7.60 11.78 2.01
C LYS A 106 8.09 11.94 3.45
N ASN A 107 7.36 12.76 4.22
CA ASN A 107 7.69 12.98 5.62
C ASN A 107 7.59 11.69 6.43
N GLY A 108 6.73 10.78 5.98
CA GLY A 108 6.52 9.52 6.67
C GLY A 108 5.12 9.42 7.25
N SER A 109 4.67 10.50 7.87
CA SER A 109 3.35 10.54 8.47
C SER A 109 2.26 10.41 7.40
N CYS A 110 1.89 9.16 7.12
CA CYS A 110 0.85 8.88 6.12
C CYS A 110 -0.50 9.44 6.56
N LYS A 111 -1.47 9.49 5.65
CA LYS A 111 -2.79 10.02 5.97
C LYS A 111 -3.90 9.18 5.34
N ARG A 112 -4.53 8.34 6.17
CA ARG A 112 -5.64 7.50 5.73
C ARG A 112 -6.91 7.86 6.49
N GLY A 113 -6.78 8.03 7.81
CA GLY A 113 -7.93 8.36 8.64
C GLY A 113 -8.20 9.85 8.77
N PRO A 114 -7.17 10.68 9.08
CA PRO A 114 -7.33 12.13 9.25
C PRO A 114 -8.36 12.74 8.30
N ARG A 115 -8.11 12.63 7.00
CA ARG A 115 -9.01 13.16 5.99
C ARG A 115 -8.47 12.86 4.59
N THR A 116 -8.92 11.75 4.03
CA THR A 116 -8.49 11.36 2.70
C THR A 116 -9.60 11.65 1.69
N HIS A 117 -9.29 12.45 0.68
CA HIS A 117 -10.27 12.84 -0.35
C HIS A 117 -9.65 13.89 -1.27
N TYR A 118 -9.35 15.05 -0.71
CA TYR A 118 -8.76 16.14 -1.47
C TYR A 118 -7.25 15.92 -1.59
N GLY A 119 -6.70 16.26 -2.75
CA GLY A 119 -5.29 16.08 -2.98
C GLY A 119 -5.01 14.76 -3.68
N GLN A 120 -4.46 14.85 -4.90
CA GLN A 120 -4.16 13.67 -5.71
C GLN A 120 -3.60 12.53 -4.88
N LYS A 121 -2.82 12.85 -3.86
CA LYS A 121 -2.23 11.83 -2.99
C LYS A 121 -3.27 10.83 -2.51
N ALA A 122 -4.51 11.28 -2.34
CA ALA A 122 -5.59 10.42 -1.86
C ALA A 122 -6.07 9.46 -2.94
N ILE A 123 -5.97 9.86 -4.20
CA ILE A 123 -6.44 9.02 -5.30
C ILE A 123 -5.45 9.05 -6.46
N LEU A 124 -4.17 8.80 -6.18
CA LEU A 124 -3.15 8.79 -7.20
C LEU A 124 -1.92 7.99 -6.75
N PHE A 125 -2.02 6.66 -6.86
CA PHE A 125 -0.93 5.76 -6.50
C PHE A 125 -0.50 4.97 -7.73
N LEU A 126 0.81 4.81 -7.91
CA LEU A 126 1.33 4.08 -9.06
C LEU A 126 2.16 2.86 -8.63
N PRO A 127 1.53 1.68 -8.58
CA PRO A 127 2.17 0.45 -8.22
C PRO A 127 2.56 -0.38 -9.45
N LEU A 128 3.38 -1.40 -9.25
CA LEU A 128 3.80 -2.26 -10.35
C LEU A 128 2.63 -3.12 -10.83
N PRO A 129 2.50 -3.29 -12.15
CA PRO A 129 1.41 -4.10 -12.77
C PRO A 129 1.35 -5.55 -12.28
N VAL A 130 2.40 -6.02 -11.59
CA VAL A 130 2.43 -7.39 -11.10
C VAL A 130 1.34 -7.60 -10.02
N SER A 131 0.15 -7.98 -10.47
CA SER A 131 -0.97 -8.23 -9.59
C SER A 131 -1.74 -9.47 -10.03
N SER A 132 -2.51 -10.05 -9.11
CA SER A 132 -3.32 -11.23 -9.41
C SER A 132 -4.59 -10.80 -10.14
N ASP A 133 -4.43 -10.28 -11.35
CA ASP A 133 -5.56 -9.83 -12.16
C ASP A 133 -6.57 -10.94 -12.34
C1 IHP B . -2.87 17.11 4.53
C2 IHP B . -3.67 16.88 3.24
C3 IHP B . -3.27 17.93 2.18
C4 IHP B . -1.77 17.78 1.88
C5 IHP B . -0.95 18.00 3.15
C6 IHP B . -1.37 16.99 4.23
O11 IHP B . -3.24 16.13 5.52
P1 IHP B . -3.82 16.58 6.97
O21 IHP B . -5.02 17.46 6.88
O31 IHP B . -2.61 17.33 7.71
O41 IHP B . -4.12 15.24 7.80
O12 IHP B . -3.47 15.58 2.73
P2 IHP B . -4.71 14.57 2.57
O22 IHP B . -4.49 13.38 3.43
O32 IHP B . -6.01 15.39 3.03
O42 IHP B . -4.82 14.20 1.02
O13 IHP B . -4.01 17.72 0.98
P3 IHP B . -4.93 18.89 0.37
O23 IHP B . -4.35 20.20 0.68
O33 IHP B . -6.38 18.68 1.04
O43 IHP B . -5.05 18.66 -1.22
O14 IHP B . -1.37 18.76 0.91
P4 IHP B . -0.73 18.29 -0.49
O24 IHP B . -1.69 17.43 -1.22
O34 IHP B . 0.60 17.49 -0.08
O44 IHP B . -0.33 19.60 -1.32
O15 IHP B . 0.43 17.83 2.88
P5 IHP B . 1.48 19.03 3.14
O25 IHP B . 1.07 20.21 2.34
O35 IHP B . 1.44 19.35 4.72
O45 IHP B . 2.94 18.52 2.72
O16 IHP B . -0.59 17.22 5.42
P6 IHP B . 0.40 16.09 6.00
O26 IHP B . 1.11 16.54 7.23
O36 IHP B . 1.43 15.81 4.79
O46 IHP B . -0.46 14.77 6.26
H1 IHP B . -3.05 18.03 4.89
H2 IHP B . -4.65 16.98 3.45
H3 IHP B . -3.42 18.85 2.53
H4 IHP B . -1.60 16.85 1.54
H5 IHP B . -1.12 18.92 3.51
H6 IHP B . -1.20 16.05 3.87
N TYR A 1 2.29 -14.06 -10.36
CA TYR A 1 1.60 -13.21 -9.34
C TYR A 1 2.59 -12.64 -8.31
N LYS A 2 3.55 -13.45 -7.86
CA LYS A 2 4.51 -12.96 -6.87
C LYS A 2 5.79 -12.43 -7.53
N LYS A 3 5.91 -11.11 -7.54
CA LYS A 3 7.07 -10.43 -8.12
C LYS A 3 7.34 -9.14 -7.35
N PRO A 4 8.60 -8.68 -7.32
CA PRO A 4 8.98 -7.46 -6.61
C PRO A 4 8.16 -6.25 -7.06
N LYS A 5 7.11 -5.96 -6.30
CA LYS A 5 6.23 -4.84 -6.60
C LYS A 5 6.64 -3.61 -5.79
N LEU A 6 6.14 -2.45 -6.18
CA LEU A 6 6.43 -1.20 -5.47
C LEU A 6 5.20 -0.30 -5.48
N LEU A 7 5.14 0.64 -4.55
CA LEU A 7 4.02 1.57 -4.44
C LEU A 7 4.50 3.01 -4.63
N TYR A 8 4.51 3.46 -5.88
CA TYR A 8 4.95 4.81 -6.19
C TYR A 8 3.83 5.82 -5.99
N CYS A 9 4.03 6.75 -5.07
CA CYS A 9 3.04 7.78 -4.80
C CYS A 9 3.40 9.05 -5.57
N SER A 10 2.51 9.49 -6.45
CA SER A 10 2.76 10.67 -7.26
C SER A 10 2.64 11.95 -6.42
N ASN A 11 3.54 12.09 -5.44
CA ASN A 11 3.54 13.27 -4.58
C ASN A 11 4.95 13.89 -4.53
N GLY A 12 5.72 13.68 -5.59
CA GLY A 12 7.07 14.21 -5.64
C GLY A 12 8.06 13.35 -4.87
N GLY A 13 9.00 12.76 -5.59
CA GLY A 13 10.00 11.93 -4.96
C GLY A 13 9.83 10.46 -5.30
N HIS A 14 10.23 9.60 -4.38
CA HIS A 14 10.13 8.15 -4.57
C HIS A 14 9.65 7.50 -3.28
N PHE A 15 8.84 6.45 -3.40
CA PHE A 15 8.30 5.77 -2.23
C PHE A 15 8.32 4.25 -2.43
N LEU A 16 8.94 3.54 -1.48
CA LEU A 16 9.02 2.08 -1.54
C LEU A 16 9.81 1.50 -0.35
N ARG A 17 9.63 2.07 0.83
CA ARG A 17 10.33 1.59 2.02
C ARG A 17 9.43 1.56 3.23
N ILE A 18 9.49 0.44 3.95
CA ILE A 18 8.70 0.24 5.15
C ILE A 18 9.61 -0.07 6.34
N LEU A 19 9.36 0.58 7.46
CA LEU A 19 10.16 0.38 8.66
C LEU A 19 9.50 -0.65 9.57
N PRO A 20 10.26 -1.68 9.99
CA PRO A 20 9.76 -2.76 10.86
C PRO A 20 8.94 -2.25 12.04
N ASP A 21 9.27 -1.04 12.51
CA ASP A 21 8.55 -0.43 13.63
C ASP A 21 7.07 -0.26 13.29
N GLY A 22 6.76 -0.16 12.01
CA GLY A 22 5.40 0.01 11.56
C GLY A 22 5.18 1.38 10.93
N THR A 23 6.01 1.71 9.96
CA THR A 23 5.92 2.99 9.27
C THR A 23 6.50 2.89 7.86
N VAL A 24 5.86 3.56 6.91
CA VAL A 24 6.32 3.57 5.51
C VAL A 24 6.81 4.97 5.14
N ASP A 25 7.94 5.03 4.42
CA ASP A 25 8.50 6.32 4.02
C ASP A 25 8.95 6.31 2.55
N GLY A 26 9.51 7.44 2.11
CA GLY A 26 9.94 7.58 0.74
C GLY A 26 11.36 7.09 0.50
N THR A 27 11.53 6.31 -0.55
CA THR A 27 12.83 5.77 -0.92
C THR A 27 12.84 5.37 -2.39
N ARG A 28 14.01 5.15 -2.97
CA ARG A 28 14.12 4.77 -4.37
C ARG A 28 14.92 3.47 -4.52
N ASP A 29 14.46 2.61 -5.43
CA ASP A 29 15.14 1.34 -5.68
C ASP A 29 14.74 0.82 -7.06
N ARG A 30 15.41 -0.23 -7.52
CA ARG A 30 15.13 -0.80 -8.84
C ARG A 30 13.82 -1.60 -8.80
N SER A 31 12.71 -0.90 -8.68
CA SER A 31 11.40 -1.53 -8.63
C SER A 31 11.32 -2.54 -7.47
N ASP A 32 11.80 -2.11 -6.31
CA ASP A 32 11.81 -2.94 -5.13
C ASP A 32 11.21 -2.18 -3.94
N GLN A 33 11.22 -2.82 -2.78
CA GLN A 33 10.69 -2.23 -1.56
C GLN A 33 11.72 -2.37 -0.43
N HIS A 34 11.28 -2.29 0.83
CA HIS A 34 12.20 -2.46 1.97
C HIS A 34 13.15 -3.61 1.69
N ILE A 35 12.60 -4.65 1.08
CA ILE A 35 13.36 -5.83 0.68
C ILE A 35 12.72 -6.44 -0.57
N GLN A 36 11.38 -6.54 -0.57
CA GLN A 36 10.64 -7.07 -1.70
C GLN A 36 9.13 -7.00 -1.40
N LEU A 37 8.39 -6.22 -2.19
CA LEU A 37 6.96 -6.09 -2.00
C LEU A 37 6.22 -7.08 -2.89
N GLN A 38 5.24 -7.77 -2.32
CA GLN A 38 4.43 -8.74 -3.06
C GLN A 38 2.94 -8.46 -2.86
N LEU A 39 2.21 -8.47 -3.96
CA LEU A 39 0.77 -8.23 -3.92
C LEU A 39 0.05 -9.20 -4.83
N SER A 40 -0.69 -10.14 -4.24
CA SER A 40 -1.44 -11.15 -4.99
C SER A 40 -2.07 -12.17 -4.04
N ALA A 41 -2.47 -13.33 -4.56
CA ALA A 41 -3.07 -14.39 -3.76
C ALA A 41 -4.48 -14.02 -3.29
N GLU A 42 -5.23 -13.32 -4.15
CA GLU A 42 -6.59 -12.91 -3.83
C GLU A 42 -7.43 -12.84 -5.11
N SER A 43 -8.75 -12.83 -4.94
CA SER A 43 -9.66 -12.78 -6.09
C SER A 43 -9.59 -11.43 -6.80
N VAL A 44 -10.40 -11.26 -7.83
CA VAL A 44 -10.43 -10.01 -8.57
C VAL A 44 -10.76 -8.85 -7.63
N GLY A 45 -9.88 -7.85 -7.60
CA GLY A 45 -10.09 -6.70 -6.74
C GLY A 45 -9.40 -6.89 -5.40
N GLU A 46 -9.72 -8.00 -4.73
CA GLU A 46 -9.11 -8.31 -3.44
C GLU A 46 -7.62 -8.59 -3.62
N VAL A 47 -6.80 -8.01 -2.76
CA VAL A 47 -5.36 -8.24 -2.87
C VAL A 47 -4.67 -8.24 -1.50
N TYR A 48 -3.73 -9.16 -1.35
CA TYR A 48 -2.94 -9.28 -0.14
C TYR A 48 -1.60 -8.59 -0.35
N ILE A 49 -1.29 -7.62 0.50
CA ILE A 49 -0.05 -6.85 0.39
C ILE A 49 1.03 -7.39 1.33
N LYS A 50 2.08 -7.97 0.75
CA LYS A 50 3.18 -8.51 1.53
C LYS A 50 4.45 -7.70 1.29
N SER A 51 5.12 -7.33 2.37
CA SER A 51 6.35 -6.56 2.29
C SER A 51 7.50 -7.39 2.85
N THR A 52 8.46 -7.73 1.99
CA THR A 52 9.63 -8.51 2.39
C THR A 52 9.28 -10.01 2.44
N GLU A 53 10.17 -10.84 1.91
CA GLU A 53 9.95 -12.29 1.90
C GLU A 53 9.72 -12.79 3.32
N THR A 54 10.50 -12.27 4.26
CA THR A 54 10.38 -12.66 5.66
C THR A 54 10.88 -11.53 6.57
N GLY A 55 10.19 -11.32 7.69
CA GLY A 55 10.58 -10.28 8.63
C GLY A 55 9.71 -9.03 8.55
N GLN A 56 8.59 -9.11 7.84
CA GLN A 56 7.69 -7.98 7.71
C GLN A 56 6.26 -8.44 7.46
N TYR A 57 5.33 -7.48 7.46
CA TYR A 57 3.91 -7.76 7.27
C TYR A 57 3.13 -6.43 7.21
N LEU A 58 2.49 -6.16 6.09
CA LEU A 58 1.76 -4.91 5.92
C LEU A 58 0.34 -5.04 6.45
N ALA A 59 0.00 -4.22 7.43
CA ALA A 59 -1.33 -4.24 8.03
C ALA A 59 -1.87 -2.82 8.22
N MET A 60 -3.19 -2.71 8.26
CA MET A 60 -3.83 -1.41 8.44
C MET A 60 -4.20 -1.18 9.91
N ASP A 61 -4.20 0.09 10.31
CA ASP A 61 -4.55 0.47 11.66
C ASP A 61 -6.01 0.93 11.70
N THR A 62 -6.74 0.52 12.75
CA THR A 62 -8.15 0.87 12.89
C THR A 62 -8.38 2.39 12.72
N ASP A 63 -7.45 3.21 13.21
CA ASP A 63 -7.59 4.66 13.11
C ASP A 63 -7.56 5.11 11.65
N GLY A 64 -6.80 4.40 10.83
CA GLY A 64 -6.67 4.75 9.43
C GLY A 64 -5.23 4.99 9.04
N LEU A 65 -4.37 4.02 9.36
CA LEU A 65 -2.94 4.13 9.08
C LEU A 65 -2.41 2.77 8.62
N LEU A 66 -1.37 2.77 7.80
CA LEU A 66 -0.77 1.54 7.32
C LEU A 66 0.58 1.33 8.00
N TYR A 67 0.84 0.11 8.47
CA TYR A 67 2.08 -0.20 9.14
C TYR A 67 2.62 -1.57 8.73
N GLY A 68 3.94 -1.69 8.76
CA GLY A 68 4.59 -2.94 8.42
C GLY A 68 5.11 -3.66 9.64
N SER A 69 4.30 -4.55 10.19
CA SER A 69 4.68 -5.31 11.38
C SER A 69 4.09 -6.71 11.30
N GLN A 70 4.88 -7.70 11.72
CA GLN A 70 4.44 -9.09 11.70
C GLN A 70 3.28 -9.32 12.65
N THR A 71 2.08 -8.98 12.19
CA THR A 71 0.88 -9.15 12.99
C THR A 71 -0.25 -9.72 12.12
N PRO A 72 -0.22 -11.04 11.86
CA PRO A 72 -1.24 -11.71 11.06
C PRO A 72 -2.66 -11.40 11.53
N ASN A 73 -3.42 -10.71 10.69
CA ASN A 73 -4.80 -10.35 11.03
C ASN A 73 -5.58 -10.01 9.76
N GLU A 74 -6.89 -9.85 9.91
CA GLU A 74 -7.77 -9.53 8.78
C GLU A 74 -7.52 -8.12 8.26
N GLU A 75 -6.75 -7.32 9.02
CA GLU A 75 -6.45 -5.95 8.64
C GLU A 75 -5.36 -5.88 7.54
N CYS A 76 -5.25 -6.93 6.73
CA CYS A 76 -4.27 -6.97 5.66
C CYS A 76 -4.95 -7.15 4.30
N LEU A 77 -6.30 -7.17 4.29
CA LEU A 77 -7.06 -7.33 3.06
C LEU A 77 -7.40 -5.97 2.45
N PHE A 78 -6.80 -5.69 1.31
CA PHE A 78 -7.02 -4.42 0.62
C PHE A 78 -7.57 -4.67 -0.78
N LEU A 79 -8.25 -3.66 -1.32
CA LEU A 79 -8.81 -3.74 -2.66
C LEU A 79 -7.93 -2.97 -3.63
N GLU A 80 -7.44 -3.65 -4.67
CA GLU A 80 -6.58 -3.02 -5.66
C GLU A 80 -7.39 -2.62 -6.90
N ARG A 81 -7.52 -1.32 -7.13
CA ARG A 81 -8.28 -0.82 -8.27
C ARG A 81 -7.38 -0.05 -9.24
N LEU A 82 -6.91 -0.73 -10.29
CA LEU A 82 -6.05 -0.11 -11.29
C LEU A 82 -6.91 0.48 -12.41
N GLU A 83 -6.79 1.77 -12.66
CA GLU A 83 -7.60 2.42 -13.69
C GLU A 83 -6.82 2.64 -14.99
N GLU A 84 -5.76 1.87 -15.21
CA GLU A 84 -4.96 1.97 -16.43
C GLU A 84 -4.19 3.30 -16.55
N ASN A 85 -4.87 4.41 -16.32
CA ASN A 85 -4.27 5.74 -16.43
C ASN A 85 -3.12 5.95 -15.43
N HIS A 86 -2.07 5.14 -15.55
CA HIS A 86 -0.89 5.19 -14.70
C HIS A 86 -1.24 5.46 -13.24
N TYR A 87 -2.36 4.94 -12.77
CA TYR A 87 -2.78 5.15 -11.39
C TYR A 87 -3.81 4.12 -10.95
N ASN A 88 -3.84 3.87 -9.65
CA ASN A 88 -4.77 2.91 -9.06
C ASN A 88 -5.30 3.45 -7.74
N THR A 89 -6.29 2.76 -7.19
CA THR A 89 -6.87 3.16 -5.92
C THR A 89 -7.00 1.96 -4.98
N TYR A 90 -6.54 2.12 -3.75
CA TYR A 90 -6.60 1.05 -2.75
C TYR A 90 -7.60 1.39 -1.65
N ILE A 91 -8.35 0.38 -1.21
CA ILE A 91 -9.33 0.58 -0.15
C ILE A 91 -9.37 -0.65 0.78
N SER A 92 -9.87 -0.44 1.99
CA SER A 92 -9.97 -1.51 2.98
C SER A 92 -11.03 -2.54 2.59
N LYS A 93 -10.62 -3.80 2.52
CA LYS A 93 -11.54 -4.88 2.15
C LYS A 93 -12.44 -5.24 3.32
N LYS A 94 -11.84 -5.70 4.42
CA LYS A 94 -12.59 -6.09 5.61
C LYS A 94 -13.47 -4.95 6.09
N HIS A 95 -12.93 -3.74 6.09
CA HIS A 95 -13.65 -2.57 6.55
C HIS A 95 -14.35 -1.87 5.39
N ALA A 96 -15.00 -2.65 4.52
CA ALA A 96 -15.73 -2.10 3.39
C ALA A 96 -16.70 -1.01 3.83
N GLU A 97 -17.22 -1.15 5.06
CA GLU A 97 -18.15 -0.18 5.62
C GLU A 97 -17.51 1.20 5.70
N LYS A 98 -16.18 1.24 5.70
CA LYS A 98 -15.43 2.49 5.76
C LYS A 98 -14.33 2.48 4.70
N ASN A 99 -14.75 2.51 3.43
CA ASN A 99 -13.81 2.50 2.31
C ASN A 99 -13.19 3.87 2.10
N TRP A 100 -12.03 4.08 2.72
CA TRP A 100 -11.31 5.35 2.61
C TRP A 100 -9.97 5.14 1.90
N PHE A 101 -9.63 6.06 0.99
CA PHE A 101 -8.39 5.99 0.24
C PHE A 101 -7.18 6.22 1.14
N VAL A 102 -6.14 5.41 0.94
CA VAL A 102 -4.90 5.51 1.72
C VAL A 102 -3.92 6.52 1.10
N GLY A 103 -2.61 6.26 1.25
CA GLY A 103 -1.61 7.17 0.69
C GLY A 103 -0.77 7.82 1.76
N LEU A 104 0.53 7.55 1.74
CA LEU A 104 1.45 8.12 2.71
C LEU A 104 1.97 9.49 2.26
N LYS A 105 2.83 10.08 3.07
CA LYS A 105 3.41 11.39 2.76
C LYS A 105 4.93 11.35 2.90
N LYS A 106 5.63 11.96 1.93
CA LYS A 106 7.10 12.01 1.94
C LYS A 106 7.66 12.34 3.32
N ASN A 107 6.90 13.11 4.11
CA ASN A 107 7.31 13.50 5.46
C ASN A 107 7.65 12.28 6.33
N GLY A 108 7.14 11.11 5.96
CA GLY A 108 7.39 9.91 6.73
C GLY A 108 6.19 9.46 7.55
N SER A 109 5.01 9.94 7.16
CA SER A 109 3.78 9.59 7.83
C SER A 109 2.69 9.31 6.80
N CYS A 110 1.59 8.71 7.23
CA CYS A 110 0.49 8.39 6.33
C CYS A 110 -0.72 9.28 6.62
N LYS A 111 -1.61 9.40 5.64
CA LYS A 111 -2.80 10.22 5.79
C LYS A 111 -4.03 9.53 5.21
N ARG A 112 -4.75 8.86 6.08
CA ARG A 112 -5.98 8.16 5.71
C ARG A 112 -7.08 8.51 6.69
N GLY A 113 -6.81 8.24 7.98
CA GLY A 113 -7.76 8.54 9.03
C GLY A 113 -8.09 10.02 9.15
N PRO A 114 -7.07 10.91 9.23
CA PRO A 114 -7.28 12.35 9.35
C PRO A 114 -8.33 12.87 8.36
N ARG A 115 -8.07 12.64 7.08
CA ARG A 115 -8.97 13.08 6.02
C ARG A 115 -8.40 12.73 4.65
N THR A 116 -9.13 11.89 3.92
CA THR A 116 -8.72 11.48 2.60
C THR A 116 -9.79 11.85 1.57
N HIS A 117 -9.41 12.68 0.60
CA HIS A 117 -10.35 13.15 -0.43
C HIS A 117 -9.63 14.12 -1.37
N TYR A 118 -9.16 15.23 -0.82
CA TYR A 118 -8.45 16.23 -1.61
C TYR A 118 -6.97 15.89 -1.72
N GLY A 119 -6.34 16.39 -2.78
CA GLY A 119 -4.93 16.12 -2.99
C GLY A 119 -4.71 14.79 -3.68
N GLN A 120 -4.25 14.84 -4.92
CA GLN A 120 -3.99 13.63 -5.71
C GLN A 120 -3.28 12.57 -4.88
N LYS A 121 -2.48 13.00 -3.90
CA LYS A 121 -1.76 12.07 -3.04
C LYS A 121 -2.71 11.03 -2.42
N ALA A 122 -4.00 11.35 -2.36
CA ALA A 122 -4.99 10.45 -1.78
C ALA A 122 -5.64 9.56 -2.85
N ILE A 123 -5.48 9.90 -4.13
CA ILE A 123 -6.09 9.12 -5.20
C ILE A 123 -5.19 9.06 -6.44
N LEU A 124 -3.89 8.93 -6.22
CA LEU A 124 -2.94 8.84 -7.33
C LEU A 124 -1.71 8.01 -6.94
N PHE A 125 -1.86 6.70 -7.00
CA PHE A 125 -0.78 5.77 -6.65
C PHE A 125 -0.39 4.93 -7.86
N LEU A 126 0.91 4.81 -8.09
CA LEU A 126 1.42 4.04 -9.22
C LEU A 126 2.21 2.81 -8.74
N PRO A 127 1.59 1.62 -8.82
CA PRO A 127 2.22 0.38 -8.43
C PRO A 127 2.79 -0.37 -9.62
N LEU A 128 3.58 -1.41 -9.37
CA LEU A 128 4.16 -2.20 -10.46
C LEU A 128 3.07 -3.02 -11.13
N PRO A 129 3.10 -3.13 -12.47
CA PRO A 129 2.10 -3.89 -13.24
C PRO A 129 1.77 -5.25 -12.61
N VAL A 130 2.80 -5.96 -12.15
CA VAL A 130 2.60 -7.26 -11.51
C VAL A 130 1.54 -7.16 -10.42
N SER A 131 0.35 -7.68 -10.70
CA SER A 131 -0.75 -7.62 -9.75
C SER A 131 -1.66 -8.84 -9.89
N SER A 132 -2.67 -8.93 -9.03
CA SER A 132 -3.61 -10.05 -9.05
C SER A 132 -4.62 -9.88 -10.19
N ASP A 133 -5.18 -11.00 -10.62
CA ASP A 133 -6.17 -11.00 -11.70
C ASP A 133 -7.12 -12.19 -11.54
C1 IHP B . -2.76 17.36 4.35
C2 IHP B . -3.50 17.09 3.03
C3 IHP B . -3.10 18.15 1.99
C4 IHP B . -1.58 18.06 1.73
C5 IHP B . -0.81 18.31 3.04
C6 IHP B . -1.25 17.29 4.12
O11 IHP B . -3.12 16.38 5.34
P1 IHP B . -3.78 16.81 6.76
O21 IHP B . -5.00 17.64 6.63
O31 IHP B . -2.62 17.60 7.54
O41 IHP B . -4.05 15.47 7.59
O12 IHP B . -3.22 15.80 2.52
P2 IHP B . -4.39 14.72 2.31
O22 IHP B . -4.19 13.59 3.25
O32 IHP B . -5.77 15.48 2.59
O42 IHP B . -4.32 14.27 0.78
O13 IHP B . -3.78 17.91 0.75
P3 IHP B . -4.73 19.03 0.10
O23 IHP B . -4.20 20.37 0.42
O33 IHP B . -6.19 18.79 0.72
O43 IHP B . -4.77 18.80 -1.50
O14 IHP B . -1.18 19.04 0.78
P4 IHP B . -0.49 18.59 -0.60
O24 IHP B . -1.41 17.72 -1.35
O34 IHP B . 0.85 17.83 -0.16
O44 IHP B . -0.09 19.91 -1.43
O15 IHP B . 0.58 18.19 2.82
P5 IHP B . 1.59 19.42 3.11
O25 IHP B . 1.20 20.59 2.31
O35 IHP B . 1.50 19.73 4.69
O45 IHP B . 3.08 18.92 2.75
O16 IHP B . -0.53 17.54 5.32
P6 IHP B . 0.46 16.45 5.95
O26 IHP B . 1.09 16.94 7.21
O36 IHP B . 1.54 16.20 4.80
O46 IHP B . -0.38 15.11 6.20
H1 IHP B . -2.98 18.28 4.70
H2 IHP B . -4.49 17.15 3.20
H3 IHP B . -3.30 19.08 2.33
H4 IHP B . -1.37 17.13 1.41
H5 IHP B . -1.04 19.23 3.39
H6 IHP B . -1.05 16.36 3.76
#